data_6VQX
#
_entry.id   6VQX
#
_cell.length_a   1.00
_cell.length_b   1.00
_cell.length_c   1.00
_cell.angle_alpha   90.00
_cell.angle_beta   90.00
_cell.angle_gamma   90.00
#
_symmetry.space_group_name_H-M   'P 1'
#
loop_
_entity.id
_entity.type
_entity.pdbx_description
1 polymer AcrF6
2 polymer 'CRISPR-associated protein Csy1'
3 polymer 'Type I-F CRISPR-associated protein Csy2'
4 polymer 'CRISPR-associated protein Csy3'
5 polymer 'CRISPR-associated endonuclease Cas6/Csy4'
6 polymer 'CrRNA (60-MER)'
#
loop_
_entity_poly.entity_id
_entity_poly.type
_entity_poly.pdbx_seq_one_letter_code
_entity_poly.pdbx_strand_id
1 'polypeptide(L)'
;MKVPAFFAANILTIEQIIEAINNDGSAMTSAPEIAGYYAWDAATDALESENDLEQLTEDDFVAHLEVLEERGAKIDRDAA
IAVALQFQAAAVNDLHSGDE
;
A
2 'polypeptide(L)'
;MTSPLPTPTWQELRQFIESFIQERLQGKLDKLQPDEDDKRQTLLATHRREAWLADAARRVGQLQLVTHTLKPIHPDARGS
NLHSLPQAPGQPGLAGSHELGDRLVSDVVGNAAALDVFKFLSLQYQGKNLLNWLTEDSAEALQALSDNAEQAREWRQAFI
GITTVKGAPASHSLAKQLYFPLPGSGYHLLAPLFPTSLVHHVHALLREARFGDAAKAAREARSRQESWPHGFSEYPNLAI
QKFGGTKPQNISQLNNERRGENWLLPSLPPNWQRQNVNAPMRHSSVFEHDFGRTPEVSRLTRTLQRFLAKTVHNNLAIRQ
RRAQLVAQICDEALQYAARLRELEPGWSATPGCQLHDAEQLWLDPLRAQTDETFLQRRLRGDWPAEVGNRFANWLNRAVS
SDSQILGSPEAAQWSQELSKELTMFKEILEDERD
;
B
3 'polypeptide(L)'
;MSVTDPEALLLLPRLSIQNANAISSPLTWGFPSPGAFTGFVHALQRRVGISLDIELDGVGIVCHRFEAQISQPAGKRTKV
FNLTRNPLNRDGSTAAIVEEGRAHLEVSLLLGVHGDGLDDHPAQEIARQVQEQAGAMRLAGGSILPWCNERFPAPNAELL
MLGGSDEQRRKNQRRLTRRLLPGFALVSREALLQQHLETLRTTLPEATTLDALLDLCRINFEPPATSSEEEASPPDAAWQ
VRDKPGWLVPIPAGYNALSPLYLPGEVRNARDRETPLRFVENLFGLGEWLSPHRVAALSDLLWYHHAEPDKGLYRWSTPR
FVEHAIA
;
C
4 'polypeptide(L)'
;MKSSHHHHHHENLYFQSNASKPILSTASVLAFERKLDPSDALMSAGAWAQRDASQEWPAVTVREKSVRGTISNRLKTKDR
DPAKLDASIQSPNLQTVDVANLPSDADTLKVRFTLRVLGGAGTPSACNDAAYRDKLLQTVATYVNDQGFAELARRYAHNL
ANARFLWRNRVGAEAVEVRINHIRQGEVARAWRFDALAIGLRDFKADAELDALAELIASGLSGSGHVLLEVVAFARIGDG
QEVFPSQELILDKGDKKGQKSKTLYSVRDAAAIHSQKIGNALRTIDTWYPDEDGLGPIAVEPYGSVTSQGKAYRQPKQKL
DFYTLLDNWVLRDEAPAVEQQHYVIANLIRGGVFGEAEEK
;
D,E,F,G,H,I
5 'polypeptide(L)'
;MDHYLDIRLRPDPEFPPAQLMSVLFGKLHQALVAQGGDRIGVSFPDLDESRSRLGERLRIHASADDLRALLARPWLEGLR
DHLQFGEPAVVPHPTPYRQVSRVQAKSNPERLRRRLMRRHDLSEEEARKRIPDTVARALDLPFVTLRSQSTGQHFRLFIR
HGPLQVTAEEGGFTCYGLSKGGFVPWF
;
J
6 'polyribonucleotide' CUAAGAAAUUCACGGCGGGCUUGAUGUCCGCGUCUACCUGGUUCACUGCCGUAUAGGCAG K
#
# COMPACT_ATOMS: atom_id res chain seq x y z
N MET A 1 8.43 -56.92 26.16
CA MET A 1 9.73 -57.58 26.22
C MET A 1 10.86 -56.58 26.39
N LYS A 2 11.32 -56.02 25.28
CA LYS A 2 12.41 -55.05 25.28
C LYS A 2 11.92 -53.76 24.63
N VAL A 3 12.28 -52.63 25.24
CA VAL A 3 11.87 -51.32 24.74
C VAL A 3 13.10 -50.44 24.53
N PRO A 4 13.08 -49.53 23.54
CA PRO A 4 14.20 -48.59 23.39
C PRO A 4 13.99 -47.34 24.22
N ALA A 5 14.93 -46.39 24.15
CA ALA A 5 14.77 -45.14 24.87
C ALA A 5 14.97 -43.92 23.99
N PHE A 6 15.89 -43.98 23.02
CA PHE A 6 16.04 -42.90 22.05
C PHE A 6 14.86 -42.87 21.09
N PHE A 7 14.33 -44.04 20.75
CA PHE A 7 13.04 -44.12 20.09
C PHE A 7 11.94 -43.98 21.13
N ALA A 8 10.69 -43.85 20.64
CA ALA A 8 9.50 -43.42 21.40
C ALA A 8 9.66 -42.04 22.03
N ALA A 9 10.62 -41.26 21.55
CA ALA A 9 10.80 -39.85 21.86
C ALA A 9 10.08 -39.04 20.78
N ASN A 10 10.44 -37.77 20.64
CA ASN A 10 9.99 -36.95 19.53
C ASN A 10 10.33 -37.59 18.18
N ILE A 11 9.53 -37.24 17.17
CA ILE A 11 9.51 -37.97 15.90
C ILE A 11 10.80 -37.73 15.13
N LEU A 12 11.44 -38.81 14.71
CA LEU A 12 12.77 -38.79 14.12
C LEU A 12 12.69 -38.75 12.60
N THR A 13 13.85 -38.57 11.98
CA THR A 13 14.05 -38.65 10.53
C THR A 13 15.29 -39.50 10.28
N ILE A 14 15.58 -39.76 9.00
CA ILE A 14 16.82 -40.47 8.67
C ILE A 14 18.04 -39.62 8.97
N GLU A 15 17.94 -38.30 8.81
CA GLU A 15 19.10 -37.45 9.07
C GLU A 15 19.38 -37.32 10.56
N GLN A 16 18.36 -37.51 11.39
CA GLN A 16 18.56 -37.44 12.83
C GLN A 16 19.04 -38.78 13.39
N ILE A 17 18.83 -39.88 12.67
CA ILE A 17 19.43 -41.15 13.06
C ILE A 17 20.93 -41.11 12.83
N ILE A 18 21.37 -40.63 11.65
CA ILE A 18 22.77 -40.65 11.25
C ILE A 18 23.61 -39.80 12.19
N GLU A 19 23.09 -38.66 12.62
CA GLU A 19 23.82 -37.79 13.54
C GLU A 19 23.95 -38.39 14.94
N ALA A 20 23.15 -39.40 15.28
CA ALA A 20 23.28 -40.04 16.58
C ALA A 20 24.49 -40.98 16.61
N ILE A 21 24.62 -41.86 15.61
CA ILE A 21 25.75 -42.79 15.60
C ILE A 21 27.04 -42.06 15.19
N ASN A 22 26.93 -40.88 14.57
CA ASN A 22 28.11 -40.04 14.42
C ASN A 22 28.60 -39.50 15.75
N ASN A 23 27.71 -39.37 16.74
CA ASN A 23 28.11 -39.17 18.12
C ASN A 23 28.20 -40.54 18.79
N ASP A 24 28.31 -40.58 20.12
CA ASP A 24 28.28 -41.85 20.84
C ASP A 24 26.82 -42.20 21.19
N GLY A 25 26.01 -42.34 20.14
CA GLY A 25 24.58 -42.50 20.32
C GLY A 25 23.92 -41.23 20.80
N SER A 26 23.39 -41.25 22.02
CA SER A 26 22.75 -40.09 22.61
C SER A 26 22.81 -40.24 24.12
N ALA A 27 22.18 -39.30 24.82
CA ALA A 27 21.98 -39.46 26.25
C ALA A 27 21.01 -40.63 26.48
N MET A 28 21.28 -41.40 27.54
CA MET A 28 20.53 -42.56 28.02
C MET A 28 20.57 -43.76 27.08
N THR A 29 21.23 -43.66 25.92
CA THR A 29 21.35 -44.78 24.98
C THR A 29 22.78 -44.91 24.48
N SER A 30 22.97 -45.73 23.45
CA SER A 30 24.29 -45.97 22.90
C SER A 30 24.18 -46.20 21.40
N ALA A 31 25.24 -45.80 20.70
CA ALA A 31 25.33 -46.03 19.26
C ALA A 31 25.23 -47.49 18.81
N PRO A 32 25.62 -48.52 19.59
CA PRO A 32 25.22 -49.89 19.18
C PRO A 32 23.72 -50.12 19.16
N GLU A 33 23.01 -49.78 20.23
CA GLU A 33 21.60 -50.14 20.30
C GLU A 33 20.69 -49.22 19.48
N ILE A 34 21.22 -48.12 18.95
CA ILE A 34 20.42 -47.33 18.03
C ILE A 34 20.41 -47.96 16.64
N ALA A 35 21.60 -48.26 16.10
CA ALA A 35 21.67 -48.89 14.80
C ALA A 35 21.23 -50.34 14.83
N GLY A 36 21.28 -50.98 15.99
CA GLY A 36 20.85 -52.37 16.11
C GLY A 36 19.35 -52.51 16.12
N TYR A 37 18.67 -51.68 16.93
CA TYR A 37 17.21 -51.68 16.94
C TYR A 37 16.64 -51.18 15.63
N TYR A 38 17.33 -50.25 14.97
CA TYR A 38 16.91 -49.78 13.66
C TYR A 38 17.03 -50.89 12.62
N ALA A 39 18.08 -51.70 12.71
CA ALA A 39 18.23 -52.81 11.79
C ALA A 39 17.22 -53.91 12.07
N TRP A 40 16.77 -54.04 13.32
CA TRP A 40 15.73 -55.00 13.61
C TRP A 40 14.35 -54.49 13.21
N ASP A 41 14.11 -53.19 13.41
CA ASP A 41 12.81 -52.62 13.08
C ASP A 41 12.60 -52.57 11.57
N ALA A 42 13.67 -52.31 10.81
CA ALA A 42 13.54 -52.30 9.36
C ALA A 42 13.35 -53.71 8.81
N ALA A 43 13.88 -54.71 9.50
CA ALA A 43 13.74 -56.09 9.06
C ALA A 43 12.36 -56.64 9.39
N THR A 44 11.84 -56.32 10.58
CA THR A 44 10.58 -56.90 11.02
C THR A 44 9.37 -56.30 10.33
N ASP A 45 9.54 -55.18 9.62
CA ASP A 45 8.40 -54.54 8.95
C ASP A 45 8.15 -55.14 7.58
N ALA A 46 9.19 -55.64 6.92
CA ALA A 46 9.10 -56.10 5.54
C ALA A 46 8.40 -57.44 5.36
N LEU A 47 7.88 -58.04 6.43
CA LEU A 47 7.29 -59.36 6.32
C LEU A 47 5.92 -59.30 5.67
N GLU A 48 5.52 -60.41 5.06
CA GLU A 48 4.27 -60.45 4.30
C GLU A 48 3.06 -60.55 5.22
N SER A 49 2.96 -61.65 5.98
CA SER A 49 1.80 -61.91 6.82
C SER A 49 2.13 -61.83 8.30
N GLU A 50 3.34 -61.40 8.65
CA GLU A 50 3.91 -61.25 10.02
C GLU A 50 3.69 -62.48 10.92
N ASN A 51 3.56 -63.66 10.30
CA ASN A 51 3.56 -64.93 11.02
C ASN A 51 4.87 -65.68 10.80
N ASP A 52 5.91 -64.96 10.40
CA ASP A 52 7.20 -65.53 10.04
C ASP A 52 8.32 -64.71 10.66
N LEU A 53 8.15 -64.34 11.94
CA LEU A 53 9.23 -63.70 12.69
C LEU A 53 10.40 -64.64 12.90
N GLU A 54 10.15 -65.95 12.91
CA GLU A 54 11.20 -66.93 13.02
C GLU A 54 12.08 -66.99 11.78
N GLN A 55 11.59 -66.48 10.64
CA GLN A 55 12.37 -66.46 9.41
C GLN A 55 13.41 -65.36 9.38
N LEU A 56 13.41 -64.45 10.36
CA LEU A 56 14.35 -63.34 10.37
C LEU A 56 15.71 -63.83 10.86
N THR A 57 16.66 -63.94 9.94
CA THR A 57 17.99 -64.44 10.22
C THR A 57 18.92 -63.26 10.55
N GLU A 58 20.23 -63.53 10.54
CA GLU A 58 21.20 -62.47 10.74
C GLU A 58 21.50 -61.69 9.46
N ASP A 59 21.24 -62.28 8.29
CA ASP A 59 21.66 -61.68 7.03
C ASP A 59 20.85 -60.45 6.69
N ASP A 60 19.53 -60.52 6.81
CA ASP A 60 18.70 -59.36 6.53
C ASP A 60 18.78 -58.29 7.61
N PHE A 61 19.30 -58.61 8.79
CA PHE A 61 19.67 -57.58 9.75
C PHE A 61 20.82 -56.73 9.22
N VAL A 62 21.75 -57.37 8.50
CA VAL A 62 22.91 -56.66 7.96
C VAL A 62 22.49 -55.77 6.80
N ALA A 63 21.58 -56.26 5.95
CA ALA A 63 21.20 -55.57 4.72
C ALA A 63 20.50 -54.24 5.00
N HIS A 64 19.72 -54.17 6.08
CA HIS A 64 19.17 -52.89 6.49
C HIS A 64 20.18 -52.05 7.24
N LEU A 65 21.14 -52.70 7.91
CA LEU A 65 22.16 -51.97 8.65
C LEU A 65 23.12 -51.26 7.71
N GLU A 66 23.37 -51.81 6.52
CA GLU A 66 24.24 -51.18 5.55
C GLU A 66 23.61 -49.99 4.85
N VAL A 67 22.31 -49.77 5.02
CA VAL A 67 21.64 -48.62 4.43
C VAL A 67 22.13 -47.33 5.09
N LEU A 68 22.39 -47.38 6.40
CA LEU A 68 22.95 -46.24 7.10
C LEU A 68 24.37 -45.95 6.65
N GLU A 69 25.16 -47.00 6.39
CA GLU A 69 26.53 -46.84 5.92
C GLU A 69 26.61 -46.22 4.54
N GLU A 70 25.55 -46.34 3.72
CA GLU A 70 25.53 -45.70 2.42
C GLU A 70 25.45 -44.18 2.53
N ARG A 71 24.96 -43.67 3.66
CA ARG A 71 24.83 -42.22 3.88
C ARG A 71 25.41 -41.89 5.26
N GLY A 72 26.74 -41.73 5.30
CA GLY A 72 27.43 -41.47 6.55
C GLY A 72 27.34 -42.65 7.50
N ALA A 73 27.17 -42.34 8.80
CA ALA A 73 26.76 -43.26 9.85
C ALA A 73 27.73 -44.44 10.00
N LYS A 74 28.93 -44.11 10.44
CA LYS A 74 29.94 -45.13 10.75
C LYS A 74 29.49 -45.92 11.97
N ILE A 75 29.16 -47.20 11.76
CA ILE A 75 28.56 -48.01 12.82
C ILE A 75 29.54 -49.09 13.25
N ASP A 76 29.14 -49.89 14.23
CA ASP A 76 29.89 -51.06 14.67
C ASP A 76 29.13 -52.29 14.20
N ARG A 77 29.81 -53.16 13.45
CA ARG A 77 29.16 -54.33 12.88
C ARG A 77 28.80 -55.36 13.94
N ASP A 78 29.78 -55.75 14.77
CA ASP A 78 29.57 -56.84 15.71
C ASP A 78 28.64 -56.44 16.86
N ALA A 79 28.57 -55.15 17.17
CA ALA A 79 27.72 -54.70 18.26
C ALA A 79 26.26 -54.61 17.83
N ALA A 80 26.01 -54.03 16.66
CA ALA A 80 24.63 -53.78 16.24
C ALA A 80 23.90 -55.06 15.85
N ILE A 81 24.60 -56.03 15.28
CA ILE A 81 23.99 -57.31 14.94
C ILE A 81 23.61 -58.07 16.22
N ALA A 82 24.45 -57.99 17.25
CA ALA A 82 24.16 -58.65 18.51
C ALA A 82 22.96 -58.02 19.22
N VAL A 83 22.82 -56.69 19.09
CA VAL A 83 21.63 -56.04 19.64
C VAL A 83 20.40 -56.39 18.84
N ALA A 84 20.54 -56.52 17.51
CA ALA A 84 19.41 -56.89 16.66
C ALA A 84 18.95 -58.31 16.92
N LEU A 85 19.85 -59.19 17.35
CA LEU A 85 19.43 -60.54 17.74
C LEU A 85 18.76 -60.56 19.10
N GLN A 86 19.02 -59.57 19.96
CA GLN A 86 18.36 -59.50 21.25
C GLN A 86 16.87 -59.21 21.10
N PHE A 87 16.53 -58.24 20.26
CA PHE A 87 15.12 -57.94 19.99
C PHE A 87 14.45 -59.05 19.20
N GLN A 88 15.21 -59.76 18.36
CA GLN A 88 14.65 -60.89 17.63
C GLN A 88 14.37 -62.06 18.57
N ALA A 89 15.31 -62.34 19.49
CA ALA A 89 15.07 -63.37 20.48
C ALA A 89 13.97 -62.98 21.46
N ALA A 90 13.81 -61.69 21.71
CA ALA A 90 12.70 -61.24 22.54
C ALA A 90 11.38 -61.36 21.81
N ALA A 91 11.39 -61.29 20.48
CA ALA A 91 10.19 -61.37 19.67
C ALA A 91 9.79 -62.80 19.35
N VAL A 92 10.30 -63.79 20.10
CA VAL A 92 9.81 -65.17 19.97
C VAL A 92 9.41 -65.77 21.29
N ASN A 93 9.86 -65.23 22.44
CA ASN A 93 9.37 -65.69 23.73
C ASN A 93 7.93 -65.29 23.96
N ASP A 94 7.53 -64.14 23.42
CA ASP A 94 6.12 -63.75 23.47
C ASP A 94 5.28 -64.58 22.51
N LEU A 95 5.88 -65.09 21.44
CA LEU A 95 5.15 -65.93 20.50
C LEU A 95 4.88 -67.31 21.10
N HIS A 96 5.72 -67.77 22.01
CA HIS A 96 5.53 -69.04 22.70
C HIS A 96 5.23 -68.72 24.16
N SER A 97 3.94 -68.47 24.44
CA SER A 97 3.41 -68.03 25.74
C SER A 97 4.12 -66.79 26.28
N LEU B 13 32.67 -64.93 -21.50
CA LEU B 13 31.57 -64.35 -20.75
C LEU B 13 31.44 -65.06 -19.40
N ARG B 14 31.84 -66.33 -19.37
CA ARG B 14 31.97 -67.06 -18.11
C ARG B 14 32.97 -66.38 -17.18
N GLN B 15 34.14 -66.04 -17.72
CA GLN B 15 35.10 -65.22 -16.97
C GLN B 15 34.50 -63.85 -16.65
N PHE B 16 33.69 -63.30 -17.55
CA PHE B 16 33.01 -62.05 -17.27
C PHE B 16 31.92 -62.25 -16.24
N ILE B 17 31.29 -63.43 -16.21
CA ILE B 17 30.44 -63.80 -15.09
C ILE B 17 31.27 -63.97 -13.83
N GLU B 18 32.36 -64.72 -13.91
CA GLU B 18 33.11 -65.01 -12.70
C GLU B 18 33.95 -63.84 -12.21
N SER B 19 34.31 -62.88 -13.07
CA SER B 19 34.97 -61.67 -12.58
C SER B 19 34.01 -60.84 -11.74
N PHE B 20 32.73 -60.81 -12.15
CA PHE B 20 31.68 -60.30 -11.28
C PHE B 20 31.61 -61.07 -9.98
N ILE B 21 31.76 -62.39 -10.03
CA ILE B 21 31.79 -63.18 -8.81
C ILE B 21 33.14 -63.02 -8.11
N GLN B 22 34.20 -62.74 -8.86
CA GLN B 22 35.48 -62.37 -8.25
C GLN B 22 35.35 -61.05 -7.49
N GLU B 23 34.54 -60.13 -8.00
CA GLU B 23 34.17 -58.97 -7.20
C GLU B 23 33.31 -59.39 -6.02
N ARG B 24 32.43 -60.36 -6.23
CA ARG B 24 31.61 -60.85 -5.13
C ARG B 24 32.41 -61.66 -4.13
N LEU B 25 33.46 -62.36 -4.57
CA LEU B 25 34.52 -62.78 -3.67
C LEU B 25 35.06 -61.58 -2.90
N GLN B 26 35.63 -60.62 -3.63
CA GLN B 26 36.41 -59.56 -3.01
C GLN B 26 35.52 -58.57 -2.26
N GLY B 27 34.27 -58.39 -2.70
CA GLY B 27 33.35 -57.56 -1.95
C GLY B 27 32.95 -58.17 -0.63
N LYS B 28 32.77 -59.49 -0.59
CA LYS B 28 32.36 -60.13 0.65
C LYS B 28 33.50 -60.75 1.43
N LEU B 29 34.43 -61.45 0.77
CA LEU B 29 35.59 -62.01 1.46
C LEU B 29 36.67 -60.92 1.46
N ASP B 30 36.49 -59.97 2.36
CA ASP B 30 37.40 -58.84 2.48
C ASP B 30 37.90 -58.61 3.90
N LYS B 31 37.05 -58.82 4.90
CA LYS B 31 37.39 -58.60 6.31
C LYS B 31 37.29 -59.95 7.00
N LEU B 32 38.40 -60.69 7.01
CA LEU B 32 38.45 -62.02 7.61
C LEU B 32 38.40 -61.90 9.12
N GLN B 33 37.34 -62.43 9.73
CA GLN B 33 37.28 -62.52 11.18
C GLN B 33 38.21 -63.64 11.65
N PRO B 34 39.07 -63.38 12.65
CA PRO B 34 40.01 -64.42 13.10
C PRO B 34 39.36 -65.58 13.85
N ASP B 35 38.08 -65.50 14.18
CA ASP B 35 37.41 -66.55 14.94
C ASP B 35 36.54 -67.45 14.08
N GLU B 36 35.79 -66.89 13.13
CA GLU B 36 34.87 -67.65 12.31
C GLU B 36 35.22 -67.58 10.82
N ASP B 37 36.50 -67.72 10.49
CA ASP B 37 36.90 -67.77 9.08
C ASP B 37 36.81 -69.17 8.50
N ASP B 38 36.58 -70.18 9.34
CA ASP B 38 36.59 -71.58 8.90
C ASP B 38 35.49 -71.88 7.87
N LYS B 39 34.38 -71.17 7.92
CA LYS B 39 33.42 -71.14 6.83
C LYS B 39 33.64 -69.93 5.93
N ARG B 40 34.14 -68.84 6.49
CA ARG B 40 34.14 -67.56 5.78
C ARG B 40 35.33 -67.46 4.83
N GLN B 41 36.47 -68.05 5.18
CA GLN B 41 37.57 -68.07 4.23
C GLN B 41 37.44 -69.24 3.26
N THR B 42 36.97 -70.39 3.75
CA THR B 42 36.99 -71.61 2.95
C THR B 42 35.69 -71.84 2.20
N LEU B 43 34.58 -71.98 2.93
CA LEU B 43 33.33 -72.39 2.30
C LEU B 43 32.72 -71.28 1.46
N LEU B 44 33.01 -70.02 1.80
CA LEU B 44 32.40 -68.88 1.11
C LEU B 44 32.88 -68.74 -0.33
N ALA B 45 34.04 -69.30 -0.66
CA ALA B 45 34.55 -69.25 -2.02
C ALA B 45 34.18 -70.46 -2.85
N THR B 46 34.00 -71.63 -2.21
CA THR B 46 33.79 -72.88 -2.93
C THR B 46 32.47 -72.90 -3.68
N HIS B 47 31.42 -72.29 -3.12
CA HIS B 47 30.15 -72.23 -3.83
C HIS B 47 30.19 -71.29 -5.02
N ARG B 48 31.14 -70.36 -5.06
CA ARG B 48 31.12 -69.26 -6.00
C ARG B 48 31.51 -69.64 -7.42
N ARG B 49 31.82 -70.91 -7.71
CA ARG B 49 32.12 -71.30 -9.08
C ARG B 49 30.86 -71.67 -9.83
N GLU B 50 30.12 -72.62 -9.32
CA GLU B 50 28.87 -73.05 -9.92
C GLU B 50 27.73 -73.08 -8.92
N ALA B 51 28.00 -73.44 -7.66
CA ALA B 51 26.95 -73.62 -6.67
C ALA B 51 26.31 -72.30 -6.25
N TRP B 52 27.04 -71.19 -6.36
CA TRP B 52 26.43 -69.88 -6.11
C TRP B 52 25.41 -69.54 -7.19
N LEU B 53 25.67 -69.96 -8.42
CA LEU B 53 24.69 -69.84 -9.48
C LEU B 53 23.56 -70.83 -9.30
N ALA B 54 23.75 -71.87 -8.48
CA ALA B 54 22.67 -72.70 -7.99
C ALA B 54 22.12 -72.23 -6.65
N ASP B 55 22.87 -71.43 -5.90
CA ASP B 55 22.33 -70.83 -4.68
C ASP B 55 21.23 -69.83 -5.00
N ALA B 56 21.39 -69.08 -6.08
CA ALA B 56 20.34 -68.14 -6.48
C ALA B 56 19.23 -68.81 -7.26
N ALA B 57 19.36 -70.10 -7.58
CA ALA B 57 18.30 -70.81 -8.27
C ALA B 57 17.09 -71.01 -7.37
N ARG B 58 17.31 -71.25 -6.08
CA ARG B 58 16.23 -71.27 -5.12
C ARG B 58 15.85 -69.87 -4.65
N ARG B 59 16.59 -68.85 -5.08
CA ARG B 59 16.39 -67.48 -4.62
C ARG B 59 15.90 -66.57 -5.74
N VAL B 60 15.01 -67.09 -6.58
CA VAL B 60 14.33 -66.28 -7.58
C VAL B 60 12.93 -65.89 -7.13
N GLY B 61 12.20 -66.82 -6.52
CA GLY B 61 10.84 -66.59 -6.11
C GLY B 61 10.69 -65.81 -4.81
N GLN B 62 11.64 -64.91 -4.54
CA GLN B 62 11.59 -64.04 -3.38
C GLN B 62 11.70 -62.57 -3.79
N LEU B 63 11.84 -62.31 -5.09
CA LEU B 63 11.95 -60.94 -5.60
C LEU B 63 11.16 -60.75 -6.89
N GLN B 64 10.73 -59.52 -7.12
CA GLN B 64 9.94 -59.18 -8.31
C GLN B 64 10.36 -57.82 -8.86
N LEU B 65 10.16 -57.62 -10.16
CA LEU B 65 10.48 -56.35 -10.79
C LEU B 65 9.15 -55.68 -11.15
N VAL B 66 8.94 -54.47 -10.64
CA VAL B 66 7.69 -53.77 -10.91
C VAL B 66 7.87 -52.38 -11.49
N THR B 67 7.16 -52.09 -12.58
CA THR B 67 6.92 -50.73 -13.01
C THR B 67 6.07 -49.89 -12.04
N HIS B 68 5.02 -50.49 -11.48
CA HIS B 68 4.13 -49.79 -10.57
C HIS B 68 4.10 -50.46 -9.20
N THR B 69 4.22 -49.66 -8.15
CA THR B 69 4.24 -50.18 -6.79
C THR B 69 3.05 -49.72 -5.98
N LEU B 70 2.71 -50.48 -4.95
CA LEU B 70 1.53 -50.18 -4.13
C LEU B 70 1.91 -49.49 -2.82
N LYS B 71 2.99 -49.92 -2.20
CA LYS B 71 3.53 -49.44 -0.92
C LYS B 71 3.73 -47.93 -0.72
N PRO B 72 3.93 -47.09 -1.76
CA PRO B 72 3.85 -45.64 -1.52
C PRO B 72 2.48 -45.15 -1.08
N ILE B 73 1.40 -45.89 -1.33
CA ILE B 73 0.09 -45.46 -0.85
C ILE B 73 0.02 -45.60 0.66
N HIS B 74 0.44 -46.75 1.20
CA HIS B 74 0.60 -46.89 2.62
C HIS B 74 1.69 -47.94 2.77
N PRO B 75 2.67 -47.73 3.65
CA PRO B 75 3.88 -48.58 3.63
C PRO B 75 3.71 -49.98 4.21
N ASP B 76 2.49 -50.41 4.50
CA ASP B 76 2.26 -51.77 4.97
C ASP B 76 1.14 -52.48 4.22
N ALA B 77 0.49 -51.82 3.27
CA ALA B 77 -0.62 -52.42 2.54
C ALA B 77 -0.09 -53.45 1.55
N ARG B 78 -0.37 -54.73 1.83
CA ARG B 78 0.11 -55.81 0.98
C ARG B 78 -0.75 -55.86 -0.28
N GLY B 79 -0.15 -55.56 -1.43
CA GLY B 79 -0.89 -55.51 -2.66
C GLY B 79 -0.25 -56.28 -3.80
N SER B 80 -0.69 -56.00 -5.02
CA SER B 80 -0.20 -56.66 -6.22
C SER B 80 0.60 -55.65 -7.02
N ASN B 81 1.91 -55.62 -6.80
CA ASN B 81 2.79 -54.75 -7.57
C ASN B 81 2.89 -55.28 -8.99
N LEU B 82 2.69 -54.40 -9.97
CA LEU B 82 2.55 -54.82 -11.35
C LEU B 82 3.65 -54.23 -12.22
N HIS B 83 3.67 -54.68 -13.48
CA HIS B 83 4.78 -54.38 -14.38
C HIS B 83 4.32 -53.96 -15.77
N SER B 84 3.02 -53.99 -16.05
CA SER B 84 2.53 -53.77 -17.40
C SER B 84 2.66 -52.31 -17.81
N LEU B 85 2.52 -52.06 -19.11
CA LEU B 85 2.63 -50.75 -19.71
C LEU B 85 1.31 -50.36 -20.35
N PRO B 86 0.95 -49.07 -20.32
CA PRO B 86 -0.32 -48.65 -20.92
C PRO B 86 -0.26 -48.66 -22.43
N GLN B 87 -1.45 -48.64 -23.03
CA GLN B 87 -1.58 -48.49 -24.47
C GLN B 87 -1.54 -47.01 -24.83
N ALA B 88 -1.59 -46.72 -26.12
CA ALA B 88 -1.81 -45.36 -26.57
C ALA B 88 -3.24 -44.96 -26.27
N PRO B 89 -3.47 -43.76 -25.73
CA PRO B 89 -4.85 -43.38 -25.38
C PRO B 89 -5.74 -43.12 -26.58
N GLY B 90 -5.26 -42.39 -27.57
CA GLY B 90 -6.06 -42.10 -28.75
C GLY B 90 -6.24 -40.62 -28.96
N GLN B 91 -6.43 -39.88 -27.88
CA GLN B 91 -6.43 -38.42 -27.95
C GLN B 91 -5.06 -37.93 -27.52
N PRO B 92 -4.27 -37.32 -28.42
CA PRO B 92 -2.87 -37.01 -28.08
C PRO B 92 -2.67 -35.82 -27.14
N GLY B 93 -3.74 -35.31 -26.53
CA GLY B 93 -3.60 -34.32 -25.49
C GLY B 93 -3.24 -34.87 -24.13
N LEU B 94 -3.06 -36.18 -24.03
CA LEU B 94 -2.85 -36.86 -22.77
C LEU B 94 -1.36 -37.22 -22.62
N ALA B 95 -0.99 -37.65 -21.41
CA ALA B 95 0.40 -37.96 -21.12
C ALA B 95 0.47 -38.94 -19.96
N GLY B 96 1.20 -40.03 -20.16
CA GLY B 96 1.36 -41.03 -19.12
C GLY B 96 2.70 -41.75 -19.21
N SER B 97 2.78 -42.96 -18.69
CA SER B 97 4.00 -43.74 -18.79
C SER B 97 4.09 -44.53 -20.09
N HIS B 98 3.08 -44.42 -20.95
CA HIS B 98 3.16 -45.01 -22.28
C HIS B 98 4.05 -44.22 -23.23
N GLU B 99 4.44 -43.00 -22.85
CA GLU B 99 5.33 -42.20 -23.68
C GLU B 99 6.77 -42.66 -23.59
N LEU B 100 7.12 -43.47 -22.59
CA LEU B 100 8.51 -43.82 -22.35
C LEU B 100 9.02 -44.83 -23.38
N GLY B 101 8.44 -46.02 -23.41
CA GLY B 101 8.82 -47.02 -24.38
C GLY B 101 10.06 -47.81 -24.01
N ASP B 102 11.23 -47.19 -24.12
CA ASP B 102 12.51 -47.88 -23.92
C ASP B 102 13.21 -47.53 -22.63
N ARG B 103 13.10 -46.29 -22.15
CA ARG B 103 13.80 -45.87 -20.94
C ARG B 103 12.93 -46.22 -19.74
N LEU B 104 13.02 -47.48 -19.32
CA LEU B 104 12.22 -48.02 -18.24
C LEU B 104 13.16 -48.52 -17.14
N VAL B 105 13.20 -47.79 -16.03
CA VAL B 105 13.98 -48.19 -14.86
C VAL B 105 12.97 -48.81 -13.90
N SER B 106 12.80 -50.13 -14.00
CA SER B 106 11.81 -50.84 -13.20
C SER B 106 12.42 -51.16 -11.83
N ASP B 107 12.04 -50.40 -10.81
CA ASP B 107 12.61 -50.56 -9.48
C ASP B 107 12.05 -51.81 -8.80
N VAL B 108 12.93 -52.75 -8.51
CA VAL B 108 12.54 -54.04 -7.94
C VAL B 108 12.08 -53.86 -6.50
N VAL B 109 10.89 -54.38 -6.19
CA VAL B 109 10.36 -54.39 -4.83
C VAL B 109 10.57 -55.77 -4.24
N GLY B 110 11.21 -55.83 -3.08
CA GLY B 110 11.42 -57.10 -2.42
C GLY B 110 12.38 -56.93 -1.25
N ASN B 111 12.93 -58.07 -0.81
CA ASN B 111 13.83 -58.06 0.33
C ASN B 111 15.17 -57.44 -0.05
N ALA B 112 15.75 -56.69 0.90
CA ALA B 112 17.04 -56.06 0.67
C ALA B 112 18.19 -57.04 0.70
N ALA B 113 18.03 -58.18 1.37
CA ALA B 113 19.10 -59.17 1.50
C ALA B 113 19.13 -60.15 0.34
N ALA B 114 18.45 -59.86 -0.76
CA ALA B 114 18.46 -60.75 -1.92
C ALA B 114 18.55 -60.02 -3.25
N LEU B 115 18.69 -58.69 -3.26
CA LEU B 115 18.65 -57.92 -4.50
C LEU B 115 19.87 -58.13 -5.38
N ASP B 116 20.92 -58.80 -4.89
CA ASP B 116 22.07 -59.13 -5.73
C ASP B 116 21.70 -60.13 -6.83
N VAL B 117 20.66 -60.93 -6.60
CA VAL B 117 20.09 -61.78 -7.62
C VAL B 117 19.65 -60.96 -8.82
N PHE B 118 19.02 -59.80 -8.56
CA PHE B 118 18.71 -58.90 -9.65
C PHE B 118 19.95 -58.23 -10.20
N LYS B 119 20.95 -57.98 -9.36
CA LYS B 119 22.22 -57.51 -9.89
C LYS B 119 22.93 -58.60 -10.67
N PHE B 120 22.72 -59.87 -10.31
CA PHE B 120 23.23 -60.96 -11.12
C PHE B 120 22.49 -61.07 -12.45
N LEU B 121 21.17 -60.99 -12.43
CA LEU B 121 20.42 -61.10 -13.68
C LEU B 121 20.42 -59.80 -14.48
N SER B 122 21.10 -58.76 -14.00
CA SER B 122 21.40 -57.60 -14.81
C SER B 122 22.45 -57.92 -15.88
N LEU B 123 23.17 -59.03 -15.73
CA LEU B 123 24.23 -59.44 -16.65
C LEU B 123 23.74 -59.93 -18.00
N GLN B 124 22.42 -59.92 -18.25
CA GLN B 124 21.93 -60.23 -19.58
C GLN B 124 22.24 -59.09 -20.54
N TYR B 125 21.78 -57.89 -20.20
CA TYR B 125 21.92 -56.71 -21.05
C TYR B 125 23.33 -56.13 -21.04
N GLN B 126 24.17 -56.48 -20.05
CA GLN B 126 25.48 -55.86 -19.93
C GLN B 126 26.39 -56.36 -21.04
N GLY B 127 26.63 -55.50 -22.03
CA GLY B 127 27.40 -55.83 -23.21
C GLY B 127 26.58 -56.48 -24.31
N LYS B 128 26.29 -57.77 -24.16
CA LYS B 128 25.44 -58.45 -25.12
C LYS B 128 23.97 -58.16 -24.80
N ASN B 129 23.08 -58.57 -25.68
CA ASN B 129 21.66 -58.30 -25.44
C ASN B 129 21.08 -59.30 -24.44
N LEU B 130 20.97 -60.57 -24.86
CA LEU B 130 20.70 -61.77 -24.04
C LEU B 130 19.50 -61.62 -23.07
N LEU B 131 18.55 -60.73 -23.37
CA LEU B 131 17.45 -60.49 -22.45
C LEU B 131 16.41 -61.59 -22.55
N ASN B 132 15.77 -61.72 -23.71
CA ASN B 132 14.76 -62.75 -23.91
C ASN B 132 15.37 -64.13 -24.07
N TRP B 133 16.67 -64.21 -24.33
CA TRP B 133 17.35 -65.49 -24.47
C TRP B 133 18.01 -65.83 -23.14
N LEU B 134 17.18 -66.15 -22.16
CA LEU B 134 17.58 -67.00 -21.05
C LEU B 134 17.22 -68.44 -21.32
N THR B 135 17.00 -68.79 -22.59
CA THR B 135 16.64 -70.12 -23.02
C THR B 135 17.68 -70.75 -23.94
N GLU B 136 18.73 -70.02 -24.29
CA GLU B 136 19.79 -70.48 -25.18
C GLU B 136 21.13 -70.05 -24.58
N ASP B 137 22.20 -70.25 -25.37
CA ASP B 137 23.57 -69.80 -25.06
C ASP B 137 24.05 -70.36 -23.72
N SER B 138 24.16 -71.69 -23.67
CA SER B 138 24.17 -72.41 -22.41
C SER B 138 25.56 -72.83 -21.94
N ALA B 139 26.27 -73.64 -22.73
CA ALA B 139 27.31 -74.47 -22.14
C ALA B 139 28.69 -73.82 -22.11
N GLU B 140 29.10 -73.13 -23.16
CA GLU B 140 30.50 -72.74 -23.29
C GLU B 140 30.72 -71.32 -22.78
N ALA B 141 31.98 -70.92 -22.75
CA ALA B 141 32.44 -69.79 -21.94
C ALA B 141 32.48 -68.47 -22.66
N LEU B 142 32.84 -68.45 -23.94
CA LEU B 142 33.19 -67.17 -24.59
C LEU B 142 31.99 -66.54 -25.28
N GLN B 143 31.44 -67.21 -26.29
CA GLN B 143 30.30 -66.64 -26.99
C GLN B 143 29.00 -66.92 -26.26
N ALA B 144 28.93 -68.05 -25.57
CA ALA B 144 27.89 -68.29 -24.59
C ALA B 144 28.42 -67.86 -23.22
N LEU B 145 27.70 -68.21 -22.16
CA LEU B 145 28.00 -67.70 -20.84
C LEU B 145 28.53 -68.76 -19.89
N SER B 146 28.37 -70.04 -20.21
CA SER B 146 28.77 -71.18 -19.38
C SER B 146 28.16 -71.13 -17.97
N ASP B 147 26.90 -70.69 -17.90
CA ASP B 147 26.06 -71.21 -16.83
C ASP B 147 25.94 -72.69 -17.10
N ASN B 148 26.52 -73.51 -16.22
CA ASN B 148 27.16 -74.76 -16.62
C ASN B 148 26.15 -75.79 -17.11
N ALA B 149 26.69 -76.82 -17.77
CA ALA B 149 26.04 -77.46 -18.92
C ALA B 149 24.78 -78.24 -18.53
N GLU B 150 24.92 -79.20 -17.61
CA GLU B 150 23.77 -80.00 -17.21
C GLU B 150 22.76 -79.16 -16.43
N GLN B 151 23.23 -78.19 -15.67
CA GLN B 151 22.37 -77.30 -14.90
C GLN B 151 22.00 -76.04 -15.68
N ALA B 152 22.21 -76.02 -16.99
CA ALA B 152 21.74 -74.93 -17.85
C ALA B 152 20.32 -75.14 -18.32
N ARG B 153 19.58 -76.07 -17.71
CA ARG B 153 18.21 -76.39 -18.10
C ARG B 153 17.22 -76.26 -16.95
N GLU B 154 17.65 -76.51 -15.71
CA GLU B 154 16.80 -76.30 -14.54
C GLU B 154 17.04 -74.96 -13.86
N TRP B 155 18.15 -74.28 -14.17
CA TRP B 155 18.30 -72.89 -13.74
C TRP B 155 17.38 -71.97 -14.52
N ARG B 156 17.29 -72.15 -15.84
CA ARG B 156 16.37 -71.36 -16.66
C ARG B 156 14.91 -71.68 -16.37
N GLN B 157 14.62 -72.82 -15.73
CA GLN B 157 13.30 -73.04 -15.17
C GLN B 157 13.02 -72.17 -13.96
N ALA B 158 14.05 -71.55 -13.36
CA ALA B 158 13.88 -70.67 -12.22
C ALA B 158 14.17 -69.21 -12.56
N PHE B 159 15.35 -68.91 -13.11
CA PHE B 159 15.83 -67.53 -13.28
C PHE B 159 15.03 -66.71 -14.28
N ILE B 160 14.16 -67.33 -15.08
CA ILE B 160 13.25 -66.55 -15.89
C ILE B 160 12.09 -66.04 -15.03
N GLY B 161 11.77 -66.75 -13.94
CA GLY B 161 10.61 -66.48 -13.10
C GLY B 161 10.64 -65.16 -12.35
N ILE B 162 11.77 -64.46 -12.30
CA ILE B 162 11.75 -63.13 -11.69
C ILE B 162 11.19 -62.10 -12.66
N THR B 163 11.23 -62.37 -13.97
CA THR B 163 10.73 -61.41 -14.94
C THR B 163 9.21 -61.40 -14.97
N THR B 164 8.58 -62.57 -14.85
CA THR B 164 7.14 -62.62 -14.70
C THR B 164 6.75 -62.20 -13.28
N VAL B 165 5.50 -61.80 -13.12
CA VAL B 165 4.99 -61.37 -11.84
C VAL B 165 4.39 -62.56 -11.11
N LYS B 166 4.25 -62.43 -9.79
CA LYS B 166 3.50 -63.41 -9.02
C LYS B 166 2.03 -63.30 -9.38
N GLY B 167 1.43 -64.40 -9.82
CA GLY B 167 0.08 -64.33 -10.34
C GLY B 167 -0.97 -64.45 -9.25
N ALA B 168 -1.45 -63.30 -8.78
CA ALA B 168 -2.55 -63.20 -7.83
C ALA B 168 -3.16 -61.81 -7.95
N PRO B 169 -4.38 -61.70 -8.46
CA PRO B 169 -5.03 -60.39 -8.45
C PRO B 169 -5.54 -60.02 -7.08
N ALA B 170 -4.84 -59.11 -6.41
CA ALA B 170 -5.16 -58.77 -5.04
C ALA B 170 -4.93 -57.29 -4.82
N SER B 171 -5.55 -56.78 -3.75
CA SER B 171 -5.38 -55.41 -3.32
C SER B 171 -5.36 -55.39 -1.81
N HIS B 172 -5.52 -54.21 -1.22
CA HIS B 172 -5.61 -54.08 0.22
C HIS B 172 -6.64 -53.01 0.52
N SER B 173 -7.07 -52.94 1.79
CA SER B 173 -7.98 -51.88 2.21
C SER B 173 -7.33 -50.51 2.13
N LEU B 174 -6.01 -50.45 2.31
CA LEU B 174 -5.26 -49.21 2.21
C LEU B 174 -4.68 -49.01 0.82
N ALA B 175 -5.53 -49.04 -0.21
CA ALA B 175 -5.00 -49.00 -1.58
C ALA B 175 -5.76 -48.07 -2.51
N LYS B 176 -6.64 -47.21 -1.99
CA LYS B 176 -7.32 -46.13 -2.72
C LYS B 176 -8.14 -46.67 -3.90
N GLN B 177 -9.16 -47.44 -3.56
CA GLN B 177 -10.04 -48.01 -4.58
C GLN B 177 -11.17 -47.03 -4.86
N LEU B 178 -11.34 -46.69 -6.13
CA LEU B 178 -12.18 -45.57 -6.53
C LEU B 178 -13.21 -46.01 -7.54
N TYR B 179 -14.47 -45.69 -7.27
CA TYR B 179 -15.55 -45.90 -8.23
C TYR B 179 -15.40 -44.96 -9.41
N PHE B 180 -15.97 -45.36 -10.54
CA PHE B 180 -15.99 -44.47 -11.69
C PHE B 180 -17.27 -44.74 -12.47
N PRO B 181 -18.13 -43.75 -12.66
CA PRO B 181 -19.42 -43.99 -13.31
C PRO B 181 -19.29 -44.12 -14.81
N LEU B 182 -20.20 -44.90 -15.38
CA LEU B 182 -20.20 -45.31 -16.75
C LEU B 182 -21.29 -44.61 -17.55
N PRO B 183 -21.18 -44.56 -18.88
CA PRO B 183 -22.30 -44.06 -19.67
C PRO B 183 -23.46 -45.04 -19.70
N GLY B 184 -24.51 -44.75 -18.92
CA GLY B 184 -25.71 -45.57 -18.90
C GLY B 184 -25.50 -46.98 -18.38
N SER B 185 -24.64 -47.14 -17.38
CA SER B 185 -24.29 -48.47 -16.89
C SER B 185 -23.83 -48.34 -15.44
N GLY B 186 -23.20 -49.39 -14.94
CA GLY B 186 -22.84 -49.46 -13.53
C GLY B 186 -21.52 -48.78 -13.21
N TYR B 187 -20.61 -49.51 -12.58
CA TYR B 187 -19.35 -48.94 -12.13
C TYR B 187 -18.21 -49.93 -12.32
N HIS B 188 -17.08 -49.41 -12.79
CA HIS B 188 -15.80 -50.07 -12.63
C HIS B 188 -15.11 -49.38 -11.47
N LEU B 189 -14.71 -50.14 -10.45
CA LEU B 189 -13.97 -49.55 -9.36
C LEU B 189 -12.49 -49.62 -9.72
N LEU B 190 -11.85 -48.47 -9.82
CA LEU B 190 -10.50 -48.36 -10.33
C LEU B 190 -9.53 -48.27 -9.16
N ALA B 191 -8.49 -49.09 -9.20
CA ALA B 191 -7.42 -49.02 -8.20
C ALA B 191 -6.18 -48.43 -8.86
N PRO B 192 -5.91 -47.14 -8.71
CA PRO B 192 -4.69 -46.58 -9.26
C PRO B 192 -3.47 -47.00 -8.46
N LEU B 193 -2.37 -47.19 -9.15
CA LEU B 193 -1.11 -47.57 -8.56
C LEU B 193 -0.17 -46.36 -8.60
N PHE B 194 1.07 -46.56 -8.17
CA PHE B 194 2.04 -45.48 -8.17
C PHE B 194 3.04 -45.71 -9.28
N PRO B 195 3.07 -44.89 -10.32
CA PRO B 195 4.02 -45.11 -11.43
C PRO B 195 5.44 -44.74 -11.03
N THR B 196 6.28 -45.76 -10.80
CA THR B 196 7.63 -45.49 -10.33
C THR B 196 8.54 -45.04 -11.46
N SER B 197 8.39 -45.65 -12.64
CA SER B 197 9.25 -45.31 -13.76
C SER B 197 8.91 -43.93 -14.31
N LEU B 198 7.63 -43.58 -14.34
CA LEU B 198 7.23 -42.25 -14.80
C LEU B 198 7.72 -41.16 -13.84
N VAL B 199 7.75 -41.45 -12.54
CA VAL B 199 8.34 -40.51 -11.59
C VAL B 199 9.85 -40.42 -11.79
N HIS B 200 10.51 -41.57 -11.92
CA HIS B 200 11.97 -41.59 -12.02
C HIS B 200 12.46 -41.02 -13.34
N HIS B 201 11.61 -40.98 -14.37
CA HIS B 201 11.96 -40.29 -15.59
C HIS B 201 11.94 -38.78 -15.40
N VAL B 202 11.13 -38.28 -14.48
CA VAL B 202 11.06 -36.84 -14.26
C VAL B 202 12.19 -36.37 -13.36
N HIS B 203 12.62 -37.21 -12.40
CA HIS B 203 13.85 -36.95 -11.67
C HIS B 203 15.06 -36.90 -12.60
N ALA B 204 15.10 -37.77 -13.60
CA ALA B 204 16.13 -37.66 -14.63
C ALA B 204 16.00 -36.38 -15.44
N LEU B 205 14.79 -35.83 -15.55
CA LEU B 205 14.64 -34.53 -16.21
C LEU B 205 15.00 -33.40 -15.27
N LEU B 206 14.42 -33.38 -14.06
CA LEU B 206 14.51 -32.21 -13.20
C LEU B 206 15.91 -32.03 -12.61
N ARG B 207 16.62 -33.13 -12.32
CA ARG B 207 17.99 -32.97 -11.85
C ARG B 207 18.89 -32.48 -12.98
N GLU B 208 18.62 -32.88 -14.21
CA GLU B 208 19.36 -32.36 -15.35
C GLU B 208 18.97 -30.92 -15.64
N ALA B 209 17.66 -30.63 -15.65
CA ALA B 209 17.20 -29.32 -16.06
C ALA B 209 17.48 -28.23 -15.03
N ARG B 210 17.76 -28.59 -13.78
CA ARG B 210 18.12 -27.56 -12.82
C ARG B 210 19.63 -27.33 -12.78
N PHE B 211 20.40 -28.35 -12.43
CA PHE B 211 21.84 -28.19 -12.26
C PHE B 211 22.56 -29.40 -12.84
N GLY B 212 23.33 -29.14 -13.89
CA GLY B 212 24.11 -30.19 -14.53
C GLY B 212 25.31 -29.55 -15.18
N ASP B 213 25.68 -30.09 -16.35
CA ASP B 213 26.79 -29.52 -17.10
C ASP B 213 26.34 -28.29 -17.88
N ALA B 214 25.38 -28.47 -18.79
CA ALA B 214 24.88 -27.38 -19.61
C ALA B 214 23.95 -26.45 -18.85
N ALA B 215 23.30 -26.94 -17.79
CA ALA B 215 22.38 -26.12 -17.02
C ALA B 215 23.13 -25.06 -16.22
N LYS B 216 24.26 -25.43 -15.63
CA LYS B 216 25.10 -24.45 -14.96
C LYS B 216 25.83 -23.54 -15.93
N ALA B 217 25.97 -23.96 -17.19
CA ALA B 217 26.69 -23.16 -18.17
C ALA B 217 25.95 -21.88 -18.51
N ALA B 218 24.65 -22.00 -18.80
CA ALA B 218 23.87 -20.81 -19.12
C ALA B 218 23.60 -19.96 -17.88
N ARG B 219 23.62 -20.56 -16.69
CA ARG B 219 23.46 -19.78 -15.47
C ARG B 219 24.67 -18.91 -15.18
N GLU B 220 25.87 -19.40 -15.51
CA GLU B 220 27.07 -18.60 -15.28
C GLU B 220 27.14 -17.43 -16.25
N ALA B 221 26.53 -17.57 -17.42
CA ALA B 221 26.51 -16.50 -18.41
C ALA B 221 25.56 -15.37 -18.05
N ARG B 222 24.76 -15.51 -16.99
CA ARG B 222 23.89 -14.42 -16.57
C ARG B 222 24.70 -13.21 -16.11
N SER B 223 25.79 -13.45 -15.38
CA SER B 223 26.73 -12.38 -15.07
C SER B 223 27.47 -11.92 -16.31
N ARG B 224 27.78 -12.86 -17.21
CA ARG B 224 28.57 -12.55 -18.39
C ARG B 224 27.75 -11.82 -19.44
N GLN B 225 26.45 -12.11 -19.51
CA GLN B 225 25.53 -11.63 -20.55
C GLN B 225 26.01 -11.97 -21.96
N GLU B 226 26.69 -13.11 -22.08
CA GLU B 226 27.25 -13.59 -23.35
C GLU B 226 26.40 -14.77 -23.79
N SER B 227 25.47 -14.50 -24.71
CA SER B 227 24.43 -15.46 -25.07
C SER B 227 24.87 -16.34 -26.23
N TRP B 228 25.44 -17.50 -25.90
CA TRP B 228 25.37 -18.55 -26.90
C TRP B 228 23.96 -19.12 -26.88
N PRO B 229 23.44 -19.58 -28.03
CA PRO B 229 22.05 -20.05 -28.04
C PRO B 229 21.88 -21.38 -27.32
N HIS B 230 21.45 -21.28 -26.06
CA HIS B 230 21.14 -22.43 -25.22
C HIS B 230 20.30 -21.91 -24.05
N GLY B 231 19.03 -22.27 -24.01
CA GLY B 231 18.20 -21.87 -22.91
C GLY B 231 18.44 -22.72 -21.67
N PHE B 232 18.07 -22.19 -20.52
CA PHE B 232 18.13 -22.95 -19.28
C PHE B 232 16.80 -22.82 -18.55
N SER B 233 16.40 -23.91 -17.90
CA SER B 233 15.09 -23.99 -17.26
C SER B 233 15.12 -23.33 -15.89
N GLU B 234 13.94 -23.23 -15.30
CA GLU B 234 13.77 -22.78 -13.92
C GLU B 234 12.42 -23.26 -13.44
N TYR B 235 12.39 -24.03 -12.35
CA TYR B 235 11.15 -24.64 -11.87
C TYR B 235 10.76 -24.09 -10.52
N PRO B 236 9.86 -23.10 -10.46
CA PRO B 236 9.41 -22.58 -9.17
C PRO B 236 8.35 -23.47 -8.54
N ASN B 237 8.25 -23.35 -7.22
CA ASN B 237 7.18 -23.92 -6.40
C ASN B 237 7.15 -25.45 -6.48
N LEU B 238 8.31 -26.06 -6.44
CA LEU B 238 8.35 -27.50 -6.35
C LEU B 238 8.01 -27.94 -4.93
N ALA B 239 7.37 -29.10 -4.82
CA ALA B 239 6.97 -29.64 -3.53
C ALA B 239 7.67 -30.97 -3.31
N ILE B 240 8.18 -31.18 -2.10
CA ILE B 240 8.84 -32.42 -1.74
C ILE B 240 7.84 -33.32 -1.02
N GLN B 241 7.61 -34.50 -1.57
CA GLN B 241 6.84 -35.53 -0.89
C GLN B 241 7.76 -36.69 -0.59
N LYS B 242 7.93 -37.01 0.69
CA LYS B 242 8.79 -38.10 1.10
C LYS B 242 7.99 -39.39 1.29
N PHE B 243 8.67 -40.52 1.14
CA PHE B 243 8.07 -41.82 1.27
C PHE B 243 8.96 -42.72 2.12
N GLY B 244 8.34 -43.51 2.99
CA GLY B 244 9.04 -44.34 3.92
C GLY B 244 9.42 -43.66 5.23
N GLY B 245 9.59 -42.34 5.21
CA GLY B 245 9.92 -41.59 6.41
C GLY B 245 11.31 -41.87 6.92
N THR B 246 11.40 -42.59 8.04
CA THR B 246 12.67 -42.96 8.64
C THR B 246 13.24 -44.24 8.06
N LYS B 247 12.69 -44.74 6.96
CA LYS B 247 13.02 -46.07 6.51
C LYS B 247 12.76 -46.16 5.00
N PRO B 248 13.54 -45.48 4.17
CA PRO B 248 13.15 -45.34 2.76
C PRO B 248 13.43 -46.55 1.90
N GLN B 249 14.39 -47.41 2.27
CA GLN B 249 14.73 -48.55 1.44
C GLN B 249 13.95 -49.80 1.80
N ASN B 250 12.92 -49.67 2.64
CA ASN B 250 12.01 -50.77 2.92
C ASN B 250 10.84 -50.80 1.95
N ILE B 251 10.79 -49.84 1.03
CA ILE B 251 9.78 -49.78 -0.03
C ILE B 251 10.56 -49.85 -1.34
N SER B 252 9.87 -49.61 -2.46
CA SER B 252 10.46 -49.58 -3.81
C SER B 252 11.73 -48.76 -3.90
N GLN B 253 12.60 -49.10 -4.86
CA GLN B 253 14.00 -48.68 -4.85
C GLN B 253 14.12 -47.17 -5.03
N LEU B 254 14.58 -46.51 -3.97
CA LEU B 254 14.76 -45.06 -3.93
C LEU B 254 16.26 -44.78 -4.01
N ASN B 255 16.69 -44.23 -5.14
CA ASN B 255 18.09 -44.20 -5.51
C ASN B 255 18.83 -43.07 -4.79
N ASN B 256 20.06 -42.81 -5.21
CA ASN B 256 20.93 -41.86 -4.52
C ASN B 256 20.66 -40.41 -4.93
N GLU B 257 19.90 -40.18 -6.00
CA GLU B 257 19.36 -38.85 -6.26
C GLU B 257 17.89 -38.72 -5.90
N ARG B 258 17.14 -39.83 -5.97
CA ARG B 258 15.77 -39.89 -5.47
C ARG B 258 15.79 -40.60 -4.12
N ARG B 259 16.27 -39.89 -3.10
CA ARG B 259 16.54 -40.46 -1.79
C ARG B 259 15.30 -40.41 -0.89
N GLY B 260 14.22 -41.01 -1.37
CA GLY B 260 12.97 -40.91 -0.65
C GLY B 260 12.33 -39.54 -0.77
N GLU B 261 12.37 -38.94 -1.95
CA GLU B 261 11.66 -37.70 -2.21
C GLU B 261 10.99 -37.80 -3.56
N ASN B 262 9.90 -37.04 -3.73
CA ASN B 262 9.37 -36.77 -5.05
C ASN B 262 9.22 -35.27 -5.21
N TRP B 263 9.93 -34.72 -6.19
CA TRP B 263 9.69 -33.35 -6.62
C TRP B 263 8.31 -33.28 -7.26
N LEU B 264 7.42 -32.46 -6.70
CA LEU B 264 6.06 -32.37 -7.19
C LEU B 264 5.87 -31.06 -7.93
N LEU B 265 5.13 -31.11 -9.01
CA LEU B 265 4.91 -29.93 -9.81
C LEU B 265 3.76 -29.10 -9.22
N PRO B 266 3.86 -27.77 -9.25
CA PRO B 266 2.77 -26.95 -8.69
C PRO B 266 1.58 -26.89 -9.62
N SER B 267 0.39 -27.09 -9.06
CA SER B 267 -0.88 -26.94 -9.79
C SER B 267 -1.75 -26.01 -8.98
N LEU B 268 -1.53 -24.70 -9.11
CA LEU B 268 -2.17 -23.78 -8.19
C LEU B 268 -2.88 -22.66 -8.94
N PRO B 269 -4.02 -22.20 -8.44
CA PRO B 269 -4.74 -21.11 -9.09
C PRO B 269 -4.03 -19.79 -8.88
N PRO B 270 -4.33 -18.76 -9.69
CA PRO B 270 -3.60 -17.49 -9.55
C PRO B 270 -3.92 -16.74 -8.28
N ASN B 271 -5.03 -17.03 -7.60
CA ASN B 271 -5.33 -16.39 -6.33
C ASN B 271 -4.77 -17.17 -5.15
N TRP B 272 -3.49 -17.49 -5.26
CA TRP B 272 -2.75 -18.17 -4.22
C TRP B 272 -1.84 -17.17 -3.51
N GLN B 273 -1.80 -17.29 -2.17
CA GLN B 273 -1.11 -16.38 -1.23
C GLN B 273 -1.29 -14.91 -1.60
N ARG B 274 -2.54 -14.54 -1.85
CA ARG B 274 -2.87 -13.18 -2.26
C ARG B 274 -2.87 -12.25 -1.06
N GLN B 275 -3.24 -11.00 -1.30
CA GLN B 275 -3.33 -10.02 -0.22
C GLN B 275 -4.57 -10.32 0.61
N ASN B 276 -4.40 -11.13 1.66
CA ASN B 276 -5.54 -11.57 2.47
C ASN B 276 -6.09 -10.43 3.31
N VAL B 277 -5.22 -9.72 4.01
CA VAL B 277 -5.59 -8.48 4.69
C VAL B 277 -5.65 -7.41 3.60
N ASN B 278 -6.86 -7.13 3.11
CA ASN B 278 -7.02 -6.27 1.93
C ASN B 278 -6.78 -4.81 2.31
N ALA B 279 -5.75 -4.22 1.73
CA ALA B 279 -5.45 -2.82 1.99
C ALA B 279 -6.47 -1.93 1.28
N PRO B 280 -7.06 -0.94 1.97
CA PRO B 280 -8.06 -0.08 1.33
C PRO B 280 -7.46 0.92 0.36
N MET B 281 -8.33 1.69 -0.28
CA MET B 281 -7.98 2.68 -1.30
C MET B 281 -8.42 4.05 -0.75
N ARG B 282 -8.44 5.07 -1.62
CA ARG B 282 -8.76 6.46 -1.29
C ARG B 282 -7.76 7.00 -0.26
N HIS B 283 -6.52 7.13 -0.70
CA HIS B 283 -5.44 7.74 0.06
C HIS B 283 -4.67 8.68 -0.86
N SER B 284 -3.48 9.08 -0.44
CA SER B 284 -2.63 9.97 -1.22
C SER B 284 -1.84 9.23 -2.32
N SER B 285 -2.21 8.00 -2.65
CA SER B 285 -1.52 7.26 -3.70
C SER B 285 -1.92 7.79 -5.07
N VAL B 286 -0.93 8.04 -5.91
CA VAL B 286 -1.17 8.62 -7.22
C VAL B 286 -1.48 7.56 -8.28
N PHE B 287 -1.17 6.28 -8.01
CA PHE B 287 -1.45 5.23 -8.97
C PHE B 287 -2.78 4.53 -8.66
N GLU B 288 -3.02 4.19 -7.40
CA GLU B 288 -4.06 3.24 -7.01
C GLU B 288 -5.43 3.91 -7.13
N HIS B 289 -5.89 4.04 -8.37
CA HIS B 289 -7.19 4.65 -8.64
C HIS B 289 -8.18 3.71 -9.32
N ASP B 290 -7.84 3.17 -10.50
CA ASP B 290 -8.81 2.47 -11.32
C ASP B 290 -8.32 1.13 -11.84
N PHE B 291 -7.11 0.71 -11.50
CA PHE B 291 -6.53 -0.49 -12.10
C PHE B 291 -5.85 -1.43 -11.12
N GLY B 292 -5.69 -1.06 -9.85
CA GLY B 292 -5.05 -1.96 -8.91
C GLY B 292 -3.56 -2.08 -9.11
N ARG B 293 -2.81 -1.04 -8.74
CA ARG B 293 -1.36 -1.06 -8.89
C ARG B 293 -0.76 -2.04 -7.88
N THR B 294 -0.65 -3.29 -8.30
CA THR B 294 -0.16 -4.41 -7.52
C THR B 294 0.96 -5.08 -8.30
N PRO B 295 1.82 -5.86 -7.64
CA PRO B 295 2.87 -6.59 -8.38
C PRO B 295 2.36 -7.64 -9.36
N GLU B 296 1.09 -8.05 -9.31
CA GLU B 296 0.55 -8.94 -10.32
C GLU B 296 0.02 -8.20 -11.54
N VAL B 297 -0.18 -6.89 -11.44
CA VAL B 297 -0.61 -6.07 -12.55
C VAL B 297 0.57 -5.34 -13.19
N SER B 298 1.52 -4.88 -12.37
CA SER B 298 2.70 -4.18 -12.88
C SER B 298 3.59 -5.08 -13.72
N ARG B 299 3.63 -6.37 -13.42
CA ARG B 299 4.36 -7.31 -14.26
C ARG B 299 3.64 -7.58 -15.57
N LEU B 300 2.34 -7.30 -15.65
CA LEU B 300 1.56 -7.55 -16.85
C LEU B 300 1.62 -6.39 -17.82
N THR B 301 1.69 -5.15 -17.30
CA THR B 301 1.67 -3.98 -18.16
C THR B 301 2.98 -3.80 -18.89
N ARG B 302 4.10 -4.13 -18.23
CA ARG B 302 5.42 -4.03 -18.84
C ARG B 302 5.60 -4.98 -20.02
N THR B 303 4.85 -6.09 -20.03
CA THR B 303 4.83 -6.97 -21.20
C THR B 303 4.26 -6.24 -22.42
N LEU B 304 3.17 -5.50 -22.22
CA LEU B 304 2.58 -4.72 -23.30
C LEU B 304 3.47 -3.55 -23.69
N GLN B 305 4.20 -2.97 -22.73
CA GLN B 305 5.03 -1.81 -23.03
C GLN B 305 6.27 -2.21 -23.82
N ARG B 306 7.05 -3.16 -23.29
CA ARG B 306 8.40 -3.40 -23.80
C ARG B 306 8.39 -4.11 -25.14
N PHE B 307 7.34 -4.89 -25.44
CA PHE B 307 7.20 -5.50 -26.75
C PHE B 307 5.73 -5.70 -27.04
N LEU B 308 5.45 -6.25 -28.22
CA LEU B 308 4.18 -6.69 -28.79
C LEU B 308 3.22 -5.53 -29.09
N ALA B 309 3.56 -4.31 -28.70
CA ALA B 309 2.85 -3.08 -29.02
C ALA B 309 3.78 -2.00 -29.52
N LYS B 310 5.00 -1.93 -28.98
CA LYS B 310 6.02 -1.01 -29.45
C LYS B 310 6.85 -1.62 -30.59
N THR B 311 7.28 -2.86 -30.41
CA THR B 311 8.01 -3.58 -31.45
C THR B 311 6.98 -4.34 -32.29
N VAL B 312 6.59 -3.76 -33.42
CA VAL B 312 5.56 -4.33 -34.29
C VAL B 312 6.17 -4.56 -35.66
N HIS B 313 6.13 -5.82 -36.12
CA HIS B 313 6.58 -6.17 -37.46
C HIS B 313 5.64 -7.15 -38.15
N ASN B 314 4.42 -7.31 -37.68
CA ASN B 314 3.49 -8.30 -38.20
C ASN B 314 2.08 -7.87 -37.84
N ASN B 315 1.11 -8.42 -38.56
CA ASN B 315 -0.31 -8.20 -38.27
C ASN B 315 -1.05 -9.46 -37.84
N LEU B 316 -0.40 -10.62 -37.90
CA LEU B 316 -1.09 -11.87 -37.56
C LEU B 316 -1.12 -12.10 -36.06
N ALA B 317 0.05 -12.21 -35.44
CA ALA B 317 0.16 -12.51 -34.02
C ALA B 317 0.35 -11.27 -33.16
N ILE B 318 0.85 -10.18 -33.76
CA ILE B 318 1.04 -8.95 -33.00
C ILE B 318 -0.31 -8.30 -32.70
N ARG B 319 -1.16 -8.19 -33.72
CA ARG B 319 -2.50 -7.64 -33.53
C ARG B 319 -3.37 -8.55 -32.68
N GLN B 320 -3.10 -9.86 -32.71
CA GLN B 320 -3.87 -10.81 -31.91
C GLN B 320 -3.56 -10.65 -30.44
N ARG B 321 -2.27 -10.68 -30.08
CA ARG B 321 -1.89 -10.70 -28.66
C ARG B 321 -2.13 -9.37 -27.96
N ARG B 322 -2.32 -8.28 -28.70
CA ARG B 322 -2.76 -7.05 -28.06
C ARG B 322 -4.24 -7.12 -27.67
N ALA B 323 -5.02 -8.00 -28.29
CA ALA B 323 -6.46 -8.02 -28.05
C ALA B 323 -6.79 -8.67 -26.71
N GLN B 324 -6.22 -9.86 -26.43
CA GLN B 324 -6.54 -10.50 -25.17
C GLN B 324 -5.79 -9.88 -24.00
N LEU B 325 -4.74 -9.10 -24.27
CA LEU B 325 -3.95 -8.53 -23.18
C LEU B 325 -4.74 -7.44 -22.45
N VAL B 326 -5.48 -6.62 -23.20
CA VAL B 326 -6.37 -5.67 -22.55
C VAL B 326 -7.67 -6.34 -22.12
N ALA B 327 -8.00 -7.51 -22.68
CA ALA B 327 -9.12 -8.27 -22.14
C ALA B 327 -8.75 -8.87 -20.78
N GLN B 328 -7.46 -9.08 -20.53
CA GLN B 328 -7.01 -9.43 -19.18
C GLN B 328 -7.24 -8.26 -18.22
N ILE B 329 -6.82 -7.05 -18.64
CA ILE B 329 -6.87 -5.88 -17.77
C ILE B 329 -8.31 -5.42 -17.57
N CYS B 330 -9.17 -5.66 -18.56
CA CYS B 330 -10.60 -5.37 -18.41
C CYS B 330 -11.24 -6.24 -17.33
N ASP B 331 -10.73 -7.45 -17.13
CA ASP B 331 -11.25 -8.34 -16.11
C ASP B 331 -10.40 -8.36 -14.86
N GLU B 332 -9.12 -7.97 -14.93
CA GLU B 332 -8.29 -7.89 -13.75
C GLU B 332 -8.75 -6.77 -12.83
N ALA B 333 -9.22 -5.66 -13.42
CA ALA B 333 -9.85 -4.61 -12.63
C ALA B 333 -11.14 -5.09 -12.00
N LEU B 334 -11.85 -6.00 -12.66
CA LEU B 334 -13.05 -6.59 -12.06
C LEU B 334 -12.68 -7.54 -10.93
N GLN B 335 -11.57 -8.26 -11.08
CA GLN B 335 -11.00 -9.01 -9.96
C GLN B 335 -10.60 -8.07 -8.83
N TYR B 336 -9.99 -6.94 -9.19
CA TYR B 336 -9.64 -5.93 -8.20
C TYR B 336 -10.86 -5.26 -7.60
N ALA B 337 -11.97 -5.20 -8.35
CA ALA B 337 -13.18 -4.57 -7.84
C ALA B 337 -13.83 -5.43 -6.76
N ALA B 338 -13.97 -6.73 -7.03
CA ALA B 338 -14.74 -7.59 -6.14
C ALA B 338 -13.99 -7.92 -4.85
N ARG B 339 -12.66 -8.02 -4.90
CA ARG B 339 -11.89 -8.23 -3.69
C ARG B 339 -11.97 -7.01 -2.78
N LEU B 340 -11.98 -5.81 -3.38
CA LEU B 340 -12.16 -4.59 -2.61
C LEU B 340 -13.61 -4.44 -2.16
N ARG B 341 -14.55 -4.99 -2.94
CA ARG B 341 -15.95 -4.99 -2.56
C ARG B 341 -16.22 -5.96 -1.42
N GLU B 342 -15.71 -7.19 -1.54
CA GLU B 342 -15.94 -8.19 -0.51
C GLU B 342 -15.06 -7.89 0.70
N LEU B 343 -15.54 -8.32 1.88
CA LEU B 343 -14.88 -8.24 3.20
C LEU B 343 -14.49 -6.82 3.60
N GLU B 344 -15.12 -5.80 3.00
CA GLU B 344 -14.99 -4.42 3.47
C GLU B 344 -16.38 -3.78 3.45
N PRO B 345 -17.16 -3.94 4.53
CA PRO B 345 -18.47 -3.29 4.58
C PRO B 345 -18.37 -1.85 5.07
N GLY B 346 -17.34 -1.54 5.84
CA GLY B 346 -17.19 -0.22 6.43
C GLY B 346 -16.40 0.75 5.58
N TRP B 347 -16.63 0.71 4.27
CA TRP B 347 -15.99 1.63 3.35
C TRP B 347 -16.73 2.96 3.36
N SER B 348 -15.99 4.05 3.29
CA SER B 348 -16.57 5.39 3.30
C SER B 348 -15.63 6.35 2.60
N ALA B 349 -16.03 7.62 2.55
CA ALA B 349 -15.28 8.65 1.85
C ALA B 349 -14.38 9.49 2.75
N THR B 350 -14.61 9.45 4.07
CA THR B 350 -13.93 10.36 4.98
C THR B 350 -12.41 10.17 5.14
N PRO B 351 -11.79 8.94 5.10
CA PRO B 351 -10.32 8.92 5.16
C PRO B 351 -9.66 9.23 3.82
N GLY B 352 -8.94 10.35 3.77
CA GLY B 352 -7.99 10.65 2.70
C GLY B 352 -8.53 10.79 1.29
N CYS B 353 -9.43 11.74 1.06
CA CYS B 353 -10.02 11.95 -0.26
C CYS B 353 -9.54 13.28 -0.84
N GLN B 354 -8.69 13.19 -1.88
CA GLN B 354 -8.30 14.37 -2.64
C GLN B 354 -8.70 14.29 -4.11
N LEU B 355 -8.32 13.21 -4.82
CA LEU B 355 -8.81 12.95 -6.17
C LEU B 355 -9.26 11.48 -6.20
N HIS B 356 -10.47 11.24 -5.72
CA HIS B 356 -11.06 9.90 -5.74
C HIS B 356 -12.54 10.00 -6.06
N ASP B 357 -12.87 10.81 -7.07
CA ASP B 357 -14.27 11.06 -7.42
C ASP B 357 -14.92 9.81 -8.02
N ALA B 358 -16.17 9.58 -7.61
CA ALA B 358 -17.03 8.45 -7.98
C ALA B 358 -16.46 7.09 -7.59
N GLU B 359 -15.41 7.05 -6.77
CA GLU B 359 -14.95 5.77 -6.24
C GLU B 359 -15.90 5.27 -5.16
N GLN B 360 -16.57 6.19 -4.46
CA GLN B 360 -17.71 5.83 -3.62
C GLN B 360 -18.91 5.39 -4.44
N LEU B 361 -18.92 5.64 -5.75
CA LEU B 361 -20.06 5.31 -6.58
C LEU B 361 -19.92 3.96 -7.26
N TRP B 362 -18.68 3.53 -7.54
CA TRP B 362 -18.43 2.30 -8.29
C TRP B 362 -18.04 1.13 -7.39
N LEU B 363 -17.01 1.31 -6.57
CA LEU B 363 -16.53 0.25 -5.68
C LEU B 363 -17.06 0.42 -4.27
N ASP B 364 -18.30 0.89 -4.16
CA ASP B 364 -19.02 1.15 -2.93
C ASP B 364 -19.21 -0.07 -2.04
N PRO B 365 -19.56 0.12 -0.77
CA PRO B 365 -20.26 -0.94 -0.04
C PRO B 365 -21.76 -0.80 -0.30
N LEU B 366 -22.39 -1.92 -0.66
CA LEU B 366 -23.81 -1.86 -0.98
C LEU B 366 -24.65 -1.69 0.29
N ARG B 367 -24.22 -2.27 1.41
CA ARG B 367 -24.67 -2.02 2.78
C ARG B 367 -26.11 -2.44 3.06
N ALA B 368 -26.83 -2.96 2.05
CA ALA B 368 -28.29 -3.17 2.04
C ALA B 368 -29.06 -1.89 2.43
N GLN B 369 -28.49 -0.71 2.15
CA GLN B 369 -29.03 0.58 2.59
C GLN B 369 -28.21 1.67 1.92
N THR B 370 -28.76 2.88 1.95
CA THR B 370 -28.06 4.08 1.54
C THR B 370 -27.73 4.94 2.76
N ASP B 371 -26.65 5.72 2.64
CA ASP B 371 -26.19 6.61 3.72
C ASP B 371 -25.97 7.98 3.11
N GLU B 372 -26.92 8.89 3.32
CA GLU B 372 -26.88 10.20 2.70
C GLU B 372 -27.73 11.18 3.49
N THR B 373 -27.23 12.41 3.64
CA THR B 373 -27.97 13.48 4.29
C THR B 373 -28.20 14.68 3.39
N PHE B 374 -27.14 15.24 2.80
CA PHE B 374 -27.21 16.42 1.95
C PHE B 374 -26.96 16.01 0.49
N LEU B 375 -27.38 14.80 0.15
CA LEU B 375 -27.01 14.21 -1.13
C LEU B 375 -28.02 13.15 -1.50
N GLN B 376 -28.24 13.00 -2.81
CA GLN B 376 -29.21 12.05 -3.35
C GLN B 376 -28.56 10.94 -4.16
N ARG B 377 -27.30 11.14 -4.61
CA ARG B 377 -26.62 10.22 -5.52
C ARG B 377 -26.37 8.86 -4.87
N ARG B 378 -26.25 8.81 -3.55
CA ARG B 378 -25.88 7.58 -2.85
C ARG B 378 -27.01 6.55 -2.87
N LEU B 379 -28.25 6.97 -3.10
CA LEU B 379 -29.37 6.05 -3.10
C LEU B 379 -29.34 5.10 -4.28
N ARG B 380 -28.73 5.50 -5.39
CA ARG B 380 -28.79 4.72 -6.61
C ARG B 380 -27.48 4.93 -7.38
N GLY B 381 -27.49 4.62 -8.67
CA GLY B 381 -26.34 4.91 -9.50
C GLY B 381 -26.63 4.71 -10.97
N ASP B 382 -26.27 5.69 -11.79
CA ASP B 382 -26.36 5.55 -13.24
C ASP B 382 -25.12 6.14 -13.88
N TRP B 383 -24.70 5.53 -14.99
CA TRP B 383 -23.47 5.76 -15.75
C TRP B 383 -22.23 6.02 -14.89
N PRO B 384 -21.64 5.00 -14.21
CA PRO B 384 -20.37 5.20 -13.51
C PRO B 384 -19.16 5.13 -14.45
N ALA B 385 -19.25 5.83 -15.58
CA ALA B 385 -18.32 5.63 -16.68
C ALA B 385 -17.11 6.54 -16.65
N GLU B 386 -17.17 7.64 -15.88
CA GLU B 386 -16.06 8.59 -15.85
C GLU B 386 -14.82 8.00 -15.18
N VAL B 387 -15.01 7.11 -14.19
CA VAL B 387 -13.87 6.37 -13.66
C VAL B 387 -13.41 5.32 -14.66
N GLY B 388 -14.30 4.84 -15.54
CA GLY B 388 -13.91 3.94 -16.59
C GLY B 388 -13.21 4.69 -17.70
N ASN B 389 -13.64 5.93 -17.96
CA ASN B 389 -12.91 6.79 -18.87
C ASN B 389 -11.55 7.18 -18.30
N ARG B 390 -11.49 7.41 -16.99
CA ARG B 390 -10.21 7.64 -16.34
C ARG B 390 -9.34 6.38 -16.36
N PHE B 391 -9.98 5.21 -16.27
CA PHE B 391 -9.27 3.97 -16.55
C PHE B 391 -8.87 3.89 -18.00
N ALA B 392 -9.75 4.34 -18.91
CA ALA B 392 -9.38 4.43 -20.31
C ALA B 392 -8.33 5.50 -20.57
N ASN B 393 -8.36 6.59 -19.80
CA ASN B 393 -7.26 7.54 -19.84
C ASN B 393 -6.00 6.97 -19.22
N TRP B 394 -6.13 6.00 -18.31
CA TRP B 394 -4.94 5.30 -17.85
C TRP B 394 -4.43 4.32 -18.90
N LEU B 395 -5.31 3.73 -19.69
CA LEU B 395 -4.88 2.79 -20.71
C LEU B 395 -4.11 3.47 -21.84
N ASN B 396 -4.38 4.75 -22.08
CA ASN B 396 -3.51 5.52 -22.97
C ASN B 396 -2.19 5.84 -22.29
N ARG B 397 -2.20 6.01 -20.97
CA ARG B 397 -1.00 6.21 -20.18
C ARG B 397 -0.29 4.90 -19.87
N ALA B 398 -0.98 3.76 -20.02
CA ALA B 398 -0.41 2.45 -19.69
C ALA B 398 0.74 2.10 -20.63
N VAL B 399 0.59 2.36 -21.93
CA VAL B 399 1.72 2.28 -22.84
C VAL B 399 2.67 3.44 -22.52
N SER B 400 3.97 3.14 -22.49
CA SER B 400 4.94 4.11 -21.97
C SER B 400 5.23 5.20 -22.99
N SER B 401 5.82 4.84 -24.13
CA SER B 401 6.22 5.82 -25.12
C SER B 401 6.36 5.12 -26.48
N ASP B 402 5.67 5.66 -27.49
CA ASP B 402 5.80 5.16 -28.85
C ASP B 402 5.45 6.31 -29.79
N SER B 403 6.46 6.86 -30.46
CA SER B 403 6.25 8.03 -31.31
C SER B 403 6.00 7.66 -32.76
N GLN B 404 6.44 6.49 -33.21
CA GLN B 404 6.27 6.04 -34.58
C GLN B 404 4.93 5.34 -34.81
N ILE B 405 4.06 5.30 -33.80
CA ILE B 405 2.80 4.59 -33.92
C ILE B 405 1.67 5.54 -34.34
N LEU B 406 1.85 6.85 -34.23
CA LEU B 406 0.79 7.81 -34.52
C LEU B 406 0.54 7.94 -36.02
N GLY B 407 1.61 8.02 -36.82
CA GLY B 407 1.45 8.11 -38.25
C GLY B 407 0.95 6.82 -38.88
N SER B 408 1.35 5.68 -38.33
CA SER B 408 0.81 4.40 -38.74
C SER B 408 -0.62 4.24 -38.21
N PRO B 409 -1.43 3.40 -38.85
CA PRO B 409 -2.74 3.06 -38.28
C PRO B 409 -2.70 2.04 -37.15
N GLU B 410 -1.52 1.73 -36.59
CA GLU B 410 -1.42 0.79 -35.49
C GLU B 410 -2.02 1.39 -34.21
N ALA B 411 -1.74 2.67 -33.95
CA ALA B 411 -2.41 3.36 -32.84
C ALA B 411 -3.89 3.57 -33.14
N ALA B 412 -4.24 3.76 -34.42
CA ALA B 412 -5.64 3.76 -34.81
C ALA B 412 -6.26 2.38 -34.59
N GLN B 413 -5.50 1.32 -34.84
CA GLN B 413 -5.95 -0.01 -34.44
C GLN B 413 -5.97 -0.15 -32.92
N TRP B 414 -4.97 0.44 -32.25
CA TRP B 414 -4.94 0.44 -30.78
C TRP B 414 -6.04 1.31 -30.19
N SER B 415 -6.44 2.37 -30.89
CA SER B 415 -7.61 3.14 -30.46
C SER B 415 -8.86 2.28 -30.57
N GLN B 416 -8.93 1.43 -31.61
CA GLN B 416 -10.01 0.46 -31.70
C GLN B 416 -9.86 -0.61 -30.62
N GLU B 417 -8.62 -0.98 -30.29
CA GLU B 417 -8.38 -1.86 -29.14
C GLU B 417 -8.79 -1.19 -27.85
N LEU B 418 -8.56 0.12 -27.75
CA LEU B 418 -9.08 0.88 -26.62
C LEU B 418 -10.61 0.96 -26.67
N SER B 419 -11.19 1.05 -27.86
CA SER B 419 -12.63 1.25 -27.97
C SER B 419 -13.41 -0.04 -27.79
N LYS B 420 -12.94 -1.15 -28.36
CA LYS B 420 -13.72 -2.38 -28.31
C LYS B 420 -13.69 -3.03 -26.93
N GLU B 421 -12.74 -2.65 -26.08
CA GLU B 421 -12.68 -3.20 -24.74
C GLU B 421 -13.39 -2.33 -23.71
N LEU B 422 -13.47 -1.01 -23.94
CA LEU B 422 -14.30 -0.19 -23.06
C LEU B 422 -15.78 -0.49 -23.29
N THR B 423 -16.15 -0.81 -24.53
CA THR B 423 -17.54 -1.12 -24.86
C THR B 423 -18.01 -2.35 -24.10
N MET B 424 -17.14 -3.35 -23.95
CA MET B 424 -17.43 -4.45 -23.03
C MET B 424 -17.37 -3.98 -21.59
N PHE B 425 -16.45 -3.05 -21.29
CA PHE B 425 -16.23 -2.64 -19.90
C PHE B 425 -17.37 -1.80 -19.35
N LYS B 426 -17.97 -0.94 -20.18
CA LYS B 426 -19.08 -0.12 -19.68
C LYS B 426 -20.32 -0.96 -19.38
N GLU B 427 -20.62 -1.93 -20.24
CA GLU B 427 -21.80 -2.75 -20.09
C GLU B 427 -21.70 -3.67 -18.88
N ILE B 428 -20.50 -4.20 -18.59
CA ILE B 428 -20.28 -4.94 -17.36
C ILE B 428 -20.46 -4.04 -16.15
N LEU B 429 -20.00 -2.80 -16.24
CA LEU B 429 -20.02 -1.86 -15.13
C LEU B 429 -21.41 -1.30 -14.83
N GLU B 430 -22.42 -1.59 -15.68
CA GLU B 430 -23.75 -1.03 -15.46
C GLU B 430 -24.45 -1.64 -14.26
N ASP B 431 -24.53 -2.98 -14.21
CA ASP B 431 -25.44 -3.64 -13.28
C ASP B 431 -24.98 -3.58 -11.82
N GLU B 432 -23.77 -3.09 -11.54
CA GLU B 432 -23.41 -2.78 -10.15
C GLU B 432 -24.18 -1.57 -9.63
N ARG B 433 -24.68 -0.72 -10.52
CA ARG B 433 -25.50 0.41 -10.14
C ARG B 433 -26.82 0.50 -10.91
N ASP B 434 -26.89 0.01 -12.13
CA ASP B 434 -28.15 0.00 -12.88
C ASP B 434 -28.97 -1.20 -12.42
N VAL C 3 -22.35 -35.11 -21.36
CA VAL C 3 -22.02 -34.08 -22.33
C VAL C 3 -23.28 -33.49 -22.94
N THR C 4 -24.42 -33.84 -22.36
CA THR C 4 -25.70 -33.31 -22.80
C THR C 4 -25.82 -31.84 -22.38
N ASP C 5 -26.40 -31.02 -23.26
CA ASP C 5 -26.52 -29.59 -23.00
C ASP C 5 -27.48 -29.33 -21.83
N PRO C 6 -27.05 -28.57 -20.82
CA PRO C 6 -27.86 -28.43 -19.61
C PRO C 6 -29.06 -27.53 -19.82
N GLU C 7 -30.16 -27.87 -19.14
CA GLU C 7 -31.34 -27.01 -19.15
C GLU C 7 -31.16 -25.85 -18.17
N ALA C 8 -30.84 -26.16 -16.92
CA ALA C 8 -30.65 -25.16 -15.89
C ALA C 8 -29.18 -25.10 -15.48
N LEU C 9 -28.88 -24.19 -14.56
CA LEU C 9 -27.52 -24.01 -14.04
C LEU C 9 -27.65 -23.74 -12.54
N LEU C 10 -27.54 -24.80 -11.75
CA LEU C 10 -27.59 -24.65 -10.30
C LEU C 10 -26.26 -24.15 -9.77
N LEU C 11 -26.32 -23.18 -8.86
CA LEU C 11 -25.13 -22.53 -8.32
C LEU C 11 -25.02 -22.79 -6.82
N LEU C 12 -23.89 -23.39 -6.42
CA LEU C 12 -23.54 -23.46 -5.01
C LEU C 12 -22.65 -22.28 -4.70
N PRO C 13 -23.08 -21.32 -3.86
CA PRO C 13 -22.51 -19.96 -3.89
C PRO C 13 -21.06 -19.82 -3.46
N ARG C 14 -20.72 -20.16 -2.21
CA ARG C 14 -19.35 -20.00 -1.69
C ARG C 14 -19.14 -21.15 -0.70
N LEU C 15 -18.56 -22.24 -1.20
CA LEU C 15 -18.37 -23.44 -0.38
C LEU C 15 -17.01 -23.40 0.27
N SER C 16 -16.97 -23.06 1.56
CA SER C 16 -15.73 -23.08 2.31
C SER C 16 -15.39 -24.52 2.68
N ILE C 17 -14.15 -24.91 2.40
CA ILE C 17 -13.72 -26.31 2.48
C ILE C 17 -12.56 -26.41 3.43
N GLN C 18 -12.74 -27.17 4.50
CA GLN C 18 -11.72 -27.36 5.50
C GLN C 18 -10.98 -28.67 5.25
N ASN C 19 -9.64 -28.58 5.18
CA ASN C 19 -8.74 -29.73 5.14
C ASN C 19 -8.96 -30.61 3.93
N ALA C 20 -8.93 -30.00 2.75
CA ALA C 20 -9.05 -30.76 1.52
C ALA C 20 -7.71 -31.39 1.16
N ASN C 21 -7.73 -32.28 0.17
CA ASN C 21 -6.50 -32.91 -0.29
C ASN C 21 -5.79 -31.99 -1.28
N ALA C 22 -4.47 -32.13 -1.35
CA ALA C 22 -3.68 -31.24 -2.18
C ALA C 22 -2.58 -31.95 -2.96
N ILE C 23 -2.49 -33.28 -2.90
CA ILE C 23 -1.47 -34.00 -3.65
C ILE C 23 -1.93 -34.23 -5.08
N SER C 24 -3.12 -34.82 -5.25
CA SER C 24 -3.95 -34.81 -6.45
C SER C 24 -3.44 -35.67 -7.61
N SER C 25 -2.19 -36.15 -7.55
CA SER C 25 -1.54 -36.99 -8.55
C SER C 25 -0.19 -37.43 -7.98
N PRO C 26 0.53 -38.35 -8.64
CA PRO C 26 1.92 -38.58 -8.24
C PRO C 26 2.88 -37.46 -8.63
N LEU C 27 2.46 -36.48 -9.43
CA LEU C 27 3.40 -35.47 -9.91
C LEU C 27 2.95 -34.03 -9.68
N THR C 28 1.64 -33.77 -9.70
CA THR C 28 1.14 -32.39 -9.75
C THR C 28 0.49 -32.03 -8.42
N TRP C 29 1.30 -31.52 -7.50
CA TRP C 29 0.83 -30.91 -6.27
C TRP C 29 0.02 -29.65 -6.53
N GLY C 30 -1.06 -29.45 -5.75
CA GLY C 30 -1.66 -28.15 -5.66
C GLY C 30 -3.14 -28.16 -5.36
N PHE C 31 -3.91 -27.49 -6.22
CA PHE C 31 -5.36 -27.57 -6.18
C PHE C 31 -5.77 -29.01 -6.46
N PRO C 32 -6.79 -29.53 -5.77
CA PRO C 32 -7.14 -30.96 -5.92
C PRO C 32 -7.69 -31.29 -7.30
N SER C 33 -7.80 -32.60 -7.53
CA SER C 33 -8.10 -33.10 -8.86
C SER C 33 -9.52 -32.74 -9.27
N PRO C 34 -9.74 -32.44 -10.55
CA PRO C 34 -11.11 -32.22 -11.01
C PRO C 34 -11.95 -33.49 -11.07
N GLY C 35 -11.33 -34.66 -10.97
CA GLY C 35 -12.08 -35.88 -10.76
C GLY C 35 -12.77 -35.94 -9.41
N ALA C 36 -12.26 -35.21 -8.42
CA ALA C 36 -12.93 -35.11 -7.13
C ALA C 36 -14.23 -34.34 -7.24
N PHE C 37 -14.29 -33.36 -8.13
CA PHE C 37 -15.50 -32.57 -8.29
C PHE C 37 -16.53 -33.32 -9.12
N THR C 38 -16.10 -34.05 -10.15
CA THR C 38 -17.04 -34.79 -10.97
C THR C 38 -17.63 -35.98 -10.22
N GLY C 39 -16.85 -36.59 -9.33
CA GLY C 39 -17.40 -37.62 -8.47
C GLY C 39 -18.27 -37.10 -7.35
N PHE C 40 -18.11 -35.83 -6.99
CA PHE C 40 -18.94 -35.22 -5.97
C PHE C 40 -20.37 -35.03 -6.48
N VAL C 41 -20.51 -34.56 -7.71
CA VAL C 41 -21.82 -34.31 -8.29
C VAL C 41 -22.55 -35.62 -8.55
N HIS C 42 -21.81 -36.67 -8.86
CA HIS C 42 -22.41 -37.99 -8.98
C HIS C 42 -22.86 -38.54 -7.63
N ALA C 43 -22.28 -38.03 -6.53
CA ALA C 43 -22.78 -38.41 -5.23
C ALA C 43 -24.04 -37.64 -4.85
N LEU C 44 -24.18 -36.41 -5.36
CA LEU C 44 -25.44 -35.70 -5.21
C LEU C 44 -26.53 -36.32 -6.07
N GLN C 45 -26.17 -36.70 -7.30
CA GLN C 45 -27.09 -37.44 -8.17
C GLN C 45 -27.46 -38.78 -7.57
N ARG C 46 -26.54 -39.38 -6.82
CA ARG C 46 -26.86 -40.58 -6.04
C ARG C 46 -27.91 -40.30 -4.98
N ARG C 47 -27.77 -39.20 -4.24
CA ARG C 47 -28.59 -38.97 -3.06
C ARG C 47 -29.82 -38.12 -3.30
N VAL C 48 -29.72 -37.08 -4.12
CA VAL C 48 -30.80 -36.11 -4.30
C VAL C 48 -31.47 -36.27 -5.65
N GLY C 49 -30.68 -36.32 -6.73
CA GLY C 49 -31.20 -36.21 -8.09
C GLY C 49 -32.10 -37.34 -8.53
N ILE C 50 -32.06 -38.48 -7.83
CA ILE C 50 -33.05 -39.53 -8.09
C ILE C 50 -34.35 -39.27 -7.36
N SER C 51 -34.35 -38.41 -6.34
CA SER C 51 -35.57 -38.07 -5.63
C SER C 51 -36.27 -36.86 -6.23
N LEU C 52 -35.51 -35.90 -6.76
CA LEU C 52 -36.09 -34.77 -7.49
C LEU C 52 -36.18 -35.06 -8.99
N ASP C 53 -35.77 -36.26 -9.41
CA ASP C 53 -35.88 -36.74 -10.79
C ASP C 53 -35.13 -35.85 -11.77
N ILE C 54 -33.91 -35.47 -11.41
CA ILE C 54 -33.09 -34.60 -12.23
C ILE C 54 -31.74 -35.28 -12.48
N GLU C 55 -31.05 -34.80 -13.51
CA GLU C 55 -29.76 -35.33 -13.92
C GLU C 55 -28.69 -34.28 -13.66
N LEU C 56 -27.80 -34.55 -12.70
CA LEU C 56 -26.73 -33.64 -12.31
C LEU C 56 -25.43 -34.16 -12.89
N ASP C 57 -24.98 -33.59 -14.01
CA ASP C 57 -23.81 -34.15 -14.69
C ASP C 57 -22.62 -33.22 -14.73
N GLY C 58 -22.78 -31.98 -15.21
CA GLY C 58 -21.63 -31.10 -15.37
C GLY C 58 -21.30 -30.36 -14.08
N VAL C 59 -20.06 -29.88 -14.01
CA VAL C 59 -19.62 -29.15 -12.82
C VAL C 59 -18.53 -28.15 -13.21
N GLY C 60 -18.67 -26.92 -12.71
CA GLY C 60 -17.68 -25.87 -12.93
C GLY C 60 -16.90 -25.62 -11.66
N ILE C 61 -15.69 -25.12 -11.82
CA ILE C 61 -14.73 -24.96 -10.72
C ILE C 61 -14.28 -23.51 -10.71
N VAL C 62 -14.45 -22.83 -9.58
CA VAL C 62 -14.26 -21.38 -9.50
C VAL C 62 -13.10 -21.00 -8.57
N CYS C 63 -13.03 -21.62 -7.38
CA CYS C 63 -11.86 -21.55 -6.47
C CYS C 63 -11.53 -20.11 -6.05
N HIS C 64 -12.42 -19.55 -5.22
CA HIS C 64 -12.26 -18.16 -4.80
C HIS C 64 -11.03 -17.95 -3.92
N ARG C 65 -10.60 -18.97 -3.17
CA ARG C 65 -9.46 -18.82 -2.27
C ARG C 65 -8.82 -20.18 -2.05
N PHE C 66 -7.51 -20.24 -2.19
CA PHE C 66 -6.74 -21.46 -1.99
C PHE C 66 -5.65 -21.18 -0.97
N GLU C 67 -5.70 -21.88 0.17
CA GLU C 67 -4.69 -21.76 1.21
C GLU C 67 -4.15 -23.14 1.53
N ALA C 68 -2.95 -23.43 1.04
CA ALA C 68 -2.31 -24.70 1.31
C ALA C 68 -1.53 -24.65 2.62
N GLN C 69 -1.32 -25.81 3.21
CA GLN C 69 -0.57 -25.92 4.46
C GLN C 69 0.84 -26.38 4.11
N ILE C 70 1.66 -25.43 3.65
CA ILE C 70 3.02 -25.69 3.21
C ILE C 70 3.94 -24.70 3.90
N SER C 71 5.24 -25.00 3.83
CA SER C 71 6.27 -24.13 4.40
C SER C 71 7.59 -24.45 3.72
N GLN C 72 8.32 -23.41 3.33
CA GLN C 72 9.62 -23.83 2.83
C GLN C 72 10.66 -23.80 3.96
N PRO C 73 11.57 -24.77 3.99
CA PRO C 73 12.57 -24.80 5.06
C PRO C 73 13.66 -23.77 4.84
N ALA C 74 14.58 -23.72 5.80
CA ALA C 74 15.60 -22.69 5.83
C ALA C 74 16.69 -22.99 4.81
N GLY C 75 16.85 -22.10 3.84
CA GLY C 75 17.86 -22.25 2.81
C GLY C 75 17.37 -22.91 1.54
N LYS C 76 16.29 -23.69 1.61
CA LYS C 76 15.74 -24.31 0.42
C LYS C 76 14.82 -23.33 -0.31
N ARG C 77 14.26 -23.79 -1.42
CA ARG C 77 13.33 -22.96 -2.18
C ARG C 77 12.09 -23.79 -2.50
N THR C 78 12.24 -25.11 -2.49
CA THR C 78 11.09 -26.00 -2.56
C THR C 78 10.34 -25.97 -1.23
N LYS C 79 9.06 -26.34 -1.29
CA LYS C 79 8.15 -26.18 -0.17
C LYS C 79 7.62 -27.54 0.25
N VAL C 80 7.81 -27.87 1.53
CA VAL C 80 7.41 -29.17 2.06
C VAL C 80 6.07 -29.06 2.76
N PHE C 81 5.47 -30.20 3.08
CA PHE C 81 4.11 -30.25 3.58
C PHE C 81 4.04 -30.25 5.10
N ASN C 82 2.87 -29.92 5.62
CA ASN C 82 2.59 -30.00 7.04
C ASN C 82 1.79 -31.26 7.32
N LEU C 83 2.28 -32.05 8.26
CA LEU C 83 1.69 -33.33 8.58
C LEU C 83 0.84 -33.20 9.84
N THR C 84 0.39 -34.33 10.35
CA THR C 84 -0.36 -34.37 11.60
C THR C 84 0.10 -35.59 12.39
N ARG C 85 -0.07 -35.55 13.70
CA ARG C 85 0.23 -36.75 14.47
C ARG C 85 -0.87 -37.79 14.28
N ASN C 86 -0.55 -38.99 14.69
CA ASN C 86 -1.43 -40.14 14.64
C ASN C 86 -1.40 -40.79 16.01
N PRO C 87 -2.38 -41.62 16.35
CA PRO C 87 -2.26 -42.42 17.57
C PRO C 87 -1.11 -43.41 17.46
N LEU C 88 -0.65 -43.86 18.62
CA LEU C 88 0.57 -44.65 18.71
C LEU C 88 0.32 -46.07 18.22
N ASN C 89 1.36 -46.89 18.31
CA ASN C 89 1.30 -48.26 17.83
C ASN C 89 0.59 -49.14 18.87
N ARG C 90 0.54 -50.44 18.59
CA ARG C 90 0.08 -51.40 19.59
C ARG C 90 0.98 -51.36 20.83
N ASP C 91 2.28 -51.36 20.63
CA ASP C 91 3.22 -51.23 21.73
C ASP C 91 3.32 -49.80 22.24
N GLY C 92 2.76 -48.83 21.52
CA GLY C 92 2.81 -47.46 21.95
C GLY C 92 4.17 -46.81 21.81
N SER C 93 4.98 -47.27 20.86
CA SER C 93 6.29 -46.66 20.64
C SER C 93 6.12 -45.36 19.86
N THR C 94 5.66 -45.46 18.61
CA THR C 94 5.44 -44.34 17.71
C THR C 94 4.61 -44.85 16.55
N ALA C 95 4.20 -43.92 15.68
CA ALA C 95 3.46 -44.28 14.48
C ALA C 95 4.33 -44.01 13.25
N ALA C 96 4.07 -44.77 12.20
CA ALA C 96 4.74 -44.53 10.93
C ALA C 96 4.23 -43.25 10.30
N ILE C 97 5.06 -42.66 9.45
CA ILE C 97 4.73 -41.38 8.82
C ILE C 97 4.26 -41.63 7.40
N VAL C 98 3.00 -41.33 7.15
CA VAL C 98 2.51 -41.15 5.79
C VAL C 98 2.38 -39.64 5.57
N GLU C 99 2.51 -39.22 4.32
CA GLU C 99 2.43 -37.82 3.98
C GLU C 99 1.17 -37.55 3.19
N GLU C 100 0.39 -36.56 3.66
CA GLU C 100 -0.85 -36.16 3.01
C GLU C 100 -0.85 -34.64 2.93
N GLY C 101 -0.97 -34.13 1.72
CA GLY C 101 -1.15 -32.71 1.54
C GLY C 101 -2.49 -32.25 2.09
N ARG C 102 -2.55 -30.98 2.44
CA ARG C 102 -3.70 -30.48 3.17
C ARG C 102 -3.88 -29.01 2.82
N ALA C 103 -5.08 -28.64 2.39
CA ALA C 103 -5.29 -27.28 1.92
C ALA C 103 -6.70 -26.83 2.20
N HIS C 104 -6.83 -25.66 2.80
CA HIS C 104 -8.13 -25.02 2.90
C HIS C 104 -8.51 -24.45 1.54
N LEU C 105 -9.80 -24.29 1.33
CA LEU C 105 -10.27 -24.07 -0.03
C LEU C 105 -11.66 -23.42 0.03
N GLU C 106 -11.96 -22.61 -0.98
CA GLU C 106 -13.25 -21.93 -1.08
C GLU C 106 -13.64 -21.93 -2.56
N VAL C 107 -14.49 -22.89 -2.93
CA VAL C 107 -14.83 -23.10 -4.33
C VAL C 107 -16.31 -22.75 -4.51
N SER C 108 -16.70 -22.57 -5.77
CA SER C 108 -18.09 -22.47 -6.16
C SER C 108 -18.35 -23.42 -7.32
N LEU C 109 -19.54 -24.01 -7.35
CA LEU C 109 -19.84 -25.12 -8.23
C LEU C 109 -21.08 -24.82 -9.07
N LEU C 110 -20.87 -24.50 -10.34
CA LEU C 110 -21.97 -24.55 -11.30
C LEU C 110 -22.38 -25.99 -11.54
N LEU C 111 -23.64 -26.19 -11.89
CA LEU C 111 -24.14 -27.54 -12.17
C LEU C 111 -24.95 -27.53 -13.45
N GLY C 112 -25.28 -28.72 -13.92
CA GLY C 112 -26.17 -28.88 -15.06
C GLY C 112 -27.31 -29.80 -14.71
N VAL C 113 -28.52 -29.41 -15.09
CA VAL C 113 -29.74 -30.12 -14.73
C VAL C 113 -30.46 -30.48 -16.02
N HIS C 114 -30.95 -31.73 -16.11
CA HIS C 114 -31.66 -32.19 -17.28
C HIS C 114 -33.06 -32.71 -17.02
N GLY C 115 -33.40 -33.08 -15.78
CA GLY C 115 -34.57 -33.87 -15.53
C GLY C 115 -35.87 -33.10 -15.56
N ASP C 116 -36.97 -33.86 -15.49
CA ASP C 116 -38.31 -33.31 -15.51
C ASP C 116 -38.72 -32.66 -14.19
N GLY C 117 -37.91 -32.79 -13.14
CA GLY C 117 -38.17 -32.14 -11.87
C GLY C 117 -38.12 -30.62 -11.92
N LEU C 118 -37.51 -30.06 -12.97
CA LEU C 118 -37.63 -28.62 -13.20
C LEU C 118 -39.07 -28.22 -13.49
N ASP C 119 -39.79 -29.06 -14.24
CA ASP C 119 -41.18 -28.78 -14.56
C ASP C 119 -42.12 -29.06 -13.40
N ASP C 120 -41.71 -29.90 -12.45
CA ASP C 120 -42.57 -30.25 -11.32
C ASP C 120 -42.29 -29.36 -10.12
N HIS C 121 -41.06 -29.38 -9.63
CA HIS C 121 -40.69 -28.59 -8.47
C HIS C 121 -40.34 -27.16 -8.88
N PRO C 122 -40.59 -26.18 -8.02
CA PRO C 122 -40.16 -24.82 -8.31
C PRO C 122 -38.65 -24.66 -8.16
N ALA C 123 -38.17 -23.48 -8.56
CA ALA C 123 -36.73 -23.24 -8.64
C ALA C 123 -36.08 -23.20 -7.27
N GLN C 124 -36.78 -22.66 -6.27
CA GLN C 124 -36.22 -22.62 -4.92
C GLN C 124 -36.19 -24.02 -4.30
N GLU C 125 -37.15 -24.87 -4.65
CA GLU C 125 -37.18 -26.24 -4.12
C GLU C 125 -36.01 -27.07 -4.65
N ILE C 126 -35.57 -26.79 -5.88
CA ILE C 126 -34.39 -27.46 -6.41
C ILE C 126 -33.15 -27.04 -5.63
N ALA C 127 -32.95 -25.73 -5.47
CA ALA C 127 -31.75 -25.22 -4.82
C ALA C 127 -31.72 -25.48 -3.33
N ARG C 128 -32.87 -25.68 -2.69
CA ARG C 128 -32.89 -25.89 -1.26
C ARG C 128 -32.51 -27.33 -0.90
N GLN C 129 -33.04 -28.30 -1.66
CA GLN C 129 -32.77 -29.71 -1.38
C GLN C 129 -31.33 -30.10 -1.65
N VAL C 130 -30.64 -29.38 -2.53
CA VAL C 130 -29.26 -29.72 -2.85
C VAL C 130 -28.30 -29.20 -1.78
N GLN C 131 -28.45 -27.92 -1.41
CA GLN C 131 -27.51 -27.31 -0.47
C GLN C 131 -27.65 -27.89 0.93
N GLU C 132 -28.88 -28.24 1.33
CA GLU C 132 -29.08 -28.89 2.62
C GLU C 132 -28.48 -30.28 2.65
N GLN C 133 -28.39 -30.94 1.49
CA GLN C 133 -27.66 -32.21 1.42
C GLN C 133 -26.17 -31.98 1.35
N ALA C 134 -25.74 -31.02 0.52
CA ALA C 134 -24.31 -30.78 0.31
C ALA C 134 -23.63 -30.12 1.50
N GLY C 135 -24.37 -29.71 2.53
CA GLY C 135 -23.74 -29.23 3.72
C GLY C 135 -23.09 -30.32 4.53
N ALA C 136 -23.77 -31.46 4.67
CA ALA C 136 -23.25 -32.60 5.43
C ALA C 136 -22.56 -33.61 4.52
N MET C 137 -21.61 -33.16 3.70
CA MET C 137 -20.88 -34.04 2.79
C MET C 137 -19.42 -33.60 2.74
N ARG C 138 -18.64 -34.31 1.92
CA ARG C 138 -17.23 -33.99 1.73
C ARG C 138 -16.93 -33.87 0.26
N LEU C 139 -16.11 -32.87 -0.09
CA LEU C 139 -15.77 -32.60 -1.48
C LEU C 139 -14.44 -33.22 -1.90
N ALA C 140 -13.35 -32.85 -1.26
CA ALA C 140 -12.03 -33.33 -1.65
C ALA C 140 -11.37 -34.08 -0.51
N GLY C 141 -12.13 -34.90 0.19
CA GLY C 141 -11.64 -35.54 1.38
C GLY C 141 -11.67 -34.68 2.62
N GLY C 142 -12.25 -33.47 2.52
CA GLY C 142 -12.34 -32.58 3.65
C GLY C 142 -13.77 -32.12 3.87
N SER C 143 -14.00 -31.51 5.03
CA SER C 143 -15.32 -31.11 5.43
C SER C 143 -15.77 -29.86 4.66
N ILE C 144 -17.03 -29.49 4.86
CA ILE C 144 -17.63 -28.30 4.28
C ILE C 144 -18.20 -27.46 5.42
N LEU C 145 -17.84 -26.18 5.44
CA LEU C 145 -18.13 -25.39 6.63
C LEU C 145 -19.31 -24.44 6.40
N PRO C 146 -20.12 -24.20 7.44
CA PRO C 146 -21.23 -23.25 7.33
C PRO C 146 -20.81 -21.80 7.56
N TRP C 147 -21.79 -20.90 7.62
CA TRP C 147 -21.56 -19.47 7.71
C TRP C 147 -21.81 -18.94 9.12
N CYS C 148 -21.35 -17.71 9.34
CA CYS C 148 -21.49 -17.04 10.64
C CYS C 148 -21.25 -15.54 10.45
N ASN C 149 -21.92 -14.77 11.30
CA ASN C 149 -21.62 -13.38 11.68
C ASN C 149 -21.90 -12.31 10.63
N GLU C 150 -22.21 -12.68 9.39
CA GLU C 150 -22.72 -11.68 8.45
C GLU C 150 -23.86 -12.16 7.56
N ARG C 151 -24.08 -13.47 7.43
CA ARG C 151 -25.20 -14.14 6.73
C ARG C 151 -25.47 -13.62 5.30
N PHE C 152 -24.46 -13.05 4.65
CA PHE C 152 -24.67 -12.61 3.27
C PHE C 152 -24.63 -13.74 2.22
N PRO C 153 -23.53 -14.57 2.08
CA PRO C 153 -23.44 -15.40 0.87
C PRO C 153 -24.20 -16.72 0.94
N ALA C 154 -25.13 -16.83 1.90
CA ALA C 154 -25.85 -18.08 2.12
C ALA C 154 -26.73 -18.56 0.95
N PRO C 155 -27.60 -17.75 0.32
CA PRO C 155 -28.55 -18.35 -0.65
C PRO C 155 -27.89 -18.75 -1.95
N ASN C 156 -28.60 -19.61 -2.68
CA ASN C 156 -28.15 -20.20 -3.93
C ASN C 156 -28.57 -19.34 -5.11
N ALA C 157 -28.47 -19.92 -6.30
CA ALA C 157 -29.03 -19.32 -7.51
C ALA C 157 -29.41 -20.46 -8.45
N GLU C 158 -30.19 -20.15 -9.48
CA GLU C 158 -30.55 -21.08 -10.53
C GLU C 158 -31.05 -20.31 -11.75
N LEU C 159 -30.47 -20.59 -12.90
CA LEU C 159 -30.82 -19.93 -14.16
C LEU C 159 -31.31 -20.98 -15.14
N LEU C 160 -32.58 -20.87 -15.53
CA LEU C 160 -33.15 -21.76 -16.54
C LEU C 160 -32.69 -21.25 -17.91
N MET C 161 -31.49 -21.67 -18.29
CA MET C 161 -30.85 -21.22 -19.53
C MET C 161 -31.22 -22.08 -20.73
N LEU C 162 -32.35 -22.78 -20.68
CA LEU C 162 -32.84 -23.52 -21.83
C LEU C 162 -33.70 -22.64 -22.74
N GLY C 163 -34.60 -21.86 -22.16
CA GLY C 163 -35.49 -21.00 -22.92
C GLY C 163 -35.09 -19.54 -22.86
N GLY C 164 -35.79 -18.74 -23.67
CA GLY C 164 -35.58 -17.32 -23.73
C GLY C 164 -34.75 -16.93 -24.94
N SER C 165 -34.92 -15.67 -25.37
CA SER C 165 -34.14 -15.14 -26.47
C SER C 165 -32.71 -14.88 -26.01
N ASP C 166 -31.82 -14.71 -26.99
CA ASP C 166 -30.38 -14.57 -26.74
C ASP C 166 -30.05 -13.30 -25.96
N GLU C 167 -30.90 -12.27 -26.02
CA GLU C 167 -30.75 -11.15 -25.11
C GLU C 167 -31.12 -11.53 -23.68
N GLN C 168 -32.17 -12.34 -23.52
CA GLN C 168 -32.65 -12.70 -22.19
C GLN C 168 -31.70 -13.65 -21.48
N ARG C 169 -30.92 -14.43 -22.23
CA ARG C 169 -29.85 -15.21 -21.62
C ARG C 169 -28.71 -14.32 -21.18
N ARG C 170 -28.26 -13.43 -22.08
CA ARG C 170 -26.96 -12.79 -21.94
C ARG C 170 -26.95 -11.74 -20.84
N LYS C 171 -28.07 -11.06 -20.61
CA LYS C 171 -28.13 -10.18 -19.46
C LYS C 171 -28.27 -10.99 -18.18
N ASN C 172 -28.98 -12.11 -18.23
CA ASN C 172 -29.09 -12.97 -17.05
C ASN C 172 -27.78 -13.71 -16.79
N GLN C 173 -27.01 -14.01 -17.85
CA GLN C 173 -25.72 -14.66 -17.69
C GLN C 173 -24.73 -13.75 -16.98
N ARG C 174 -24.86 -12.43 -17.15
CA ARG C 174 -24.00 -11.50 -16.44
C ARG C 174 -24.35 -11.36 -14.96
N ARG C 175 -25.40 -12.03 -14.49
CA ARG C 175 -25.70 -12.03 -13.06
C ARG C 175 -24.92 -13.11 -12.32
N LEU C 176 -24.65 -14.25 -12.97
CA LEU C 176 -23.82 -15.27 -12.34
C LEU C 176 -22.37 -14.85 -12.26
N THR C 177 -21.88 -14.16 -13.28
CA THR C 177 -20.49 -13.71 -13.31
C THR C 177 -20.21 -12.63 -12.26
N ARG C 178 -21.25 -11.99 -11.73
CA ARG C 178 -21.09 -11.15 -10.56
C ARG C 178 -20.74 -11.98 -9.33
N ARG C 179 -21.50 -13.05 -9.08
CA ARG C 179 -21.31 -13.87 -7.91
C ARG C 179 -20.22 -14.91 -8.07
N LEU C 180 -19.51 -14.91 -9.19
CA LEU C 180 -18.36 -15.79 -9.40
C LEU C 180 -17.10 -14.99 -9.63
N LEU C 181 -17.11 -13.70 -9.33
CA LEU C 181 -16.07 -12.77 -9.76
C LEU C 181 -14.74 -12.82 -8.98
N PRO C 182 -14.68 -12.98 -7.65
CA PRO C 182 -13.36 -13.08 -7.01
C PRO C 182 -12.60 -14.38 -7.28
N GLY C 183 -13.16 -15.33 -8.02
CA GLY C 183 -12.51 -16.59 -8.30
C GLY C 183 -11.79 -16.60 -9.64
N PHE C 184 -11.42 -17.81 -10.06
CA PHE C 184 -10.73 -18.05 -11.32
C PHE C 184 -11.22 -19.39 -11.88
N ALA C 185 -11.95 -19.34 -12.99
CA ALA C 185 -12.53 -20.55 -13.54
C ALA C 185 -11.45 -21.47 -14.13
N LEU C 186 -11.72 -22.78 -14.09
CA LEU C 186 -10.77 -23.80 -14.49
C LEU C 186 -11.33 -24.65 -15.62
N VAL C 187 -10.57 -24.75 -16.71
CA VAL C 187 -10.91 -25.59 -17.85
C VAL C 187 -9.69 -26.43 -18.22
N SER C 188 -9.93 -27.41 -19.07
CA SER C 188 -8.87 -28.22 -19.66
C SER C 188 -8.58 -27.75 -21.06
N ARG C 189 -7.30 -27.70 -21.41
CA ARG C 189 -6.86 -27.35 -22.76
C ARG C 189 -6.13 -28.57 -23.30
N GLU C 190 -6.88 -29.50 -23.88
CA GLU C 190 -6.30 -30.69 -24.47
C GLU C 190 -5.69 -30.42 -25.83
N ALA C 191 -6.05 -29.31 -26.47
CA ALA C 191 -5.61 -29.03 -27.83
C ALA C 191 -4.30 -28.28 -27.88
N LEU C 192 -3.98 -27.50 -26.85
CA LEU C 192 -2.69 -26.82 -26.84
C LEU C 192 -1.55 -27.80 -26.63
N LEU C 193 -1.78 -28.87 -25.87
CA LEU C 193 -0.76 -29.90 -25.74
C LEU C 193 -0.57 -30.66 -27.05
N GLN C 194 -1.65 -30.85 -27.82
CA GLN C 194 -1.52 -31.38 -29.16
C GLN C 194 -0.89 -30.38 -30.11
N GLN C 195 -0.99 -29.09 -29.80
CA GLN C 195 -0.44 -28.07 -30.68
C GLN C 195 1.08 -28.01 -30.56
N HIS C 196 1.60 -27.98 -29.34
CA HIS C 196 3.03 -27.77 -29.14
C HIS C 196 3.85 -29.03 -29.33
N LEU C 197 3.25 -30.21 -29.30
CA LEU C 197 3.98 -31.41 -29.72
C LEU C 197 4.29 -31.35 -31.21
N GLU C 198 3.29 -30.98 -32.01
CA GLU C 198 3.52 -30.78 -33.44
C GLU C 198 4.40 -29.58 -33.73
N THR C 199 4.47 -28.62 -32.82
CA THR C 199 5.42 -27.53 -32.97
C THR C 199 6.84 -28.01 -32.70
N LEU C 200 7.04 -28.69 -31.56
CA LEU C 200 8.34 -29.25 -31.21
C LEU C 200 8.53 -30.55 -32.00
N ARG C 201 8.87 -30.40 -33.28
CA ARG C 201 9.27 -31.54 -34.09
C ARG C 201 10.64 -31.36 -34.71
N THR C 202 11.39 -30.34 -34.27
CA THR C 202 12.81 -30.28 -34.58
C THR C 202 13.55 -31.44 -33.93
N THR C 203 13.13 -31.84 -32.74
CA THR C 203 13.57 -33.03 -32.04
C THR C 203 12.45 -34.06 -32.09
N LEU C 204 12.63 -35.16 -31.35
CA LEU C 204 11.59 -36.16 -31.17
C LEU C 204 11.22 -36.24 -29.69
N PRO C 205 10.38 -35.32 -29.19
CA PRO C 205 10.04 -35.31 -27.76
C PRO C 205 8.86 -36.20 -27.45
N GLU C 206 8.43 -36.18 -26.19
CA GLU C 206 7.31 -36.96 -25.71
C GLU C 206 6.24 -36.00 -25.20
N ALA C 207 5.06 -36.56 -24.89
CA ALA C 207 3.99 -35.74 -24.35
C ALA C 207 4.30 -35.28 -22.93
N THR C 208 4.93 -36.14 -22.13
CA THR C 208 5.34 -35.76 -20.79
C THR C 208 6.49 -34.77 -20.78
N THR C 209 7.29 -34.74 -21.85
CA THR C 209 8.36 -33.76 -21.97
C THR C 209 7.86 -32.39 -22.42
N LEU C 210 6.58 -32.27 -22.74
CA LEU C 210 6.03 -30.98 -23.13
C LEU C 210 5.49 -30.21 -21.92
N ASP C 211 4.87 -30.93 -20.97
CA ASP C 211 4.36 -30.29 -19.76
C ASP C 211 5.48 -29.70 -18.90
N ALA C 212 6.66 -30.30 -18.93
CA ALA C 212 7.82 -29.71 -18.28
C ALA C 212 8.24 -28.40 -18.95
N LEU C 213 7.88 -28.20 -20.21
CA LEU C 213 8.10 -26.93 -20.89
C LEU C 213 6.86 -26.05 -20.87
N LEU C 214 5.87 -26.40 -20.05
CA LEU C 214 4.74 -25.52 -19.75
C LEU C 214 4.58 -25.23 -18.27
N ASP C 215 5.13 -26.07 -17.39
CA ASP C 215 5.41 -25.68 -16.01
C ASP C 215 6.81 -25.09 -16.05
N LEU C 216 6.88 -23.80 -16.40
CA LEU C 216 8.11 -23.23 -16.91
C LEU C 216 8.45 -21.94 -16.22
N CYS C 217 9.74 -21.69 -16.12
CA CYS C 217 10.31 -20.35 -16.28
C CYS C 217 11.50 -20.56 -17.21
N ARG C 218 11.22 -20.62 -18.52
CA ARG C 218 12.28 -20.91 -19.48
C ARG C 218 12.98 -19.60 -19.80
N ILE C 219 14.02 -19.29 -19.03
CA ILE C 219 14.79 -18.09 -19.28
C ILE C 219 15.63 -18.35 -20.52
N ASN C 220 15.16 -17.87 -21.66
CA ASN C 220 15.80 -18.15 -22.93
C ASN C 220 16.96 -17.20 -23.18
N PHE C 221 18.09 -17.76 -23.59
CA PHE C 221 19.22 -16.94 -23.98
C PHE C 221 18.93 -16.24 -25.31
N GLU C 222 19.58 -15.10 -25.51
CA GLU C 222 19.33 -14.29 -26.70
C GLU C 222 19.89 -14.97 -27.94
N PRO C 223 19.19 -14.91 -29.08
CA PRO C 223 19.69 -15.53 -30.32
C PRO C 223 20.84 -14.74 -30.93
N TRP C 239 18.48 -12.56 -19.79
CA TRP C 239 18.25 -12.27 -21.20
C TRP C 239 16.76 -12.02 -21.45
N GLN C 240 16.06 -13.09 -21.78
CA GLN C 240 14.63 -13.05 -22.04
C GLN C 240 13.95 -14.20 -21.30
N VAL C 241 12.65 -14.02 -21.06
CA VAL C 241 11.81 -15.03 -20.43
C VAL C 241 10.74 -15.42 -21.43
N ARG C 242 10.51 -16.73 -21.59
CA ARG C 242 9.51 -17.21 -22.53
C ARG C 242 8.11 -16.84 -22.06
N ASP C 243 7.30 -16.32 -22.98
CA ASP C 243 6.00 -15.78 -22.65
C ASP C 243 4.99 -16.90 -22.39
N LYS C 244 3.94 -16.57 -21.65
CA LYS C 244 2.83 -17.46 -21.40
C LYS C 244 1.55 -16.85 -21.93
N PRO C 245 0.77 -17.57 -22.74
CA PRO C 245 -0.53 -17.05 -23.20
C PRO C 245 -1.61 -17.09 -22.13
N GLY C 246 -1.35 -17.71 -20.99
CA GLY C 246 -2.32 -17.73 -19.92
C GLY C 246 -1.71 -18.31 -18.68
N TRP C 247 -2.56 -18.70 -17.73
CA TRP C 247 -2.10 -19.38 -16.53
C TRP C 247 -2.23 -20.89 -16.76
N LEU C 248 -1.36 -21.40 -17.63
CA LEU C 248 -1.35 -22.82 -17.95
C LEU C 248 -0.79 -23.61 -16.78
N VAL C 249 -1.36 -24.78 -16.53
CA VAL C 249 -1.03 -25.51 -15.31
C VAL C 249 -1.23 -27.00 -15.56
N PRO C 250 -0.46 -27.88 -14.92
CA PRO C 250 -0.69 -29.32 -15.09
C PRO C 250 -1.82 -29.83 -14.22
N ILE C 251 -2.71 -30.60 -14.83
CA ILE C 251 -3.81 -31.24 -14.11
C ILE C 251 -3.73 -32.74 -14.33
N PRO C 252 -4.32 -33.55 -13.45
CA PRO C 252 -4.59 -34.94 -13.82
C PRO C 252 -5.81 -35.01 -14.72
N ALA C 253 -5.65 -35.68 -15.86
CA ALA C 253 -6.75 -35.75 -16.81
C ALA C 253 -7.70 -36.90 -16.55
N GLY C 254 -7.19 -38.01 -16.03
CA GLY C 254 -8.05 -39.15 -15.80
C GLY C 254 -7.28 -40.39 -15.41
N TYR C 255 -7.68 -41.55 -15.95
CA TYR C 255 -7.01 -42.81 -15.64
C TYR C 255 -6.82 -43.62 -16.90
N ASN C 256 -5.88 -44.55 -16.86
CA ASN C 256 -5.56 -45.41 -17.99
C ASN C 256 -5.24 -46.79 -17.45
N ALA C 257 -5.99 -47.79 -17.87
CA ALA C 257 -5.88 -49.11 -17.26
C ALA C 257 -4.65 -49.84 -17.76
N LEU C 258 -4.05 -50.61 -16.87
CA LEU C 258 -2.87 -51.41 -17.18
C LEU C 258 -3.11 -52.89 -16.93
N SER C 259 -4.36 -53.28 -16.70
CA SER C 259 -4.71 -54.65 -16.35
C SER C 259 -5.97 -55.06 -17.09
N PRO C 260 -6.14 -56.34 -17.39
CA PRO C 260 -7.42 -56.80 -17.94
C PRO C 260 -8.55 -56.67 -16.93
N LEU C 261 -9.76 -56.70 -17.45
CA LEU C 261 -10.95 -56.37 -16.68
C LEU C 261 -11.41 -57.61 -15.93
N TYR C 262 -11.39 -57.55 -14.61
CA TYR C 262 -11.64 -58.72 -13.78
C TYR C 262 -13.13 -58.92 -13.52
N LEU C 263 -13.44 -60.14 -13.11
CA LEU C 263 -14.75 -60.45 -12.56
C LEU C 263 -14.90 -59.76 -11.20
N PRO C 264 -16.14 -59.51 -10.76
CA PRO C 264 -16.33 -58.83 -9.47
C PRO C 264 -15.86 -59.61 -8.26
N GLY C 265 -15.79 -60.94 -8.34
CA GLY C 265 -15.43 -61.71 -7.17
C GLY C 265 -14.09 -62.41 -7.25
N GLU C 266 -13.16 -61.91 -8.06
CA GLU C 266 -11.88 -62.59 -8.23
C GLU C 266 -10.68 -61.71 -7.88
N VAL C 267 -10.89 -60.52 -7.31
CA VAL C 267 -9.80 -59.70 -6.81
C VAL C 267 -9.96 -59.58 -5.31
N ARG C 268 -8.91 -59.94 -4.58
CA ARG C 268 -8.96 -59.94 -3.12
C ARG C 268 -8.93 -58.51 -2.58
N ASN C 269 -9.67 -58.30 -1.48
CA ASN C 269 -9.71 -57.04 -0.74
C ASN C 269 -10.27 -55.89 -1.57
N ALA C 270 -11.39 -56.14 -2.24
CA ALA C 270 -12.07 -55.09 -2.97
C ALA C 270 -12.92 -54.25 -2.01
N ARG C 271 -13.52 -53.16 -2.51
CA ARG C 271 -14.53 -52.47 -1.73
C ARG C 271 -15.79 -53.31 -1.61
N ASP C 272 -16.42 -53.61 -2.74
CA ASP C 272 -17.54 -54.52 -2.78
C ASP C 272 -17.29 -55.59 -3.84
N ARG C 273 -18.00 -56.70 -3.71
CA ARG C 273 -17.76 -57.88 -4.53
C ARG C 273 -18.84 -58.06 -5.58
N GLU C 274 -19.34 -56.95 -6.13
CA GLU C 274 -20.33 -57.02 -7.21
C GLU C 274 -20.04 -56.07 -8.35
N THR C 275 -18.84 -55.49 -8.42
CA THR C 275 -18.44 -54.61 -9.50
C THR C 275 -17.06 -55.01 -10.01
N PRO C 276 -16.81 -54.88 -11.31
CA PRO C 276 -15.50 -55.27 -11.86
C PRO C 276 -14.41 -54.27 -11.52
N LEU C 277 -13.17 -54.69 -11.76
CA LEU C 277 -11.99 -53.94 -11.36
C LEU C 277 -10.97 -53.90 -12.48
N ARG C 278 -10.29 -52.76 -12.61
CA ARG C 278 -9.04 -52.67 -13.36
C ARG C 278 -8.04 -51.84 -12.59
N PHE C 279 -6.79 -52.32 -12.56
CA PHE C 279 -5.69 -51.50 -12.05
C PHE C 279 -5.32 -50.47 -13.10
N VAL C 280 -5.29 -49.19 -12.72
CA VAL C 280 -5.08 -48.11 -13.66
C VAL C 280 -3.86 -47.30 -13.23
N GLU C 281 -3.42 -46.42 -14.13
CA GLU C 281 -2.52 -45.33 -13.79
C GLU C 281 -3.31 -44.05 -13.68
N ASN C 282 -2.61 -42.98 -13.31
CA ASN C 282 -3.10 -41.65 -13.55
C ASN C 282 -2.74 -41.24 -14.98
N LEU C 283 -3.19 -40.06 -15.38
CA LEU C 283 -3.03 -39.63 -16.77
C LEU C 283 -3.02 -38.12 -16.77
N PHE C 284 -1.94 -37.53 -17.27
CA PHE C 284 -1.66 -36.13 -17.05
C PHE C 284 -2.02 -35.31 -18.28
N GLY C 285 -2.58 -34.14 -18.04
CA GLY C 285 -2.99 -33.25 -19.11
C GLY C 285 -2.64 -31.81 -18.84
N LEU C 286 -3.34 -30.89 -19.49
CA LEU C 286 -3.06 -29.47 -19.38
C LEU C 286 -4.33 -28.74 -18.98
N GLY C 287 -4.18 -27.73 -18.15
CA GLY C 287 -5.31 -26.92 -17.74
C GLY C 287 -4.90 -25.46 -17.62
N GLU C 288 -5.88 -24.59 -17.81
CA GLU C 288 -5.66 -23.16 -17.75
C GLU C 288 -6.69 -22.54 -16.82
N TRP C 289 -6.23 -21.65 -15.95
CA TRP C 289 -7.11 -20.92 -15.04
C TRP C 289 -7.50 -19.60 -15.69
N LEU C 290 -8.79 -19.29 -15.69
CA LEU C 290 -9.32 -18.16 -16.44
C LEU C 290 -10.27 -17.35 -15.58
N SER C 291 -10.39 -16.06 -15.91
CA SER C 291 -11.41 -15.24 -15.30
C SER C 291 -12.78 -15.61 -15.88
N PRO C 292 -13.85 -15.51 -15.08
CA PRO C 292 -15.17 -15.92 -15.59
C PRO C 292 -15.75 -14.99 -16.64
N HIS C 293 -15.31 -13.74 -16.73
CA HIS C 293 -15.77 -12.86 -17.79
C HIS C 293 -15.10 -13.13 -19.13
N ARG C 294 -14.04 -13.94 -19.15
CA ARG C 294 -13.40 -14.29 -20.42
C ARG C 294 -14.30 -15.19 -21.26
N VAL C 295 -14.86 -16.21 -20.63
CA VAL C 295 -15.62 -17.24 -21.34
C VAL C 295 -16.99 -16.65 -21.71
N ALA C 296 -17.38 -16.85 -22.97
CA ALA C 296 -18.66 -16.33 -23.44
C ALA C 296 -19.83 -17.08 -22.84
N ALA C 297 -19.89 -18.40 -23.07
CA ALA C 297 -20.98 -19.24 -22.60
C ALA C 297 -20.52 -20.04 -21.41
N LEU C 298 -21.22 -19.89 -20.28
CA LEU C 298 -20.83 -20.59 -19.05
C LEU C 298 -21.15 -22.07 -19.07
N SER C 299 -21.93 -22.55 -20.04
CA SER C 299 -22.17 -23.98 -20.16
C SER C 299 -20.98 -24.72 -20.77
N ASP C 300 -20.03 -24.00 -21.36
CA ASP C 300 -18.79 -24.60 -21.85
C ASP C 300 -17.81 -24.90 -20.73
N LEU C 301 -18.08 -24.41 -19.52
CA LEU C 301 -17.14 -24.46 -18.42
C LEU C 301 -17.19 -25.78 -17.66
N LEU C 302 -18.16 -26.63 -17.96
CA LEU C 302 -18.43 -27.79 -17.12
C LEU C 302 -17.45 -28.91 -17.38
N TRP C 303 -17.16 -29.67 -16.32
CA TRP C 303 -16.32 -30.85 -16.38
C TRP C 303 -17.20 -32.08 -16.48
N TYR C 304 -16.98 -32.87 -17.52
CA TYR C 304 -17.73 -34.10 -17.73
C TYR C 304 -16.77 -35.28 -17.68
N HIS C 305 -16.99 -36.18 -16.74
CA HIS C 305 -16.32 -37.46 -16.78
C HIS C 305 -16.91 -38.30 -17.91
N HIS C 306 -16.03 -38.94 -18.67
CA HIS C 306 -16.48 -39.80 -19.77
C HIS C 306 -15.41 -40.85 -20.02
N ALA C 307 -15.85 -42.05 -20.36
CA ALA C 307 -14.92 -43.17 -20.45
C ALA C 307 -15.44 -44.21 -21.42
N GLU C 308 -14.53 -44.78 -22.19
CA GLU C 308 -14.87 -45.99 -22.94
C GLU C 308 -14.31 -47.20 -22.21
N PRO C 309 -15.16 -48.08 -21.69
CA PRO C 309 -14.67 -49.22 -20.89
C PRO C 309 -14.10 -50.35 -21.72
N ASP C 310 -14.19 -50.28 -23.04
CA ASP C 310 -13.66 -51.35 -23.89
C ASP C 310 -12.14 -51.38 -23.82
N LYS C 311 -11.50 -50.25 -24.12
CA LYS C 311 -10.10 -50.06 -23.80
C LYS C 311 -10.02 -49.49 -22.39
N GLY C 312 -8.85 -49.00 -22.00
CA GLY C 312 -8.60 -48.64 -20.62
C GLY C 312 -8.79 -47.19 -20.23
N LEU C 313 -9.38 -46.35 -21.09
CA LEU C 313 -9.50 -44.95 -20.75
C LEU C 313 -10.59 -44.70 -19.73
N TYR C 314 -10.29 -43.83 -18.77
CA TYR C 314 -11.26 -43.36 -17.78
C TYR C 314 -10.83 -41.93 -17.49
N ARG C 315 -11.40 -40.99 -18.22
CA ARG C 315 -10.92 -39.62 -18.18
C ARG C 315 -12.05 -38.65 -17.86
N TRP C 316 -11.69 -37.38 -17.78
CA TRP C 316 -12.63 -36.29 -17.64
C TRP C 316 -12.04 -35.08 -18.33
N SER C 317 -12.91 -34.18 -18.77
CA SER C 317 -12.49 -33.02 -19.52
C SER C 317 -13.59 -31.98 -19.48
N THR C 318 -13.26 -30.79 -19.98
CA THR C 318 -14.27 -29.82 -20.36
C THR C 318 -14.45 -29.91 -21.86
N PRO C 319 -15.52 -30.53 -22.35
CA PRO C 319 -15.77 -30.50 -23.79
C PRO C 319 -16.28 -29.15 -24.23
N ARG C 320 -16.57 -29.01 -25.54
CA ARG C 320 -17.26 -27.89 -26.20
C ARG C 320 -16.70 -26.50 -25.83
N PHE C 321 -15.44 -26.43 -25.40
CA PHE C 321 -14.90 -25.19 -24.85
C PHE C 321 -14.34 -24.28 -25.94
N VAL C 322 -13.34 -24.77 -26.69
CA VAL C 322 -12.62 -24.04 -27.74
C VAL C 322 -12.04 -22.71 -27.25
N LEU D 24 -18.83 21.30 -46.28
CA LEU D 24 -19.29 19.96 -46.60
C LEU D 24 -19.81 19.25 -45.34
N SER D 25 -19.08 19.42 -44.24
CA SER D 25 -19.47 18.85 -42.96
C SER D 25 -19.29 19.89 -41.87
N THR D 26 -19.96 19.65 -40.74
CA THR D 26 -19.80 20.52 -39.57
C THR D 26 -18.41 20.35 -38.98
N ALA D 27 -17.85 21.45 -38.50
CA ALA D 27 -16.58 21.40 -37.79
C ALA D 27 -16.78 20.74 -36.44
N SER D 28 -15.68 20.19 -35.90
CA SER D 28 -15.74 19.56 -34.59
C SER D 28 -15.88 20.57 -33.46
N VAL D 29 -15.50 21.82 -33.69
CA VAL D 29 -15.61 22.88 -32.69
C VAL D 29 -16.49 23.98 -33.28
N LEU D 30 -17.59 24.28 -32.59
CA LEU D 30 -18.48 25.38 -32.97
C LEU D 30 -18.90 26.08 -31.69
N ALA D 31 -18.21 27.16 -31.35
CA ALA D 31 -18.53 27.96 -30.18
C ALA D 31 -19.15 29.26 -30.66
N PHE D 32 -20.38 29.53 -30.22
CA PHE D 32 -21.12 30.71 -30.62
C PHE D 32 -21.24 31.64 -29.41
N GLU D 33 -20.59 32.80 -29.51
CA GLU D 33 -20.75 33.86 -28.53
C GLU D 33 -22.20 34.32 -28.49
N ARG D 34 -22.76 34.36 -27.29
CA ARG D 34 -24.19 34.64 -27.18
C ARG D 34 -24.46 36.13 -27.41
N LYS D 35 -25.70 36.41 -27.78
CA LYS D 35 -26.20 37.76 -27.93
C LYS D 35 -27.39 37.91 -26.99
N LEU D 36 -27.85 39.17 -26.86
CA LEU D 36 -28.89 39.58 -25.91
C LEU D 36 -28.50 39.18 -24.47
N ASP D 37 -27.40 39.78 -24.03
CA ASP D 37 -26.79 39.42 -22.75
C ASP D 37 -27.47 40.18 -21.62
N PRO D 38 -28.10 39.50 -20.67
CA PRO D 38 -28.72 40.21 -19.54
C PRO D 38 -27.75 40.35 -18.38
N SER D 39 -28.20 40.99 -17.31
CA SER D 39 -27.44 41.09 -16.08
C SER D 39 -28.23 40.40 -14.96
N ASP D 40 -27.74 40.54 -13.74
CA ASP D 40 -28.55 40.14 -12.61
C ASP D 40 -29.58 41.22 -12.30
N ALA D 41 -30.62 40.83 -11.56
CA ALA D 41 -31.73 41.73 -11.26
C ALA D 41 -31.76 42.00 -9.75
N LEU D 42 -31.42 43.23 -9.38
CA LEU D 42 -31.60 43.66 -8.00
C LEU D 42 -33.09 43.75 -7.69
N MET D 43 -33.43 43.47 -6.44
CA MET D 43 -34.80 43.65 -5.97
C MET D 43 -34.83 44.71 -4.88
N SER D 44 -35.90 45.50 -4.88
CA SER D 44 -36.09 46.50 -3.85
C SER D 44 -37.59 46.74 -3.69
N ALA D 45 -37.97 47.11 -2.48
CA ALA D 45 -39.37 47.34 -2.17
C ALA D 45 -39.69 48.81 -2.41
N GLY D 46 -40.83 49.25 -1.92
CA GLY D 46 -41.32 50.60 -2.10
C GLY D 46 -42.83 50.58 -2.24
N ALA D 47 -43.43 51.74 -2.04
CA ALA D 47 -44.87 51.87 -2.11
C ALA D 47 -45.30 52.12 -3.55
N TRP D 48 -46.48 51.61 -3.89
CA TRP D 48 -47.07 51.90 -5.19
C TRP D 48 -47.48 53.38 -5.23
N ALA D 49 -47.50 53.92 -6.45
CA ALA D 49 -47.66 55.34 -6.81
C ALA D 49 -46.54 56.22 -6.25
N GLN D 50 -45.47 55.64 -5.72
CA GLN D 50 -44.24 56.36 -5.43
C GLN D 50 -43.22 56.17 -6.54
N ARG D 51 -43.70 55.96 -7.77
CA ARG D 51 -42.85 55.74 -8.93
C ARG D 51 -42.10 57.00 -9.36
N ASP D 52 -42.51 58.18 -8.88
CA ASP D 52 -41.83 59.41 -9.24
C ASP D 52 -40.45 59.50 -8.59
N ALA D 53 -40.39 59.30 -7.28
CA ALA D 53 -39.13 59.31 -6.53
C ALA D 53 -38.60 57.91 -6.31
N SER D 54 -38.80 57.01 -7.27
CA SER D 54 -38.55 55.60 -7.09
C SER D 54 -37.11 55.19 -7.36
N GLN D 55 -36.16 56.13 -7.32
CA GLN D 55 -34.78 55.78 -7.61
C GLN D 55 -34.13 55.07 -6.43
N GLU D 56 -34.07 55.74 -5.28
CA GLU D 56 -33.41 55.22 -4.10
C GLU D 56 -34.41 54.48 -3.24
N TRP D 57 -34.40 53.15 -3.29
CA TRP D 57 -35.18 52.34 -2.37
C TRP D 57 -34.26 51.53 -1.47
N PRO D 58 -34.76 51.11 -0.31
CA PRO D 58 -34.11 49.99 0.39
C PRO D 58 -34.39 48.68 -0.33
N ALA D 59 -33.38 47.83 -0.38
CA ALA D 59 -33.48 46.57 -1.09
C ALA D 59 -34.11 45.51 -0.20
N VAL D 60 -34.07 44.26 -0.64
CA VAL D 60 -34.63 43.13 0.10
C VAL D 60 -33.47 42.24 0.54
N THR D 61 -33.36 42.01 1.84
CA THR D 61 -32.31 41.17 2.39
C THR D 61 -32.76 39.72 2.42
N VAL D 62 -31.91 38.85 2.97
CA VAL D 62 -32.21 37.44 3.13
C VAL D 62 -32.06 37.11 4.60
N ARG D 63 -33.19 36.89 5.27
CA ARG D 63 -33.23 36.58 6.69
C ARG D 63 -33.60 35.12 6.90
N GLU D 64 -33.74 34.74 8.16
CA GLU D 64 -34.02 33.37 8.54
C GLU D 64 -35.30 33.30 9.36
N LYS D 65 -35.83 32.09 9.49
CA LYS D 65 -36.93 31.80 10.39
C LYS D 65 -36.87 30.33 10.78
N SER D 66 -37.29 30.04 12.00
CA SER D 66 -37.15 28.70 12.55
C SER D 66 -38.49 28.13 13.00
N GLN D 95 -34.30 23.20 10.13
CA GLN D 95 -35.27 24.18 10.60
C GLN D 95 -34.88 25.57 10.14
N THR D 96 -33.57 25.77 9.99
CA THR D 96 -33.03 27.05 9.53
C THR D 96 -33.24 27.15 8.02
N VAL D 97 -34.12 28.06 7.59
CA VAL D 97 -34.34 28.32 6.17
C VAL D 97 -33.99 29.77 5.88
N ASP D 98 -34.09 30.17 4.61
CA ASP D 98 -33.77 31.51 4.18
C ASP D 98 -34.93 32.04 3.35
N VAL D 99 -35.61 33.06 3.87
CA VAL D 99 -36.81 33.60 3.23
C VAL D 99 -36.53 35.03 2.79
N ALA D 100 -37.28 35.47 1.78
CA ALA D 100 -37.18 36.81 1.23
C ALA D 100 -38.56 37.46 1.27
N ASN D 101 -38.69 38.52 2.05
CA ASN D 101 -39.96 39.20 2.22
C ASN D 101 -39.75 40.70 2.07
N LEU D 102 -40.82 41.41 1.74
CA LEU D 102 -40.74 42.86 1.71
C LEU D 102 -40.68 43.40 3.14
N PRO D 103 -40.21 44.64 3.30
CA PRO D 103 -40.65 45.43 4.44
C PRO D 103 -42.16 45.61 4.37
N SER D 104 -42.82 45.43 5.52
CA SER D 104 -44.27 45.35 5.55
C SER D 104 -44.97 46.66 5.23
N ASP D 105 -44.26 47.80 5.34
CA ASP D 105 -44.86 49.07 4.98
C ASP D 105 -45.03 49.26 3.47
N ALA D 106 -44.29 48.48 2.67
CA ALA D 106 -44.32 48.61 1.22
C ALA D 106 -45.17 47.51 0.59
N ASP D 107 -45.60 47.75 -0.65
CA ASP D 107 -46.38 46.78 -1.39
C ASP D 107 -45.84 46.42 -2.76
N THR D 108 -44.85 47.15 -3.27
CA THR D 108 -44.41 47.02 -4.66
C THR D 108 -42.98 46.53 -4.71
N LEU D 109 -42.78 45.39 -5.36
CA LEU D 109 -41.43 44.94 -5.70
C LEU D 109 -40.91 45.74 -6.89
N LYS D 110 -39.66 46.19 -6.80
CA LYS D 110 -38.97 46.82 -7.92
C LYS D 110 -37.85 45.90 -8.37
N VAL D 111 -37.88 45.53 -9.65
CA VAL D 111 -36.87 44.66 -10.25
C VAL D 111 -36.18 45.47 -11.34
N ARG D 112 -34.84 45.46 -11.34
CA ARG D 112 -34.07 46.22 -12.30
C ARG D 112 -32.86 45.43 -12.76
N PHE D 113 -32.74 45.27 -14.08
CA PHE D 113 -31.53 44.73 -14.68
C PHE D 113 -31.22 45.55 -15.92
N THR D 114 -30.14 45.18 -16.62
CA THR D 114 -29.80 45.79 -17.89
C THR D 114 -29.62 44.71 -18.95
N LEU D 115 -29.78 45.11 -20.21
CA LEU D 115 -29.71 44.21 -21.35
C LEU D 115 -28.94 44.88 -22.47
N ARG D 116 -27.96 44.16 -23.01
CA ARG D 116 -27.09 44.69 -24.05
C ARG D 116 -27.24 43.81 -25.28
N VAL D 117 -27.80 44.37 -26.35
CA VAL D 117 -28.03 43.66 -27.60
C VAL D 117 -26.75 43.74 -28.42
N LEU D 118 -26.14 42.60 -28.71
CA LEU D 118 -24.82 42.61 -29.33
C LEU D 118 -24.88 42.61 -30.85
N GLY D 119 -25.48 41.57 -31.44
CA GLY D 119 -25.57 41.48 -32.88
C GLY D 119 -24.36 40.82 -33.51
N GLY D 120 -24.51 40.49 -34.79
CA GLY D 120 -23.51 39.72 -35.51
C GLY D 120 -23.72 38.24 -35.26
N ALA D 121 -24.97 37.80 -35.37
CA ALA D 121 -25.38 36.47 -34.90
C ALA D 121 -24.88 35.32 -35.77
N GLY D 122 -24.32 35.61 -36.94
CA GLY D 122 -23.92 34.54 -37.83
C GLY D 122 -22.54 33.97 -37.55
N THR D 123 -21.63 34.81 -37.07
CA THR D 123 -20.23 34.41 -36.97
C THR D 123 -20.00 33.57 -35.73
N PRO D 124 -19.48 32.35 -35.84
CA PRO D 124 -19.06 31.61 -34.65
C PRO D 124 -17.76 32.16 -34.11
N SER D 125 -17.59 32.00 -32.79
CA SER D 125 -16.35 32.45 -32.17
C SER D 125 -15.21 31.48 -32.41
N ALA D 126 -15.49 30.18 -32.46
CA ALA D 126 -14.48 29.17 -32.71
C ALA D 126 -15.02 28.19 -33.75
N CYS D 127 -14.25 27.97 -34.81
CA CYS D 127 -14.66 27.07 -35.89
C CYS D 127 -13.42 26.52 -36.55
N ASN D 128 -13.40 25.20 -36.78
CA ASN D 128 -12.21 24.55 -37.32
C ASN D 128 -12.04 24.84 -38.79
N ASP D 129 -13.01 24.42 -39.61
CA ASP D 129 -12.92 24.55 -41.06
C ASP D 129 -13.52 25.87 -41.51
N ALA D 130 -12.85 26.51 -42.47
CA ALA D 130 -13.30 27.81 -42.95
C ALA D 130 -14.41 27.68 -43.99
N ALA D 131 -14.42 26.59 -44.76
CA ALA D 131 -15.46 26.42 -45.77
C ALA D 131 -16.82 26.17 -45.14
N TYR D 132 -16.84 25.41 -44.04
CA TYR D 132 -18.06 25.32 -43.25
C TYR D 132 -18.38 26.64 -42.58
N ARG D 133 -17.35 27.41 -42.21
CA ARG D 133 -17.58 28.71 -41.59
C ARG D 133 -18.13 29.72 -42.58
N ASP D 134 -17.60 29.72 -43.81
CA ASP D 134 -18.02 30.70 -44.80
C ASP D 134 -19.45 30.45 -45.26
N LYS D 135 -19.80 29.18 -45.49
CA LYS D 135 -21.14 28.89 -45.98
C LYS D 135 -22.19 29.09 -44.90
N LEU D 136 -21.79 28.90 -43.64
CA LEU D 136 -22.66 29.29 -42.52
C LEU D 136 -22.91 30.79 -42.53
N LEU D 137 -21.88 31.58 -42.85
CA LEU D 137 -22.09 33.01 -43.02
C LEU D 137 -22.86 33.32 -44.29
N GLN D 138 -22.73 32.48 -45.32
CA GLN D 138 -23.56 32.64 -46.51
C GLN D 138 -25.00 32.29 -46.24
N THR D 139 -25.25 31.33 -45.35
CA THR D 139 -26.60 30.88 -45.09
C THR D 139 -27.37 31.91 -44.26
N VAL D 140 -26.70 32.53 -43.31
CA VAL D 140 -27.32 33.58 -42.52
C VAL D 140 -27.53 34.82 -43.39
N ALA D 141 -26.59 35.11 -44.29
CA ALA D 141 -26.75 36.22 -45.22
C ALA D 141 -27.89 35.96 -46.21
N THR D 142 -28.20 34.69 -46.48
CA THR D 142 -29.43 34.38 -47.19
C THR D 142 -30.64 34.72 -46.34
N TYR D 143 -30.57 34.43 -45.03
CA TYR D 143 -31.70 34.66 -44.14
C TYR D 143 -31.95 36.14 -43.93
N VAL D 144 -30.90 36.89 -43.59
CA VAL D 144 -31.04 38.30 -43.19
C VAL D 144 -31.50 39.15 -44.37
N ASN D 145 -31.03 38.82 -45.58
CA ASN D 145 -31.42 39.59 -46.75
C ASN D 145 -32.88 39.31 -47.13
N ASP D 146 -33.33 38.07 -46.95
CA ASP D 146 -34.72 37.74 -47.25
C ASP D 146 -35.67 38.38 -46.25
N GLN D 147 -35.34 38.31 -44.96
CA GLN D 147 -36.12 38.98 -43.94
C GLN D 147 -35.19 39.36 -42.80
N GLY D 148 -35.48 40.49 -42.16
CA GLY D 148 -34.63 40.95 -41.08
C GLY D 148 -34.81 40.19 -39.78
N PHE D 149 -34.37 40.77 -38.68
CA PHE D 149 -34.58 40.19 -37.36
C PHE D 149 -35.87 40.68 -36.72
N ALA D 150 -36.79 41.25 -37.52
CA ALA D 150 -37.93 41.96 -36.97
C ALA D 150 -38.95 41.00 -36.36
N GLU D 151 -39.27 39.91 -37.06
CA GLU D 151 -40.23 38.94 -36.55
C GLU D 151 -39.70 38.23 -35.31
N LEU D 152 -38.40 37.98 -35.25
CA LEU D 152 -37.77 37.49 -34.03
C LEU D 152 -37.86 38.53 -32.92
N ALA D 153 -37.44 39.76 -33.21
CA ALA D 153 -37.35 40.77 -32.17
C ALA D 153 -38.72 41.25 -31.70
N ARG D 154 -39.74 41.12 -32.54
CA ARG D 154 -41.10 41.44 -32.09
C ARG D 154 -41.58 40.41 -31.09
N ARG D 155 -41.11 39.17 -31.21
CA ARG D 155 -41.34 38.18 -30.17
C ARG D 155 -40.39 38.40 -29.00
N TYR D 156 -39.20 38.96 -29.24
CA TYR D 156 -38.37 39.42 -28.13
C TYR D 156 -38.93 40.67 -27.48
N ALA D 157 -39.66 41.50 -28.24
CA ALA D 157 -40.22 42.72 -27.67
C ALA D 157 -41.36 42.43 -26.71
N HIS D 158 -41.95 41.24 -26.77
CA HIS D 158 -42.99 40.89 -25.81
C HIS D 158 -42.39 40.59 -24.45
N ASN D 159 -41.35 39.76 -24.40
CA ASN D 159 -40.81 39.22 -23.15
C ASN D 159 -40.27 40.29 -22.21
N LEU D 160 -39.93 41.47 -22.74
CA LEU D 160 -39.65 42.61 -21.89
C LEU D 160 -40.92 43.27 -21.39
N ALA D 161 -41.99 43.26 -22.18
CA ALA D 161 -43.20 43.98 -21.81
C ALA D 161 -44.03 43.21 -20.79
N ASN D 162 -44.54 42.03 -21.16
CA ASN D 162 -45.21 41.20 -20.16
C ASN D 162 -44.15 40.42 -19.41
N ALA D 163 -43.90 40.83 -18.16
CA ALA D 163 -42.67 40.51 -17.48
C ALA D 163 -42.58 39.04 -17.08
N ARG D 164 -42.10 38.21 -18.00
CA ARG D 164 -41.88 36.80 -17.71
C ARG D 164 -40.73 36.60 -16.74
N PHE D 165 -39.78 37.55 -16.70
CA PHE D 165 -38.68 37.48 -15.76
C PHE D 165 -39.13 37.61 -14.32
N LEU D 166 -40.31 38.18 -14.09
CA LEU D 166 -41.02 37.91 -12.83
C LEU D 166 -41.60 36.51 -12.93
N TRP D 167 -40.80 35.50 -12.57
CA TRP D 167 -41.18 34.11 -12.77
C TRP D 167 -42.31 33.67 -11.86
N ARG D 168 -42.06 33.66 -10.56
CA ARG D 168 -43.10 33.34 -9.60
C ARG D 168 -43.68 34.58 -8.95
N ASN D 169 -43.26 35.76 -9.39
CA ASN D 169 -43.74 37.01 -8.83
C ASN D 169 -44.91 37.60 -9.62
N ARG D 170 -44.97 37.33 -10.93
CA ARG D 170 -46.07 37.83 -11.73
C ARG D 170 -47.35 37.07 -11.43
N VAL D 171 -47.25 35.75 -11.29
CA VAL D 171 -48.40 34.93 -10.91
C VAL D 171 -48.75 35.22 -9.47
N GLY D 172 -49.96 35.73 -9.25
CA GLY D 172 -50.38 36.18 -7.95
C GLY D 172 -50.36 37.69 -7.76
N ALA D 173 -49.78 38.42 -8.70
CA ALA D 173 -49.78 39.87 -8.63
C ALA D 173 -51.11 40.41 -9.13
N GLU D 174 -51.28 41.73 -9.01
CA GLU D 174 -52.48 42.40 -9.47
C GLU D 174 -52.23 43.65 -10.29
N ALA D 175 -51.02 44.21 -10.26
CA ALA D 175 -50.69 45.38 -11.07
C ALA D 175 -49.20 45.37 -11.29
N VAL D 176 -48.77 45.14 -12.54
CA VAL D 176 -47.36 45.04 -12.89
C VAL D 176 -47.09 46.04 -14.00
N GLU D 177 -46.16 46.96 -13.75
CA GLU D 177 -45.76 47.96 -14.74
C GLU D 177 -44.27 47.84 -15.00
N VAL D 178 -43.89 47.83 -16.28
CA VAL D 178 -42.50 47.67 -16.69
C VAL D 178 -42.05 48.94 -17.39
N ARG D 179 -40.98 49.55 -16.88
CA ARG D 179 -40.31 50.64 -17.57
C ARG D 179 -39.16 50.09 -18.41
N ILE D 180 -39.00 50.65 -19.61
CA ILE D 180 -37.90 50.30 -20.51
C ILE D 180 -37.30 51.58 -21.04
N ASN D 181 -35.98 51.72 -20.90
CA ASN D 181 -35.28 52.93 -21.32
C ASN D 181 -34.11 52.56 -22.21
N HIS D 182 -33.95 53.32 -23.29
CA HIS D 182 -32.80 53.17 -24.18
C HIS D 182 -31.79 54.26 -23.83
N ILE D 183 -30.57 53.86 -23.53
CA ILE D 183 -29.55 54.77 -23.04
C ILE D 183 -28.38 54.75 -24.02
N ARG D 184 -28.38 55.72 -24.94
CA ARG D 184 -27.23 55.90 -25.82
C ARG D 184 -26.04 56.45 -25.07
N GLN D 185 -26.30 57.28 -24.06
CA GLN D 185 -25.28 57.81 -23.17
C GLN D 185 -25.78 57.48 -21.77
N GLY D 186 -25.19 58.14 -20.76
CA GLY D 186 -25.76 58.10 -19.43
C GLY D 186 -27.17 58.63 -19.36
N GLU D 187 -27.54 59.54 -20.26
CA GLU D 187 -28.92 59.99 -20.40
C GLU D 187 -29.75 58.93 -21.10
N VAL D 188 -31.07 58.99 -20.88
CA VAL D 188 -32.03 58.14 -21.56
C VAL D 188 -32.38 58.77 -22.90
N ALA D 189 -32.12 58.06 -23.98
CA ALA D 189 -32.42 58.58 -25.30
C ALA D 189 -33.81 58.21 -25.80
N ARG D 190 -34.45 57.23 -25.17
CA ARG D 190 -35.77 56.76 -25.59
C ARG D 190 -36.37 55.98 -24.44
N ALA D 191 -37.60 56.32 -24.06
CA ALA D 191 -38.26 55.74 -22.89
C ALA D 191 -39.49 54.96 -23.33
N TRP D 192 -39.93 54.06 -22.45
CA TRP D 192 -41.13 53.27 -22.69
C TRP D 192 -41.88 53.03 -21.40
N ARG D 193 -43.08 52.47 -21.56
CA ARG D 193 -44.07 52.36 -20.48
C ARG D 193 -45.06 51.29 -20.90
N PHE D 194 -45.11 50.17 -20.18
CA PHE D 194 -45.90 49.03 -20.65
C PHE D 194 -46.56 48.29 -19.51
N ASP D 195 -47.86 48.05 -19.66
CA ASP D 195 -48.57 47.13 -18.77
C ASP D 195 -48.19 45.69 -19.11
N ALA D 196 -47.96 44.89 -18.07
CA ALA D 196 -47.58 43.50 -18.26
C ALA D 196 -48.75 42.55 -18.17
N LEU D 197 -49.86 42.96 -17.55
CA LEU D 197 -51.02 42.08 -17.44
C LEU D 197 -51.97 42.25 -18.62
N ALA D 198 -52.04 43.45 -19.21
CA ALA D 198 -52.88 43.63 -20.40
C ALA D 198 -52.27 42.93 -21.60
N ILE D 199 -50.95 42.98 -21.74
CA ILE D 199 -50.26 42.21 -22.77
C ILE D 199 -50.25 40.75 -22.34
N GLY D 200 -50.76 39.87 -23.21
CA GLY D 200 -51.07 38.51 -22.81
C GLY D 200 -49.82 37.68 -22.59
N LEU D 201 -49.79 36.95 -21.47
CA LEU D 201 -48.65 36.10 -21.15
C LEU D 201 -48.56 34.92 -22.12
N ARG D 202 -49.69 34.34 -22.49
CA ARG D 202 -49.69 33.16 -23.33
C ARG D 202 -49.84 33.50 -24.81
N ASP D 203 -50.46 34.63 -25.13
CA ASP D 203 -50.73 35.01 -26.52
C ASP D 203 -49.97 36.27 -26.89
N PHE D 204 -49.36 36.26 -28.06
CA PHE D 204 -48.54 37.37 -28.53
C PHE D 204 -49.35 38.26 -29.47
N LYS D 205 -49.35 39.56 -29.20
CA LYS D 205 -50.04 40.54 -30.03
C LYS D 205 -49.12 41.73 -30.24
N ALA D 206 -49.33 42.43 -31.35
CA ALA D 206 -48.45 43.53 -31.76
C ALA D 206 -49.02 44.88 -31.32
N ASP D 207 -48.13 45.86 -31.26
CA ASP D 207 -48.46 47.23 -30.89
C ASP D 207 -47.43 48.15 -31.50
N ALA D 208 -47.87 49.36 -31.85
CA ALA D 208 -46.97 50.35 -32.45
C ALA D 208 -45.90 50.80 -31.46
N GLU D 209 -46.21 50.80 -30.17
CA GLU D 209 -45.17 51.01 -29.16
C GLU D 209 -44.24 49.82 -29.10
N LEU D 210 -44.78 48.60 -29.19
CA LEU D 210 -43.95 47.41 -29.18
C LEU D 210 -43.13 47.30 -30.47
N ASP D 211 -43.73 47.64 -31.61
CA ASP D 211 -43.02 47.50 -32.88
C ASP D 211 -41.92 48.53 -33.02
N ALA D 212 -42.08 49.71 -32.43
CA ALA D 212 -40.98 50.66 -32.36
C ALA D 212 -39.87 50.13 -31.47
N LEU D 213 -40.24 49.46 -30.38
CA LEU D 213 -39.25 48.79 -29.54
C LEU D 213 -38.69 47.55 -30.24
N ALA D 214 -39.48 46.92 -31.11
CA ALA D 214 -39.02 45.74 -31.83
C ALA D 214 -37.97 46.12 -32.86
N GLU D 215 -38.13 47.29 -33.50
CA GLU D 215 -37.16 47.75 -34.48
C GLU D 215 -35.84 48.14 -33.82
N LEU D 216 -35.86 48.51 -32.54
CA LEU D 216 -34.63 48.81 -31.84
C LEU D 216 -33.82 47.54 -31.60
N ILE D 217 -34.48 46.47 -31.14
CA ILE D 217 -33.78 45.21 -30.92
C ILE D 217 -33.41 44.57 -32.24
N ALA D 218 -34.21 44.80 -33.28
CA ALA D 218 -33.82 44.39 -34.62
C ALA D 218 -32.61 45.16 -35.12
N SER D 219 -32.49 46.43 -34.73
CA SER D 219 -31.31 47.20 -35.11
C SER D 219 -30.07 46.73 -34.36
N GLY D 220 -30.25 46.23 -33.14
CA GLY D 220 -29.11 45.72 -32.40
C GLY D 220 -28.62 44.39 -32.94
N LEU D 221 -29.55 43.48 -33.21
CA LEU D 221 -29.19 42.14 -33.68
C LEU D 221 -28.61 42.17 -35.09
N SER D 222 -29.08 43.08 -35.93
CA SER D 222 -28.53 43.23 -37.26
C SER D 222 -27.21 43.98 -37.29
N GLY D 223 -26.78 44.53 -36.16
CA GLY D 223 -25.54 45.27 -36.11
C GLY D 223 -25.63 46.69 -36.64
N SER D 224 -26.83 47.27 -36.66
CA SER D 224 -26.99 48.64 -37.14
C SER D 224 -26.41 49.67 -36.18
N GLY D 225 -26.25 49.31 -34.91
CA GLY D 225 -25.67 50.22 -33.94
C GLY D 225 -25.55 49.60 -32.57
N HIS D 226 -25.55 50.43 -31.53
CA HIS D 226 -25.50 49.98 -30.16
C HIS D 226 -26.88 50.10 -29.52
N VAL D 227 -27.31 49.04 -28.84
CA VAL D 227 -28.58 49.04 -28.12
C VAL D 227 -28.31 48.60 -26.70
N LEU D 228 -28.63 49.46 -25.74
CA LEU D 228 -28.53 49.15 -24.33
C LEU D 228 -29.85 49.51 -23.66
N LEU D 229 -30.32 48.62 -22.80
CA LEU D 229 -31.67 48.72 -22.24
C LEU D 229 -31.61 48.71 -20.72
N GLU D 230 -32.52 49.47 -20.11
CA GLU D 230 -32.66 49.51 -18.66
C GLU D 230 -34.09 49.10 -18.33
N VAL D 231 -34.27 47.86 -17.92
CA VAL D 231 -35.58 47.31 -17.65
C VAL D 231 -35.89 47.47 -16.17
N VAL D 232 -36.95 48.21 -15.84
CA VAL D 232 -37.38 48.45 -14.47
C VAL D 232 -38.83 47.98 -14.37
N ALA D 233 -39.09 47.08 -13.42
CA ALA D 233 -40.40 46.46 -13.26
C ALA D 233 -40.94 46.71 -11.86
N PHE D 234 -42.05 47.45 -11.78
CA PHE D 234 -42.79 47.64 -10.55
C PHE D 234 -43.97 46.67 -10.53
N ALA D 235 -44.18 45.99 -9.41
CA ALA D 235 -45.23 44.98 -9.32
C ALA D 235 -45.87 45.02 -7.94
N ARG D 236 -47.17 45.31 -7.90
CA ARG D 236 -47.94 45.19 -6.67
C ARG D 236 -48.13 43.72 -6.31
N ILE D 237 -47.50 43.30 -5.21
CA ILE D 237 -47.72 41.98 -4.66
C ILE D 237 -48.47 42.05 -3.34
N GLY D 238 -48.15 43.03 -2.51
CA GLY D 238 -48.82 43.22 -1.25
C GLY D 238 -47.87 43.56 -0.12
N ASP D 239 -48.40 43.74 1.09
CA ASP D 239 -47.61 44.22 2.20
C ASP D 239 -46.80 43.08 2.82
N GLY D 240 -45.48 43.18 2.71
CA GLY D 240 -44.59 42.21 3.33
C GLY D 240 -44.69 40.81 2.77
N GLN D 241 -45.09 40.68 1.51
CA GLN D 241 -45.31 39.36 0.93
C GLN D 241 -43.99 38.68 0.62
N GLU D 242 -44.07 37.41 0.25
CA GLU D 242 -42.91 36.62 -0.10
C GLU D 242 -42.62 36.78 -1.59
N VAL D 243 -41.57 37.51 -1.91
CA VAL D 243 -41.06 37.55 -3.28
C VAL D 243 -40.25 36.27 -3.50
N PHE D 244 -39.96 35.97 -4.76
CA PHE D 244 -39.29 34.73 -5.12
C PHE D 244 -37.99 35.05 -5.84
N PRO D 245 -36.88 35.14 -5.12
CA PRO D 245 -35.57 35.26 -5.75
C PRO D 245 -35.12 33.90 -6.26
N SER D 246 -33.91 33.88 -6.82
CA SER D 246 -33.38 32.66 -7.36
C SER D 246 -32.76 31.81 -6.26
N GLN D 247 -32.90 30.51 -6.40
CA GLN D 247 -32.62 29.56 -5.33
C GLN D 247 -31.19 29.04 -5.45
N GLU D 248 -30.36 29.37 -4.46
CA GLU D 248 -28.99 28.87 -4.43
C GLU D 248 -28.94 27.38 -4.15
N LEU D 249 -27.85 26.77 -4.58
CA LEU D 249 -27.60 25.36 -4.34
C LEU D 249 -26.70 25.18 -3.13
N LYS D 262 -29.36 25.63 1.55
CA LYS D 262 -30.03 26.38 0.50
C LYS D 262 -30.20 27.84 0.92
N THR D 263 -29.32 28.69 0.40
CA THR D 263 -29.44 30.12 0.62
C THR D 263 -30.18 30.76 -0.55
N LEU D 264 -30.15 32.08 -0.62
CA LEU D 264 -30.71 32.83 -1.72
C LEU D 264 -29.60 33.67 -2.36
N TYR D 265 -29.68 33.84 -3.67
CA TYR D 265 -28.65 34.58 -4.41
C TYR D 265 -28.78 36.06 -4.10
N SER D 266 -27.93 36.55 -3.22
CA SER D 266 -27.83 37.97 -2.94
C SER D 266 -26.44 38.44 -3.33
N VAL D 267 -26.33 39.74 -3.62
CA VAL D 267 -25.07 40.25 -4.14
C VAL D 267 -24.44 41.29 -3.22
N ARG D 268 -25.08 42.43 -3.02
CA ARG D 268 -24.69 43.39 -1.98
C ARG D 268 -25.53 43.21 -0.73
N ASP D 269 -25.64 41.95 -0.27
CA ASP D 269 -26.65 41.51 0.70
C ASP D 269 -28.05 41.93 0.28
N ALA D 270 -28.31 41.86 -1.02
CA ALA D 270 -29.59 42.24 -1.61
C ALA D 270 -30.00 41.13 -2.56
N ALA D 271 -31.14 40.49 -2.26
CA ALA D 271 -31.53 39.27 -2.95
C ALA D 271 -31.81 39.52 -4.42
N ALA D 272 -31.36 38.60 -5.26
CA ALA D 272 -31.33 38.82 -6.70
C ALA D 272 -31.62 37.54 -7.42
N ILE D 273 -31.84 37.67 -8.71
CA ILE D 273 -32.11 36.57 -9.62
C ILE D 273 -30.85 36.37 -10.46
N HIS D 274 -30.57 35.11 -10.84
CA HIS D 274 -29.44 34.84 -11.73
C HIS D 274 -29.65 35.51 -13.09
N SER D 275 -28.53 35.81 -13.74
CA SER D 275 -28.61 36.42 -15.07
C SER D 275 -29.15 35.44 -16.10
N GLN D 276 -28.73 34.18 -16.01
CA GLN D 276 -29.21 33.18 -16.97
C GLN D 276 -30.65 32.78 -16.70
N LYS D 277 -31.15 33.05 -15.50
CA LYS D 277 -32.54 32.76 -15.19
C LYS D 277 -33.46 33.85 -15.70
N ILE D 278 -32.90 35.02 -16.02
CA ILE D 278 -33.64 36.06 -16.73
C ILE D 278 -33.61 35.80 -18.22
N GLY D 279 -32.44 35.43 -18.75
CA GLY D 279 -32.29 35.12 -20.17
C GLY D 279 -33.09 33.90 -20.60
N ASN D 280 -33.42 33.01 -19.67
CA ASN D 280 -34.35 31.94 -19.97
C ASN D 280 -35.77 32.49 -20.17
N ALA D 281 -36.10 33.58 -19.48
CA ALA D 281 -37.42 34.17 -19.62
C ALA D 281 -37.51 35.08 -20.85
N LEU D 282 -36.38 35.47 -21.42
CA LEU D 282 -36.39 36.37 -22.56
C LEU D 282 -36.32 35.64 -23.89
N ARG D 283 -36.46 34.31 -23.90
CA ARG D 283 -36.33 33.55 -25.13
C ARG D 283 -37.44 32.52 -25.29
N THR D 284 -38.55 32.67 -24.57
CA THR D 284 -39.73 31.85 -24.81
C THR D 284 -40.41 32.40 -26.06
N ILE D 285 -39.93 31.95 -27.21
CA ILE D 285 -40.37 32.45 -28.50
C ILE D 285 -40.85 31.27 -29.33
N ASP D 286 -40.30 30.08 -29.05
CA ASP D 286 -40.59 28.91 -29.85
C ASP D 286 -42.02 28.42 -29.63
N THR D 287 -42.91 28.92 -30.48
CA THR D 287 -44.23 28.34 -30.65
C THR D 287 -44.27 27.36 -31.81
N TRP D 288 -43.12 27.09 -32.43
CA TRP D 288 -43.04 26.25 -33.61
C TRP D 288 -42.71 24.82 -33.18
N TYR D 289 -43.67 24.23 -32.49
CA TYR D 289 -43.52 22.90 -31.93
C TYR D 289 -43.63 21.84 -33.01
N PRO D 290 -43.24 20.61 -32.70
CA PRO D 290 -43.75 19.49 -33.49
C PRO D 290 -45.17 19.12 -33.09
N ASP D 291 -45.50 19.24 -31.80
CA ASP D 291 -46.72 18.66 -31.26
C ASP D 291 -47.88 19.64 -31.18
N GLU D 292 -47.75 20.70 -30.38
CA GLU D 292 -48.93 21.43 -29.94
C GLU D 292 -48.55 22.81 -29.43
N ASP D 293 -49.19 23.85 -29.99
CA ASP D 293 -49.01 25.22 -29.56
C ASP D 293 -50.00 25.63 -28.47
N GLY D 294 -50.83 24.68 -28.00
CA GLY D 294 -51.86 25.02 -27.03
C GLY D 294 -51.36 25.30 -25.64
N LEU D 295 -50.13 24.91 -25.32
CA LEU D 295 -49.58 25.14 -24.00
C LEU D 295 -48.86 26.48 -23.86
N GLY D 296 -48.77 27.25 -24.94
CA GLY D 296 -48.08 28.51 -24.90
C GLY D 296 -46.66 28.38 -25.43
N PRO D 297 -45.89 29.46 -25.37
CA PRO D 297 -44.50 29.40 -25.85
C PRO D 297 -43.58 28.71 -24.86
N ILE D 298 -42.46 28.23 -25.39
CA ILE D 298 -41.42 27.54 -24.63
C ILE D 298 -40.07 28.04 -25.13
N ALA D 299 -39.11 28.16 -24.19
CA ALA D 299 -37.78 28.70 -24.45
C ALA D 299 -37.06 27.97 -25.58
N VAL D 300 -36.42 28.76 -26.45
CA VAL D 300 -35.79 28.25 -27.66
C VAL D 300 -34.51 27.51 -27.26
N GLU D 301 -34.54 26.18 -27.34
CA GLU D 301 -33.39 25.36 -27.03
C GLU D 301 -33.30 24.24 -28.04
N PRO D 302 -32.09 23.80 -28.37
CA PRO D 302 -31.95 22.55 -29.12
C PRO D 302 -32.38 21.39 -28.25
N TYR D 303 -33.13 20.46 -28.85
CA TYR D 303 -33.90 19.42 -28.15
C TYR D 303 -34.81 20.07 -27.10
N GLY D 304 -35.75 20.87 -27.61
CA GLY D 304 -36.60 21.73 -26.81
C GLY D 304 -37.41 21.01 -25.76
N SER D 305 -37.01 21.20 -24.50
CA SER D 305 -37.51 20.39 -23.40
C SER D 305 -37.74 21.25 -22.18
N VAL D 306 -38.73 20.87 -21.38
CA VAL D 306 -39.12 21.60 -20.18
C VAL D 306 -38.94 20.68 -18.99
N THR D 307 -38.19 21.15 -17.98
CA THR D 307 -37.95 20.35 -16.80
C THR D 307 -39.21 20.20 -15.94
N SER D 308 -40.09 21.20 -15.96
CA SER D 308 -41.26 21.15 -15.10
C SER D 308 -42.35 20.27 -15.70
N GLN D 309 -42.52 20.33 -17.02
CA GLN D 309 -43.45 19.41 -17.67
C GLN D 309 -42.87 18.01 -17.76
N GLY D 310 -41.55 17.89 -17.71
CA GLY D 310 -40.88 16.59 -17.69
C GLY D 310 -40.59 16.00 -19.04
N LYS D 311 -41.53 16.10 -19.96
CA LYS D 311 -41.30 15.60 -21.31
C LYS D 311 -40.50 16.60 -22.13
N ALA D 312 -40.02 16.14 -23.27
CA ALA D 312 -39.36 17.01 -24.23
C ALA D 312 -40.32 17.39 -25.34
N TYR D 313 -39.77 18.09 -26.33
CA TYR D 313 -40.34 18.18 -27.66
C TYR D 313 -39.17 18.01 -28.62
N ARG D 314 -39.50 17.95 -29.91
CA ARG D 314 -38.54 18.07 -31.01
C ARG D 314 -37.49 16.96 -30.95
N GLN D 315 -37.97 15.74 -31.12
CA GLN D 315 -37.12 14.56 -30.99
C GLN D 315 -36.16 14.46 -32.18
N PRO D 316 -35.04 13.77 -32.02
CA PRO D 316 -34.20 13.47 -33.19
C PRO D 316 -34.82 12.46 -34.13
N LYS D 317 -35.75 11.64 -33.66
CA LYS D 317 -36.53 10.80 -34.57
C LYS D 317 -37.45 11.66 -35.43
N GLN D 318 -37.98 12.74 -34.87
CA GLN D 318 -38.60 13.78 -35.68
C GLN D 318 -37.53 14.47 -36.51
N LYS D 319 -37.94 14.97 -37.68
CA LYS D 319 -37.02 15.70 -38.56
C LYS D 319 -37.03 17.20 -38.28
N LEU D 320 -37.49 17.61 -37.09
CA LEU D 320 -37.54 19.02 -36.73
C LEU D 320 -36.45 19.43 -35.75
N ASP D 321 -35.54 18.50 -35.43
CA ASP D 321 -34.42 18.77 -34.53
C ASP D 321 -33.54 19.89 -35.06
N PHE D 322 -33.06 20.74 -34.13
CA PHE D 322 -32.23 21.89 -34.48
C PHE D 322 -30.95 21.47 -35.18
N TYR D 323 -30.33 20.40 -34.72
CA TYR D 323 -29.17 19.85 -35.42
C TYR D 323 -29.56 19.29 -36.77
N THR D 324 -30.71 18.62 -36.85
CA THR D 324 -31.19 18.09 -38.11
C THR D 324 -31.63 19.22 -39.04
N LEU D 325 -32.23 20.27 -38.49
CA LEU D 325 -32.57 21.44 -39.29
C LEU D 325 -31.31 22.14 -39.81
N LEU D 326 -30.29 22.29 -38.96
CA LEU D 326 -29.10 23.03 -39.34
C LEU D 326 -28.30 22.29 -40.39
N ASP D 327 -28.27 20.96 -40.33
CA ASP D 327 -27.61 20.18 -41.36
C ASP D 327 -28.35 20.26 -42.68
N ASN D 328 -29.68 20.33 -42.63
CA ASN D 328 -30.46 20.53 -43.85
C ASN D 328 -30.29 21.95 -44.38
N TRP D 329 -30.45 22.94 -43.50
CA TRP D 329 -30.48 24.34 -43.90
C TRP D 329 -29.11 24.88 -44.30
N VAL D 330 -28.02 24.24 -43.89
CA VAL D 330 -26.66 24.67 -44.26
C VAL D 330 -25.98 23.63 -45.14
N LEU D 331 -25.77 22.42 -44.62
CA LEU D 331 -24.99 21.43 -45.36
C LEU D 331 -25.77 20.85 -46.53
N ARG D 332 -26.95 20.30 -46.25
CA ARG D 332 -27.71 19.58 -47.25
C ARG D 332 -28.52 20.50 -48.16
N ASP D 333 -28.46 21.82 -47.94
CA ASP D 333 -29.13 22.86 -48.74
C ASP D 333 -30.64 22.65 -48.79
N GLU D 334 -31.22 22.11 -47.72
CA GLU D 334 -32.64 21.81 -47.66
C GLU D 334 -33.28 22.82 -46.72
N ALA D 335 -34.01 23.75 -47.29
CA ALA D 335 -34.60 24.84 -46.50
C ALA D 335 -35.83 24.35 -45.75
N PRO D 336 -35.93 24.65 -44.45
CA PRO D 336 -37.20 24.44 -43.76
C PRO D 336 -38.19 25.56 -44.04
N ALA D 337 -39.34 25.53 -43.36
CA ALA D 337 -40.31 26.59 -43.50
C ALA D 337 -39.78 27.89 -42.91
N VAL D 338 -40.36 29.00 -43.35
CA VAL D 338 -39.97 30.32 -42.85
C VAL D 338 -40.29 30.45 -41.37
N GLU D 339 -41.43 29.87 -40.95
CA GLU D 339 -41.75 29.76 -39.53
C GLU D 339 -40.78 28.87 -38.78
N GLN D 340 -40.12 27.94 -39.47
CA GLN D 340 -39.10 27.09 -38.87
C GLN D 340 -37.72 27.73 -38.95
N GLN D 341 -37.53 28.71 -39.84
CA GLN D 341 -36.26 29.42 -39.91
C GLN D 341 -36.02 30.27 -38.67
N HIS D 342 -37.08 30.79 -38.05
CA HIS D 342 -36.94 31.61 -36.85
C HIS D 342 -36.43 30.80 -35.67
N TYR D 343 -36.73 29.50 -35.63
CA TYR D 343 -36.18 28.66 -34.58
C TYR D 343 -34.69 28.42 -34.77
N VAL D 344 -34.22 28.40 -36.02
CA VAL D 344 -32.80 28.13 -36.29
C VAL D 344 -31.93 29.29 -35.83
N ILE D 345 -32.35 30.51 -36.11
CA ILE D 345 -31.56 31.69 -35.77
C ILE D 345 -31.58 31.94 -34.26
N ALA D 346 -32.71 31.67 -33.62
CA ALA D 346 -32.88 31.98 -32.20
C ALA D 346 -32.10 31.04 -31.29
N ASN D 347 -31.44 30.01 -31.81
CA ASN D 347 -30.44 29.30 -31.04
C ASN D 347 -29.04 29.79 -31.30
N LEU D 348 -28.80 30.49 -32.42
CA LEU D 348 -27.52 31.13 -32.63
C LEU D 348 -27.37 32.36 -31.73
N ILE D 349 -28.48 32.98 -31.35
CA ILE D 349 -28.44 34.03 -30.35
C ILE D 349 -28.24 33.42 -28.97
N ARG D 350 -28.71 32.19 -28.77
CA ARG D 350 -28.46 31.49 -27.52
C ARG D 350 -26.99 31.10 -27.39
N GLY D 351 -26.40 30.57 -28.45
CA GLY D 351 -25.01 30.18 -28.43
C GLY D 351 -24.79 28.86 -27.72
N GLY D 352 -23.53 28.43 -27.72
CA GLY D 352 -23.15 27.19 -27.08
C GLY D 352 -22.17 26.40 -27.90
N VAL D 353 -21.67 25.29 -27.34
CA VAL D 353 -20.75 24.43 -28.07
C VAL D 353 -21.57 23.53 -28.99
N PHE D 354 -21.43 23.74 -30.29
CA PHE D 354 -22.10 22.94 -31.30
C PHE D 354 -21.05 22.11 -32.04
N GLY D 355 -21.49 21.40 -33.07
CA GLY D 355 -20.57 20.61 -33.85
C GLY D 355 -20.17 19.33 -33.15
N GLU D 356 -19.26 18.60 -33.81
CA GLU D 356 -18.80 17.31 -33.32
C GLU D 356 -17.86 17.46 -32.13
N LEU E 24 28.32 25.67 -41.45
CA LEU E 24 27.83 25.94 -40.10
C LEU E 24 26.62 25.08 -39.78
N SER E 25 26.41 24.82 -38.50
CA SER E 25 25.24 24.10 -38.02
C SER E 25 24.59 24.89 -36.89
N THR E 26 23.30 24.65 -36.70
CA THR E 26 22.57 25.32 -35.63
C THR E 26 23.00 24.77 -34.27
N ALA E 27 22.88 25.62 -33.26
CA ALA E 27 23.09 25.17 -31.89
C ALA E 27 21.96 24.23 -31.49
N SER E 28 22.31 23.19 -30.71
CA SER E 28 21.30 22.23 -30.30
C SER E 28 20.33 22.81 -29.30
N VAL E 29 20.77 23.80 -28.52
CA VAL E 29 19.90 24.51 -27.59
C VAL E 29 20.02 25.99 -27.89
N LEU E 30 18.90 26.61 -28.23
CA LEU E 30 18.79 28.07 -28.30
C LEU E 30 17.67 28.51 -27.39
N ALA E 31 17.95 29.49 -26.54
CA ALA E 31 16.98 29.97 -25.57
C ALA E 31 17.02 31.49 -25.58
N PHE E 32 16.01 32.10 -26.16
CA PHE E 32 15.91 33.55 -26.24
C PHE E 32 14.99 34.04 -25.13
N GLU E 33 15.51 34.92 -24.28
CA GLU E 33 14.67 35.56 -23.28
C GLU E 33 13.72 36.53 -23.98
N ARG E 34 12.50 36.63 -23.46
CA ARG E 34 11.51 37.42 -24.17
C ARG E 34 11.71 38.90 -23.93
N LYS E 35 11.23 39.68 -24.87
CA LYS E 35 11.12 41.13 -24.74
C LYS E 35 9.65 41.49 -24.84
N LEU E 36 9.35 42.76 -24.55
CA LEU E 36 7.99 43.27 -24.37
C LEU E 36 7.25 42.44 -23.32
N ASP E 37 7.79 42.47 -22.10
CA ASP E 37 7.38 41.58 -21.03
C ASP E 37 6.27 42.22 -20.20
N PRO E 38 5.02 41.76 -20.34
CA PRO E 38 3.92 42.45 -19.66
C PRO E 38 3.76 42.00 -18.23
N SER E 39 2.71 42.46 -17.58
CA SER E 39 2.33 42.02 -16.24
C SER E 39 0.91 41.50 -16.27
N ASP E 40 0.40 41.14 -15.09
CA ASP E 40 -1.00 40.71 -14.96
C ASP E 40 -1.87 41.95 -14.76
N ALA E 41 -2.90 42.09 -15.58
CA ALA E 41 -3.76 43.25 -15.54
C ALA E 41 -4.89 43.03 -14.54
N LEU E 42 -4.99 43.91 -13.56
CA LEU E 42 -6.14 43.90 -12.68
C LEU E 42 -7.32 44.56 -13.39
N MET E 43 -8.51 44.38 -12.81
CA MET E 43 -9.70 45.04 -13.32
C MET E 43 -10.41 45.75 -12.18
N SER E 44 -10.91 46.94 -12.46
CA SER E 44 -11.68 47.71 -11.51
C SER E 44 -12.75 48.46 -12.28
N ALA E 45 -13.83 48.82 -11.59
CA ALA E 45 -14.96 49.45 -12.25
C ALA E 45 -15.31 50.76 -11.57
N GLY E 46 -15.98 51.62 -12.33
CA GLY E 46 -16.41 52.90 -11.83
C GLY E 46 -17.36 53.54 -12.82
N ALA E 47 -17.80 54.75 -12.49
CA ALA E 47 -18.66 55.49 -13.39
C ALA E 47 -17.83 56.16 -14.47
N TRP E 48 -18.42 56.28 -15.65
CA TRP E 48 -17.80 57.04 -16.72
C TRP E 48 -17.82 58.51 -16.35
N ALA E 49 -16.86 59.26 -16.90
CA ALA E 49 -16.47 60.65 -16.61
C ALA E 49 -15.87 60.84 -15.22
N GLN E 50 -15.83 59.79 -14.39
CA GLN E 50 -14.94 59.72 -13.25
C GLN E 50 -13.61 59.07 -13.61
N ARG E 51 -13.41 58.77 -14.90
CA ARG E 51 -12.22 58.06 -15.34
C ARG E 51 -10.98 58.94 -15.32
N ASP E 52 -11.16 60.27 -15.22
CA ASP E 52 -10.01 61.13 -15.00
C ASP E 52 -9.52 61.06 -13.57
N ALA E 53 -10.35 60.58 -12.65
CA ALA E 53 -9.96 60.40 -11.26
C ALA E 53 -10.14 58.94 -10.87
N SER E 54 -9.67 58.03 -11.71
CA SER E 54 -9.79 56.60 -11.45
C SER E 54 -8.60 56.06 -10.68
N GLN E 55 -8.26 56.72 -9.58
CA GLN E 55 -7.13 56.29 -8.77
C GLN E 55 -7.54 55.21 -7.78
N GLU E 56 -8.77 55.27 -7.29
CA GLU E 56 -9.22 54.40 -6.21
C GLU E 56 -10.58 53.81 -6.56
N TRP E 57 -10.70 53.24 -7.75
CA TRP E 57 -11.93 52.53 -8.05
C TRP E 57 -11.90 51.15 -7.38
N PRO E 58 -13.05 50.65 -6.94
CA PRO E 58 -13.06 49.30 -6.35
C PRO E 58 -12.92 48.23 -7.41
N ALA E 59 -12.14 47.20 -7.07
CA ALA E 59 -11.82 46.16 -8.04
C ALA E 59 -12.99 45.19 -8.21
N VAL E 60 -13.06 44.60 -9.40
CA VAL E 60 -14.10 43.61 -9.70
C VAL E 60 -13.78 42.33 -8.95
N THR E 61 -14.71 41.91 -8.09
CA THR E 61 -14.50 40.74 -7.24
C THR E 61 -15.17 39.52 -7.86
N VAL E 62 -14.43 38.42 -7.91
CA VAL E 62 -14.97 37.17 -8.43
C VAL E 62 -15.96 36.60 -7.41
N ARG E 63 -17.17 36.30 -7.88
CA ARG E 63 -18.21 35.73 -7.04
C ARG E 63 -18.82 34.54 -7.75
N GLU E 64 -19.40 33.64 -6.96
CA GLU E 64 -19.89 32.37 -7.44
C GLU E 64 -21.42 32.34 -7.41
N LYS E 65 -21.98 31.45 -8.22
CA LYS E 65 -23.43 31.30 -8.28
C LYS E 65 -23.76 29.87 -8.66
N SER E 66 -25.05 29.55 -8.61
CA SER E 66 -25.54 28.21 -8.91
C SER E 66 -26.25 28.22 -10.25
N VAL E 67 -25.84 27.33 -11.14
CA VAL E 67 -26.33 27.27 -12.51
C VAL E 67 -26.97 25.91 -12.73
N ARG E 68 -28.24 25.90 -13.12
CA ARG E 68 -28.91 24.67 -13.53
C ARG E 68 -29.30 24.80 -15.00
N GLY E 69 -28.81 23.87 -15.82
CA GLY E 69 -29.13 23.89 -17.23
C GLY E 69 -29.51 22.49 -17.70
N THR E 70 -30.26 22.47 -18.79
CA THR E 70 -30.64 21.20 -19.40
C THR E 70 -29.48 20.64 -20.22
N ILE E 71 -29.66 19.41 -20.70
CA ILE E 71 -28.65 18.75 -21.52
C ILE E 71 -29.00 19.02 -22.98
N SER E 72 -28.29 19.97 -23.59
CA SER E 72 -28.46 20.32 -24.99
C SER E 72 -27.08 20.32 -25.62
N ASN E 73 -26.62 19.15 -26.05
CA ASN E 73 -25.31 18.96 -26.63
C ASN E 73 -25.44 18.12 -27.89
N ARG E 74 -24.31 17.93 -28.58
CA ARG E 74 -24.27 17.08 -29.76
C ARG E 74 -24.59 15.64 -29.40
N LEU E 75 -25.53 15.06 -30.15
CA LEU E 75 -26.09 13.78 -29.81
C LEU E 75 -25.10 12.65 -30.07
N LYS E 76 -25.13 11.63 -29.20
CA LYS E 76 -24.26 10.49 -29.32
C LYS E 76 -24.64 9.64 -30.53
N THR E 77 -23.67 8.85 -31.00
CA THR E 77 -23.92 7.97 -32.12
C THR E 77 -24.82 6.81 -31.70
N LYS E 78 -25.85 6.54 -32.51
CA LYS E 78 -26.84 5.49 -32.31
C LYS E 78 -27.60 5.64 -31.00
N ASP E 79 -27.72 6.87 -30.50
CA ASP E 79 -28.48 7.18 -29.29
C ASP E 79 -29.58 8.14 -29.70
N ARG E 80 -30.69 7.60 -30.21
CA ARG E 80 -31.82 8.40 -30.63
C ARG E 80 -33.09 8.01 -29.88
N ASP E 81 -32.95 7.37 -28.73
CA ASP E 81 -34.11 6.94 -27.97
C ASP E 81 -34.80 8.13 -27.32
N PRO E 82 -36.11 8.31 -27.52
CA PRO E 82 -36.79 9.48 -26.95
C PRO E 82 -36.94 9.41 -25.44
N ALA E 83 -36.96 8.21 -24.86
CA ALA E 83 -37.02 8.10 -23.41
C ALA E 83 -35.68 8.43 -22.77
N LYS E 84 -34.57 8.10 -23.47
CA LYS E 84 -33.25 8.51 -22.99
C LYS E 84 -33.07 10.01 -23.06
N LEU E 85 -33.75 10.68 -24.00
CA LEU E 85 -33.86 12.12 -23.96
C LEU E 85 -34.69 12.57 -22.75
N ASP E 86 -35.80 11.88 -22.51
CA ASP E 86 -36.72 12.32 -21.45
C ASP E 86 -36.19 11.96 -20.06
N ALA E 87 -35.40 10.90 -19.95
CA ALA E 87 -34.76 10.60 -18.67
C ALA E 87 -33.65 11.59 -18.36
N SER E 88 -33.05 12.18 -19.40
CA SER E 88 -32.04 13.21 -19.19
C SER E 88 -32.64 14.50 -18.70
N ILE E 89 -33.94 14.73 -18.94
CA ILE E 89 -34.61 15.90 -18.38
C ILE E 89 -34.78 15.72 -16.87
N GLN E 90 -35.00 14.48 -16.43
CA GLN E 90 -35.14 14.20 -15.00
C GLN E 90 -33.82 14.35 -14.25
N SER E 91 -32.68 14.31 -14.95
CA SER E 91 -31.36 14.49 -14.36
C SER E 91 -30.75 15.76 -14.94
N PRO E 92 -31.01 16.93 -14.35
CA PRO E 92 -30.45 18.17 -14.90
C PRO E 92 -28.99 18.36 -14.52
N ASN E 93 -28.42 19.52 -14.87
CA ASN E 93 -27.03 19.81 -14.59
C ASN E 93 -26.96 20.91 -13.54
N LEU E 94 -27.00 20.50 -12.27
CA LEU E 94 -26.65 21.43 -11.19
C LEU E 94 -25.16 21.69 -11.23
N GLN E 95 -24.78 22.96 -11.27
CA GLN E 95 -23.45 23.32 -11.72
C GLN E 95 -23.05 24.63 -11.05
N THR E 96 -21.86 24.67 -10.49
CA THR E 96 -21.37 25.83 -9.76
C THR E 96 -20.29 26.52 -10.60
N VAL E 97 -20.56 27.74 -11.02
CA VAL E 97 -19.58 28.53 -11.77
C VAL E 97 -19.13 29.67 -10.87
N ASP E 98 -18.17 30.45 -11.33
CA ASP E 98 -17.94 31.78 -10.80
C ASP E 98 -18.04 32.80 -11.93
N VAL E 99 -18.57 33.97 -11.61
CA VAL E 99 -18.72 35.04 -12.58
C VAL E 99 -18.05 36.29 -12.03
N ALA E 100 -18.08 37.34 -12.84
CA ALA E 100 -17.52 38.62 -12.44
C ALA E 100 -18.36 39.70 -13.11
N ASN E 101 -19.29 40.26 -12.35
CA ASN E 101 -20.08 41.38 -12.83
C ASN E 101 -19.47 42.68 -12.37
N LEU E 102 -19.90 43.76 -12.99
CA LEU E 102 -19.54 45.07 -12.46
C LEU E 102 -20.38 45.36 -11.22
N PRO E 103 -19.93 46.30 -10.39
CA PRO E 103 -20.87 46.95 -9.47
C PRO E 103 -22.01 47.57 -10.25
N SER E 104 -23.24 47.33 -9.75
CA SER E 104 -24.45 47.59 -10.53
C SER E 104 -24.77 49.06 -10.69
N ASP E 105 -23.98 49.97 -10.13
CA ASP E 105 -24.06 51.37 -10.46
C ASP E 105 -23.03 51.82 -11.47
N ALA E 106 -21.94 51.07 -11.61
CA ALA E 106 -20.84 51.41 -12.49
C ALA E 106 -21.06 50.86 -13.89
N ASP E 107 -20.39 51.46 -14.87
CA ASP E 107 -20.45 51.04 -16.25
C ASP E 107 -19.10 50.89 -16.93
N THR E 108 -18.05 51.53 -16.43
CA THR E 108 -16.75 51.52 -17.05
C THR E 108 -15.92 50.39 -16.48
N LEU E 109 -15.10 49.78 -17.31
CA LEU E 109 -14.13 48.78 -16.88
C LEU E 109 -12.74 49.37 -17.00
N LYS E 110 -12.10 49.65 -15.86
CA LYS E 110 -10.71 50.07 -15.85
C LYS E 110 -9.82 48.83 -15.80
N VAL E 111 -8.99 48.66 -16.82
CA VAL E 111 -8.00 47.60 -16.87
C VAL E 111 -6.63 48.26 -16.88
N ARG E 112 -5.75 47.84 -15.97
CA ARG E 112 -4.46 48.47 -15.80
C ARG E 112 -3.37 47.42 -15.69
N PHE E 113 -2.32 47.57 -16.49
CA PHE E 113 -1.13 46.75 -16.36
C PHE E 113 0.08 47.61 -16.76
N THR E 114 1.26 47.05 -16.55
CA THR E 114 2.51 47.74 -16.85
C THR E 114 3.33 46.90 -17.83
N LEU E 115 3.57 47.45 -19.02
CA LEU E 115 4.41 46.83 -20.01
C LEU E 115 5.82 47.40 -19.91
N ARG E 116 6.82 46.52 -19.88
CA ARG E 116 8.21 46.91 -19.81
C ARG E 116 8.94 46.40 -21.05
N VAL E 117 9.58 47.32 -21.77
CA VAL E 117 10.33 47.01 -22.98
C VAL E 117 11.78 46.80 -22.60
N LEU E 118 12.34 45.64 -22.92
CA LEU E 118 13.69 45.29 -22.48
C LEU E 118 14.74 45.65 -23.51
N GLY E 119 14.66 45.06 -24.69
CA GLY E 119 15.61 45.33 -25.75
C GLY E 119 16.80 44.39 -25.74
N GLY E 120 17.44 44.28 -26.90
CA GLY E 120 18.55 43.36 -27.09
C GLY E 120 18.09 42.02 -27.62
N ALA E 121 17.27 42.06 -28.68
CA ALA E 121 16.57 40.86 -29.13
C ALA E 121 17.47 39.85 -29.83
N GLY E 122 18.67 40.25 -30.24
CA GLY E 122 19.53 39.33 -30.96
C GLY E 122 20.23 38.30 -30.10
N THR E 123 20.63 38.70 -28.90
CA THR E 123 21.47 37.85 -28.07
C THR E 123 20.63 36.79 -27.35
N PRO E 124 20.94 35.51 -27.51
CA PRO E 124 20.22 34.48 -26.76
C PRO E 124 20.77 34.38 -25.34
N SER E 125 20.08 33.57 -24.52
CA SER E 125 20.59 33.27 -23.20
C SER E 125 21.46 32.01 -23.23
N ALA E 126 20.89 30.90 -23.66
CA ALA E 126 21.62 29.65 -23.80
C ALA E 126 21.89 29.38 -25.28
N CYS E 127 23.13 28.97 -25.57
CA CYS E 127 23.54 28.68 -26.94
C CYS E 127 24.75 27.79 -26.90
N ASN E 128 24.70 26.66 -27.62
CA ASN E 128 25.80 25.70 -27.58
C ASN E 128 26.96 26.15 -28.45
N ASP E 129 26.69 26.39 -29.73
CA ASP E 129 27.75 26.70 -30.69
C ASP E 129 28.11 28.19 -30.57
N ALA E 130 29.38 28.46 -30.29
CA ALA E 130 29.83 29.84 -30.24
C ALA E 130 29.93 30.46 -31.63
N ALA E 131 30.15 29.63 -32.65
CA ALA E 131 30.23 30.14 -34.01
C ALA E 131 28.85 30.49 -34.54
N TYR E 132 27.85 29.64 -34.26
CA TYR E 132 26.48 29.93 -34.69
C TYR E 132 25.89 31.11 -33.94
N ARG E 133 26.35 31.35 -32.71
CA ARG E 133 25.92 32.53 -31.98
C ARG E 133 26.45 33.80 -32.60
N ASP E 134 27.75 33.80 -32.95
CA ASP E 134 28.36 35.00 -33.50
C ASP E 134 27.89 35.30 -34.90
N LYS E 135 27.48 34.26 -35.65
CA LYS E 135 26.92 34.50 -36.98
C LYS E 135 25.51 35.08 -36.86
N LEU E 136 24.76 34.65 -35.85
CA LEU E 136 23.41 35.18 -35.66
C LEU E 136 23.43 36.62 -35.20
N LEU E 137 24.40 36.99 -34.37
CA LEU E 137 24.50 38.37 -33.91
C LEU E 137 24.90 39.31 -35.04
N GLN E 138 25.70 38.83 -36.00
CA GLN E 138 25.98 39.62 -37.18
C GLN E 138 24.81 39.65 -38.14
N THR E 139 23.97 38.62 -38.11
CA THR E 139 22.79 38.60 -38.96
C THR E 139 21.74 39.59 -38.47
N VAL E 140 21.52 39.65 -37.16
CA VAL E 140 20.52 40.56 -36.61
C VAL E 140 21.00 42.01 -36.69
N ALA E 141 22.29 42.25 -36.43
CA ALA E 141 22.83 43.60 -36.53
C ALA E 141 22.86 44.11 -37.96
N THR E 142 22.87 43.21 -38.95
CA THR E 142 22.66 43.62 -40.33
C THR E 142 21.24 44.15 -40.52
N TYR E 143 20.26 43.47 -39.93
CA TYR E 143 18.86 43.89 -40.03
C TYR E 143 18.63 45.24 -39.37
N VAL E 144 19.16 45.42 -38.16
CA VAL E 144 18.85 46.59 -37.34
C VAL E 144 19.44 47.85 -37.96
N ASN E 145 20.67 47.77 -38.45
CA ASN E 145 21.30 48.95 -39.03
C ASN E 145 20.71 49.31 -40.38
N ASP E 146 20.20 48.34 -41.13
CA ASP E 146 19.53 48.65 -42.39
C ASP E 146 18.16 49.26 -42.14
N GLN E 147 17.43 48.74 -41.14
CA GLN E 147 16.12 49.28 -40.79
C GLN E 147 15.89 49.01 -39.32
N GLY E 148 15.45 50.02 -38.59
CA GLY E 148 15.29 49.88 -37.16
C GLY E 148 14.06 49.06 -36.81
N PHE E 149 13.77 49.05 -35.52
CA PHE E 149 12.58 48.37 -35.02
C PHE E 149 11.32 49.20 -35.20
N ALA E 150 11.41 50.36 -35.87
CA ALA E 150 10.28 51.26 -36.01
C ALA E 150 9.18 50.70 -36.89
N GLU E 151 9.46 49.71 -37.73
CA GLU E 151 8.40 49.04 -38.46
C GLU E 151 7.59 48.16 -37.54
N LEU E 152 8.26 47.35 -36.72
CA LEU E 152 7.57 46.53 -35.74
C LEU E 152 6.94 47.40 -34.65
N ALA E 153 7.65 48.44 -34.20
CA ALA E 153 7.12 49.32 -33.18
C ALA E 153 5.97 50.17 -33.68
N ARG E 154 5.83 50.34 -35.00
CA ARG E 154 4.60 50.91 -35.54
C ARG E 154 3.45 49.95 -35.31
N ARG E 155 3.71 48.65 -35.41
CA ARG E 155 2.65 47.66 -35.33
C ARG E 155 2.31 47.29 -33.89
N TYR E 156 3.30 47.27 -32.98
CA TYR E 156 2.99 47.01 -31.58
C TYR E 156 2.26 48.18 -30.95
N ALA E 157 2.52 49.40 -31.43
CA ALA E 157 1.84 50.57 -30.89
C ALA E 157 0.35 50.56 -31.21
N HIS E 158 -0.04 49.93 -32.33
CA HIS E 158 -1.46 49.84 -32.64
C HIS E 158 -2.17 48.88 -31.70
N ASN E 159 -1.53 47.76 -31.34
CA ASN E 159 -2.16 46.85 -30.38
C ASN E 159 -2.17 47.40 -28.97
N LEU E 160 -1.36 48.43 -28.68
CA LEU E 160 -1.58 49.23 -27.50
C LEU E 160 -2.65 50.28 -27.74
N ALA E 161 -2.75 50.79 -28.98
CA ALA E 161 -3.75 51.80 -29.29
C ALA E 161 -5.15 51.20 -29.27
N ASN E 162 -5.43 50.26 -30.15
CA ASN E 162 -6.71 49.57 -30.06
C ASN E 162 -6.65 48.58 -28.91
N ALA E 163 -7.78 48.36 -28.26
CA ALA E 163 -7.79 47.59 -27.03
C ALA E 163 -7.87 46.10 -27.32
N ARG E 164 -6.82 45.59 -27.98
CA ARG E 164 -6.75 44.18 -28.32
C ARG E 164 -6.67 43.30 -27.09
N PHE E 165 -6.03 43.79 -26.03
CA PHE E 165 -5.96 43.04 -24.78
C PHE E 165 -7.29 42.98 -24.06
N LEU E 166 -8.24 43.85 -24.39
CA LEU E 166 -9.64 43.61 -24.03
C LEU E 166 -10.17 42.59 -25.01
N TRP E 167 -10.16 41.31 -24.62
CA TRP E 167 -10.48 40.25 -25.57
C TRP E 167 -11.98 40.12 -25.79
N ARG E 168 -12.72 39.76 -24.76
CA ARG E 168 -14.16 39.64 -24.86
C ARG E 168 -14.85 40.93 -24.46
N ASN E 169 -14.20 41.72 -23.61
CA ASN E 169 -14.81 42.92 -23.04
C ASN E 169 -14.95 44.03 -24.06
N ARG E 170 -14.10 44.05 -25.09
CA ARG E 170 -14.19 45.11 -26.08
C ARG E 170 -15.42 44.94 -26.97
N VAL E 171 -15.83 43.70 -27.21
CA VAL E 171 -16.96 43.42 -28.09
C VAL E 171 -18.25 43.90 -27.43
N GLY E 172 -18.94 44.82 -28.11
CA GLY E 172 -20.17 45.36 -27.56
C GLY E 172 -19.92 46.42 -26.51
N ALA E 173 -19.26 47.50 -26.90
CA ALA E 173 -19.01 48.63 -26.00
C ALA E 173 -19.35 49.93 -26.73
N GLU E 174 -19.82 50.91 -25.98
CA GLU E 174 -20.09 52.21 -26.57
C GLU E 174 -18.79 52.93 -26.89
N ALA E 175 -17.97 53.20 -25.87
CA ALA E 175 -16.72 53.90 -26.03
C ALA E 175 -15.62 53.14 -25.31
N VAL E 176 -14.47 53.02 -25.96
CA VAL E 176 -13.28 52.43 -25.36
C VAL E 176 -12.16 53.45 -25.47
N GLU E 177 -11.53 53.75 -24.34
CA GLU E 177 -10.51 54.79 -24.25
C GLU E 177 -9.27 54.21 -23.58
N VAL E 178 -8.11 54.45 -24.18
CA VAL E 178 -6.86 53.86 -23.73
C VAL E 178 -5.89 54.98 -23.39
N ARG E 179 -5.34 54.94 -22.18
CA ARG E 179 -4.37 55.91 -21.71
C ARG E 179 -3.05 55.20 -21.42
N ILE E 180 -1.96 55.73 -21.95
CA ILE E 180 -0.65 55.12 -21.82
C ILE E 180 0.30 56.17 -21.26
N ASN E 181 0.96 55.85 -20.16
CA ASN E 181 1.87 56.76 -19.48
C ASN E 181 3.27 56.18 -19.50
N HIS E 182 4.25 57.01 -19.83
CA HIS E 182 5.65 56.64 -19.75
C HIS E 182 6.22 57.13 -18.44
N ILE E 183 6.69 56.20 -17.61
CA ILE E 183 7.21 56.53 -16.29
C ILE E 183 8.71 56.22 -16.26
N ARG E 184 9.51 57.26 -16.02
CA ARG E 184 10.96 57.13 -15.97
C ARG E 184 11.45 56.94 -14.54
N GLN E 185 11.21 57.92 -13.70
CA GLN E 185 11.19 57.74 -12.26
C GLN E 185 9.75 57.41 -11.87
N GLY E 186 9.39 57.52 -10.59
CA GLY E 186 7.99 57.41 -10.24
C GLY E 186 7.15 58.62 -10.61
N GLU E 187 7.18 59.01 -11.89
CA GLU E 187 6.58 60.22 -12.42
C GLU E 187 6.28 59.97 -13.89
N VAL E 188 5.11 60.40 -14.34
CA VAL E 188 4.74 60.24 -15.74
C VAL E 188 5.54 61.22 -16.59
N ALA E 189 6.37 60.68 -17.48
CA ALA E 189 7.18 61.54 -18.34
C ALA E 189 6.39 62.03 -19.54
N ARG E 190 5.55 61.18 -20.13
CA ARG E 190 4.68 61.60 -21.20
C ARG E 190 3.44 60.71 -21.22
N ALA E 191 2.27 61.34 -21.38
CA ALA E 191 1.01 60.64 -21.50
C ALA E 191 0.60 60.50 -22.95
N TRP E 192 -0.29 59.54 -23.20
CA TRP E 192 -0.95 59.40 -24.48
C TRP E 192 -2.42 59.13 -24.23
N ARG E 193 -3.26 59.54 -25.18
CA ARG E 193 -4.71 59.47 -25.05
C ARG E 193 -5.26 58.92 -26.36
N PHE E 194 -5.81 57.70 -26.31
CA PHE E 194 -6.19 56.97 -27.51
C PHE E 194 -7.66 56.61 -27.48
N ASP E 195 -8.28 56.63 -28.66
CA ASP E 195 -9.65 56.18 -28.86
C ASP E 195 -9.55 54.84 -29.59
N ALA E 196 -9.77 53.75 -28.84
CA ALA E 196 -9.52 52.41 -29.39
C ALA E 196 -10.59 51.96 -30.37
N LEU E 197 -11.71 52.68 -30.48
CA LEU E 197 -12.73 52.32 -31.45
C LEU E 197 -12.63 53.10 -32.75
N ALA E 198 -12.16 54.36 -32.69
CA ALA E 198 -11.87 55.10 -33.91
C ALA E 198 -10.69 54.47 -34.64
N ILE E 199 -9.66 54.08 -33.89
CA ILE E 199 -8.58 53.28 -34.45
C ILE E 199 -9.10 51.88 -34.74
N GLY E 200 -8.90 51.41 -35.96
CA GLY E 200 -9.42 50.12 -36.37
C GLY E 200 -8.72 48.96 -35.69
N LEU E 201 -9.29 47.78 -35.90
CA LEU E 201 -8.77 46.57 -35.30
C LEU E 201 -7.97 45.73 -36.29
N ARG E 202 -8.00 46.07 -37.57
CA ARG E 202 -7.31 45.32 -38.61
C ARG E 202 -6.24 46.11 -39.35
N ASP E 203 -6.43 47.41 -39.51
CA ASP E 203 -5.55 48.22 -40.34
C ASP E 203 -4.65 49.08 -39.49
N PHE E 204 -3.40 49.22 -39.92
CA PHE E 204 -2.36 49.91 -39.16
C PHE E 204 -2.06 51.22 -39.88
N LYS E 205 -2.81 52.26 -39.52
CA LYS E 205 -2.63 53.58 -40.12
C LYS E 205 -1.66 54.42 -39.29
N ALA E 206 -0.89 55.25 -39.99
CA ALA E 206 0.06 56.11 -39.33
C ALA E 206 -0.66 57.28 -38.65
N ASP E 207 0.06 57.96 -37.76
CA ASP E 207 -0.49 59.06 -36.99
C ASP E 207 0.67 59.87 -36.44
N ALA E 208 0.42 61.16 -36.20
CA ALA E 208 1.39 61.99 -35.51
C ALA E 208 1.41 61.70 -34.01
N GLU E 209 0.38 61.03 -33.49
CA GLU E 209 0.31 60.66 -32.09
C GLU E 209 0.81 59.24 -31.84
N LEU E 210 0.57 58.33 -32.78
CA LEU E 210 1.06 56.97 -32.62
C LEU E 210 2.56 56.89 -32.83
N ASP E 211 3.12 57.72 -33.72
CA ASP E 211 4.55 57.69 -33.94
C ASP E 211 5.32 58.29 -32.79
N ALA E 212 4.68 59.13 -31.97
CA ALA E 212 5.30 59.58 -30.74
C ALA E 212 5.46 58.43 -29.75
N LEU E 213 4.55 57.47 -29.78
CA LEU E 213 4.65 56.28 -28.96
C LEU E 213 5.38 55.15 -29.67
N ALA E 214 5.44 55.18 -30.99
CA ALA E 214 6.18 54.14 -31.71
C ALA E 214 7.69 54.38 -31.67
N GLU E 215 8.12 55.65 -31.66
CA GLU E 215 9.54 55.94 -31.53
C GLU E 215 10.07 55.58 -30.15
N LEU E 216 9.19 55.58 -29.15
CA LEU E 216 9.62 55.19 -27.81
C LEU E 216 9.88 53.69 -27.74
N ILE E 217 8.98 52.88 -28.33
CA ILE E 217 9.13 51.44 -28.27
C ILE E 217 10.31 50.98 -29.14
N ALA E 218 10.54 51.67 -30.25
CA ALA E 218 11.69 51.34 -31.09
C ALA E 218 13.00 51.67 -30.40
N SER E 219 13.02 52.74 -29.60
CA SER E 219 14.19 53.04 -28.79
C SER E 219 14.37 52.03 -27.68
N GLY E 220 13.27 51.47 -27.17
CA GLY E 220 13.39 50.46 -26.13
C GLY E 220 13.90 49.13 -26.66
N LEU E 221 13.40 48.70 -27.82
CA LEU E 221 13.83 47.43 -28.38
C LEU E 221 15.26 47.48 -28.89
N SER E 222 15.70 48.64 -29.36
CA SER E 222 17.09 48.76 -29.81
C SER E 222 18.06 48.83 -28.64
N GLY E 223 17.57 49.17 -27.44
CA GLY E 223 18.42 49.28 -26.28
C GLY E 223 19.02 50.64 -26.05
N SER E 224 18.54 51.67 -26.77
CA SER E 224 19.07 53.01 -26.60
C SER E 224 18.65 53.65 -25.28
N GLY E 225 17.58 53.15 -24.65
CA GLY E 225 17.14 53.71 -23.40
C GLY E 225 16.25 52.75 -22.66
N HIS E 226 15.61 53.26 -21.61
CA HIS E 226 14.70 52.50 -20.78
C HIS E 226 13.26 52.92 -21.08
N VAL E 227 12.38 51.93 -21.23
CA VAL E 227 10.97 52.17 -21.50
C VAL E 227 10.15 51.37 -20.50
N LEU E 228 9.31 52.05 -19.73
CA LEU E 228 8.34 51.40 -18.85
C LEU E 228 7.01 52.10 -19.04
N LEU E 229 6.02 51.38 -19.55
CA LEU E 229 4.73 51.95 -19.92
C LEU E 229 3.66 51.48 -18.96
N GLU E 230 2.79 52.40 -18.55
CA GLU E 230 1.63 52.09 -17.73
C GLU E 230 0.40 52.18 -18.62
N VAL E 231 -0.21 51.03 -18.91
CA VAL E 231 -1.31 50.95 -19.86
C VAL E 231 -2.61 50.87 -19.08
N VAL E 232 -3.49 51.83 -19.29
CA VAL E 232 -4.79 51.91 -18.63
C VAL E 232 -5.85 52.05 -19.70
N ALA E 233 -6.82 51.13 -19.71
CA ALA E 233 -7.85 51.10 -20.74
C ALA E 233 -9.23 51.15 -20.09
N PHE E 234 -10.00 52.16 -20.44
CA PHE E 234 -11.37 52.31 -20.00
C PHE E 234 -12.31 51.83 -21.09
N ALA E 235 -13.46 51.29 -20.69
CA ALA E 235 -14.44 50.76 -21.64
C ALA E 235 -15.82 50.81 -21.02
N ARG E 236 -16.69 51.69 -21.53
CA ARG E 236 -18.06 51.73 -21.04
C ARG E 236 -18.83 50.51 -21.52
N ILE E 237 -19.44 49.79 -20.59
CA ILE E 237 -20.18 48.58 -20.90
C ILE E 237 -21.64 48.74 -20.52
N GLY E 238 -21.90 48.98 -19.24
CA GLY E 238 -23.27 49.12 -18.77
C GLY E 238 -23.36 48.85 -17.30
N ASP E 239 -24.54 49.14 -16.75
CA ASP E 239 -24.80 48.99 -15.33
C ASP E 239 -24.92 47.51 -14.97
N GLY E 240 -23.89 46.97 -14.34
CA GLY E 240 -23.98 45.63 -13.78
C GLY E 240 -23.80 44.51 -14.76
N GLN E 241 -23.21 44.76 -15.92
CA GLN E 241 -22.97 43.72 -16.92
C GLN E 241 -21.77 42.88 -16.51
N GLU E 242 -21.34 41.99 -17.40
CA GLU E 242 -20.35 40.97 -17.06
C GLU E 242 -19.01 41.27 -17.71
N VAL E 243 -17.94 41.20 -16.93
CA VAL E 243 -16.59 41.24 -17.47
C VAL E 243 -16.06 39.82 -17.55
N PHE E 244 -14.96 39.65 -18.28
CA PHE E 244 -14.49 38.34 -18.68
C PHE E 244 -13.00 38.22 -18.40
N PRO E 245 -12.63 37.86 -17.18
CA PRO E 245 -11.22 37.57 -16.90
C PRO E 245 -10.79 36.25 -17.51
N SER E 246 -9.49 35.99 -17.41
CA SER E 246 -8.94 34.72 -17.88
C SER E 246 -9.38 33.59 -16.97
N GLN E 247 -9.44 32.39 -17.52
CA GLN E 247 -10.05 31.25 -16.87
C GLN E 247 -8.99 30.25 -16.42
N GLU E 248 -9.15 29.73 -15.22
CA GLU E 248 -8.15 28.94 -14.53
C GLU E 248 -8.45 27.45 -14.70
N LEU E 249 -7.39 26.65 -14.81
CA LEU E 249 -7.54 25.21 -14.90
C LEU E 249 -8.00 24.63 -13.57
N ILE E 250 -8.85 23.60 -13.64
CA ILE E 250 -9.51 23.04 -12.47
C ILE E 250 -9.06 21.59 -12.32
N LEU E 251 -8.66 21.23 -11.10
CA LEU E 251 -8.37 19.84 -10.78
C LEU E 251 -9.60 19.17 -10.17
N ASP E 252 -9.55 17.85 -10.11
CA ASP E 252 -10.70 17.08 -9.63
C ASP E 252 -10.82 17.18 -8.12
N LYS E 253 -12.01 17.55 -7.64
CA LYS E 253 -12.28 17.68 -6.21
C LYS E 253 -13.55 16.96 -5.79
N GLY E 254 -14.25 16.30 -6.71
CA GLY E 254 -15.45 15.57 -6.36
C GLY E 254 -16.56 15.71 -7.40
N ASP E 255 -17.75 16.08 -6.93
CA ASP E 255 -18.92 16.21 -7.80
C ASP E 255 -18.93 17.59 -8.48
N LYS E 256 -20.07 17.94 -9.08
CA LYS E 256 -20.18 19.19 -9.83
C LYS E 256 -20.14 20.40 -8.89
N LYS E 257 -20.71 20.27 -7.70
CA LYS E 257 -20.58 21.31 -6.69
C LYS E 257 -19.13 21.34 -6.18
N GLY E 258 -18.54 22.52 -6.20
CA GLY E 258 -17.13 22.64 -5.86
C GLY E 258 -16.34 23.29 -6.97
N GLN E 259 -17.05 24.07 -7.79
CA GLN E 259 -16.48 24.88 -8.88
C GLN E 259 -15.74 24.03 -9.90
N LYS E 260 -16.27 22.85 -10.19
CA LYS E 260 -15.70 21.97 -11.21
C LYS E 260 -15.86 22.56 -12.60
N SER E 261 -16.87 23.41 -12.80
CA SER E 261 -17.15 23.97 -14.11
C SER E 261 -16.17 25.06 -14.48
N LYS E 262 -16.13 26.15 -13.72
CA LYS E 262 -15.40 27.33 -14.14
C LYS E 262 -14.78 28.00 -12.92
N THR E 263 -13.52 28.38 -13.03
CA THR E 263 -12.81 29.16 -12.02
C THR E 263 -12.11 30.31 -12.71
N LEU E 264 -12.36 31.53 -12.24
CA LEU E 264 -11.80 32.73 -12.84
C LEU E 264 -10.53 33.14 -12.11
N TYR E 265 -9.59 33.70 -12.87
CA TYR E 265 -8.29 34.07 -12.32
C TYR E 265 -8.41 35.36 -11.52
N SER E 266 -7.89 35.33 -10.30
CA SER E 266 -7.94 36.51 -9.44
C SER E 266 -6.71 36.52 -8.55
N VAL E 267 -6.07 37.68 -8.45
CA VAL E 267 -4.92 37.87 -7.58
C VAL E 267 -5.21 38.98 -6.58
N ARG E 268 -5.06 38.65 -5.29
CA ARG E 268 -5.42 39.52 -4.15
C ARG E 268 -6.88 39.97 -4.23
N ASP E 269 -7.76 39.02 -4.55
CA ASP E 269 -9.22 39.20 -4.63
C ASP E 269 -9.61 40.29 -5.63
N ALA E 270 -8.98 40.27 -6.79
CA ALA E 270 -9.31 41.17 -7.89
C ALA E 270 -9.26 40.38 -9.18
N ALA E 271 -10.35 40.40 -9.94
CA ALA E 271 -10.46 39.62 -11.16
C ALA E 271 -9.46 40.11 -12.19
N ALA E 272 -8.56 39.23 -12.62
CA ALA E 272 -7.40 39.65 -13.38
C ALA E 272 -7.25 38.80 -14.64
N ILE E 273 -6.41 39.29 -15.54
CA ILE E 273 -6.08 38.64 -16.80
C ILE E 273 -4.64 38.18 -16.72
N HIS E 274 -4.37 36.98 -17.25
CA HIS E 274 -3.02 36.45 -17.33
C HIS E 274 -2.13 37.37 -18.16
N SER E 275 -0.83 37.35 -17.86
CA SER E 275 0.11 38.19 -18.60
C SER E 275 0.31 37.66 -20.02
N GLN E 276 0.32 36.34 -20.18
CA GLN E 276 0.56 35.75 -21.50
C GLN E 276 -0.64 35.91 -22.42
N LYS E 277 -1.83 36.17 -21.89
CA LYS E 277 -2.95 36.52 -22.74
C LYS E 277 -2.79 37.92 -23.29
N ILE E 278 -2.29 38.84 -22.45
CA ILE E 278 -1.97 40.18 -22.92
C ILE E 278 -0.76 40.15 -23.83
N GLY E 279 0.23 39.33 -23.47
CA GLY E 279 1.38 39.11 -24.33
C GLY E 279 1.04 38.45 -25.64
N ASN E 280 -0.07 37.73 -25.71
CA ASN E 280 -0.59 37.29 -26.99
C ASN E 280 -1.17 38.47 -27.76
N ALA E 281 -1.94 39.30 -27.07
CA ALA E 281 -2.69 40.37 -27.73
C ALA E 281 -1.81 41.53 -28.16
N LEU E 282 -0.57 41.63 -27.66
CA LEU E 282 0.32 42.66 -28.16
C LEU E 282 0.94 42.24 -29.49
N ARG E 283 1.40 40.99 -29.59
CA ARG E 283 2.16 40.55 -30.74
C ARG E 283 1.30 40.03 -31.88
N THR E 284 -0.01 40.33 -31.89
CA THR E 284 -0.82 40.08 -33.08
C THR E 284 -0.58 41.21 -34.06
N ILE E 285 0.56 41.11 -34.76
CA ILE E 285 0.94 42.10 -35.76
C ILE E 285 1.17 41.48 -37.13
N ASP E 286 1.23 40.16 -37.22
CA ASP E 286 1.60 39.48 -38.45
C ASP E 286 0.44 39.51 -39.44
N THR E 287 0.36 40.59 -40.22
CA THR E 287 -0.55 40.67 -41.35
C THR E 287 -0.04 39.90 -42.56
N TRP E 288 1.19 39.40 -42.50
CA TRP E 288 1.76 38.59 -43.56
C TRP E 288 1.33 37.14 -43.37
N TYR E 289 1.22 36.42 -44.47
CA TYR E 289 0.59 35.11 -44.47
C TYR E 289 1.06 34.35 -45.69
N PRO E 290 0.75 33.07 -45.77
CA PRO E 290 0.58 32.46 -47.09
C PRO E 290 -0.63 33.00 -47.84
N ASP E 291 -1.82 32.93 -47.24
CA ASP E 291 -3.05 33.03 -48.01
C ASP E 291 -4.10 33.88 -47.28
N GLU E 292 -3.71 35.03 -46.74
CA GLU E 292 -4.69 36.05 -46.35
C GLU E 292 -4.16 37.40 -46.77
N ASP E 293 -4.94 38.12 -47.57
CA ASP E 293 -4.57 39.47 -47.98
C ASP E 293 -4.80 40.47 -46.85
N GLY E 294 -6.05 40.62 -46.43
CA GLY E 294 -6.38 41.58 -45.39
C GLY E 294 -7.38 41.06 -44.38
N LEU E 295 -7.30 39.76 -44.08
CA LEU E 295 -8.27 39.09 -43.22
C LEU E 295 -7.88 39.15 -41.74
N GLY E 296 -7.11 40.15 -41.33
CA GLY E 296 -6.75 40.32 -39.94
C GLY E 296 -5.39 39.74 -39.64
N PRO E 297 -4.63 40.41 -38.78
CA PRO E 297 -3.31 39.90 -38.41
C PRO E 297 -3.41 38.68 -37.51
N ILE E 298 -2.38 37.85 -37.60
CA ILE E 298 -2.25 36.68 -36.75
C ILE E 298 -1.19 36.98 -35.71
N ALA E 299 -1.23 36.28 -34.58
CA ALA E 299 -0.17 36.37 -33.60
C ALA E 299 1.11 35.75 -34.15
N VAL E 300 2.23 36.36 -33.81
CA VAL E 300 3.52 35.95 -34.36
C VAL E 300 3.93 34.66 -33.64
N GLU E 301 3.78 33.54 -34.33
CA GLU E 301 4.11 32.22 -33.84
C GLU E 301 4.97 31.50 -34.85
N PRO E 302 5.97 30.74 -34.41
CA PRO E 302 6.49 29.68 -35.28
C PRO E 302 5.39 28.68 -35.49
N TYR E 303 5.24 28.23 -36.74
CA TYR E 303 4.08 27.47 -37.23
C TYR E 303 2.79 28.26 -36.97
N GLY E 304 2.72 29.43 -37.60
CA GLY E 304 1.80 30.49 -37.19
C GLY E 304 0.34 30.14 -37.17
N SER E 305 -0.20 29.95 -35.97
CA SER E 305 -1.47 29.29 -35.78
C SER E 305 -2.37 30.12 -34.89
N VAL E 306 -3.67 29.83 -34.97
CA VAL E 306 -4.66 30.36 -34.03
C VAL E 306 -5.32 29.17 -33.36
N THR E 307 -5.35 29.20 -32.02
CA THR E 307 -6.00 28.13 -31.28
C THR E 307 -7.50 28.11 -31.50
N SER E 308 -8.13 29.29 -31.57
CA SER E 308 -9.57 29.33 -31.76
C SER E 308 -9.96 28.98 -33.19
N GLN E 309 -9.17 29.40 -34.18
CA GLN E 309 -9.47 29.04 -35.55
C GLN E 309 -9.10 27.60 -35.87
N GLY E 310 -8.22 26.98 -35.08
CA GLY E 310 -7.87 25.60 -35.25
C GLY E 310 -6.90 25.28 -36.37
N LYS E 311 -6.80 26.13 -37.39
CA LYS E 311 -5.93 25.89 -38.52
C LYS E 311 -4.57 26.52 -38.28
N ALA E 312 -3.52 25.86 -38.77
CA ALA E 312 -2.18 26.40 -38.72
C ALA E 312 -1.88 27.02 -40.08
N TYR E 313 -1.83 28.35 -40.13
CA TYR E 313 -1.21 29.02 -41.25
C TYR E 313 0.30 28.83 -41.18
N ARG E 314 0.97 29.18 -42.29
CA ARG E 314 2.42 29.19 -42.39
C ARG E 314 2.99 27.79 -42.12
N GLN E 315 2.57 26.85 -42.96
CA GLN E 315 2.87 25.44 -42.76
C GLN E 315 4.36 25.18 -42.92
N PRO E 316 4.91 24.13 -42.30
CA PRO E 316 6.33 23.83 -42.47
C PRO E 316 6.70 23.33 -43.84
N LYS E 317 5.76 22.76 -44.61
CA LYS E 317 6.09 22.45 -46.00
C LYS E 317 6.10 23.71 -46.85
N GLN E 318 5.35 24.72 -46.46
CA GLN E 318 5.55 26.04 -47.04
C GLN E 318 6.86 26.63 -46.53
N LYS E 319 7.49 27.42 -47.38
CA LYS E 319 8.79 27.98 -47.04
C LYS E 319 8.69 29.29 -46.28
N LEU E 320 7.48 29.69 -45.88
CA LEU E 320 7.29 30.88 -45.07
C LEU E 320 7.44 30.61 -43.58
N ASP E 321 7.64 29.35 -43.21
CA ASP E 321 7.87 28.91 -41.84
C ASP E 321 9.05 29.65 -41.21
N PHE E 322 8.92 29.93 -39.90
CA PHE E 322 10.00 30.60 -39.18
C PHE E 322 11.26 29.75 -39.10
N TYR E 323 11.10 28.47 -38.79
CA TYR E 323 12.26 27.57 -38.72
C TYR E 323 12.88 27.35 -40.09
N THR E 324 12.09 27.51 -41.16
CA THR E 324 12.65 27.43 -42.50
C THR E 324 13.36 28.72 -42.89
N LEU E 325 12.78 29.87 -42.55
CA LEU E 325 13.37 31.15 -42.94
C LEU E 325 14.63 31.46 -42.15
N LEU E 326 14.64 31.10 -40.86
CA LEU E 326 15.79 31.42 -40.02
C LEU E 326 17.00 30.58 -40.40
N ASP E 327 16.79 29.27 -40.63
CA ASP E 327 17.89 28.40 -40.99
C ASP E 327 18.44 28.70 -42.37
N ASN E 328 17.61 29.21 -43.26
CA ASN E 328 18.05 29.56 -44.61
C ASN E 328 18.61 30.97 -44.70
N TRP E 329 18.95 31.60 -43.57
CA TRP E 329 19.44 32.96 -43.61
C TRP E 329 20.66 33.10 -42.73
N VAL E 330 20.82 32.19 -41.78
CA VAL E 330 21.98 32.18 -40.90
C VAL E 330 22.97 31.11 -41.33
N LEU E 331 22.48 29.93 -41.70
CA LEU E 331 23.37 28.90 -42.22
C LEU E 331 23.66 29.13 -43.70
N ARG E 332 22.63 29.09 -44.54
CA ARG E 332 22.80 29.12 -45.98
C ARG E 332 22.95 30.53 -46.53
N ASP E 333 22.71 31.55 -45.69
CA ASP E 333 23.16 32.93 -45.90
C ASP E 333 22.48 33.61 -47.08
N GLU E 334 21.23 33.27 -47.40
CA GLU E 334 20.45 34.09 -48.32
C GLU E 334 19.36 34.82 -47.54
N ALA E 335 19.10 36.05 -47.94
CA ALA E 335 18.10 36.84 -47.25
C ALA E 335 16.70 36.37 -47.61
N PRO E 336 15.76 36.41 -46.67
CA PRO E 336 14.36 36.27 -47.00
C PRO E 336 13.84 37.56 -47.60
N ALA E 337 12.55 37.58 -47.91
CA ALA E 337 11.91 38.83 -48.28
C ALA E 337 11.89 39.76 -47.08
N VAL E 338 12.05 41.05 -47.33
CA VAL E 338 11.92 42.07 -46.28
C VAL E 338 10.50 42.05 -45.73
N GLU E 339 9.53 41.75 -46.60
CA GLU E 339 8.18 41.36 -46.21
C GLU E 339 8.16 40.28 -45.13
N GLN E 340 9.07 39.31 -45.20
CA GLN E 340 9.17 38.27 -44.18
C GLN E 340 10.28 38.49 -43.17
N GLN E 341 11.17 39.47 -43.39
CA GLN E 341 12.22 39.72 -42.40
C GLN E 341 11.66 40.34 -41.13
N HIS E 342 10.57 41.09 -41.24
CA HIS E 342 9.93 41.61 -40.03
C HIS E 342 9.22 40.51 -39.25
N TYR E 343 8.94 39.37 -39.89
CA TYR E 343 8.35 38.25 -39.18
C TYR E 343 9.38 37.51 -38.34
N VAL E 344 10.61 37.37 -38.87
CA VAL E 344 11.63 36.57 -38.20
C VAL E 344 12.09 37.24 -36.92
N ILE E 345 12.27 38.55 -36.96
CA ILE E 345 12.73 39.30 -35.79
C ILE E 345 11.66 39.34 -34.71
N ALA E 346 10.38 39.32 -35.12
CA ALA E 346 9.29 39.33 -34.14
C ALA E 346 9.18 38.03 -33.37
N ASN E 347 9.66 36.91 -33.92
CA ASN E 347 9.75 35.68 -33.15
C ASN E 347 10.91 35.67 -32.17
N LEU E 348 11.91 36.53 -32.37
CA LEU E 348 12.98 36.62 -31.40
C LEU E 348 12.65 37.60 -30.28
N ILE E 349 11.68 38.47 -30.48
CA ILE E 349 11.27 39.40 -29.43
C ILE E 349 10.37 38.70 -28.42
N ARG E 350 9.50 37.80 -28.90
CA ARG E 350 8.70 37.01 -27.97
C ARG E 350 9.48 35.92 -27.28
N GLY E 351 10.69 35.62 -27.73
CA GLY E 351 11.48 34.56 -27.14
C GLY E 351 10.95 33.19 -27.51
N GLY E 352 11.49 32.19 -26.85
CA GLY E 352 11.05 30.83 -27.10
C GLY E 352 12.18 29.84 -26.90
N VAL E 353 11.80 28.57 -26.91
CA VAL E 353 12.77 27.48 -26.79
C VAL E 353 13.08 27.07 -28.23
N PHE E 354 14.04 27.75 -28.83
CA PHE E 354 14.36 27.54 -30.23
C PHE E 354 15.48 26.50 -30.34
N GLY E 355 16.04 26.35 -31.53
CA GLY E 355 17.04 25.31 -31.71
C GLY E 355 16.37 23.95 -31.77
N GLU E 356 17.14 22.93 -31.42
CA GLU E 356 16.60 21.57 -31.39
C GLU E 356 15.80 21.34 -30.11
N ILE F 23 59.95 11.12 -3.55
CA ILE F 23 59.09 11.30 -4.70
C ILE F 23 57.64 11.44 -4.25
N LEU F 24 57.09 12.64 -4.41
CA LEU F 24 55.75 12.93 -3.95
C LEU F 24 54.73 12.71 -5.06
N SER F 25 53.57 12.20 -4.69
CA SER F 25 52.41 12.07 -5.56
C SER F 25 51.24 12.83 -4.96
N THR F 26 50.14 12.89 -5.71
CA THR F 26 48.94 13.53 -5.20
C THR F 26 48.30 12.69 -4.12
N ALA F 27 47.58 13.35 -3.21
CA ALA F 27 46.82 12.64 -2.21
C ALA F 27 45.61 11.98 -2.85
N SER F 28 45.31 10.75 -2.42
CA SER F 28 44.22 10.01 -3.06
C SER F 28 42.86 10.57 -2.65
N VAL F 29 42.76 11.18 -1.48
CA VAL F 29 41.54 11.86 -1.06
C VAL F 29 41.90 13.27 -0.65
N LEU F 30 41.35 14.25 -1.36
CA LEU F 30 41.41 15.65 -0.97
C LEU F 30 40.00 16.20 -0.87
N ALA F 31 39.80 17.09 0.09
CA ALA F 31 38.52 17.75 0.27
C ALA F 31 38.78 19.07 0.98
N PHE F 32 38.25 20.14 0.43
CA PHE F 32 38.45 21.48 0.98
C PHE F 32 37.12 22.04 1.43
N GLU F 33 37.06 22.43 2.70
CA GLU F 33 35.93 23.20 3.21
C GLU F 33 35.87 24.53 2.49
N ARG F 34 34.67 24.91 2.06
CA ARG F 34 34.57 26.15 1.32
C ARG F 34 34.61 27.35 2.25
N LYS F 35 35.00 28.48 1.69
CA LYS F 35 34.90 29.78 2.33
C LYS F 35 33.93 30.60 1.50
N LEU F 36 33.64 31.82 1.99
CA LEU F 36 32.68 32.74 1.38
C LEU F 36 31.32 32.07 1.22
N ASP F 37 30.72 31.75 2.37
CA ASP F 37 29.49 30.99 2.43
C ASP F 37 28.30 31.94 2.48
N PRO F 38 27.46 31.99 1.45
CA PRO F 38 26.27 32.85 1.49
C PRO F 38 25.04 32.09 2.00
N SER F 39 24.11 32.87 2.52
CA SER F 39 22.83 32.33 2.96
C SER F 39 21.85 32.30 1.78
N ASP F 40 20.60 31.98 2.05
CA ASP F 40 19.58 32.13 1.04
C ASP F 40 19.10 33.57 1.01
N ALA F 41 18.58 33.99 -0.14
CA ALA F 41 18.19 35.37 -0.36
C ALA F 41 16.67 35.44 -0.48
N LEU F 42 16.01 35.85 0.60
CA LEU F 42 14.58 36.09 0.54
C LEU F 42 14.30 37.33 -0.29
N MET F 43 13.13 37.36 -0.92
CA MET F 43 12.74 38.49 -1.76
C MET F 43 11.48 39.13 -1.21
N SER F 44 11.57 40.41 -0.87
CA SER F 44 10.42 41.20 -0.48
C SER F 44 10.29 42.38 -1.43
N ALA F 45 9.08 42.89 -1.55
CA ALA F 45 8.74 43.89 -2.55
C ALA F 45 8.24 45.17 -1.90
N GLY F 46 8.79 46.30 -2.33
CA GLY F 46 8.35 47.59 -1.84
C GLY F 46 8.43 48.67 -2.90
N ALA F 47 8.59 49.91 -2.45
CA ALA F 47 8.73 51.08 -3.31
C ALA F 47 9.91 51.91 -2.82
N TRP F 48 9.97 53.16 -3.28
CA TRP F 48 10.77 54.16 -2.59
C TRP F 48 10.20 54.38 -1.18
N ALA F 49 10.99 55.08 -0.34
CA ALA F 49 11.19 54.83 1.10
C ALA F 49 11.93 53.50 1.29
N GLN F 50 13.11 53.50 0.64
CA GLN F 50 14.15 52.48 0.79
C GLN F 50 14.36 52.03 2.23
N ARG F 51 14.53 52.99 3.14
CA ARG F 51 15.04 52.69 4.47
C ARG F 51 13.98 52.13 5.41
N ASP F 52 12.72 52.06 4.99
CA ASP F 52 11.68 51.43 5.79
C ASP F 52 11.56 49.94 5.51
N ALA F 53 12.47 49.36 4.75
CA ALA F 53 12.38 47.98 4.31
C ALA F 53 12.80 46.97 5.38
N SER F 54 13.24 47.43 6.55
CA SER F 54 13.80 46.52 7.54
C SER F 54 12.74 45.61 8.15
N GLN F 55 11.54 46.11 8.32
CA GLN F 55 10.46 45.31 8.89
C GLN F 55 9.19 45.34 8.04
N GLU F 56 8.91 46.47 7.40
CA GLU F 56 7.59 46.75 6.83
C GLU F 56 7.29 45.94 5.57
N TRP F 57 8.31 45.53 4.80
CA TRP F 57 7.96 45.09 3.46
C TRP F 57 7.52 43.64 3.47
N PRO F 58 6.38 43.33 2.83
CA PRO F 58 5.96 41.94 2.71
C PRO F 58 6.75 41.21 1.64
N ALA F 59 6.85 39.91 1.81
CA ALA F 59 7.69 39.09 0.94
C ALA F 59 6.97 38.78 -0.36
N VAL F 60 7.77 38.55 -1.40
CA VAL F 60 7.23 38.11 -2.69
C VAL F 60 6.77 36.67 -2.55
N THR F 61 5.50 36.42 -2.81
CA THR F 61 4.89 35.12 -2.58
C THR F 61 4.77 34.35 -3.89
N VAL F 62 5.07 33.06 -3.83
CA VAL F 62 4.95 32.19 -4.98
C VAL F 62 3.49 31.75 -5.10
N ARG F 63 2.94 31.84 -6.31
CA ARG F 63 1.54 31.53 -6.54
C ARG F 63 1.38 30.86 -7.88
N GLU F 64 0.22 30.25 -8.09
CA GLU F 64 -0.05 29.43 -9.25
C GLU F 64 -0.90 30.18 -10.26
N LYS F 65 -0.74 29.84 -11.53
CA LYS F 65 -1.64 30.30 -12.56
C LYS F 65 -1.68 29.25 -13.67
N SER F 66 -2.80 29.19 -14.37
CA SER F 66 -2.93 28.31 -15.52
C SER F 66 -2.19 28.90 -16.71
N VAL F 67 -1.79 28.03 -17.62
CA VAL F 67 -1.19 28.47 -18.87
C VAL F 67 -1.52 27.45 -19.95
N ARG F 68 -1.94 27.94 -21.12
CA ARG F 68 -2.29 27.08 -22.24
C ARG F 68 -1.18 27.15 -23.26
N GLY F 69 -0.48 26.03 -23.44
CA GLY F 69 0.63 25.97 -24.36
C GLY F 69 0.20 25.94 -25.81
N THR F 70 1.20 25.98 -26.68
CA THR F 70 1.00 25.85 -28.11
C THR F 70 2.26 25.23 -28.70
N ILE F 71 2.15 24.78 -29.95
CA ILE F 71 3.25 24.07 -30.59
C ILE F 71 4.24 25.08 -31.14
N SER F 72 5.48 25.02 -30.68
CA SER F 72 6.55 25.84 -31.22
C SER F 72 7.86 25.09 -31.35
N ASN F 73 7.89 23.80 -31.06
CA ASN F 73 9.13 23.04 -31.11
C ASN F 73 9.55 22.77 -32.54
N ARG F 74 10.85 22.56 -32.73
CA ARG F 74 11.39 22.23 -34.04
C ARG F 74 11.02 20.79 -34.39
N LEU F 75 10.10 20.64 -35.33
CA LEU F 75 9.71 19.31 -35.75
C LEU F 75 10.79 18.66 -36.62
N LYS F 76 10.77 17.34 -36.65
CA LYS F 76 11.65 16.58 -37.52
C LYS F 76 11.09 16.57 -38.94
N THR F 77 11.82 15.91 -39.85
CA THR F 77 11.27 15.65 -41.18
C THR F 77 10.10 14.67 -41.08
N LYS F 78 10.23 13.66 -40.22
CA LYS F 78 9.09 12.87 -39.82
C LYS F 78 8.13 13.72 -39.01
N ASP F 79 6.83 13.42 -39.14
CA ASP F 79 5.72 14.10 -38.46
C ASP F 79 5.64 15.58 -38.83
N ARG F 80 6.08 15.92 -40.05
CA ARG F 80 5.98 17.27 -40.57
C ARG F 80 4.82 17.30 -41.57
N ASP F 81 3.61 17.39 -41.04
CA ASP F 81 2.39 17.32 -41.83
C ASP F 81 1.41 18.39 -41.37
N PRO F 82 0.60 18.94 -42.27
CA PRO F 82 -0.38 19.94 -41.84
C PRO F 82 -1.50 19.35 -41.00
N ALA F 83 -2.02 18.19 -41.38
CA ALA F 83 -3.11 17.57 -40.64
C ALA F 83 -2.68 17.08 -39.26
N LYS F 84 -1.40 16.78 -39.08
CA LYS F 84 -0.92 16.39 -37.77
C LYS F 84 -0.76 17.61 -36.86
N LEU F 85 -0.29 18.73 -37.41
CA LEU F 85 -0.19 19.95 -36.63
C LEU F 85 -1.57 20.53 -36.33
N ASP F 86 -2.48 20.48 -37.29
CA ASP F 86 -3.83 20.98 -37.06
C ASP F 86 -4.58 20.15 -36.04
N ALA F 87 -4.30 18.84 -35.98
CA ALA F 87 -4.84 18.03 -34.91
C ALA F 87 -4.18 18.36 -33.57
N SER F 88 -2.93 18.81 -33.60
CA SER F 88 -2.24 19.20 -32.38
C SER F 88 -2.73 20.53 -31.82
N ILE F 89 -3.40 21.35 -32.63
CA ILE F 89 -3.97 22.58 -32.11
C ILE F 89 -5.28 22.28 -31.39
N GLN F 90 -6.06 21.31 -31.86
CA GLN F 90 -7.26 20.90 -31.14
C GLN F 90 -6.95 20.18 -29.83
N SER F 91 -5.72 19.72 -29.63
CA SER F 91 -5.27 19.14 -28.37
C SER F 91 -4.17 20.03 -27.79
N PRO F 92 -4.53 21.12 -27.12
CA PRO F 92 -3.51 22.01 -26.57
C PRO F 92 -2.92 21.44 -25.29
N ASN F 93 -1.80 22.01 -24.89
CA ASN F 93 -1.10 21.58 -23.69
C ASN F 93 -1.52 22.50 -22.55
N LEU F 94 -2.56 22.08 -21.83
CA LEU F 94 -2.92 22.76 -20.59
C LEU F 94 -1.84 22.49 -19.56
N GLN F 95 -1.57 23.48 -18.72
CA GLN F 95 -0.35 23.44 -17.92
C GLN F 95 -0.48 24.42 -16.77
N THR F 96 0.11 24.06 -15.64
CA THR F 96 0.11 24.91 -14.45
C THR F 96 1.55 25.19 -14.05
N VAL F 97 1.87 26.46 -13.83
CA VAL F 97 3.20 26.87 -13.40
C VAL F 97 3.08 27.65 -12.10
N ASP F 98 4.22 27.80 -11.43
CA ASP F 98 4.33 28.70 -10.29
C ASP F 98 4.94 30.01 -10.75
N VAL F 99 4.35 31.12 -10.30
CA VAL F 99 4.84 32.45 -10.69
C VAL F 99 5.05 33.29 -9.44
N ALA F 100 5.99 34.21 -9.54
CA ALA F 100 6.20 35.24 -8.53
C ALA F 100 6.03 36.60 -9.20
N ASN F 101 5.42 37.53 -8.48
CA ASN F 101 5.18 38.87 -9.02
C ASN F 101 5.27 39.87 -7.89
N LEU F 102 5.65 41.10 -8.23
CA LEU F 102 5.47 42.20 -7.32
C LEU F 102 3.98 42.52 -7.21
N PRO F 103 3.56 43.16 -6.12
CA PRO F 103 2.21 43.73 -6.10
C PRO F 103 2.07 44.87 -7.09
N SER F 104 0.82 45.19 -7.42
CA SER F 104 0.55 46.17 -8.46
C SER F 104 0.88 47.60 -8.03
N ASP F 105 1.13 47.84 -6.74
CA ASP F 105 1.50 49.15 -6.24
C ASP F 105 2.97 49.26 -5.85
N ALA F 106 3.71 48.15 -5.88
CA ALA F 106 5.11 48.14 -5.50
C ALA F 106 5.99 48.08 -6.74
N ASP F 107 7.12 48.79 -6.70
CA ASP F 107 8.02 48.82 -7.85
C ASP F 107 9.48 48.68 -7.43
N THR F 108 9.74 48.01 -6.33
CA THR F 108 11.13 47.82 -5.88
C THR F 108 11.25 46.46 -5.23
N LEU F 109 12.00 45.57 -5.87
CA LEU F 109 12.36 44.30 -5.25
C LEU F 109 13.46 44.53 -4.23
N LYS F 110 13.41 43.78 -3.14
CA LYS F 110 14.51 43.75 -2.18
C LYS F 110 15.02 42.33 -2.05
N VAL F 111 16.32 42.16 -2.19
CA VAL F 111 16.98 40.86 -2.06
C VAL F 111 18.00 40.98 -0.95
N ARG F 112 17.83 40.18 0.10
CA ARG F 112 18.65 40.27 1.30
C ARG F 112 19.20 38.91 1.67
N PHE F 113 20.50 38.83 1.89
CA PHE F 113 21.14 37.61 2.36
C PHE F 113 22.35 38.00 3.19
N THR F 114 22.95 37.01 3.83
CA THR F 114 24.15 37.23 4.64
C THR F 114 25.31 36.41 4.08
N LEU F 115 26.51 36.91 4.31
CA LEU F 115 27.73 36.30 3.79
C LEU F 115 28.76 36.24 4.88
N ARG F 116 29.43 35.10 5.03
CA ARG F 116 30.41 34.87 6.06
C ARG F 116 31.73 34.47 5.42
N VAL F 117 32.81 35.14 5.82
CA VAL F 117 34.14 34.90 5.27
C VAL F 117 34.97 34.22 6.35
N LEU F 118 35.53 33.05 6.03
CA LEU F 118 36.10 32.18 7.06
C LEU F 118 37.62 32.28 7.14
N GLY F 119 38.32 31.96 6.06
CA GLY F 119 39.77 32.01 6.06
C GLY F 119 40.40 30.65 6.33
N GLY F 120 41.69 30.57 6.02
CA GLY F 120 42.44 29.32 6.13
C GLY F 120 42.31 28.49 4.88
N ALA F 121 42.66 29.09 3.73
CA ALA F 121 42.25 28.57 2.44
C ALA F 121 42.98 27.29 2.06
N GLY F 122 44.29 27.24 2.31
CA GLY F 122 45.07 26.11 1.82
C GLY F 122 44.96 24.84 2.62
N THR F 123 44.26 24.86 3.75
CA THR F 123 44.19 23.70 4.62
C THR F 123 43.01 22.82 4.20
N PRO F 124 43.24 21.56 3.84
CA PRO F 124 42.13 20.68 3.46
C PRO F 124 41.36 20.20 4.68
N SER F 125 40.25 19.52 4.41
CA SER F 125 39.49 18.84 5.44
C SER F 125 39.77 17.34 5.46
N ALA F 126 40.42 16.81 4.43
CA ALA F 126 40.81 15.40 4.38
C ALA F 126 42.00 15.27 3.45
N CYS F 127 43.03 14.57 3.90
CA CYS F 127 44.23 14.38 3.09
C CYS F 127 44.93 13.11 3.54
N ASN F 128 45.36 12.29 2.58
CA ASN F 128 45.99 11.02 2.92
C ASN F 128 47.46 11.21 3.28
N ASP F 129 48.23 11.81 2.38
CA ASP F 129 49.67 11.94 2.58
C ASP F 129 49.96 13.15 3.45
N ALA F 130 50.71 12.93 4.53
CA ALA F 130 51.19 14.07 5.32
C ALA F 130 52.30 14.81 4.59
N ALA F 131 53.04 14.11 3.73
CA ALA F 131 54.09 14.77 2.95
C ALA F 131 53.50 15.65 1.87
N TYR F 132 52.40 15.21 1.25
CA TYR F 132 51.73 16.07 0.28
C TYR F 132 50.99 17.20 0.96
N ARG F 133 50.52 16.99 2.20
CA ARG F 133 49.82 18.05 2.90
C ARG F 133 50.77 19.16 3.33
N ASP F 134 51.95 18.78 3.83
CA ASP F 134 52.94 19.78 4.22
C ASP F 134 53.48 20.54 3.02
N LYS F 135 53.61 19.85 1.89
CA LYS F 135 54.06 20.51 0.67
C LYS F 135 52.97 21.43 0.12
N LEU F 136 51.70 21.08 0.32
CA LEU F 136 50.62 21.94 -0.12
C LEU F 136 50.51 23.19 0.75
N LEU F 137 50.68 23.02 2.07
CA LEU F 137 50.55 24.16 2.96
C LEU F 137 51.74 25.12 2.83
N GLN F 138 52.92 24.60 2.54
CA GLN F 138 54.06 25.48 2.29
C GLN F 138 53.93 26.19 0.95
N THR F 139 53.18 25.63 0.01
CA THR F 139 52.98 26.28 -1.28
C THR F 139 52.00 27.44 -1.15
N VAL F 140 50.87 27.21 -0.47
CA VAL F 140 49.83 28.23 -0.34
C VAL F 140 50.33 29.38 0.53
N ALA F 141 51.07 29.08 1.59
CA ALA F 141 51.61 30.14 2.43
C ALA F 141 52.70 30.92 1.73
N THR F 142 53.39 30.31 0.76
CA THR F 142 54.34 31.05 -0.05
C THR F 142 53.63 32.04 -0.96
N TYR F 143 52.44 31.68 -1.44
CA TYR F 143 51.62 32.61 -2.21
C TYR F 143 51.20 33.80 -1.39
N VAL F 144 50.83 33.59 -0.13
CA VAL F 144 50.31 34.66 0.71
C VAL F 144 51.39 35.68 1.04
N ASN F 145 52.60 35.21 1.37
CA ASN F 145 53.70 36.13 1.66
C ASN F 145 54.18 36.86 0.42
N ASP F 146 54.02 36.27 -0.76
CA ASP F 146 54.34 36.99 -1.98
C ASP F 146 53.32 38.09 -2.26
N GLN F 147 52.04 37.79 -2.05
CA GLN F 147 50.96 38.75 -2.27
C GLN F 147 49.73 38.28 -1.52
N GLY F 148 49.00 39.21 -0.94
CA GLY F 148 47.86 38.85 -0.13
C GLY F 148 46.67 38.39 -0.97
N PHE F 149 45.55 38.27 -0.30
CA PHE F 149 44.30 37.96 -0.99
C PHE F 149 43.64 39.19 -1.60
N ALA F 150 44.30 40.35 -1.54
CA ALA F 150 43.70 41.61 -1.95
C ALA F 150 43.45 41.69 -3.46
N GLU F 151 44.14 40.88 -4.26
CA GLU F 151 43.77 40.77 -5.67
C GLU F 151 42.47 40.01 -5.83
N LEU F 152 42.36 38.86 -5.16
CA LEU F 152 41.11 38.10 -5.18
C LEU F 152 40.00 38.85 -4.47
N ALA F 153 40.31 39.46 -3.32
CA ALA F 153 39.30 40.18 -2.55
C ALA F 153 38.80 41.43 -3.26
N ARG F 154 39.58 41.98 -4.20
CA ARG F 154 39.07 43.07 -5.01
C ARG F 154 38.04 42.57 -6.01
N ARG F 155 38.28 41.39 -6.57
CA ARG F 155 37.38 40.84 -7.57
C ARG F 155 36.11 40.27 -6.95
N TYR F 156 36.17 39.79 -5.71
CA TYR F 156 34.94 39.44 -5.02
C TYR F 156 34.16 40.68 -4.59
N ALA F 157 34.87 41.77 -4.31
CA ALA F 157 34.20 42.99 -3.87
C ALA F 157 33.42 43.64 -5.00
N HIS F 158 33.82 43.41 -6.25
CA HIS F 158 33.04 43.90 -7.37
C HIS F 158 31.73 43.13 -7.47
N ASN F 159 31.78 41.80 -7.38
CA ASN F 159 30.59 40.98 -7.51
C ASN F 159 29.64 41.11 -6.33
N LEU F 160 30.06 41.75 -5.23
CA LEU F 160 29.12 42.25 -4.24
C LEU F 160 28.61 43.62 -4.60
N ALA F 161 29.42 44.43 -5.29
CA ALA F 161 29.02 45.79 -5.61
C ALA F 161 27.99 45.81 -6.73
N ASN F 162 28.35 45.32 -7.92
CA ASN F 162 27.35 45.18 -8.96
C ASN F 162 26.47 43.99 -8.64
N ALA F 163 25.18 44.09 -8.97
CA ALA F 163 24.24 43.06 -8.56
C ALA F 163 24.36 41.89 -9.52
N ARG F 164 25.44 41.11 -9.34
CA ARG F 164 25.63 39.92 -10.16
C ARG F 164 24.66 38.84 -9.75
N PHE F 165 24.38 38.73 -8.45
CA PHE F 165 23.44 37.75 -7.94
C PHE F 165 21.99 38.05 -8.30
N LEU F 166 21.68 39.27 -8.76
CA LEU F 166 20.43 39.48 -9.47
C LEU F 166 20.66 39.04 -10.91
N TRP F 167 20.24 37.82 -11.22
CA TRP F 167 20.60 37.21 -12.49
C TRP F 167 19.83 37.82 -13.65
N ARG F 168 18.52 37.68 -13.65
CA ARG F 168 17.68 38.34 -14.64
C ARG F 168 16.95 39.53 -14.02
N ASN F 169 16.98 39.63 -12.70
CA ASN F 169 16.35 40.77 -12.02
C ASN F 169 17.08 42.07 -12.29
N ARG F 170 18.39 41.99 -12.55
CA ARG F 170 19.14 43.19 -12.90
C ARG F 170 18.81 43.65 -14.32
N VAL F 171 18.45 42.71 -15.20
CA VAL F 171 18.24 43.01 -16.61
C VAL F 171 16.96 43.82 -16.76
N GLY F 172 17.07 45.02 -17.33
CA GLY F 172 15.93 45.88 -17.57
C GLY F 172 15.50 46.72 -16.39
N ALA F 173 16.23 46.68 -15.28
CA ALA F 173 15.88 47.50 -14.13
C ALA F 173 16.24 48.96 -14.39
N GLU F 174 15.51 49.86 -13.72
CA GLU F 174 15.81 51.29 -13.83
C GLU F 174 17.11 51.61 -13.13
N ALA F 175 17.17 51.35 -11.83
CA ALA F 175 18.36 51.61 -11.04
C ALA F 175 18.47 50.56 -9.96
N VAL F 176 19.68 50.07 -9.72
CA VAL F 176 19.93 49.03 -8.73
C VAL F 176 20.91 49.58 -7.71
N GLU F 177 20.48 49.59 -6.45
CA GLU F 177 21.28 50.12 -5.35
C GLU F 177 21.59 49.00 -4.38
N VAL F 178 22.88 48.78 -4.13
CA VAL F 178 23.35 47.70 -3.27
C VAL F 178 23.86 48.29 -1.97
N ARG F 179 23.31 47.81 -0.85
CA ARG F 179 23.76 48.18 0.48
C ARG F 179 24.46 47.00 1.11
N ILE F 180 25.61 47.25 1.74
CA ILE F 180 26.41 46.21 2.36
C ILE F 180 26.72 46.65 3.78
N ASN F 181 26.43 45.79 4.75
CA ASN F 181 26.63 46.10 6.17
C ASN F 181 27.56 45.07 6.77
N HIS F 182 28.59 45.55 7.47
CA HIS F 182 29.47 44.69 8.26
C HIS F 182 29.05 44.77 9.72
N ILE F 183 28.68 43.62 10.28
CA ILE F 183 28.19 43.55 11.65
C ILE F 183 29.13 42.68 12.47
N ARG F 184 29.53 43.18 13.64
CA ARG F 184 30.24 42.40 14.63
C ARG F 184 29.32 41.87 15.71
N GLN F 185 28.22 42.58 15.93
CA GLN F 185 27.17 42.23 16.87
C GLN F 185 25.86 42.56 16.18
N GLY F 186 24.80 42.76 16.96
CA GLY F 186 23.64 43.47 16.43
C GLY F 186 23.97 44.88 15.95
N GLU F 187 25.02 45.48 16.50
CA GLU F 187 25.59 46.72 15.97
C GLU F 187 26.10 46.50 14.55
N VAL F 188 26.04 47.57 13.75
CA VAL F 188 26.55 47.57 12.39
C VAL F 188 27.86 48.33 12.41
N ALA F 189 28.97 47.62 12.29
CA ALA F 189 30.28 48.25 12.42
C ALA F 189 30.66 49.07 11.19
N ARG F 190 30.10 48.75 10.03
CA ARG F 190 30.41 49.47 8.81
C ARG F 190 29.24 49.30 7.86
N ALA F 191 28.96 50.36 7.09
CA ALA F 191 27.76 50.37 6.26
C ALA F 191 28.02 51.23 5.03
N TRP F 192 27.98 50.63 3.84
CA TRP F 192 28.28 51.32 2.60
C TRP F 192 27.13 51.22 1.60
N ARG F 193 27.14 52.16 0.66
CA ARG F 193 26.07 52.38 -0.30
C ARG F 193 26.69 52.38 -1.69
N PHE F 194 26.12 51.60 -2.60
CA PHE F 194 26.70 51.42 -3.92
C PHE F 194 25.68 51.76 -5.00
N ASP F 195 26.16 51.76 -6.25
CA ASP F 195 25.34 51.93 -7.43
C ASP F 195 25.74 50.81 -8.39
N ALA F 196 24.88 49.80 -8.49
CA ALA F 196 25.26 48.57 -9.19
C ALA F 196 25.21 48.67 -10.69
N LEU F 197 24.71 49.78 -11.24
CA LEU F 197 24.73 49.97 -12.68
C LEU F 197 25.88 50.83 -13.15
N ALA F 198 26.31 51.80 -12.34
CA ALA F 198 27.52 52.56 -12.65
C ALA F 198 28.75 51.66 -12.53
N ILE F 199 28.81 50.85 -11.49
CA ILE F 199 29.82 49.80 -11.41
C ILE F 199 29.45 48.72 -12.43
N GLY F 200 30.31 48.51 -13.41
CA GLY F 200 29.96 47.74 -14.57
C GLY F 200 29.82 46.25 -14.31
N LEU F 201 29.34 45.56 -15.34
CA LEU F 201 29.18 44.12 -15.28
C LEU F 201 30.47 43.39 -15.66
N ARG F 202 31.33 44.03 -16.44
CA ARG F 202 32.53 43.39 -16.97
C ARG F 202 33.83 44.00 -16.49
N ASP F 203 33.81 45.22 -15.99
CA ASP F 203 35.04 45.92 -15.63
C ASP F 203 35.34 45.72 -14.15
N PHE F 204 36.56 45.24 -13.86
CA PHE F 204 37.05 45.15 -12.49
C PHE F 204 37.99 46.34 -12.28
N LYS F 205 37.40 47.49 -12.01
CA LYS F 205 38.13 48.74 -11.89
C LYS F 205 38.46 49.04 -10.43
N ALA F 206 39.42 49.94 -10.25
CA ALA F 206 39.75 50.44 -8.92
C ALA F 206 38.71 51.46 -8.49
N ASP F 207 38.39 51.47 -7.21
CA ASP F 207 37.38 52.38 -6.69
C ASP F 207 37.78 52.77 -5.27
N ALA F 208 37.33 53.96 -4.85
CA ALA F 208 37.70 54.49 -3.55
C ALA F 208 36.99 53.78 -2.40
N GLU F 209 35.93 53.03 -2.68
CA GLU F 209 35.25 52.25 -1.66
C GLU F 209 35.49 50.76 -1.79
N LEU F 210 35.70 50.26 -3.01
CA LEU F 210 35.90 48.82 -3.20
C LEU F 210 37.25 48.37 -2.68
N ASP F 211 38.24 49.26 -2.69
CA ASP F 211 39.54 48.90 -2.14
C ASP F 211 39.50 48.71 -0.63
N ALA F 212 38.67 49.50 0.05
CA ALA F 212 38.52 49.39 1.49
C ALA F 212 37.39 48.43 1.88
N LEU F 213 36.69 47.84 0.91
CA LEU F 213 35.88 46.67 1.18
C LEU F 213 36.66 45.40 0.92
N ALA F 214 37.60 45.44 -0.02
CA ALA F 214 38.48 44.32 -0.25
C ALA F 214 39.41 44.07 0.94
N GLU F 215 39.75 45.13 1.69
CA GLU F 215 40.54 44.97 2.90
C GLU F 215 39.78 44.19 3.97
N LEU F 216 38.46 44.29 3.98
CA LEU F 216 37.67 43.51 4.92
C LEU F 216 37.56 42.06 4.50
N ILE F 217 37.53 41.79 3.20
CA ILE F 217 37.49 40.40 2.74
C ILE F 217 38.87 39.76 2.86
N ALA F 218 39.92 40.53 2.58
CA ALA F 218 41.28 40.00 2.73
C ALA F 218 41.63 39.76 4.19
N SER F 219 41.08 40.55 5.10
CA SER F 219 41.22 40.24 6.51
C SER F 219 40.46 38.97 6.89
N GLY F 220 39.34 38.73 6.25
CA GLY F 220 38.58 37.52 6.50
C GLY F 220 39.20 36.29 5.87
N LEU F 221 39.61 36.40 4.60
CA LEU F 221 40.19 35.26 3.90
C LEU F 221 41.56 34.86 4.43
N SER F 222 42.27 35.77 5.09
CA SER F 222 43.54 35.40 5.70
C SER F 222 43.38 34.90 7.13
N GLY F 223 42.27 35.21 7.77
CA GLY F 223 42.03 34.79 9.13
C GLY F 223 42.29 35.82 10.19
N SER F 224 42.18 37.11 9.86
CA SER F 224 42.48 38.17 10.81
C SER F 224 41.26 38.62 11.61
N GLY F 225 40.12 37.97 11.44
CA GLY F 225 38.94 38.33 12.18
C GLY F 225 37.73 37.60 11.64
N HIS F 226 36.59 37.85 12.31
CA HIS F 226 35.32 37.28 11.91
C HIS F 226 34.57 38.33 11.09
N VAL F 227 34.38 38.05 9.80
CA VAL F 227 33.70 38.95 8.89
C VAL F 227 32.35 38.34 8.54
N LEU F 228 31.27 39.03 8.90
CA LEU F 228 29.92 38.65 8.52
C LEU F 228 29.29 39.83 7.82
N LEU F 229 28.89 39.64 6.56
CA LEU F 229 28.42 40.72 5.71
C LEU F 229 26.94 40.54 5.42
N GLU F 230 26.15 41.56 5.74
CA GLU F 230 24.75 41.61 5.34
C GLU F 230 24.65 42.36 4.03
N VAL F 231 24.05 41.73 3.02
CA VAL F 231 23.97 42.29 1.67
C VAL F 231 22.52 42.49 1.32
N VAL F 232 22.15 43.73 1.00
CA VAL F 232 20.79 44.09 0.62
C VAL F 232 20.85 44.74 -0.76
N ALA F 233 20.01 44.26 -1.67
CA ALA F 233 20.00 44.76 -3.04
C ALA F 233 18.61 45.22 -3.40
N PHE F 234 18.48 46.49 -3.78
CA PHE F 234 17.23 47.06 -4.23
C PHE F 234 17.24 47.21 -5.74
N ALA F 235 16.09 46.99 -6.37
CA ALA F 235 16.01 47.04 -7.83
C ALA F 235 14.67 47.62 -8.24
N ARG F 236 14.69 48.87 -8.69
CA ARG F 236 13.49 49.50 -9.25
C ARG F 236 13.16 48.83 -10.57
N ILE F 237 12.04 48.11 -10.61
CA ILE F 237 11.70 47.23 -11.71
C ILE F 237 10.37 47.63 -12.36
N GLY F 238 9.32 47.77 -11.58
CA GLY F 238 8.06 48.24 -12.10
C GLY F 238 6.90 47.75 -11.28
N ASP F 239 5.75 48.37 -11.51
CA ASP F 239 4.53 48.06 -10.78
C ASP F 239 4.00 46.71 -11.25
N GLY F 240 4.07 45.71 -10.37
CA GLY F 240 3.53 44.41 -10.70
C GLY F 240 4.31 43.61 -11.69
N GLN F 241 5.55 44.00 -11.99
CA GLN F 241 6.37 43.27 -12.94
C GLN F 241 6.83 41.95 -12.35
N GLU F 242 7.29 41.07 -13.22
CA GLU F 242 7.60 39.69 -12.85
C GLU F 242 9.06 39.57 -12.47
N VAL F 243 9.31 39.30 -11.19
CA VAL F 243 10.57 38.78 -10.75
C VAL F 243 10.38 37.30 -10.47
N PHE F 244 11.48 36.59 -10.29
CA PHE F 244 11.35 35.17 -10.09
C PHE F 244 12.55 34.65 -9.31
N PRO F 245 12.33 33.72 -8.40
CA PRO F 245 13.44 33.13 -7.67
C PRO F 245 14.13 32.04 -8.44
N SER F 246 15.06 31.35 -7.80
CA SER F 246 15.65 30.16 -8.40
C SER F 246 14.60 29.07 -8.48
N GLN F 247 14.74 28.24 -9.51
CA GLN F 247 13.71 27.29 -9.90
C GLN F 247 14.07 25.90 -9.42
N GLU F 248 13.11 25.23 -8.79
CA GLU F 248 13.32 23.92 -8.22
C GLU F 248 13.22 22.83 -9.28
N LEU F 249 13.21 21.58 -8.82
CA LEU F 249 13.15 20.40 -9.66
C LEU F 249 11.91 19.61 -9.31
N ILE F 250 11.19 19.16 -10.33
CA ILE F 250 10.00 18.36 -10.14
C ILE F 250 10.38 16.88 -10.25
N LEU F 251 9.54 16.02 -9.69
CA LEU F 251 9.70 14.59 -9.77
C LEU F 251 8.84 14.04 -10.89
N ASP F 252 9.28 12.92 -11.47
CA ASP F 252 8.62 12.35 -12.65
C ASP F 252 7.39 11.57 -12.18
N LYS F 253 6.22 12.17 -12.37
CA LYS F 253 4.95 11.53 -12.03
C LYS F 253 4.02 11.36 -13.22
N GLY F 254 3.89 12.40 -14.06
CA GLY F 254 2.96 12.35 -15.16
C GLY F 254 1.52 12.39 -14.70
N ASP F 255 1.14 13.47 -14.01
CA ASP F 255 -0.17 13.56 -13.40
C ASP F 255 -1.22 13.95 -14.44
N LYS F 256 -2.47 14.09 -13.97
CA LYS F 256 -3.59 14.33 -14.87
C LYS F 256 -3.70 15.82 -15.19
N LYS F 257 -3.85 16.12 -16.50
CA LYS F 257 -4.18 17.44 -17.02
C LYS F 257 -3.13 18.48 -16.68
N GLY F 258 -1.91 18.26 -17.17
CA GLY F 258 -0.87 19.26 -17.05
C GLY F 258 -0.31 19.47 -15.66
N GLN F 259 0.49 18.50 -15.19
CA GLN F 259 1.14 18.61 -13.90
C GLN F 259 2.09 19.80 -13.86
N LYS F 260 2.43 20.22 -12.64
CA LYS F 260 3.14 21.48 -12.41
C LYS F 260 4.57 21.38 -12.90
N SER F 261 4.87 22.10 -13.98
CA SER F 261 6.20 22.03 -14.58
C SER F 261 7.18 22.95 -13.85
N LYS F 262 6.90 24.24 -13.80
CA LYS F 262 7.81 25.21 -13.21
C LYS F 262 7.42 25.44 -11.76
N THR F 263 8.26 24.95 -10.84
CA THR F 263 8.13 25.25 -9.43
C THR F 263 9.21 26.23 -9.02
N LEU F 264 8.94 27.00 -7.98
CA LEU F 264 9.87 28.03 -7.53
C LEU F 264 10.24 27.80 -6.08
N TYR F 265 11.50 28.08 -5.75
CA TYR F 265 12.04 27.84 -4.42
C TYR F 265 11.53 28.90 -3.48
N SER F 266 10.63 28.52 -2.59
CA SER F 266 10.11 29.40 -1.55
C SER F 266 10.32 28.75 -0.19
N VAL F 267 10.80 29.54 0.77
CA VAL F 267 11.01 29.07 2.13
C VAL F 267 10.24 29.98 3.08
N ARG F 268 9.35 29.37 3.87
CA ARG F 268 8.43 30.04 4.79
C ARG F 268 7.59 31.10 4.08
N ASP F 269 7.02 30.70 2.94
CA ASP F 269 6.13 31.51 2.10
C ASP F 269 6.81 32.80 1.64
N ALA F 270 8.01 32.65 1.08
CA ALA F 270 8.79 33.78 0.60
C ALA F 270 9.70 33.29 -0.51
N ALA F 271 9.55 33.87 -1.70
CA ALA F 271 10.33 33.45 -2.85
C ALA F 271 11.81 33.75 -2.63
N ALA F 272 12.66 32.73 -2.84
CA ALA F 272 14.03 32.81 -2.39
C ALA F 272 14.98 32.23 -3.42
N ILE F 273 16.17 32.78 -3.45
CA ILE F 273 17.24 32.35 -4.34
C ILE F 273 18.11 31.34 -3.57
N HIS F 274 18.57 30.30 -4.26
CA HIS F 274 19.40 29.27 -3.64
C HIS F 274 20.73 29.86 -3.18
N SER F 275 21.32 29.20 -2.17
CA SER F 275 22.58 29.68 -1.64
C SER F 275 23.73 29.41 -2.58
N GLN F 276 23.68 28.30 -3.33
CA GLN F 276 24.75 28.00 -4.27
C GLN F 276 24.67 28.87 -5.51
N LYS F 277 23.52 29.46 -5.79
CA LYS F 277 23.38 30.36 -6.93
C LYS F 277 24.02 31.71 -6.64
N ILE F 278 23.84 32.22 -5.43
CA ILE F 278 24.54 33.43 -5.00
C ILE F 278 26.04 33.19 -5.00
N GLY F 279 26.46 32.04 -4.47
CA GLY F 279 27.88 31.70 -4.45
C GLY F 279 28.46 31.52 -5.84
N ASN F 280 27.64 31.13 -6.81
CA ASN F 280 28.07 31.09 -8.20
C ASN F 280 28.34 32.49 -8.72
N ALA F 281 27.50 33.46 -8.35
CA ALA F 281 27.63 34.80 -8.88
C ALA F 281 28.82 35.54 -8.28
N LEU F 282 29.18 35.23 -7.03
CA LEU F 282 30.26 35.95 -6.37
C LEU F 282 31.61 35.60 -6.96
N ARG F 283 31.86 34.32 -7.21
CA ARG F 283 33.17 33.88 -7.68
C ARG F 283 33.31 33.95 -9.20
N THR F 284 32.49 34.76 -9.87
CA THR F 284 32.76 35.07 -11.26
C THR F 284 33.93 36.03 -11.34
N ILE F 285 35.13 35.48 -11.45
CA ILE F 285 36.37 36.24 -11.34
C ILE F 285 37.22 36.02 -12.57
N ASP F 286 37.07 34.85 -13.17
CA ASP F 286 38.08 34.29 -14.07
C ASP F 286 38.13 35.04 -15.39
N THR F 287 38.96 36.08 -15.45
CA THR F 287 39.29 36.76 -16.69
C THR F 287 40.54 36.18 -17.34
N TRP F 288 40.88 34.94 -17.02
CA TRP F 288 42.06 34.28 -17.57
C TRP F 288 41.59 33.07 -18.35
N TYR F 289 41.89 33.05 -19.64
CA TYR F 289 41.37 32.01 -20.52
C TYR F 289 42.47 31.51 -21.43
N PRO F 290 42.26 30.38 -22.11
CA PRO F 290 43.04 30.15 -23.33
C PRO F 290 42.57 31.02 -24.49
N ASP F 291 41.25 31.21 -24.63
CA ASP F 291 40.73 31.82 -25.86
C ASP F 291 40.80 33.34 -25.84
N GLU F 292 40.03 33.98 -24.96
CA GLU F 292 39.86 35.42 -25.01
C GLU F 292 39.24 35.91 -23.71
N ASP F 293 39.86 36.92 -23.11
CA ASP F 293 39.29 37.59 -21.94
C ASP F 293 38.28 38.67 -22.32
N GLY F 294 38.05 38.90 -23.61
CA GLY F 294 37.12 39.93 -24.05
C GLY F 294 35.65 39.59 -23.86
N LEU F 295 35.34 38.36 -23.46
CA LEU F 295 33.97 37.95 -23.20
C LEU F 295 33.56 38.12 -21.75
N GLY F 296 34.38 38.79 -20.95
CA GLY F 296 34.08 38.99 -19.55
C GLY F 296 34.49 37.81 -18.70
N PRO F 297 34.37 37.94 -17.38
CA PRO F 297 34.76 36.85 -16.49
C PRO F 297 33.71 35.76 -16.46
N ILE F 298 34.17 34.56 -16.10
CA ILE F 298 33.26 33.45 -15.79
C ILE F 298 33.54 32.98 -14.38
N ALA F 299 32.77 32.00 -13.92
CA ALA F 299 32.92 31.49 -12.57
C ALA F 299 34.17 30.64 -12.44
N VAL F 300 34.78 30.70 -11.27
CA VAL F 300 35.98 29.92 -11.00
C VAL F 300 35.57 28.46 -10.83
N GLU F 301 35.94 27.62 -11.78
CA GLU F 301 35.58 26.21 -11.79
C GLU F 301 36.78 25.38 -12.23
N PRO F 302 36.94 24.19 -11.68
CA PRO F 302 37.84 23.21 -12.32
C PRO F 302 37.23 22.79 -13.64
N TYR F 303 38.09 22.68 -14.66
CA TYR F 303 37.68 22.55 -16.07
C TYR F 303 36.70 23.66 -16.43
N GLY F 304 37.18 24.91 -16.38
CA GLY F 304 36.32 26.07 -16.18
C GLY F 304 35.22 26.28 -17.20
N SER F 305 33.99 25.96 -16.79
CA SER F 305 32.90 25.73 -17.72
C SER F 305 31.71 26.62 -17.40
N VAL F 306 30.90 26.86 -18.42
CA VAL F 306 29.65 27.59 -18.30
C VAL F 306 28.54 26.68 -18.80
N THR F 307 27.46 26.56 -18.03
CA THR F 307 26.35 25.72 -18.44
C THR F 307 25.60 26.31 -19.62
N SER F 308 25.41 27.63 -19.63
CA SER F 308 24.65 28.26 -20.70
C SER F 308 25.43 28.29 -22.02
N GLN F 309 26.75 28.44 -21.95
CA GLN F 309 27.56 28.39 -23.16
C GLN F 309 27.64 26.98 -23.74
N GLY F 310 27.42 25.95 -22.93
CA GLY F 310 27.44 24.58 -23.40
C GLY F 310 28.80 23.99 -23.69
N LYS F 311 29.86 24.80 -23.72
CA LYS F 311 31.21 24.32 -23.88
C LYS F 311 32.02 24.68 -22.64
N ALA F 312 33.14 24.01 -22.48
CA ALA F 312 34.02 24.24 -21.35
C ALA F 312 35.24 25.01 -21.82
N TYR F 313 35.43 26.21 -21.27
CA TYR F 313 36.70 26.89 -21.43
C TYR F 313 37.74 26.18 -20.58
N ARG F 314 39.02 26.50 -20.85
CA ARG F 314 40.17 26.04 -20.06
C ARG F 314 40.24 24.51 -20.10
N GLN F 315 40.43 23.99 -21.31
CA GLN F 315 40.41 22.55 -21.52
C GLN F 315 41.65 21.90 -20.90
N PRO F 316 41.52 20.63 -20.48
CA PRO F 316 42.71 19.89 -20.03
C PRO F 316 43.65 19.49 -21.15
N LYS F 317 43.23 19.58 -22.42
CA LYS F 317 44.19 19.46 -23.49
C LYS F 317 45.10 20.67 -23.54
N GLN F 318 44.63 21.82 -23.05
CA GLN F 318 45.50 22.93 -22.73
C GLN F 318 46.07 22.72 -21.34
N LYS F 319 47.16 23.43 -21.05
CA LYS F 319 47.83 23.30 -19.77
C LYS F 319 47.36 24.34 -18.76
N LEU F 320 46.12 24.83 -18.89
CA LEU F 320 45.60 25.86 -18.01
C LEU F 320 44.60 25.34 -17.00
N ASP F 321 44.30 24.04 -17.02
CA ASP F 321 43.36 23.37 -16.11
C ASP F 321 43.75 23.56 -14.65
N PHE F 322 42.76 23.47 -13.74
CA PHE F 322 43.06 23.53 -12.32
C PHE F 322 43.91 22.33 -11.87
N TYR F 323 43.52 21.13 -12.28
CA TYR F 323 44.25 19.94 -11.85
C TYR F 323 45.63 19.86 -12.50
N THR F 324 45.78 20.46 -13.68
CA THR F 324 47.09 20.50 -14.32
C THR F 324 48.02 21.45 -13.57
N LEU F 325 47.53 22.64 -13.25
CA LEU F 325 48.37 23.65 -12.62
C LEU F 325 48.64 23.36 -11.16
N LEU F 326 47.71 22.71 -10.46
CA LEU F 326 47.92 22.40 -9.04
C LEU F 326 49.04 21.40 -8.85
N ASP F 327 49.13 20.40 -9.73
CA ASP F 327 50.15 19.39 -9.57
C ASP F 327 51.53 19.91 -9.91
N ASN F 328 51.62 20.78 -10.92
CA ASN F 328 52.93 21.32 -11.32
C ASN F 328 53.47 22.29 -10.27
N TRP F 329 52.59 23.06 -9.66
CA TRP F 329 53.00 24.07 -8.70
C TRP F 329 53.22 23.51 -7.30
N VAL F 330 52.89 22.25 -7.07
CA VAL F 330 53.09 21.59 -5.79
C VAL F 330 54.09 20.44 -5.89
N LEU F 331 53.85 19.50 -6.81
CA LEU F 331 54.72 18.34 -6.91
C LEU F 331 56.03 18.68 -7.61
N ARG F 332 55.94 19.23 -8.82
CA ARG F 332 57.13 19.52 -9.61
C ARG F 332 57.63 20.93 -9.43
N ASP F 333 56.98 21.73 -8.56
CA ASP F 333 57.37 23.09 -8.21
C ASP F 333 57.41 24.03 -9.42
N GLU F 334 56.63 23.73 -10.45
CA GLU F 334 56.58 24.56 -11.64
C GLU F 334 55.58 25.68 -11.38
N ALA F 335 56.09 26.83 -10.96
CA ALA F 335 55.23 27.95 -10.62
C ALA F 335 54.63 28.56 -11.88
N PRO F 336 53.30 28.67 -11.97
CA PRO F 336 52.70 29.32 -13.14
C PRO F 336 52.83 30.83 -13.09
N ALA F 337 52.18 31.51 -14.03
CA ALA F 337 52.21 32.97 -14.06
C ALA F 337 51.52 33.56 -12.84
N VAL F 338 51.95 34.77 -12.46
CA VAL F 338 51.38 35.45 -11.31
C VAL F 338 49.90 35.74 -11.55
N GLU F 339 49.55 36.09 -12.78
CA GLU F 339 48.15 36.25 -13.17
C GLU F 339 47.40 34.92 -13.18
N GLN F 340 48.10 33.80 -13.17
CA GLN F 340 47.49 32.48 -13.20
C GLN F 340 47.47 31.82 -11.84
N GLN F 341 48.35 32.24 -10.92
CA GLN F 341 48.32 31.73 -9.55
C GLN F 341 47.09 32.16 -8.79
N HIS F 342 46.44 33.27 -9.20
CA HIS F 342 45.21 33.68 -8.56
C HIS F 342 44.08 32.70 -8.84
N TYR F 343 44.15 32.00 -9.97
CA TYR F 343 43.09 31.08 -10.34
C TYR F 343 43.13 29.80 -9.51
N VAL F 344 44.32 29.32 -9.18
CA VAL F 344 44.44 28.06 -8.47
C VAL F 344 43.99 28.23 -7.03
N ILE F 345 44.34 29.35 -6.41
CA ILE F 345 43.92 29.64 -5.05
C ILE F 345 42.41 29.85 -4.98
N ALA F 346 41.83 30.44 -6.03
CA ALA F 346 40.40 30.71 -6.02
C ALA F 346 39.57 29.44 -6.13
N ASN F 347 40.14 28.38 -6.72
CA ASN F 347 39.47 27.08 -6.65
C ASN F 347 39.59 26.44 -5.28
N LEU F 348 40.62 26.79 -4.51
CA LEU F 348 40.71 26.28 -3.16
C LEU F 348 39.77 27.01 -2.21
N ILE F 349 39.23 28.15 -2.63
CA ILE F 349 38.32 28.91 -1.79
C ILE F 349 36.89 28.40 -1.95
N ARG F 350 36.51 28.01 -3.16
CA ARG F 350 35.18 27.45 -3.36
C ARG F 350 35.05 26.04 -2.81
N GLY F 351 36.15 25.40 -2.43
CA GLY F 351 36.07 24.04 -1.95
C GLY F 351 36.04 23.04 -3.10
N GLY F 352 35.57 21.85 -2.79
CA GLY F 352 35.42 20.80 -3.76
C GLY F 352 36.05 19.50 -3.27
N VAL F 353 35.77 18.45 -4.04
CA VAL F 353 36.31 17.13 -3.75
C VAL F 353 37.42 16.86 -4.74
N PHE F 354 38.66 17.14 -4.34
CA PHE F 354 39.79 17.07 -5.23
C PHE F 354 40.49 15.72 -5.04
N GLY F 355 41.56 15.50 -5.80
CA GLY F 355 42.24 14.23 -5.74
C GLY F 355 41.41 13.13 -6.37
N GLU F 356 41.88 11.90 -6.17
CA GLU F 356 41.20 10.73 -6.68
C GLU F 356 39.92 10.46 -5.90
N ILE G 23 50.59 -20.23 30.89
CA ILE G 23 49.53 -19.74 31.77
C ILE G 23 49.29 -18.27 31.52
N LEU G 24 48.15 -17.77 32.03
CA LEU G 24 47.69 -16.39 31.90
C LEU G 24 47.60 -15.98 30.42
N SER G 25 46.67 -16.64 29.74
CA SER G 25 46.33 -16.24 28.38
C SER G 25 45.25 -15.16 28.41
N THR G 26 45.13 -14.44 27.29
CA THR G 26 44.05 -13.48 27.14
C THR G 26 42.71 -14.20 27.04
N ALA G 27 41.65 -13.47 27.39
CA ALA G 27 40.31 -14.01 27.26
C ALA G 27 39.91 -14.04 25.80
N SER G 28 39.14 -15.06 25.43
CA SER G 28 38.63 -15.14 24.07
C SER G 28 37.55 -14.09 23.82
N VAL G 29 36.79 -13.75 24.85
CA VAL G 29 35.77 -12.71 24.78
C VAL G 29 36.05 -11.69 25.85
N LEU G 30 36.21 -10.43 25.45
CA LEU G 30 36.08 -9.30 26.35
C LEU G 30 35.16 -8.27 25.72
N ALA G 31 34.40 -7.59 26.56
CA ALA G 31 33.46 -6.58 26.11
C ALA G 31 33.21 -5.64 27.26
N PHE G 32 33.40 -4.35 27.04
CA PHE G 32 33.21 -3.33 28.06
C PHE G 32 32.05 -2.45 27.66
N GLU G 33 31.07 -2.33 28.55
CA GLU G 33 30.02 -1.34 28.36
C GLU G 33 30.62 0.06 28.46
N ARG G 34 30.09 0.97 27.66
CA ARG G 34 30.72 2.28 27.63
C ARG G 34 30.33 3.10 28.84
N LYS G 35 31.18 4.07 29.14
CA LYS G 35 30.92 5.09 30.13
C LYS G 35 30.99 6.43 29.40
N LEU G 36 30.55 7.49 30.08
CA LEU G 36 30.35 8.82 29.49
C LEU G 36 29.40 8.72 28.29
N ASP G 37 28.15 8.38 28.59
CA ASP G 37 27.14 8.07 27.59
C ASP G 37 26.34 9.33 27.26
N PRO G 38 26.51 9.93 26.09
CA PRO G 38 25.74 11.13 25.75
C PRO G 38 24.42 10.75 25.09
N SER G 39 23.61 11.77 24.85
CA SER G 39 22.38 11.65 24.09
C SER G 39 22.56 12.31 22.73
N ASP G 40 21.57 12.09 21.86
CA ASP G 40 21.45 12.92 20.66
C ASP G 40 21.22 14.37 21.04
N ALA G 41 21.84 15.27 20.32
CA ALA G 41 21.75 16.69 20.62
C ALA G 41 20.89 17.39 19.58
N LEU G 42 19.89 18.11 20.04
CA LEU G 42 18.91 18.72 19.17
C LEU G 42 19.32 20.16 18.88
N MET G 43 18.98 20.63 17.69
CA MET G 43 19.37 21.97 17.28
C MET G 43 18.14 22.86 17.21
N SER G 44 18.29 24.09 17.71
CA SER G 44 17.26 25.10 17.67
C SER G 44 17.93 26.45 17.55
N ALA G 45 17.20 27.42 17.02
CA ALA G 45 17.79 28.71 16.68
C ALA G 45 17.12 29.82 17.46
N GLY G 46 17.78 30.97 17.48
CA GLY G 46 17.27 32.10 18.23
C GLY G 46 18.22 33.26 18.12
N ALA G 47 18.01 34.25 18.99
CA ALA G 47 18.85 35.43 19.03
C ALA G 47 19.79 35.38 20.22
N TRP G 48 20.96 35.98 20.06
CA TRP G 48 21.98 35.95 21.10
C TRP G 48 21.60 36.76 22.32
N ALA G 49 20.69 37.74 22.17
CA ALA G 49 20.24 38.49 23.34
C ALA G 49 19.38 37.62 24.25
N GLN G 50 18.62 36.68 23.69
CA GLN G 50 17.77 35.82 24.50
C GLN G 50 18.45 34.51 24.85
N ARG G 51 19.67 34.56 25.36
CA ARG G 51 20.32 33.35 25.82
C ARG G 51 19.76 32.89 27.16
N ASP G 52 19.13 33.79 27.92
CA ASP G 52 18.49 33.38 29.16
C ASP G 52 17.17 32.67 28.89
N ALA G 53 16.32 33.27 28.05
CA ALA G 53 14.99 32.74 27.78
C ALA G 53 14.98 31.76 26.62
N SER G 54 16.09 31.06 26.38
CA SER G 54 16.22 30.12 25.27
C SER G 54 15.64 28.77 25.66
N GLN G 55 14.34 28.75 25.86
CA GLN G 55 13.65 27.49 26.13
C GLN G 55 12.52 27.25 25.16
N GLU G 56 11.84 28.30 24.70
CA GLU G 56 10.77 28.19 23.72
C GLU G 56 11.27 28.44 22.30
N TRP G 57 12.55 28.15 22.06
CA TRP G 57 13.10 28.38 20.74
C TRP G 57 12.66 27.29 19.76
N PRO G 58 12.29 27.68 18.54
CA PRO G 58 11.90 26.67 17.56
C PRO G 58 13.12 25.92 17.03
N ALA G 59 12.92 24.65 16.73
CA ALA G 59 14.01 23.82 16.27
C ALA G 59 14.36 24.12 14.83
N VAL G 60 15.53 23.67 14.42
CA VAL G 60 15.98 23.80 13.03
C VAL G 60 15.43 22.63 12.25
N THR G 61 14.69 22.92 11.18
CA THR G 61 14.04 21.89 10.38
C THR G 61 14.88 21.56 9.16
N VAL G 62 14.96 20.27 8.84
CA VAL G 62 15.66 19.80 7.66
C VAL G 62 14.70 19.90 6.47
N ARG G 63 15.12 20.63 5.44
CA ARG G 63 14.28 20.89 4.29
C ARG G 63 15.05 20.52 3.02
N GLU G 64 14.31 20.43 1.92
CA GLU G 64 14.87 20.00 0.65
C GLU G 64 15.15 21.19 -0.25
N LYS G 65 16.16 21.05 -1.11
CA LYS G 65 16.35 21.95 -2.22
C LYS G 65 17.10 21.20 -3.31
N SER G 66 17.05 21.75 -4.52
CA SER G 66 17.61 21.10 -5.69
C SER G 66 18.87 21.83 -6.12
N VAL G 67 19.92 21.06 -6.41
CA VAL G 67 21.18 21.61 -6.88
C VAL G 67 21.49 21.00 -8.23
N ARG G 68 22.37 21.67 -8.97
CA ARG G 68 22.96 21.07 -10.16
C ARG G 68 24.37 21.60 -10.29
N GLY G 69 25.30 20.75 -10.71
CA GLY G 69 26.68 21.13 -10.82
C GLY G 69 27.31 20.52 -12.06
N THR G 70 28.38 21.17 -12.51
CA THR G 70 29.13 20.66 -13.64
C THR G 70 30.07 19.54 -13.18
N ILE G 71 30.81 18.99 -14.14
CA ILE G 71 31.79 17.95 -13.83
C ILE G 71 33.01 18.62 -13.23
N SER G 72 33.39 18.19 -12.02
CA SER G 72 34.51 18.81 -11.32
C SER G 72 35.46 17.81 -10.69
N ASN G 73 35.25 16.51 -10.87
CA ASN G 73 36.15 15.53 -10.29
C ASN G 73 37.45 15.46 -11.07
N ARG G 74 38.45 14.81 -10.48
CA ARG G 74 39.71 14.60 -11.17
C ARG G 74 39.48 13.56 -12.25
N LEU G 75 39.18 14.03 -13.45
CA LEU G 75 38.76 13.18 -14.54
C LEU G 75 39.96 12.41 -15.09
N LYS G 76 39.66 11.27 -15.72
CA LYS G 76 40.67 10.32 -16.16
C LYS G 76 41.55 10.92 -17.25
N THR G 77 42.83 10.50 -17.24
CA THR G 77 43.81 11.02 -18.19
C THR G 77 43.48 10.63 -19.63
N LYS G 78 42.78 9.50 -19.82
CA LYS G 78 42.49 9.01 -21.17
C LYS G 78 41.47 9.90 -21.88
N ASP G 79 40.26 10.02 -21.33
CA ASP G 79 39.15 10.67 -22.03
C ASP G 79 39.18 12.18 -21.84
N ARG G 80 40.23 12.81 -22.39
CA ARG G 80 40.36 14.26 -22.35
C ARG G 80 39.93 14.92 -23.66
N ASP G 81 39.12 14.23 -24.45
CA ASP G 81 38.57 14.85 -25.65
C ASP G 81 37.53 15.88 -25.25
N PRO G 82 37.61 17.11 -25.77
CA PRO G 82 36.64 18.15 -25.38
C PRO G 82 35.23 17.87 -25.86
N ALA G 83 35.06 17.11 -26.94
CA ALA G 83 33.73 16.73 -27.39
C ALA G 83 33.03 15.84 -26.38
N LYS G 84 33.78 15.00 -25.67
CA LYS G 84 33.19 14.24 -24.57
C LYS G 84 32.94 15.13 -23.36
N LEU G 85 33.80 16.13 -23.14
CA LEU G 85 33.62 17.05 -22.03
C LEU G 85 32.43 17.98 -22.27
N ASP G 86 32.37 18.59 -23.44
CA ASP G 86 31.32 19.57 -23.73
C ASP G 86 29.95 18.93 -23.81
N ALA G 87 29.87 17.66 -24.23
CA ALA G 87 28.60 16.96 -24.19
C ALA G 87 28.23 16.53 -22.78
N SER G 88 29.22 16.35 -21.91
CA SER G 88 28.93 15.95 -20.53
C SER G 88 28.38 17.12 -19.73
N ILE G 89 28.90 18.33 -19.95
CA ILE G 89 28.42 19.49 -19.20
C ILE G 89 27.16 20.09 -19.80
N GLN G 90 26.77 19.66 -21.00
CA GLN G 90 25.42 19.94 -21.47
C GLN G 90 24.39 19.00 -20.86
N SER G 91 24.84 17.87 -20.31
CA SER G 91 23.96 16.99 -19.56
C SER G 91 23.91 17.48 -18.13
N PRO G 92 22.76 17.85 -17.60
CA PRO G 92 22.69 18.37 -16.24
C PRO G 92 22.91 17.27 -15.21
N ASN G 93 23.57 17.64 -14.12
CA ASN G 93 23.66 16.78 -12.95
C ASN G 93 22.63 17.23 -11.92
N LEU G 94 21.37 16.93 -12.23
CA LEU G 94 20.27 17.33 -11.36
C LEU G 94 20.27 16.47 -10.10
N GLN G 95 19.99 17.10 -8.97
CA GLN G 95 20.26 16.48 -7.68
C GLN G 95 19.49 17.21 -6.60
N THR G 96 18.83 16.47 -5.72
CA THR G 96 18.07 17.02 -4.62
C THR G 96 18.77 16.69 -3.32
N VAL G 97 19.04 17.70 -2.49
CA VAL G 97 19.72 17.49 -1.23
C VAL G 97 18.84 18.00 -0.09
N ASP G 98 19.13 17.51 1.10
CA ASP G 98 18.49 17.98 2.31
C ASP G 98 19.42 18.97 3.00
N VAL G 99 18.92 20.17 3.26
CA VAL G 99 19.69 21.20 3.92
C VAL G 99 18.94 21.68 5.15
N ALA G 100 19.66 22.42 5.99
CA ALA G 100 19.09 22.99 7.20
C ALA G 100 19.81 24.28 7.49
N ASN G 101 19.04 25.36 7.67
CA ASN G 101 19.59 26.68 7.91
C ASN G 101 18.86 27.30 9.09
N LEU G 102 19.41 28.41 9.57
CA LEU G 102 18.71 29.18 10.58
C LEU G 102 17.58 29.97 9.93
N PRO G 103 16.63 30.47 10.71
CA PRO G 103 15.74 31.51 10.22
C PRO G 103 16.50 32.78 9.90
N SER G 104 15.86 33.62 9.07
CA SER G 104 16.50 34.85 8.60
C SER G 104 16.67 35.90 9.69
N ASP G 105 15.99 35.76 10.82
CA ASP G 105 16.18 36.67 11.94
C ASP G 105 16.96 36.09 13.10
N ALA G 106 17.10 34.76 13.17
CA ALA G 106 17.87 34.13 14.21
C ALA G 106 19.34 34.08 13.81
N ASP G 107 20.22 34.32 14.79
CA ASP G 107 21.65 34.27 14.53
C ASP G 107 22.42 33.35 15.46
N THR G 108 21.75 32.63 16.35
CA THR G 108 22.42 31.81 17.35
C THR G 108 21.85 30.41 17.33
N LEU G 109 22.72 29.43 17.15
CA LEU G 109 22.34 28.03 17.21
C LEU G 109 22.39 27.51 18.64
N LYS G 110 21.39 26.73 19.03
CA LYS G 110 21.34 26.12 20.34
C LYS G 110 21.42 24.60 20.17
N VAL G 111 22.43 23.99 20.78
CA VAL G 111 22.65 22.56 20.72
C VAL G 111 22.64 22.02 22.13
N ARG G 112 21.69 21.13 22.43
CA ARG G 112 21.42 20.68 23.79
C ARG G 112 21.40 19.16 23.87
N PHE G 113 22.22 18.60 24.75
CA PHE G 113 22.17 17.17 25.03
C PHE G 113 22.42 16.95 26.52
N THR G 114 22.21 15.71 26.94
CA THR G 114 22.48 15.29 28.32
C THR G 114 23.61 14.27 28.31
N LEU G 115 24.11 13.96 29.51
CA LEU G 115 25.28 13.11 29.64
C LEU G 115 25.22 12.37 30.97
N ARG G 116 25.50 11.08 30.94
CA ARG G 116 25.61 10.26 32.15
C ARG G 116 27.02 9.72 32.25
N VAL G 117 27.61 9.85 33.43
CA VAL G 117 28.94 9.35 33.71
C VAL G 117 28.77 8.12 34.60
N LEU G 118 28.98 6.93 34.04
CA LEU G 118 28.52 5.72 34.71
C LEU G 118 29.51 5.26 35.78
N GLY G 119 30.72 4.90 35.38
CA GLY G 119 31.72 4.48 36.34
C GLY G 119 31.79 2.96 36.48
N GLY G 120 32.92 2.51 37.02
CA GLY G 120 33.20 1.09 37.09
C GLY G 120 33.96 0.64 35.86
N ALA G 121 35.05 1.34 35.54
CA ALA G 121 35.72 1.20 34.26
C ALA G 121 36.46 -0.12 34.10
N GLY G 122 36.79 -0.79 35.19
CA GLY G 122 37.58 -2.01 35.09
C GLY G 122 36.77 -3.26 34.82
N THR G 123 35.51 -3.27 35.22
CA THR G 123 34.70 -4.48 35.15
C THR G 123 34.24 -4.73 33.73
N PRO G 124 34.56 -5.86 33.12
CA PRO G 124 34.04 -6.18 31.79
C PRO G 124 32.62 -6.71 31.88
N SER G 125 31.98 -6.78 30.72
CA SER G 125 30.63 -7.30 30.63
C SER G 125 30.56 -8.75 30.19
N ALA G 126 31.63 -9.28 29.59
CA ALA G 126 31.64 -10.66 29.14
C ALA G 126 33.09 -11.13 29.10
N CYS G 127 33.49 -11.88 30.12
CA CYS G 127 34.83 -12.45 30.19
C CYS G 127 34.75 -13.96 29.99
N ASN G 128 35.90 -14.61 30.04
CA ASN G 128 35.95 -16.07 30.00
C ASN G 128 36.79 -16.65 31.13
N ASP G 129 37.90 -16.01 31.48
CA ASP G 129 38.85 -16.53 32.45
C ASP G 129 38.76 -15.68 33.71
N ALA G 130 38.28 -16.29 34.80
CA ALA G 130 38.21 -15.61 36.08
C ALA G 130 39.60 -15.31 36.64
N ALA G 131 40.61 -16.08 36.27
CA ALA G 131 41.98 -15.73 36.64
C ALA G 131 42.44 -14.49 35.89
N TYR G 132 42.00 -14.33 34.64
CA TYR G 132 42.32 -13.14 33.88
C TYR G 132 41.47 -11.95 34.29
N ARG G 133 40.21 -12.20 34.67
CA ARG G 133 39.32 -11.12 35.06
C ARG G 133 39.74 -10.50 36.39
N ASP G 134 40.09 -11.34 37.37
CA ASP G 134 40.53 -10.81 38.65
C ASP G 134 41.91 -10.17 38.54
N LYS G 135 42.72 -10.60 37.57
CA LYS G 135 44.00 -9.94 37.35
C LYS G 135 43.80 -8.58 36.71
N LEU G 136 42.77 -8.43 35.87
CA LEU G 136 42.47 -7.14 35.28
C LEU G 136 41.91 -6.19 36.31
N LEU G 137 41.11 -6.70 37.26
CA LEU G 137 40.57 -5.86 38.31
C LEU G 137 41.65 -5.40 39.28
N GLN G 138 42.67 -6.23 39.50
CA GLN G 138 43.80 -5.79 40.32
C GLN G 138 44.65 -4.76 39.59
N THR G 139 44.62 -4.77 38.25
CA THR G 139 45.39 -3.80 37.49
C THR G 139 44.75 -2.42 37.56
N VAL G 140 43.42 -2.35 37.40
CA VAL G 140 42.71 -1.08 37.47
C VAL G 140 42.74 -0.52 38.88
N ALA G 141 42.57 -1.39 39.89
CA ALA G 141 42.63 -0.94 41.27
C ALA G 141 44.02 -0.49 41.67
N THR G 142 45.05 -1.02 41.01
CA THR G 142 46.38 -0.47 41.16
C THR G 142 46.46 0.92 40.55
N TYR G 143 45.82 1.12 39.38
CA TYR G 143 45.85 2.40 38.70
C TYR G 143 45.13 3.48 39.49
N VAL G 144 43.91 3.18 39.95
CA VAL G 144 43.07 4.19 40.60
C VAL G 144 43.67 4.62 41.94
N ASN G 145 44.23 3.66 42.68
CA ASN G 145 44.82 4.00 43.96
C ASN G 145 46.15 4.73 43.81
N ASP G 146 46.85 4.54 42.70
CA ASP G 146 48.06 5.31 42.46
C ASP G 146 47.72 6.72 41.99
N GLN G 147 47.08 6.83 40.82
CA GLN G 147 46.58 8.11 40.31
C GLN G 147 45.18 7.87 39.78
N GLY G 148 44.18 8.45 40.44
CA GLY G 148 42.80 8.21 40.07
C GLY G 148 42.36 8.85 38.76
N PHE G 149 41.06 9.05 38.60
CA PHE G 149 40.53 9.57 37.36
C PHE G 149 40.62 11.09 37.25
N ALA G 150 41.45 11.74 38.06
CA ALA G 150 41.55 13.19 38.05
C ALA G 150 42.21 13.70 36.78
N GLU G 151 43.16 12.94 36.21
CA GLU G 151 43.83 13.40 35.01
C GLU G 151 42.94 13.28 33.78
N LEU G 152 42.17 12.19 33.68
CA LEU G 152 41.27 12.04 32.56
C LEU G 152 40.11 13.02 32.65
N ALA G 153 39.53 13.18 33.84
CA ALA G 153 38.39 14.07 34.00
C ALA G 153 38.78 15.54 33.86
N ARG G 154 40.05 15.87 34.10
CA ARG G 154 40.54 17.20 33.76
C ARG G 154 40.58 17.38 32.25
N ARG G 155 40.79 16.29 31.52
CA ARG G 155 40.97 16.35 30.08
C ARG G 155 39.67 16.09 29.32
N TYR G 156 38.70 15.41 29.94
CA TYR G 156 37.34 15.38 29.40
C TYR G 156 36.60 16.68 29.63
N ALA G 157 37.02 17.48 30.63
CA ALA G 157 36.35 18.74 30.87
C ALA G 157 36.69 19.76 29.81
N HIS G 158 37.90 19.71 29.27
CA HIS G 158 38.33 20.57 28.18
C HIS G 158 37.81 20.13 26.82
N ASN G 159 36.91 19.15 26.77
CA ASN G 159 36.12 18.88 25.58
C ASN G 159 34.67 19.25 25.78
N LEU G 160 34.27 19.60 27.00
CA LEU G 160 33.01 20.27 27.25
C LEU G 160 33.18 21.76 27.52
N ALA G 161 34.39 22.18 27.92
CA ALA G 161 34.65 23.61 28.08
C ALA G 161 34.59 24.32 26.75
N ASN G 162 35.38 23.88 25.78
CA ASN G 162 35.16 24.35 24.43
C ASN G 162 34.01 23.56 23.81
N ALA G 163 33.51 24.07 22.68
CA ALA G 163 32.40 23.40 22.00
C ALA G 163 32.94 22.45 20.94
N ARG G 164 33.76 21.50 21.40
CA ARG G 164 34.33 20.48 20.53
C ARG G 164 33.26 19.66 19.84
N PHE G 165 32.14 19.41 20.52
CA PHE G 165 31.03 18.68 19.92
C PHE G 165 30.33 19.47 18.81
N LEU G 166 30.48 20.79 18.78
CA LEU G 166 30.13 21.53 17.57
C LEU G 166 31.25 21.30 16.57
N TRP G 167 31.03 20.43 15.59
CA TRP G 167 32.13 20.02 14.71
C TRP G 167 32.40 21.07 13.65
N ARG G 168 31.45 21.30 12.76
CA ARG G 168 31.58 22.32 11.73
C ARG G 168 30.84 23.59 12.13
N ASN G 169 29.93 23.50 13.09
CA ASN G 169 29.16 24.64 13.54
C ASN G 169 30.00 25.63 14.33
N ARG G 170 31.14 25.19 14.87
CA ARG G 170 32.00 26.06 15.66
C ARG G 170 32.90 26.92 14.78
N VAL G 171 33.21 26.46 13.57
CA VAL G 171 34.18 27.11 12.72
C VAL G 171 33.59 28.41 12.18
N GLY G 172 34.23 29.53 12.52
CA GLY G 172 33.77 30.83 12.09
C GLY G 172 32.54 31.31 12.82
N ALA G 173 32.68 31.55 14.11
CA ALA G 173 31.59 32.08 14.93
C ALA G 173 32.08 33.29 15.70
N GLU G 174 31.16 34.22 15.97
CA GLU G 174 31.49 35.41 16.75
C GLU G 174 31.86 35.04 18.18
N ALA G 175 30.91 34.48 18.92
CA ALA G 175 31.14 34.06 20.29
C ALA G 175 30.42 32.73 20.50
N VAL G 176 31.11 31.80 21.16
CA VAL G 176 30.54 30.49 21.46
C VAL G 176 30.53 30.33 22.97
N GLU G 177 29.36 30.05 23.52
CA GLU G 177 29.16 29.92 24.96
C GLU G 177 28.55 28.56 25.27
N VAL G 178 29.22 27.81 26.13
CA VAL G 178 28.74 26.51 26.57
C VAL G 178 28.26 26.63 28.00
N ARG G 179 27.07 26.12 28.29
CA ARG G 179 26.43 26.29 29.59
C ARG G 179 26.09 24.91 30.14
N ILE G 180 26.87 24.45 31.10
CA ILE G 180 26.78 23.09 31.63
C ILE G 180 26.07 23.15 32.97
N ASN G 181 25.09 22.26 33.16
CA ASN G 181 24.34 22.17 34.41
C ASN G 181 24.40 20.75 34.94
N HIS G 182 24.51 20.61 36.25
CA HIS G 182 24.46 19.31 36.92
C HIS G 182 23.13 19.20 37.64
N ILE G 183 22.35 18.18 37.29
CA ILE G 183 21.00 18.01 37.82
C ILE G 183 20.97 16.73 38.66
N ARG G 184 20.98 16.90 39.98
CA ARG G 184 20.85 15.74 40.88
C ARG G 184 19.42 15.22 40.91
N GLN G 185 18.45 16.10 40.69
CA GLN G 185 17.05 15.75 40.54
C GLN G 185 16.56 16.64 39.40
N GLY G 186 15.26 16.86 39.30
CA GLY G 186 14.78 17.86 38.36
C GLY G 186 15.00 19.31 38.76
N GLU G 187 16.22 19.62 39.21
CA GLU G 187 16.65 20.89 39.76
C GLU G 187 18.17 20.96 39.60
N VAL G 188 18.67 22.09 39.14
CA VAL G 188 20.09 22.24 38.86
C VAL G 188 20.87 22.34 40.17
N ALA G 189 21.85 21.45 40.35
CA ALA G 189 22.72 21.52 41.51
C ALA G 189 23.80 22.58 41.33
N ARG G 190 24.63 22.44 40.30
CA ARG G 190 25.63 23.44 39.96
C ARG G 190 25.47 23.83 38.51
N ALA G 191 25.78 25.09 38.22
CA ALA G 191 25.70 25.64 36.87
C ALA G 191 27.05 26.19 36.46
N TRP G 192 27.55 25.75 35.32
CA TRP G 192 28.81 26.25 34.77
C TRP G 192 28.55 26.96 33.45
N ARG G 193 29.19 28.11 33.28
CA ARG G 193 29.25 28.81 32.00
C ARG G 193 30.70 28.93 31.58
N PHE G 194 30.92 28.94 30.27
CA PHE G 194 32.28 29.06 29.75
C PHE G 194 32.27 29.91 28.49
N ASP G 195 33.45 30.40 28.13
CA ASP G 195 33.70 31.05 26.85
C ASP G 195 34.48 30.05 26.03
N ALA G 196 33.82 29.41 25.06
CA ALA G 196 34.41 28.28 24.37
C ALA G 196 35.47 28.67 23.37
N LEU G 197 35.53 29.94 22.98
CA LEU G 197 36.61 30.39 22.13
C LEU G 197 37.82 30.84 22.93
N ALA G 198 37.60 31.38 24.13
CA ALA G 198 38.72 31.74 24.99
C ALA G 198 39.42 30.50 25.54
N ILE G 199 38.63 29.49 25.92
CA ILE G 199 39.21 28.19 26.26
C ILE G 199 39.66 27.53 24.97
N GLY G 200 40.91 27.10 24.94
CA GLY G 200 41.54 26.69 23.71
C GLY G 200 40.99 25.38 23.16
N LEU G 201 41.50 25.02 21.99
CA LEU G 201 41.11 23.81 21.30
C LEU G 201 42.21 22.75 21.34
N ARG G 202 43.43 23.13 21.68
CA ARG G 202 44.55 22.21 21.77
C ARG G 202 45.22 22.21 23.14
N ASP G 203 45.36 23.38 23.76
CA ASP G 203 46.00 23.47 25.05
C ASP G 203 45.06 23.02 26.16
N PHE G 204 45.60 22.29 27.13
CA PHE G 204 44.86 21.83 28.29
C PHE G 204 45.37 22.63 29.49
N LYS G 205 44.76 23.79 29.71
CA LYS G 205 45.17 24.69 30.78
C LYS G 205 44.24 24.55 31.97
N ALA G 206 44.69 25.08 33.10
CA ALA G 206 43.97 24.95 34.36
C ALA G 206 43.05 26.14 34.56
N ASP G 207 41.75 25.87 34.67
CA ASP G 207 40.77 26.87 35.03
C ASP G 207 40.14 26.45 36.36
N ALA G 208 39.75 27.44 37.16
CA ALA G 208 39.20 27.16 38.48
C ALA G 208 37.84 26.50 38.41
N GLU G 209 37.04 26.85 37.40
CA GLU G 209 35.77 26.16 37.21
C GLU G 209 35.97 24.78 36.58
N LEU G 210 36.97 24.64 35.71
CA LEU G 210 37.25 23.34 35.13
C LEU G 210 37.84 22.37 36.14
N ASP G 211 38.64 22.87 37.08
CA ASP G 211 39.11 22.00 38.16
C ASP G 211 37.99 21.65 39.13
N ALA G 212 36.92 22.44 39.17
CA ALA G 212 35.75 22.08 39.95
C ALA G 212 34.80 21.19 39.18
N LEU G 213 34.82 21.27 37.85
CA LEU G 213 33.98 20.40 37.04
C LEU G 213 34.61 19.03 36.85
N ALA G 214 35.95 18.96 36.85
CA ALA G 214 36.62 17.68 36.75
C ALA G 214 36.42 16.83 37.98
N GLU G 215 36.30 17.45 39.15
CA GLU G 215 36.05 16.70 40.38
C GLU G 215 34.66 16.11 40.42
N LEU G 216 33.72 16.67 39.65
CA LEU G 216 32.41 16.03 39.53
C LEU G 216 32.47 14.82 38.61
N ILE G 217 33.22 14.93 37.51
CA ILE G 217 33.36 13.79 36.60
C ILE G 217 34.21 12.70 37.24
N ALA G 218 35.21 13.07 38.03
CA ALA G 218 36.02 12.10 38.74
C ALA G 218 35.23 11.37 39.83
N SER G 219 34.14 11.96 40.32
CA SER G 219 33.25 11.21 41.19
C SER G 219 32.42 10.22 40.39
N GLY G 220 31.98 10.61 39.19
CA GLY G 220 31.17 9.71 38.38
C GLY G 220 31.98 8.57 37.80
N LEU G 221 33.22 8.84 37.38
CA LEU G 221 34.05 7.80 36.78
C LEU G 221 34.51 6.80 37.82
N SER G 222 34.83 7.26 39.02
CA SER G 222 35.23 6.34 40.08
C SER G 222 34.04 5.58 40.66
N GLY G 223 32.83 6.05 40.43
CA GLY G 223 31.65 5.42 40.98
C GLY G 223 31.23 5.92 42.35
N SER G 224 31.79 7.05 42.80
CA SER G 224 31.46 7.56 44.12
C SER G 224 30.04 8.13 44.16
N GLY G 225 29.73 9.00 43.21
CA GLY G 225 28.40 9.58 43.16
C GLY G 225 27.67 9.29 41.87
N HIS G 226 26.66 10.09 41.56
CA HIS G 226 25.85 9.93 40.37
C HIS G 226 25.84 11.25 39.60
N VAL G 227 26.27 11.21 38.35
CA VAL G 227 26.47 12.42 37.56
C VAL G 227 25.51 12.39 36.38
N LEU G 228 24.69 13.42 36.27
CA LEU G 228 23.84 13.65 35.10
C LEU G 228 24.02 15.12 34.69
N LEU G 229 24.85 15.35 33.70
CA LEU G 229 25.10 16.70 33.22
C LEU G 229 24.17 17.03 32.06
N GLU G 230 23.81 18.30 31.97
CA GLU G 230 23.09 18.84 30.83
C GLU G 230 23.97 19.87 30.16
N VAL G 231 24.18 19.71 28.86
CA VAL G 231 25.13 20.54 28.12
C VAL G 231 24.36 21.29 27.05
N VAL G 232 24.45 22.62 27.09
CA VAL G 232 23.81 23.50 26.12
C VAL G 232 24.87 24.42 25.56
N ALA G 233 24.94 24.53 24.24
CA ALA G 233 25.92 25.38 23.59
C ALA G 233 25.24 26.40 22.70
N PHE G 234 25.79 27.61 22.67
CA PHE G 234 25.29 28.70 21.85
C PHE G 234 26.39 29.14 20.91
N ALA G 235 26.03 29.52 19.69
CA ALA G 235 27.02 29.85 18.67
C ALA G 235 26.45 30.89 17.73
N ARG G 236 27.04 32.10 17.73
CA ARG G 236 26.61 33.12 16.79
C ARG G 236 27.08 32.80 15.39
N ILE G 237 26.29 32.04 14.65
CA ILE G 237 26.65 31.70 13.28
C ILE G 237 26.31 32.85 12.34
N GLY G 238 25.11 33.41 12.45
CA GLY G 238 24.68 34.49 11.59
C GLY G 238 23.24 34.36 11.17
N ASP G 239 22.73 35.35 10.45
CA ASP G 239 21.32 35.38 10.07
C ASP G 239 21.09 34.44 8.90
N GLY G 240 20.33 33.38 9.14
CA GLY G 240 19.97 32.46 8.08
C GLY G 240 21.11 31.64 7.53
N GLN G 241 22.18 31.46 8.30
CA GLN G 241 23.37 30.78 7.82
C GLN G 241 23.14 29.29 8.01
N GLU G 242 24.15 28.46 7.72
CA GLU G 242 23.95 27.02 7.58
C GLU G 242 24.47 26.26 8.79
N VAL G 243 23.60 25.45 9.40
CA VAL G 243 23.98 24.48 10.42
C VAL G 243 24.40 23.18 9.74
N PHE G 244 25.02 22.28 10.49
CA PHE G 244 25.53 21.03 9.92
C PHE G 244 25.23 19.86 10.84
N PRO G 245 24.05 19.26 10.71
CA PRO G 245 23.80 18.02 11.42
C PRO G 245 24.51 16.85 10.77
N SER G 246 24.55 15.73 11.49
CA SER G 246 25.17 14.53 10.96
C SER G 246 24.31 13.93 9.85
N GLN G 247 24.97 13.30 8.89
CA GLN G 247 24.29 12.78 7.72
C GLN G 247 23.88 11.33 7.92
N GLU G 248 23.15 10.80 6.95
CA GLU G 248 22.55 9.48 7.05
C GLU G 248 22.86 8.64 5.82
N LEU G 249 22.69 7.33 5.98
CA LEU G 249 22.73 6.41 4.85
C LEU G 249 21.58 6.67 3.89
N ILE G 250 21.79 6.29 2.64
CA ILE G 250 20.82 6.49 1.57
C ILE G 250 20.15 5.19 1.15
N LEU G 251 20.61 4.05 1.68
CA LEU G 251 20.06 2.75 1.32
C LEU G 251 18.63 2.62 1.83
N ASP G 252 17.77 2.03 0.97
CA ASP G 252 16.32 1.93 1.17
C ASP G 252 15.65 3.29 1.38
N LYS G 253 16.19 4.33 0.73
CA LYS G 253 15.59 5.66 0.76
C LYS G 253 15.47 6.20 -0.66
N GLY G 254 16.39 5.79 -1.53
CA GLY G 254 16.38 6.22 -2.92
C GLY G 254 16.00 5.11 -3.86
N ASP G 255 15.00 4.31 -3.49
CA ASP G 255 14.59 3.19 -4.31
C ASP G 255 13.74 3.64 -5.50
N LYS G 256 12.88 4.64 -5.30
CA LYS G 256 11.98 5.07 -6.36
C LYS G 256 12.68 6.01 -7.34
N LYS G 257 13.14 7.16 -6.86
CA LYS G 257 13.78 8.16 -7.72
C LYS G 257 15.30 8.13 -7.62
N GLY G 258 15.85 8.05 -6.41
CA GLY G 258 17.27 7.91 -6.21
C GLY G 258 18.09 9.16 -6.41
N GLN G 259 17.48 10.28 -6.79
CA GLN G 259 18.25 11.50 -6.98
C GLN G 259 18.54 12.20 -5.66
N LYS G 260 17.82 11.87 -4.59
CA LYS G 260 18.15 12.41 -3.28
C LYS G 260 19.41 11.73 -2.77
N SER G 261 20.44 12.52 -2.50
CA SER G 261 21.73 11.99 -2.08
C SER G 261 22.06 12.36 -0.64
N LYS G 262 22.03 13.65 -0.31
CA LYS G 262 22.34 14.11 1.02
C LYS G 262 21.08 14.11 1.88
N THR G 263 21.06 13.28 2.91
CA THR G 263 20.02 13.30 3.92
C THR G 263 20.64 13.68 5.25
N LEU G 264 19.82 14.23 6.14
CA LEU G 264 20.30 14.71 7.42
C LEU G 264 19.51 14.07 8.55
N TYR G 265 20.17 13.93 9.70
CA TYR G 265 19.59 13.24 10.84
C TYR G 265 18.66 14.18 11.60
N SER G 266 17.38 13.84 11.62
CA SER G 266 16.38 14.54 12.42
C SER G 266 15.62 13.53 13.26
N VAL G 267 14.89 14.03 14.26
CA VAL G 267 14.19 13.10 15.16
C VAL G 267 12.67 13.24 15.04
N ARG G 268 12.11 14.38 15.41
CA ARG G 268 10.70 14.71 15.15
C ARG G 268 10.69 16.14 14.63
N ASP G 269 10.97 16.28 13.33
CA ASP G 269 11.13 17.57 12.65
C ASP G 269 12.08 18.51 13.40
N ALA G 270 13.25 17.97 13.75
CA ALA G 270 14.24 18.72 14.52
C ALA G 270 15.61 18.16 14.19
N ALA G 271 16.45 18.98 13.56
CA ALA G 271 17.76 18.51 13.11
C ALA G 271 18.67 18.23 14.30
N ALA G 272 19.37 17.11 14.22
CA ALA G 272 20.13 16.61 15.36
C ALA G 272 21.44 16.00 14.91
N ILE G 273 22.34 15.83 15.88
CA ILE G 273 23.64 15.22 15.70
C ILE G 273 23.60 13.85 16.36
N HIS G 274 24.22 12.86 15.72
CA HIS G 274 24.29 11.49 16.23
C HIS G 274 24.94 11.45 17.60
N SER G 275 24.45 10.54 18.45
CA SER G 275 24.96 10.42 19.81
C SER G 275 26.28 9.67 19.89
N GLN G 276 26.87 9.28 18.77
CA GLN G 276 28.23 8.77 18.78
C GLN G 276 29.21 9.70 18.09
N LYS G 277 28.74 10.67 17.32
CA LYS G 277 29.62 11.75 16.87
C LYS G 277 29.94 12.67 18.04
N ILE G 278 28.92 13.03 18.82
CA ILE G 278 29.16 13.62 20.13
C ILE G 278 29.48 12.50 21.10
N GLY G 279 30.60 12.62 21.79
CA GLY G 279 31.12 11.50 22.54
C GLY G 279 32.41 11.08 21.90
N ASN G 280 32.44 11.13 20.57
CA ASN G 280 33.70 11.05 19.84
C ASN G 280 34.49 12.34 20.05
N ALA G 281 33.79 13.47 20.05
CA ALA G 281 34.43 14.74 20.36
C ALA G 281 34.83 14.83 21.83
N LEU G 282 34.18 14.08 22.70
CA LEU G 282 34.52 14.12 24.12
C LEU G 282 35.80 13.36 24.41
N ARG G 283 36.10 12.33 23.64
CA ARG G 283 37.25 11.48 23.91
C ARG G 283 38.46 11.85 23.06
N THR G 284 38.45 13.02 22.43
CA THR G 284 39.66 13.49 21.76
C THR G 284 40.64 13.95 22.82
N ILE G 285 41.45 13.01 23.31
CA ILE G 285 42.24 13.20 24.52
C ILE G 285 43.70 12.86 24.27
N ASP G 286 43.94 11.97 23.31
CA ASP G 286 45.25 11.35 23.18
C ASP G 286 46.27 12.33 22.63
N THR G 287 46.92 13.07 23.52
CA THR G 287 48.12 13.82 23.20
C THR G 287 49.37 12.99 23.43
N TRP G 288 49.23 11.67 23.53
CA TRP G 288 50.36 10.78 23.76
C TRP G 288 50.48 9.91 22.52
N TYR G 289 51.11 10.44 21.49
CA TYR G 289 51.29 9.72 20.25
C TYR G 289 52.55 8.87 20.32
N PRO G 290 52.81 8.04 19.32
CA PRO G 290 54.21 7.66 19.08
C PRO G 290 55.06 8.84 18.67
N ASP G 291 54.56 9.69 17.78
CA ASP G 291 55.31 10.83 17.29
C ASP G 291 54.36 11.90 16.78
N GLU G 292 54.90 13.11 16.58
CA GLU G 292 54.19 14.28 16.05
C GLU G 292 52.99 14.64 16.95
N ASP G 293 53.34 15.12 18.15
CA ASP G 293 52.35 15.61 19.09
C ASP G 293 51.82 16.99 18.71
N GLY G 294 52.43 17.65 17.72
CA GLY G 294 52.02 18.99 17.33
C GLY G 294 50.66 19.07 16.67
N LEU G 295 50.15 17.95 16.14
CA LEU G 295 48.88 17.97 15.44
C LEU G 295 47.70 17.67 16.36
N GLY G 296 47.64 18.36 17.49
CA GLY G 296 46.49 18.34 18.38
C GLY G 296 46.22 17.02 19.08
N PRO G 297 45.26 17.03 20.00
CA PRO G 297 44.77 15.76 20.55
C PRO G 297 43.93 15.02 19.53
N ILE G 298 43.79 13.71 19.75
CA ILE G 298 43.06 12.86 18.83
C ILE G 298 42.15 11.93 19.64
N ALA G 299 41.16 11.36 18.96
CA ALA G 299 40.20 10.46 19.60
C ALA G 299 40.89 9.20 20.08
N VAL G 300 40.51 8.76 21.29
CA VAL G 300 41.16 7.62 21.93
C VAL G 300 40.53 6.35 21.38
N GLU G 301 41.30 5.60 20.61
CA GLU G 301 40.86 4.35 20.01
C GLU G 301 42.01 3.36 20.02
N PRO G 302 41.71 2.06 20.06
CA PRO G 302 42.75 1.07 19.75
C PRO G 302 43.14 1.20 18.31
N TYR G 303 44.45 1.06 18.04
CA TYR G 303 45.09 1.42 16.78
C TYR G 303 44.71 2.85 16.40
N GLY G 304 45.13 3.80 17.26
CA GLY G 304 44.55 5.13 17.31
C GLY G 304 44.58 5.90 16.01
N SER G 305 43.43 5.98 15.36
CA SER G 305 43.36 6.27 13.95
C SER G 305 42.52 7.49 13.67
N VAL G 306 42.77 8.09 12.51
CA VAL G 306 41.94 9.15 11.97
C VAL G 306 41.44 8.68 10.62
N THR G 307 40.13 8.76 10.41
CA THR G 307 39.60 8.35 9.11
C THR G 307 39.78 9.44 8.07
N SER G 308 39.81 10.71 8.48
CA SER G 308 40.02 11.79 7.52
C SER G 308 41.46 11.84 7.05
N GLN G 309 42.42 11.62 7.97
CA GLN G 309 43.81 11.52 7.56
C GLN G 309 44.09 10.26 6.76
N GLY G 310 43.26 9.22 6.92
CA GLY G 310 43.49 7.97 6.23
C GLY G 310 44.66 7.17 6.75
N LYS G 311 45.28 7.58 7.85
CA LYS G 311 46.43 6.90 8.40
C LYS G 311 46.14 6.48 9.83
N ALA G 312 46.98 5.57 10.33
CA ALA G 312 46.83 5.02 11.67
C ALA G 312 48.06 5.44 12.48
N TYR G 313 47.87 6.42 13.36
CA TYR G 313 48.82 6.63 14.44
C TYR G 313 48.79 5.44 15.38
N ARG G 314 49.86 5.32 16.19
CA ARG G 314 50.02 4.27 17.20
C ARG G 314 49.93 2.89 16.54
N GLN G 315 50.94 2.65 15.71
CA GLN G 315 50.96 1.47 14.86
C GLN G 315 51.21 0.23 15.72
N PRO G 316 50.61 -0.91 15.38
CA PRO G 316 50.91 -2.15 16.12
C PRO G 316 52.33 -2.67 15.91
N LYS G 317 53.02 -2.22 14.86
CA LYS G 317 54.45 -2.51 14.75
C LYS G 317 55.22 -1.80 15.86
N GLN G 318 54.85 -0.55 16.14
CA GLN G 318 55.29 0.09 17.36
C GLN G 318 54.69 -0.63 18.56
N LYS G 319 55.36 -0.50 19.71
CA LYS G 319 54.91 -1.16 20.93
C LYS G 319 54.09 -0.23 21.81
N LEU G 320 53.36 0.70 21.21
CA LEU G 320 52.51 1.62 21.94
C LEU G 320 51.03 1.38 21.71
N ASP G 321 50.69 0.38 20.91
CA ASP G 321 49.33 -0.06 20.60
C ASP G 321 48.52 -0.37 21.85
N PHE G 322 47.19 -0.31 21.76
CA PHE G 322 46.35 -0.61 22.92
C PHE G 322 46.47 -2.08 23.32
N TYR G 323 46.32 -2.99 22.37
CA TYR G 323 46.39 -4.41 22.69
C TYR G 323 47.80 -4.85 23.05
N THR G 324 48.81 -4.09 22.64
CA THR G 324 50.16 -4.37 23.10
C THR G 324 50.35 -3.90 24.54
N LEU G 325 49.86 -2.70 24.86
CA LEU G 325 50.02 -2.18 26.21
C LEU G 325 49.10 -2.84 27.21
N LEU G 326 47.92 -3.29 26.77
CA LEU G 326 47.00 -3.95 27.70
C LEU G 326 47.51 -5.31 28.12
N ASP G 327 48.05 -6.08 27.17
CA ASP G 327 48.51 -7.44 27.49
C ASP G 327 49.77 -7.42 28.35
N ASN G 328 50.65 -6.45 28.14
CA ASN G 328 51.88 -6.39 28.92
C ASN G 328 51.61 -5.90 30.34
N TRP G 329 50.60 -5.08 30.52
CA TRP G 329 50.29 -4.52 31.82
C TRP G 329 49.36 -5.42 32.64
N VAL G 330 48.99 -6.58 32.08
CA VAL G 330 48.20 -7.57 32.78
C VAL G 330 48.94 -8.90 32.87
N LEU G 331 49.35 -9.45 31.73
CA LEU G 331 49.88 -10.81 31.70
C LEU G 331 51.33 -10.86 32.16
N ARG G 332 52.17 -10.02 31.57
CA ARG G 332 53.58 -9.99 31.91
C ARG G 332 53.89 -9.03 33.05
N ASP G 333 52.90 -8.22 33.46
CA ASP G 333 53.04 -7.16 34.46
C ASP G 333 54.16 -6.18 34.08
N GLU G 334 54.28 -5.93 32.78
CA GLU G 334 55.22 -4.93 32.27
C GLU G 334 54.44 -3.64 32.13
N ALA G 335 54.50 -2.81 33.17
CA ALA G 335 53.67 -1.63 33.22
C ALA G 335 54.24 -0.55 32.32
N PRO G 336 53.43 0.06 31.46
CA PRO G 336 53.91 1.21 30.69
C PRO G 336 54.02 2.45 31.55
N ALA G 337 54.54 3.54 30.98
CA ALA G 337 54.62 4.79 31.70
C ALA G 337 53.21 5.35 31.93
N VAL G 338 53.10 6.18 32.98
CA VAL G 338 51.83 6.81 33.34
C VAL G 338 51.36 7.73 32.22
N GLU G 339 52.32 8.33 31.51
CA GLU G 339 52.07 9.02 30.24
C GLU G 339 51.28 8.16 29.25
N GLN G 340 51.51 6.85 29.23
CA GLN G 340 50.72 5.95 28.40
C GLN G 340 49.63 5.19 29.16
N GLN G 341 49.68 5.16 30.50
CA GLN G 341 48.65 4.47 31.25
C GLN G 341 47.31 5.18 31.20
N HIS G 342 47.28 6.48 30.94
CA HIS G 342 46.00 7.15 30.77
C HIS G 342 45.35 6.77 29.46
N TYR G 343 46.12 6.29 28.49
CA TYR G 343 45.54 5.83 27.23
C TYR G 343 44.78 4.52 27.41
N VAL G 344 45.34 3.59 28.18
CA VAL G 344 44.76 2.26 28.31
C VAL G 344 43.44 2.32 29.06
N ILE G 345 43.37 3.18 30.09
CA ILE G 345 42.13 3.33 30.85
C ILE G 345 41.07 4.05 30.02
N ALA G 346 41.49 5.00 29.18
CA ALA G 346 40.53 5.75 28.37
C ALA G 346 39.92 4.93 27.24
N ASN G 347 40.45 3.75 26.96
CA ASN G 347 39.75 2.80 26.10
C ASN G 347 38.85 1.85 26.90
N LEU G 348 39.13 1.67 28.19
CA LEU G 348 38.20 0.95 29.04
C LEU G 348 36.98 1.80 29.36
N ILE G 349 37.17 3.12 29.44
CA ILE G 349 36.05 4.05 29.58
C ILE G 349 35.31 4.15 28.26
N ARG G 350 36.03 4.03 27.15
CA ARG G 350 35.41 3.98 25.83
C ARG G 350 34.53 2.74 25.67
N GLY G 351 35.06 1.58 26.02
CA GLY G 351 34.34 0.34 25.86
C GLY G 351 34.38 -0.18 24.44
N GLY G 352 34.27 -1.50 24.29
CA GLY G 352 34.31 -2.09 22.97
C GLY G 352 34.46 -3.59 23.07
N VAL G 353 34.35 -4.23 21.91
CA VAL G 353 34.49 -5.68 21.86
C VAL G 353 35.98 -5.98 21.77
N PHE G 354 36.62 -6.10 22.92
CA PHE G 354 38.07 -6.27 22.99
C PHE G 354 38.42 -7.76 23.12
N GLY G 355 37.84 -8.56 22.23
CA GLY G 355 37.98 -9.99 22.27
C GLY G 355 38.98 -10.49 21.23
N GLU G 356 39.28 -11.78 21.34
CA GLU G 356 40.23 -12.43 20.45
C GLU G 356 39.48 -12.91 19.22
N ALA G 357 39.53 -12.15 18.14
CA ALA G 357 38.85 -12.51 16.90
C ALA G 357 39.61 -11.97 15.69
N LEU H 24 12.27 -47.40 39.07
CA LEU H 24 13.59 -48.00 39.05
C LEU H 24 14.48 -47.36 38.00
N SER H 25 13.88 -46.53 37.15
CA SER H 25 14.62 -45.86 36.10
C SER H 25 13.89 -44.58 35.72
N THR H 26 14.65 -43.61 35.20
CA THR H 26 14.05 -42.37 34.75
C THR H 26 13.30 -42.60 33.45
N ALA H 27 12.27 -41.77 33.24
CA ALA H 27 11.49 -41.86 32.02
C ALA H 27 12.26 -41.31 30.84
N SER H 28 11.91 -41.77 29.64
CA SER H 28 12.50 -41.24 28.43
C SER H 28 11.84 -39.95 27.97
N VAL H 29 10.74 -39.55 28.59
CA VAL H 29 10.10 -38.26 28.33
C VAL H 29 9.81 -37.62 29.67
N LEU H 30 10.39 -36.45 29.91
CA LEU H 30 10.05 -35.63 31.07
C LEU H 30 9.90 -34.20 30.58
N ALA H 31 8.74 -33.60 30.87
CA ALA H 31 8.46 -32.25 30.42
C ALA H 31 7.59 -31.58 31.45
N PHE H 32 8.02 -30.40 31.90
CA PHE H 32 7.31 -29.65 32.93
C PHE H 32 6.88 -28.32 32.32
N GLU H 33 5.57 -28.07 32.32
CA GLU H 33 5.06 -26.76 31.97
C GLU H 33 5.58 -25.74 32.95
N ARG H 34 6.06 -24.61 32.45
CA ARG H 34 6.69 -23.64 33.31
C ARG H 34 5.67 -22.90 34.16
N LYS H 35 6.11 -22.50 35.33
CA LYS H 35 5.41 -21.55 36.18
C LYS H 35 6.20 -20.26 36.15
N LEU H 36 5.60 -19.20 36.73
CA LEU H 36 6.13 -17.84 36.66
C LEU H 36 6.28 -17.40 35.20
N ASP H 37 5.12 -17.28 34.53
CA ASP H 37 5.02 -16.96 33.12
C ASP H 37 4.76 -15.47 32.95
N PRO H 38 5.75 -14.66 32.57
CA PRO H 38 5.52 -13.23 32.39
C PRO H 38 5.16 -12.90 30.96
N SER H 39 4.68 -11.68 30.76
CA SER H 39 4.38 -11.16 29.45
C SER H 39 5.56 -10.36 28.93
N ASP H 40 5.44 -9.89 27.69
CA ASP H 40 6.45 -9.00 27.13
C ASP H 40 6.35 -7.64 27.80
N ALA H 41 7.48 -7.17 28.35
CA ALA H 41 7.49 -5.86 29.00
C ALA H 41 7.42 -4.77 27.96
N LEU H 42 6.44 -3.90 28.05
CA LEU H 42 6.35 -2.75 27.17
C LEU H 42 7.03 -1.56 27.81
N MET H 43 7.74 -0.79 27.00
CA MET H 43 8.40 0.40 27.49
C MET H 43 7.68 1.64 26.99
N SER H 44 7.60 2.64 27.86
CA SER H 44 6.99 3.92 27.55
C SER H 44 7.64 4.94 28.47
N ALA H 45 7.57 6.20 28.07
CA ALA H 45 8.42 7.21 28.68
C ALA H 45 7.64 8.44 29.08
N GLY H 46 8.15 9.13 30.09
CA GLY H 46 7.52 10.35 30.55
C GLY H 46 8.37 11.02 31.60
N ALA H 47 7.72 11.86 32.39
CA ALA H 47 8.39 12.60 33.45
C ALA H 47 8.17 11.91 34.79
N TRP H 48 9.16 12.03 35.67
CA TRP H 48 9.09 11.52 37.02
C TRP H 48 8.10 12.36 37.83
N ALA H 49 7.70 11.80 38.99
CA ALA H 49 6.63 12.33 39.84
C ALA H 49 5.33 12.45 39.06
N GLN H 50 5.02 11.40 38.31
CA GLN H 50 3.71 11.21 37.70
C GLN H 50 3.22 9.83 38.09
N ARG H 51 2.23 9.78 38.97
CA ARG H 51 1.81 8.54 39.61
C ARG H 51 0.66 7.88 38.85
N ASP H 52 -0.48 8.57 38.77
CA ASP H 52 -1.62 8.07 38.01
C ASP H 52 -1.66 8.59 36.59
N ALA H 53 -0.87 9.62 36.28
CA ALA H 53 -0.71 10.08 34.92
C ALA H 53 0.13 9.14 34.06
N SER H 54 0.79 8.16 34.68
CA SER H 54 1.62 7.18 34.00
C SER H 54 0.81 6.12 33.25
N GLN H 55 -0.51 6.23 33.21
CA GLN H 55 -1.32 5.25 32.52
C GLN H 55 -1.24 5.39 31.02
N GLU H 56 -1.08 6.61 30.53
CA GLU H 56 -1.20 6.92 29.10
C GLU H 56 0.05 7.66 28.63
N TRP H 57 1.23 7.09 28.90
CA TRP H 57 2.43 7.67 28.32
C TRP H 57 2.49 7.38 26.83
N PRO H 58 3.20 8.21 26.07
CA PRO H 58 3.65 7.78 24.75
C PRO H 58 4.71 6.70 24.90
N ALA H 59 4.72 5.76 23.97
CA ALA H 59 5.60 4.61 24.05
C ALA H 59 6.97 4.92 23.45
N VAL H 60 7.98 4.22 23.94
CA VAL H 60 9.33 4.32 23.37
C VAL H 60 9.34 3.56 22.06
N THR H 61 9.62 4.26 20.97
CA THR H 61 9.61 3.66 19.65
C THR H 61 11.02 3.32 19.20
N VAL H 62 11.10 2.36 18.28
CA VAL H 62 12.36 1.94 17.71
C VAL H 62 12.61 2.74 16.43
N ARG H 63 13.80 3.32 16.33
CA ARG H 63 14.16 4.15 15.18
C ARG H 63 15.55 3.76 14.73
N GLU H 64 15.93 4.24 13.54
CA GLU H 64 17.21 3.89 12.93
C GLU H 64 18.14 5.09 12.93
N LYS H 65 19.44 4.79 12.80
CA LYS H 65 20.44 5.82 12.57
C LYS H 65 21.64 5.19 11.87
N SER H 66 22.34 6.01 11.10
CA SER H 66 23.59 5.59 10.47
C SER H 66 24.71 5.57 11.50
N VAL H 67 25.61 4.62 11.34
CA VAL H 67 26.74 4.43 12.26
C VAL H 67 27.96 4.04 11.43
N ARG H 68 29.03 4.81 11.52
CA ARG H 68 30.29 4.46 10.90
C ARG H 68 31.40 4.55 11.95
N GLY H 69 32.02 3.42 12.26
CA GLY H 69 33.13 3.42 13.18
C GLY H 69 34.23 2.48 12.76
N THR H 70 35.46 2.92 12.89
CA THR H 70 36.58 2.28 12.20
C THR H 70 37.04 1.03 12.93
N ILE H 71 38.18 0.48 12.51
CA ILE H 71 38.61 -0.85 12.92
C ILE H 71 39.17 -0.80 14.34
N SER H 72 38.73 -1.72 15.19
CA SER H 72 39.22 -1.82 16.55
C SER H 72 39.46 -3.24 17.04
N ASN H 73 39.28 -4.25 16.20
CA ASN H 73 39.41 -5.63 16.64
C ASN H 73 40.88 -6.03 16.74
N ARG H 74 41.13 -7.14 17.41
CA ARG H 74 42.49 -7.69 17.45
C ARG H 74 42.87 -8.23 16.09
N LEU H 75 43.96 -7.73 15.52
CA LEU H 75 44.45 -8.27 14.27
C LEU H 75 45.07 -9.63 14.49
N LYS H 76 45.01 -10.46 13.44
CA LYS H 76 45.42 -11.86 13.52
C LYS H 76 46.90 -12.06 13.22
N THR H 77 47.71 -10.99 13.34
CA THR H 77 49.18 -10.92 13.22
C THR H 77 49.63 -11.07 11.75
N LYS H 78 48.70 -11.42 10.87
CA LYS H 78 48.92 -11.33 9.44
C LYS H 78 48.57 -9.94 8.91
N ASP H 79 47.53 -9.33 9.48
CA ASP H 79 47.04 -8.03 9.06
C ASP H 79 47.80 -6.90 9.73
N ARG H 80 48.84 -7.20 10.51
CA ARG H 80 49.60 -6.17 11.23
C ARG H 80 50.70 -5.56 10.36
N ASP H 81 50.33 -5.08 9.19
CA ASP H 81 51.22 -4.29 8.38
C ASP H 81 50.70 -2.86 8.31
N PRO H 82 51.59 -1.86 8.26
CA PRO H 82 51.12 -0.47 8.16
C PRO H 82 50.39 -0.16 6.87
N ALA H 83 50.79 -0.79 5.76
CA ALA H 83 50.06 -0.62 4.51
C ALA H 83 48.74 -1.37 4.49
N LYS H 84 48.58 -2.37 5.36
CA LYS H 84 47.34 -3.14 5.40
C LYS H 84 46.28 -2.50 6.28
N LEU H 85 46.69 -1.89 7.41
CA LEU H 85 45.74 -1.10 8.18
C LEU H 85 45.29 0.14 7.41
N ASP H 86 46.24 0.92 6.91
CA ASP H 86 45.93 2.18 6.25
C ASP H 86 45.11 2.02 4.98
N ALA H 87 45.18 0.84 4.34
CA ALA H 87 44.25 0.56 3.26
C ALA H 87 42.86 0.26 3.79
N SER H 88 42.77 -0.36 4.97
CA SER H 88 41.50 -0.73 5.57
C SER H 88 41.00 0.27 6.59
N ILE H 89 41.87 1.18 7.08
CA ILE H 89 41.41 2.22 7.98
C ILE H 89 40.69 3.31 7.20
N GLN H 90 40.88 3.34 5.88
CA GLN H 90 40.25 4.28 4.97
C GLN H 90 38.99 3.71 4.36
N SER H 91 38.96 2.40 4.14
CA SER H 91 37.75 1.74 3.67
C SER H 91 36.71 1.73 4.78
N PRO H 92 35.54 2.33 4.59
CA PRO H 92 34.59 2.51 5.68
C PRO H 92 33.67 1.31 5.86
N ASN H 93 32.89 1.37 6.95
CA ASN H 93 32.00 0.30 7.37
C ASN H 93 30.64 0.86 7.79
N LEU H 94 30.05 1.67 6.91
CA LEU H 94 28.72 2.27 7.09
C LEU H 94 27.67 1.24 7.46
N GLN H 95 27.10 1.39 8.65
CA GLN H 95 26.09 0.46 9.15
C GLN H 95 24.92 1.21 9.73
N THR H 96 23.73 0.64 9.56
CA THR H 96 22.51 1.15 10.15
C THR H 96 22.18 0.32 11.37
N VAL H 97 21.92 0.98 12.50
CA VAL H 97 21.53 0.27 13.71
C VAL H 97 20.11 0.71 14.08
N ASP H 98 19.50 -0.05 14.97
CA ASP H 98 18.25 0.35 15.61
C ASP H 98 18.57 0.89 17.00
N VAL H 99 17.95 2.01 17.35
CA VAL H 99 18.11 2.59 18.67
C VAL H 99 16.74 2.93 19.24
N ALA H 100 16.66 2.90 20.56
CA ALA H 100 15.47 3.32 21.30
C ALA H 100 15.90 4.35 22.32
N ASN H 101 15.35 5.55 22.23
CA ASN H 101 15.69 6.64 23.12
C ASN H 101 14.43 7.20 23.75
N LEU H 102 14.61 7.89 24.87
CA LEU H 102 13.51 8.62 25.46
C LEU H 102 13.27 9.90 24.66
N PRO H 103 12.10 10.52 24.79
CA PRO H 103 11.93 11.88 24.28
C PRO H 103 12.78 12.86 25.05
N SER H 104 13.01 14.02 24.43
CA SER H 104 13.90 15.02 25.02
C SER H 104 13.28 15.74 26.21
N ASP H 105 11.98 15.56 26.47
CA ASP H 105 11.35 16.09 27.66
C ASP H 105 10.98 15.00 28.66
N ALA H 106 11.49 13.79 28.48
CA ALA H 106 11.17 12.65 29.33
C ALA H 106 12.47 12.10 29.92
N ASP H 107 12.47 11.86 31.23
CA ASP H 107 13.62 11.27 31.88
C ASP H 107 13.29 9.95 32.57
N THR H 108 12.08 9.45 32.40
CA THR H 108 11.61 8.29 33.15
C THR H 108 11.13 7.22 32.19
N LEU H 109 11.57 5.99 32.41
CA LEU H 109 11.18 4.83 31.63
C LEU H 109 10.19 4.01 32.43
N LYS H 110 8.98 3.81 31.89
CA LYS H 110 8.02 2.92 32.52
C LYS H 110 8.08 1.57 31.80
N VAL H 111 8.24 0.50 32.58
CA VAL H 111 8.34 -0.85 32.06
C VAL H 111 7.25 -1.68 32.73
N ARG H 112 6.33 -2.21 31.93
CA ARG H 112 5.11 -2.81 32.45
C ARG H 112 4.93 -4.20 31.85
N PHE H 113 4.68 -5.19 32.71
CA PHE H 113 4.35 -6.53 32.26
C PHE H 113 3.45 -7.16 33.30
N THR H 114 2.92 -8.33 32.97
CA THR H 114 2.06 -9.09 33.87
C THR H 114 2.67 -10.47 34.11
N LEU H 115 2.73 -10.86 35.37
CA LEU H 115 3.24 -12.17 35.77
C LEU H 115 2.11 -13.02 36.30
N ARG H 116 2.06 -14.28 35.90
CA ARG H 116 1.00 -15.20 36.30
C ARG H 116 1.61 -16.43 36.95
N VAL H 117 1.49 -16.51 38.27
CA VAL H 117 1.97 -17.67 39.01
C VAL H 117 0.94 -18.78 38.91
N LEU H 118 1.36 -19.96 38.47
CA LEU H 118 0.42 -21.03 38.15
C LEU H 118 0.29 -22.05 39.29
N GLY H 119 1.38 -22.67 39.70
CA GLY H 119 1.35 -23.63 40.78
C GLY H 119 1.15 -25.06 40.31
N GLY H 120 1.47 -25.99 41.20
CA GLY H 120 1.45 -27.40 40.86
C GLY H 120 2.73 -27.84 40.16
N ALA H 121 3.87 -27.60 40.81
CA ALA H 121 5.16 -27.73 40.16
C ALA H 121 5.60 -29.19 39.96
N GLY H 122 5.13 -30.11 40.80
CA GLY H 122 5.65 -31.46 40.75
C GLY H 122 5.16 -32.28 39.58
N THR H 123 3.98 -31.97 39.06
CA THR H 123 3.37 -32.80 38.03
C THR H 123 3.99 -32.50 36.67
N PRO H 124 4.57 -33.48 35.99
CA PRO H 124 5.04 -33.25 34.62
C PRO H 124 3.89 -33.25 33.64
N SER H 125 4.10 -32.54 32.53
CA SER H 125 3.11 -32.54 31.46
C SER H 125 3.12 -33.83 30.67
N ALA H 126 4.23 -34.57 30.66
CA ALA H 126 4.31 -35.84 29.97
C ALA H 126 5.37 -36.70 30.64
N CYS H 127 5.09 -37.99 30.74
CA CYS H 127 6.00 -38.93 31.38
C CYS H 127 5.68 -40.34 30.91
N ASN H 128 6.72 -41.14 30.66
CA ASN H 128 6.51 -42.51 30.21
C ASN H 128 6.19 -43.43 31.37
N ASP H 129 7.14 -43.59 32.29
CA ASP H 129 7.01 -44.53 33.40
C ASP H 129 6.14 -43.91 34.46
N ALA H 130 4.96 -44.49 34.68
CA ALA H 130 4.08 -44.02 35.75
C ALA H 130 4.66 -44.33 37.12
N ALA H 131 5.45 -45.40 37.23
CA ALA H 131 6.13 -45.69 38.49
C ALA H 131 7.21 -44.66 38.79
N TYR H 132 7.88 -44.15 37.75
CA TYR H 132 8.77 -43.01 37.95
C TYR H 132 7.99 -41.75 38.25
N ARG H 133 6.80 -41.62 37.67
CA ARG H 133 5.97 -40.44 37.90
C ARG H 133 5.47 -40.40 39.33
N ASP H 134 4.95 -41.53 39.82
CA ASP H 134 4.44 -41.58 41.19
C ASP H 134 5.55 -41.47 42.22
N LYS H 135 6.75 -41.94 41.87
CA LYS H 135 7.90 -41.73 42.75
C LYS H 135 8.31 -40.27 42.76
N LEU H 136 8.18 -39.59 41.63
CA LEU H 136 8.48 -38.18 41.57
C LEU H 136 7.49 -37.35 42.36
N LEU H 137 6.20 -37.66 42.23
CA LEU H 137 5.16 -36.89 42.91
C LEU H 137 5.17 -37.10 44.41
N GLN H 138 5.71 -38.22 44.90
CA GLN H 138 5.87 -38.38 46.34
C GLN H 138 7.10 -37.65 46.84
N THR H 139 8.18 -37.66 46.05
CA THR H 139 9.42 -36.99 46.45
C THR H 139 9.23 -35.48 46.47
N VAL H 140 8.50 -34.94 45.49
CA VAL H 140 8.19 -33.51 45.49
C VAL H 140 7.26 -33.17 46.66
N ALA H 141 6.25 -34.01 46.91
CA ALA H 141 5.37 -33.76 48.04
C ALA H 141 6.06 -33.97 49.37
N THR H 142 7.15 -34.73 49.40
CA THR H 142 7.97 -34.82 50.60
C THR H 142 8.64 -33.49 50.89
N TYR H 143 9.01 -32.74 49.85
CA TYR H 143 9.58 -31.42 50.05
C TYR H 143 8.55 -30.43 50.57
N VAL H 144 7.32 -30.50 50.06
CA VAL H 144 6.34 -29.43 50.28
C VAL H 144 5.84 -29.43 51.71
N ASN H 145 5.44 -30.60 52.22
CA ASN H 145 4.89 -30.66 53.57
C ASN H 145 5.95 -30.47 54.64
N ASP H 146 7.22 -30.73 54.33
CA ASP H 146 8.29 -30.41 55.27
C ASP H 146 8.54 -28.92 55.33
N GLN H 147 8.55 -28.25 54.18
CA GLN H 147 8.77 -26.82 54.11
C GLN H 147 8.14 -26.29 52.83
N GLY H 148 7.43 -25.17 52.95
CA GLY H 148 6.66 -24.67 51.83
C GLY H 148 7.54 -24.02 50.78
N PHE H 149 6.87 -23.33 49.86
CA PHE H 149 7.58 -22.59 48.83
C PHE H 149 8.09 -21.24 49.32
N ALA H 150 7.82 -20.90 50.60
CA ALA H 150 8.12 -19.59 51.15
C ALA H 150 9.61 -19.29 51.23
N GLU H 151 10.49 -20.28 51.10
CA GLU H 151 11.90 -19.96 50.92
C GLU H 151 12.18 -19.52 49.50
N LEU H 152 11.63 -20.24 48.52
CA LEU H 152 11.73 -19.80 47.13
C LEU H 152 10.91 -18.53 46.91
N ALA H 153 9.71 -18.47 47.48
CA ALA H 153 8.82 -17.34 47.24
C ALA H 153 9.34 -16.05 47.86
N ARG H 154 10.13 -16.16 48.93
CA ARG H 154 10.82 -14.98 49.44
C ARG H 154 11.90 -14.54 48.46
N ARG H 155 12.50 -15.48 47.75
CA ARG H 155 13.58 -15.12 46.84
C ARG H 155 13.06 -14.60 45.51
N TYR H 156 11.93 -15.11 45.02
CA TYR H 156 11.36 -14.53 43.82
C TYR H 156 10.73 -13.17 44.10
N ALA H 157 10.31 -12.93 45.34
CA ALA H 157 9.70 -11.65 45.67
C ALA H 157 10.71 -10.53 45.68
N HIS H 158 11.98 -10.83 45.96
CA HIS H 158 12.99 -9.79 45.90
C HIS H 158 13.31 -9.43 44.47
N ASN H 159 13.31 -10.40 43.56
CA ASN H 159 13.60 -10.09 42.16
C ASN H 159 12.45 -9.38 41.46
N LEU H 160 11.27 -9.33 42.07
CA LEU H 160 10.28 -8.35 41.65
C LEU H 160 10.50 -7.02 42.35
N ALA H 161 11.02 -7.06 43.58
CA ALA H 161 11.21 -5.83 44.35
C ALA H 161 12.31 -4.98 43.77
N ASN H 162 13.54 -5.48 43.73
CA ASN H 162 14.55 -4.76 42.98
C ASN H 162 14.35 -5.05 41.49
N ALA H 163 14.71 -4.08 40.66
CA ALA H 163 14.41 -4.18 39.24
C ALA H 163 15.44 -5.01 38.50
N ARG H 164 15.51 -6.30 38.87
CA ARG H 164 16.45 -7.22 38.22
C ARG H 164 16.07 -7.44 36.76
N PHE H 165 14.77 -7.38 36.45
CA PHE H 165 14.33 -7.50 35.06
C PHE H 165 14.68 -6.29 34.21
N LEU H 166 15.06 -5.17 34.82
CA LEU H 166 15.73 -4.11 34.09
C LEU H 166 17.21 -4.47 34.03
N TRP H 167 17.67 -4.93 32.87
CA TRP H 167 19.01 -5.49 32.78
C TRP H 167 20.07 -4.40 32.66
N ARG H 168 20.05 -3.65 31.56
CA ARG H 168 20.97 -2.53 31.43
C ARG H 168 20.29 -1.20 31.74
N ASN H 169 18.96 -1.16 31.69
CA ASN H 169 18.22 0.05 32.02
C ASN H 169 18.32 0.42 33.49
N ARG H 170 18.61 -0.55 34.35
CA ARG H 170 18.78 -0.26 35.77
C ARG H 170 20.09 0.42 36.06
N VAL H 171 21.12 0.16 35.25
CA VAL H 171 22.47 0.63 35.54
C VAL H 171 22.55 2.14 35.28
N GLY H 172 22.91 2.89 36.32
CA GLY H 172 23.04 4.33 36.21
C GLY H 172 21.71 5.05 36.22
N ALA H 173 20.95 4.87 37.28
CA ALA H 173 19.67 5.53 37.45
C ALA H 173 19.68 6.36 38.73
N GLU H 174 18.83 7.39 38.76
CA GLU H 174 18.67 8.18 39.97
C GLU H 174 18.03 7.35 41.08
N ALA H 175 16.81 6.89 40.84
CA ALA H 175 16.06 6.07 41.79
C ALA H 175 15.06 5.26 40.98
N VAL H 176 14.85 4.02 41.42
CA VAL H 176 13.96 3.10 40.74
C VAL H 176 12.79 2.82 41.66
N GLU H 177 11.57 2.92 41.11
CA GLU H 177 10.35 2.71 41.87
C GLU H 177 9.57 1.59 41.20
N VAL H 178 9.28 0.54 41.97
CA VAL H 178 8.58 -0.63 41.46
C VAL H 178 7.22 -0.70 42.12
N ARG H 179 6.17 -0.74 41.32
CA ARG H 179 4.80 -0.79 41.80
C ARG H 179 4.18 -2.10 41.36
N ILE H 180 3.73 -2.91 42.31
CA ILE H 180 3.22 -4.23 42.04
C ILE H 180 1.77 -4.29 42.49
N ASN H 181 0.87 -4.51 41.53
CA ASN H 181 -0.54 -4.67 41.80
C ASN H 181 -0.91 -6.14 41.73
N HIS H 182 -1.99 -6.49 42.40
CA HIS H 182 -2.55 -7.84 42.36
C HIS H 182 -4.01 -7.74 41.93
N ILE H 183 -4.30 -8.15 40.71
CA ILE H 183 -5.63 -7.99 40.13
C ILE H 183 -6.39 -9.29 40.29
N ARG H 184 -7.22 -9.36 41.34
CA ARG H 184 -8.05 -10.53 41.58
C ARG H 184 -9.13 -10.67 40.52
N GLN H 185 -9.73 -9.54 40.16
CA GLN H 185 -10.67 -9.41 39.06
C GLN H 185 -10.12 -8.30 38.19
N GLY H 186 -10.94 -7.68 37.36
CA GLY H 186 -10.54 -6.43 36.70
C GLY H 186 -10.09 -5.35 37.68
N GLU H 187 -10.64 -5.34 38.88
CA GLU H 187 -10.18 -4.45 39.94
C GLU H 187 -8.87 -4.96 40.54
N VAL H 188 -8.31 -4.17 41.45
CA VAL H 188 -7.02 -4.44 42.07
C VAL H 188 -7.25 -4.82 43.52
N ALA H 189 -6.70 -5.96 43.93
CA ALA H 189 -6.86 -6.40 45.31
C ALA H 189 -5.91 -5.64 46.24
N ARG H 190 -4.61 -5.74 46.00
CA ARG H 190 -3.62 -5.06 46.84
C ARG H 190 -2.49 -4.52 45.97
N ALA H 191 -2.08 -3.29 46.27
CA ALA H 191 -0.94 -2.66 45.62
C ALA H 191 0.29 -2.71 46.51
N TRP H 192 1.45 -2.94 45.90
CA TRP H 192 2.73 -2.86 46.58
C TRP H 192 3.56 -1.72 46.00
N ARG H 193 4.35 -1.10 46.86
CA ARG H 193 5.24 -0.01 46.49
C ARG H 193 6.63 -0.34 47.03
N PHE H 194 7.66 -0.14 46.21
CA PHE H 194 9.01 -0.44 46.63
C PHE H 194 10.00 0.58 46.09
N ASP H 195 11.01 0.89 46.90
CA ASP H 195 12.19 1.61 46.44
C ASP H 195 13.24 0.57 46.09
N ALA H 196 13.46 0.35 44.80
CA ALA H 196 14.24 -0.78 44.34
C ALA H 196 15.74 -0.62 44.55
N LEU H 197 16.22 0.59 44.85
CA LEU H 197 17.64 0.74 45.13
C LEU H 197 17.95 0.61 46.61
N ALA H 198 16.99 0.90 47.48
CA ALA H 198 17.17 0.63 48.90
C ALA H 198 17.19 -0.86 49.16
N ILE H 199 16.34 -1.61 48.48
CA ILE H 199 16.43 -3.06 48.48
C ILE H 199 17.65 -3.47 47.66
N GLY H 200 18.50 -4.32 48.24
CA GLY H 200 19.75 -4.68 47.64
C GLY H 200 19.61 -5.51 46.38
N LEU H 201 20.74 -5.76 45.74
CA LEU H 201 20.78 -6.55 44.53
C LEU H 201 21.48 -7.90 44.72
N ARG H 202 22.39 -7.99 45.68
CA ARG H 202 23.06 -9.24 46.00
C ARG H 202 22.37 -9.98 47.14
N ASP H 203 22.28 -9.35 48.31
CA ASP H 203 21.74 -10.01 49.48
C ASP H 203 20.22 -10.08 49.41
N PHE H 204 19.65 -10.89 50.29
CA PHE H 204 18.20 -11.09 50.39
C PHE H 204 17.79 -10.63 51.78
N LYS H 205 17.21 -9.43 51.85
CA LYS H 205 16.88 -8.78 53.12
C LYS H 205 15.58 -9.33 53.69
N ALA H 206 15.03 -8.62 54.68
CA ALA H 206 13.77 -9.00 55.30
C ALA H 206 12.92 -7.77 55.52
N ASP H 207 11.64 -7.85 55.12
CA ASP H 207 10.71 -6.75 55.28
C ASP H 207 9.31 -7.33 55.34
N ALA H 208 8.41 -6.60 56.01
CA ALA H 208 7.03 -7.07 56.15
C ALA H 208 6.28 -7.01 54.83
N GLU H 209 6.50 -5.94 54.05
CA GLU H 209 5.86 -5.83 52.76
C GLU H 209 6.40 -6.85 51.77
N LEU H 210 7.67 -7.22 51.92
CA LEU H 210 8.22 -8.30 51.11
C LEU H 210 7.67 -9.65 51.54
N ASP H 211 7.38 -9.81 52.83
CA ASP H 211 6.77 -11.05 53.28
C ASP H 211 5.33 -11.14 52.79
N ALA H 212 4.59 -10.02 52.82
CA ALA H 212 3.21 -10.02 52.37
C ALA H 212 3.05 -10.30 50.88
N LEU H 213 4.10 -10.07 50.09
CA LEU H 213 4.12 -10.54 48.71
C LEU H 213 4.75 -11.92 48.59
N ALA H 214 5.45 -12.38 49.62
CA ALA H 214 6.05 -13.71 49.57
C ALA H 214 5.00 -14.79 49.75
N GLU H 215 4.17 -14.68 50.78
CA GLU H 215 3.10 -15.68 50.93
C GLU H 215 1.93 -15.45 49.99
N LEU H 216 1.94 -14.38 49.19
CA LEU H 216 1.05 -14.36 48.04
C LEU H 216 1.52 -15.34 46.99
N ILE H 217 2.83 -15.36 46.72
CA ILE H 217 3.38 -16.28 45.73
C ILE H 217 3.36 -17.71 46.27
N ALA H 218 3.60 -17.88 47.57
CA ALA H 218 3.52 -19.18 48.19
C ALA H 218 2.10 -19.73 48.17
N SER H 219 1.10 -18.86 48.26
CA SER H 219 -0.29 -19.27 48.07
C SER H 219 -0.62 -19.52 46.61
N GLY H 220 0.24 -19.12 45.67
CA GLY H 220 0.01 -19.37 44.27
C GLY H 220 0.85 -20.51 43.76
N LEU H 221 2.07 -20.66 44.29
CA LEU H 221 2.91 -21.79 43.89
C LEU H 221 2.37 -23.11 44.43
N SER H 222 1.67 -23.07 45.56
CA SER H 222 1.09 -24.28 46.12
C SER H 222 -0.24 -24.64 45.48
N GLY H 223 -0.76 -23.81 44.58
CA GLY H 223 -2.06 -24.06 43.98
C GLY H 223 -3.23 -23.77 44.86
N SER H 224 -3.04 -23.05 45.97
CA SER H 224 -4.14 -22.77 46.89
C SER H 224 -5.10 -21.75 46.30
N GLY H 225 -4.57 -20.67 45.71
CA GLY H 225 -5.42 -19.66 45.12
C GLY H 225 -5.02 -19.33 43.70
N HIS H 226 -5.36 -18.12 43.24
CA HIS H 226 -5.00 -17.65 41.91
C HIS H 226 -4.22 -16.35 42.04
N VAL H 227 -3.04 -16.31 41.42
CA VAL H 227 -2.14 -15.17 41.50
C VAL H 227 -1.94 -14.62 40.10
N LEU H 228 -2.39 -13.38 39.88
CA LEU H 228 -2.04 -12.61 38.71
C LEU H 228 -1.52 -11.26 39.20
N LEU H 229 -0.39 -10.82 38.66
CA LEU H 229 0.27 -9.62 39.13
C LEU H 229 0.50 -8.67 37.98
N GLU H 230 0.56 -7.38 38.31
CA GLU H 230 0.91 -6.34 37.35
C GLU H 230 2.15 -5.62 37.89
N VAL H 231 3.27 -5.79 37.20
CA VAL H 231 4.54 -5.25 37.64
C VAL H 231 4.87 -4.05 36.78
N VAL H 232 5.09 -2.90 37.41
CA VAL H 232 5.42 -1.66 36.74
C VAL H 232 6.69 -1.10 37.39
N ALA H 233 7.69 -0.82 36.57
CA ALA H 233 8.98 -0.32 37.06
C ALA H 233 9.28 1.02 36.42
N PHE H 234 9.49 2.04 37.25
CA PHE H 234 9.91 3.36 36.80
C PHE H 234 11.40 3.53 37.09
N ALA H 235 12.08 4.25 36.21
CA ALA H 235 13.50 4.51 36.40
C ALA H 235 13.86 5.86 35.81
N ARG H 236 14.32 6.78 36.65
CA ARG H 236 14.88 8.03 36.15
C ARG H 236 16.21 7.74 35.47
N ILE H 237 16.30 8.06 34.19
CA ILE H 237 17.54 7.93 33.44
C ILE H 237 18.11 9.30 33.07
N GLY H 238 17.30 10.12 32.41
CA GLY H 238 17.73 11.43 31.97
C GLY H 238 17.00 11.81 30.70
N ASP H 239 17.06 13.09 30.36
CA ASP H 239 16.37 13.60 29.19
C ASP H 239 17.04 13.09 27.92
N GLY H 240 16.27 12.40 27.08
CA GLY H 240 16.75 11.98 25.78
C GLY H 240 17.78 10.86 25.80
N GLN H 241 17.95 10.17 26.91
CA GLN H 241 18.96 9.13 27.03
C GLN H 241 18.50 7.87 26.31
N GLU H 242 19.29 6.80 26.42
CA GLU H 242 19.07 5.59 25.66
C GLU H 242 18.54 4.48 26.56
N VAL H 243 17.52 3.79 26.09
CA VAL H 243 17.02 2.58 26.75
C VAL H 243 17.40 1.38 25.90
N PHE H 244 17.19 0.20 26.46
CA PHE H 244 17.70 -1.04 25.87
C PHE H 244 16.62 -2.10 25.83
N PRO H 245 15.92 -2.25 24.73
CA PRO H 245 15.06 -3.42 24.54
C PRO H 245 15.91 -4.65 24.23
N SER H 246 15.25 -5.80 24.19
CA SER H 246 15.94 -7.04 23.87
C SER H 246 16.30 -7.07 22.40
N GLN H 247 17.56 -7.36 22.12
CA GLN H 247 18.05 -7.37 20.75
C GLN H 247 17.62 -8.65 20.05
N GLU H 248 17.26 -8.52 18.77
CA GLU H 248 16.84 -9.64 17.95
C GLU H 248 18.03 -10.23 17.21
N LEU H 249 17.77 -11.16 16.31
CA LEU H 249 18.79 -11.83 15.52
C LEU H 249 18.70 -11.38 14.08
N ILE H 250 19.85 -11.04 13.50
CA ILE H 250 19.94 -10.64 12.10
C ILE H 250 20.41 -11.84 11.28
N LEU H 251 20.04 -11.87 10.02
CA LEU H 251 20.48 -12.90 9.10
C LEU H 251 21.78 -12.46 8.43
N ASP H 252 22.80 -13.31 8.53
CA ASP H 252 24.10 -13.04 7.94
C ASP H 252 23.97 -13.10 6.41
N LYS H 253 24.06 -11.95 5.77
CA LYS H 253 23.93 -11.85 4.33
C LYS H 253 25.16 -11.16 3.75
N GLY H 254 25.51 -11.54 2.52
CA GLY H 254 26.64 -10.94 1.84
C GLY H 254 26.25 -9.72 1.03
N ASP H 255 25.58 -8.76 1.66
CA ASP H 255 25.11 -7.56 0.99
C ASP H 255 26.16 -6.45 1.09
N LYS H 256 26.40 -5.78 -0.02
CA LYS H 256 27.38 -4.71 -0.07
C LYS H 256 26.74 -3.37 0.29
N LYS H 257 27.56 -2.31 0.25
CA LYS H 257 27.20 -0.95 0.68
C LYS H 257 26.66 -0.93 2.11
N GLY H 258 27.27 -1.74 2.97
CA GLY H 258 26.82 -1.86 4.34
C GLY H 258 25.57 -2.69 4.48
N GLN H 259 25.11 -2.79 5.72
CA GLN H 259 23.97 -3.61 6.08
C GLN H 259 23.40 -3.08 7.39
N LYS H 260 22.50 -3.84 8.01
CA LYS H 260 21.97 -3.53 9.32
C LYS H 260 22.59 -4.47 10.34
N SER H 261 23.00 -3.92 11.48
CA SER H 261 23.83 -4.66 12.42
C SER H 261 23.23 -4.83 13.80
N LYS H 262 22.08 -4.24 14.10
CA LYS H 262 21.43 -4.44 15.39
C LYS H 262 19.95 -4.17 15.23
N THR H 263 19.14 -5.19 15.45
CA THR H 263 17.68 -5.06 15.43
C THR H 263 17.14 -5.25 16.84
N LEU H 264 16.10 -4.49 17.16
CA LEU H 264 15.49 -4.48 18.48
C LEU H 264 14.08 -5.09 18.39
N TYR H 265 13.41 -5.17 19.54
CA TYR H 265 12.15 -5.88 19.65
C TYR H 265 11.03 -4.90 19.97
N SER H 266 9.97 -4.96 19.17
CA SER H 266 8.79 -4.13 19.39
C SER H 266 7.59 -4.88 18.84
N VAL H 267 6.54 -5.00 19.65
CA VAL H 267 5.38 -5.78 19.21
C VAL H 267 4.44 -4.94 18.35
N ARG H 268 4.02 -3.77 18.83
CA ARG H 268 3.22 -2.82 18.05
C ARG H 268 3.89 -1.48 18.22
N ASP H 269 4.90 -1.22 17.37
CA ASP H 269 5.83 -0.08 17.28
C ASP H 269 6.16 0.55 18.64
N ALA H 270 6.47 -0.30 19.61
CA ALA H 270 6.77 0.11 20.97
C ALA H 270 7.82 -0.84 21.51
N ALA H 271 8.99 -0.30 21.85
CA ALA H 271 10.17 -1.11 22.14
C ALA H 271 9.95 -1.97 23.38
N ALA H 272 10.19 -3.27 23.23
CA ALA H 272 9.77 -4.23 24.23
C ALA H 272 10.90 -5.19 24.58
N ILE H 273 10.84 -5.69 25.80
CA ILE H 273 11.73 -6.73 26.30
C ILE H 273 11.01 -8.07 26.14
N HIS H 274 11.75 -9.10 25.73
CA HIS H 274 11.23 -10.46 25.58
C HIS H 274 10.65 -10.99 26.89
N SER H 275 9.78 -11.99 26.76
CA SER H 275 9.17 -12.59 27.93
C SER H 275 10.18 -13.41 28.73
N GLN H 276 11.07 -14.12 28.05
CA GLN H 276 12.02 -14.97 28.72
C GLN H 276 13.25 -14.22 29.22
N LYS H 277 13.44 -12.96 28.81
CA LYS H 277 14.48 -12.16 29.44
C LYS H 277 14.06 -11.72 30.83
N ILE H 278 12.77 -11.40 30.99
CA ILE H 278 12.22 -11.16 32.32
C ILE H 278 12.29 -12.43 33.15
N GLY H 279 11.82 -13.54 32.58
CA GLY H 279 11.83 -14.82 33.27
C GLY H 279 13.22 -15.35 33.54
N ASN H 280 14.23 -14.87 32.81
CA ASN H 280 15.60 -15.15 33.18
C ASN H 280 15.97 -14.42 34.46
N ALA H 281 15.43 -13.23 34.67
CA ALA H 281 15.82 -12.40 35.80
C ALA H 281 15.02 -12.70 37.05
N LEU H 282 13.86 -13.33 36.92
CA LEU H 282 13.08 -13.65 38.11
C LEU H 282 13.70 -14.81 38.88
N ARG H 283 14.30 -15.76 38.17
CA ARG H 283 14.88 -16.94 38.79
C ARG H 283 16.38 -16.81 39.00
N THR H 284 16.86 -15.59 39.26
CA THR H 284 18.24 -15.39 39.71
C THR H 284 18.26 -15.42 41.23
N ILE H 285 18.00 -16.60 41.76
CA ILE H 285 17.91 -16.82 43.20
C ILE H 285 18.95 -17.82 43.70
N ASP H 286 19.79 -18.34 42.81
CA ASP H 286 20.64 -19.48 43.10
C ASP H 286 21.91 -18.96 43.78
N THR H 287 21.96 -19.10 45.10
CA THR H 287 23.12 -18.74 45.91
C THR H 287 23.76 -19.96 46.55
N TRP H 288 23.79 -21.08 45.84
CA TRP H 288 24.13 -22.36 46.45
C TRP H 288 25.18 -23.09 45.61
N TYR H 289 26.25 -22.38 45.25
CA TYR H 289 27.26 -22.93 44.35
C TYR H 289 28.09 -23.99 45.06
N PRO H 290 28.86 -24.78 44.31
CA PRO H 290 30.02 -25.43 44.92
C PRO H 290 31.17 -24.46 45.16
N ASP H 291 31.39 -23.53 44.23
CA ASP H 291 32.65 -22.80 44.17
C ASP H 291 32.72 -21.67 45.18
N GLU H 292 31.89 -20.64 45.01
CA GLU H 292 32.01 -19.44 45.83
C GLU H 292 30.66 -18.73 45.87
N ASP H 293 29.91 -18.94 46.95
CA ASP H 293 28.59 -18.32 47.09
C ASP H 293 28.66 -16.82 47.29
N GLY H 294 29.83 -16.27 47.61
CA GLY H 294 29.98 -14.83 47.78
C GLY H 294 30.23 -14.09 46.48
N LEU H 295 29.44 -14.38 45.45
CA LEU H 295 29.55 -13.69 44.17
C LEU H 295 28.20 -13.31 43.59
N GLY H 296 27.13 -13.36 44.38
CA GLY H 296 25.81 -13.00 43.93
C GLY H 296 25.06 -14.17 43.32
N PRO H 297 23.75 -14.07 43.27
CA PRO H 297 22.95 -15.15 42.67
C PRO H 297 22.99 -15.11 41.15
N ILE H 298 22.73 -16.26 40.56
CA ILE H 298 22.59 -16.40 39.12
C ILE H 298 21.35 -17.21 38.81
N ALA H 299 21.09 -17.39 37.52
CA ALA H 299 19.86 -18.01 37.06
C ALA H 299 19.84 -19.50 37.38
N VAL H 300 18.67 -19.98 37.78
CA VAL H 300 18.47 -21.39 38.07
C VAL H 300 18.49 -22.14 36.74
N GLU H 301 19.54 -22.91 36.50
CA GLU H 301 19.69 -23.68 35.27
C GLU H 301 20.25 -25.04 35.60
N PRO H 302 19.89 -26.07 34.83
CA PRO H 302 20.67 -27.31 34.85
C PRO H 302 22.05 -27.02 34.30
N TYR H 303 23.08 -27.53 35.00
CA TYR H 303 24.47 -27.12 34.81
C TYR H 303 24.59 -25.60 34.88
N GLY H 304 24.29 -25.07 36.07
CA GLY H 304 23.98 -23.66 36.25
C GLY H 304 25.05 -22.70 35.78
N SER H 305 24.80 -22.10 34.62
CA SER H 305 25.83 -21.44 33.85
C SER H 305 25.46 -20.00 33.57
N VAL H 306 26.48 -19.18 33.37
CA VAL H 306 26.31 -17.76 33.06
C VAL H 306 26.84 -17.54 31.65
N THR H 307 26.03 -16.87 30.82
CA THR H 307 26.47 -16.61 29.45
C THR H 307 27.54 -15.53 29.41
N SER H 308 27.42 -14.51 30.28
CA SER H 308 28.39 -13.43 30.28
C SER H 308 29.72 -13.88 30.87
N GLN H 309 29.67 -14.58 32.01
CA GLN H 309 30.88 -15.08 32.65
C GLN H 309 31.58 -16.14 31.79
N GLY H 310 30.82 -16.84 30.95
CA GLY H 310 31.40 -17.76 30.00
C GLY H 310 31.80 -19.10 30.56
N LYS H 311 31.65 -19.32 31.86
CA LYS H 311 31.92 -20.60 32.47
C LYS H 311 30.62 -21.17 33.02
N ALA H 312 30.64 -22.45 33.34
CA ALA H 312 29.50 -23.14 33.90
C ALA H 312 29.80 -23.46 35.34
N TYR H 313 29.18 -22.73 36.26
CA TYR H 313 29.20 -23.11 37.66
C TYR H 313 28.42 -24.40 37.85
N ARG H 314 28.66 -25.04 38.99
CA ARG H 314 28.00 -26.29 39.38
C ARG H 314 28.25 -27.38 38.34
N GLN H 315 29.52 -27.74 38.26
CA GLN H 315 29.98 -28.71 37.29
C GLN H 315 29.47 -30.11 37.64
N PRO H 316 29.19 -30.94 36.64
CA PRO H 316 28.85 -32.35 36.90
C PRO H 316 30.01 -33.20 37.38
N LYS H 317 31.24 -32.68 37.40
CA LYS H 317 32.30 -33.38 38.12
C LYS H 317 32.07 -33.28 39.62
N GLN H 318 31.41 -32.22 40.08
CA GLN H 318 30.80 -32.22 41.40
C GLN H 318 29.44 -32.89 41.32
N LYS H 319 28.98 -33.39 42.45
CA LYS H 319 27.66 -34.03 42.48
C LYS H 319 26.58 -33.04 42.88
N LEU H 320 26.54 -31.89 42.18
CA LEU H 320 25.64 -30.82 42.57
C LEU H 320 24.76 -30.27 41.47
N ASP H 321 24.91 -30.72 40.23
CA ASP H 321 23.99 -30.27 39.19
C ASP H 321 22.61 -30.89 39.37
N PHE H 322 21.68 -30.44 38.52
CA PHE H 322 20.29 -30.85 38.66
C PHE H 322 20.09 -32.33 38.38
N TYR H 323 20.80 -32.87 37.39
CA TYR H 323 20.54 -34.25 36.98
C TYR H 323 21.08 -35.25 37.98
N THR H 324 22.20 -34.95 38.64
CA THR H 324 22.73 -35.86 39.64
C THR H 324 21.96 -35.74 40.95
N LEU H 325 21.54 -34.52 41.32
CA LEU H 325 20.78 -34.37 42.55
C LEU H 325 19.37 -34.92 42.43
N LEU H 326 18.82 -34.98 41.21
CA LEU H 326 17.45 -35.45 41.05
C LEU H 326 17.35 -36.94 41.30
N ASP H 327 18.07 -37.74 40.50
CA ASP H 327 17.88 -39.19 40.53
C ASP H 327 18.45 -39.81 41.79
N ASN H 328 19.43 -39.17 42.43
CA ASN H 328 19.86 -39.62 43.76
C ASN H 328 18.76 -39.43 44.79
N TRP H 329 17.91 -38.43 44.59
CA TRP H 329 16.82 -38.12 45.50
C TRP H 329 15.50 -38.73 45.04
N VAL H 330 15.45 -39.25 43.82
CA VAL H 330 14.24 -39.87 43.28
C VAL H 330 14.42 -41.38 43.12
N LEU H 331 15.44 -41.82 42.40
CA LEU H 331 15.58 -43.23 42.10
C LEU H 331 16.13 -44.01 43.29
N ARG H 332 17.31 -43.64 43.76
CA ARG H 332 18.01 -44.41 44.78
C ARG H 332 17.90 -43.79 46.16
N ASP H 333 17.23 -42.64 46.29
CA ASP H 333 16.63 -42.15 47.53
C ASP H 333 17.65 -41.83 48.62
N GLU H 334 18.62 -40.99 48.28
CA GLU H 334 19.34 -40.23 49.29
C GLU H 334 19.04 -38.75 49.08
N ALA H 335 18.69 -38.08 50.15
CA ALA H 335 18.35 -36.67 50.04
C ALA H 335 19.63 -35.85 49.86
N PRO H 336 19.58 -34.79 49.06
CA PRO H 336 20.66 -33.81 49.06
C PRO H 336 20.54 -32.92 50.29
N ALA H 337 21.44 -31.95 50.40
CA ALA H 337 21.34 -30.98 51.47
C ALA H 337 20.11 -30.11 51.26
N VAL H 338 19.50 -29.69 52.38
CA VAL H 338 18.37 -28.77 52.35
C VAL H 338 18.78 -27.46 51.70
N GLU H 339 20.03 -27.06 51.92
CA GLU H 339 20.68 -25.98 51.18
C GLU H 339 20.66 -26.20 49.67
N GLN H 340 20.65 -27.46 49.22
CA GLN H 340 20.61 -27.76 47.79
C GLN H 340 19.26 -28.28 47.30
N GLN H 341 18.30 -28.56 48.20
CA GLN H 341 17.00 -29.05 47.74
C GLN H 341 16.20 -27.96 47.05
N HIS H 342 16.45 -26.70 47.40
CA HIS H 342 15.69 -25.61 46.80
C HIS H 342 16.04 -25.45 45.32
N TYR H 343 17.28 -25.76 44.95
CA TYR H 343 17.67 -25.71 43.55
C TYR H 343 17.00 -26.78 42.71
N VAL H 344 16.77 -27.96 43.28
CA VAL H 344 16.16 -29.04 42.52
C VAL H 344 14.69 -28.73 42.26
N ILE H 345 14.01 -28.14 43.24
CA ILE H 345 12.61 -27.75 43.07
C ILE H 345 12.50 -26.55 42.13
N ALA H 346 13.47 -25.64 42.16
CA ALA H 346 13.39 -24.45 41.32
C ALA H 346 13.60 -24.75 39.85
N ASN H 347 14.17 -25.90 39.50
CA ASN H 347 14.18 -26.32 38.12
C ASN H 347 12.85 -26.91 37.69
N LEU H 348 12.03 -27.36 38.62
CA LEU H 348 10.70 -27.82 38.28
C LEU H 348 9.73 -26.67 38.10
N ILE H 349 10.06 -25.49 38.61
CA ILE H 349 9.21 -24.32 38.44
C ILE H 349 9.51 -23.64 37.11
N ARG H 350 10.78 -23.60 36.70
CA ARG H 350 11.10 -23.11 35.38
C ARG H 350 10.73 -24.11 34.29
N GLY H 351 10.49 -25.37 34.66
CA GLY H 351 10.21 -26.37 33.67
C GLY H 351 11.46 -26.78 32.91
N GLY H 352 11.24 -27.58 31.88
CA GLY H 352 12.33 -27.98 31.03
C GLY H 352 11.98 -29.20 30.22
N VAL H 353 12.93 -29.62 29.41
CA VAL H 353 12.83 -30.82 28.59
C VAL H 353 13.86 -31.78 29.15
N PHE H 354 13.46 -32.62 30.10
CA PHE H 354 14.39 -33.48 30.78
C PHE H 354 14.27 -34.91 30.27
N GLY H 355 15.34 -35.67 30.46
CA GLY H 355 15.35 -37.04 29.99
C GLY H 355 15.41 -37.19 28.49
N GLU H 356 16.22 -36.38 27.82
CA GLU H 356 16.33 -36.41 26.37
C GLU H 356 17.01 -37.71 25.92
N LEU I 24 -20.39 -64.31 8.47
CA LEU I 24 -19.78 -65.35 9.30
C LEU I 24 -18.32 -65.04 9.55
N SER I 25 -17.65 -64.54 8.53
CA SER I 25 -16.26 -64.11 8.64
C SER I 25 -16.19 -62.59 8.75
N THR I 26 -14.99 -62.09 9.03
CA THR I 26 -14.77 -60.65 9.04
C THR I 26 -14.78 -60.13 7.61
N ALA I 27 -15.33 -58.93 7.44
CA ALA I 27 -15.21 -58.26 6.15
C ALA I 27 -13.78 -57.79 5.97
N SER I 28 -13.21 -58.07 4.80
CA SER I 28 -11.80 -57.80 4.59
C SER I 28 -11.50 -56.31 4.44
N VAL I 29 -12.51 -55.50 4.15
CA VAL I 29 -12.38 -54.05 4.15
C VAL I 29 -13.52 -53.49 4.99
N LEU I 30 -13.19 -52.72 6.01
CA LEU I 30 -14.18 -51.98 6.79
C LEU I 30 -13.68 -50.56 6.97
N ALA I 31 -14.57 -49.59 6.77
CA ALA I 31 -14.21 -48.20 6.90
C ALA I 31 -15.42 -47.43 7.40
N PHE I 32 -15.17 -46.41 8.20
CA PHE I 32 -16.21 -45.60 8.80
C PHE I 32 -15.84 -44.14 8.68
N GLU I 33 -16.80 -43.31 8.31
CA GLU I 33 -16.58 -41.88 8.38
C GLU I 33 -16.72 -41.42 9.83
N ARG I 34 -16.12 -40.28 10.12
CA ARG I 34 -16.27 -39.70 11.44
C ARG I 34 -17.59 -38.94 11.54
N LYS I 35 -18.23 -39.05 12.69
CA LYS I 35 -19.25 -38.12 13.09
C LYS I 35 -18.64 -37.21 14.14
N LEU I 36 -19.39 -36.21 14.59
CA LEU I 36 -18.92 -35.10 15.42
C LEU I 36 -17.71 -34.44 14.77
N ASP I 37 -17.98 -33.82 13.62
CA ASP I 37 -17.00 -33.21 12.74
C ASP I 37 -16.79 -31.75 13.14
N PRO I 38 -15.68 -31.41 13.80
CA PRO I 38 -15.50 -30.03 14.25
C PRO I 38 -14.93 -29.14 13.16
N SER I 39 -14.63 -27.90 13.50
CA SER I 39 -13.95 -27.01 12.57
C SER I 39 -12.69 -26.46 13.21
N ASP I 40 -12.05 -25.49 12.56
CA ASP I 40 -10.90 -24.85 13.17
C ASP I 40 -11.35 -23.95 14.31
N ALA I 41 -10.48 -23.80 15.30
CA ALA I 41 -10.79 -23.03 16.49
C ALA I 41 -10.04 -21.71 16.40
N LEU I 42 -10.69 -20.72 15.80
CA LEU I 42 -10.09 -19.40 15.65
C LEU I 42 -10.01 -18.70 17.00
N MET I 43 -9.05 -17.79 17.13
CA MET I 43 -8.86 -17.08 18.38
C MET I 43 -8.89 -15.57 18.15
N SER I 44 -9.49 -14.87 19.09
CA SER I 44 -9.49 -13.41 19.13
C SER I 44 -9.63 -12.98 20.57
N ALA I 45 -9.10 -11.81 20.88
CA ALA I 45 -9.00 -11.37 22.26
C ALA I 45 -9.77 -10.08 22.48
N GLY I 46 -10.20 -9.88 23.72
CA GLY I 46 -10.95 -8.70 24.06
C GLY I 46 -11.06 -8.57 25.56
N ALA I 47 -12.05 -7.79 26.00
CA ALA I 47 -12.24 -7.52 27.40
C ALA I 47 -13.36 -8.37 27.97
N TRP I 48 -13.18 -8.84 29.19
CA TRP I 48 -14.25 -9.53 29.89
C TRP I 48 -15.33 -8.52 30.25
N ALA I 49 -16.58 -9.02 30.30
CA ALA I 49 -17.87 -8.32 30.32
C ALA I 49 -18.18 -7.63 29.00
N GLN I 50 -17.28 -7.67 28.02
CA GLN I 50 -17.56 -7.28 26.66
C GLN I 50 -17.78 -8.51 25.78
N ARG I 51 -18.11 -9.65 26.42
CA ARG I 51 -18.36 -10.89 25.69
C ARG I 51 -19.62 -10.82 24.85
N ASP I 52 -20.59 -10.00 25.25
CA ASP I 52 -21.88 -9.97 24.58
C ASP I 52 -21.78 -9.32 23.20
N ALA I 53 -20.82 -8.42 23.02
CA ALA I 53 -20.57 -7.79 21.73
C ALA I 53 -19.27 -8.30 21.12
N SER I 54 -18.92 -9.56 21.37
CA SER I 54 -17.69 -10.15 20.85
C SER I 54 -17.86 -10.71 19.44
N GLN I 55 -18.42 -9.90 18.55
CA GLN I 55 -18.42 -10.19 17.12
C GLN I 55 -17.46 -9.28 16.39
N GLU I 56 -16.63 -8.56 17.12
CA GLU I 56 -15.78 -7.52 16.55
C GLU I 56 -14.37 -7.59 17.10
N TRP I 57 -14.07 -8.57 17.97
CA TRP I 57 -12.78 -8.64 18.63
C TRP I 57 -11.67 -8.96 17.64
N PRO I 58 -10.53 -8.28 17.73
CA PRO I 58 -9.44 -8.53 16.79
C PRO I 58 -8.74 -9.84 17.10
N ALA I 59 -8.28 -10.50 16.04
CA ALA I 59 -7.73 -11.84 16.16
C ALA I 59 -6.32 -11.80 16.72
N VAL I 60 -6.00 -12.82 17.53
CA VAL I 60 -4.64 -13.01 18.01
C VAL I 60 -3.77 -13.43 16.84
N THR I 61 -2.71 -12.68 16.57
CA THR I 61 -1.83 -12.96 15.45
C THR I 61 -0.58 -13.69 15.93
N VAL I 62 0.08 -14.36 14.99
CA VAL I 62 1.29 -15.11 15.27
C VAL I 62 2.49 -14.19 15.06
N ARG I 63 3.30 -14.03 16.10
CA ARG I 63 4.43 -13.12 16.08
C ARG I 63 5.73 -13.91 16.19
N GLU I 64 6.71 -13.52 15.38
CA GLU I 64 8.03 -14.13 15.44
C GLU I 64 8.89 -13.40 16.48
N LYS I 65 9.77 -14.15 17.12
CA LYS I 65 10.78 -13.55 17.97
C LYS I 65 12.01 -14.45 17.97
N SER I 66 13.16 -13.85 18.18
CA SER I 66 14.39 -14.62 18.35
C SER I 66 14.54 -15.00 19.80
N VAL I 67 15.24 -16.09 20.04
CA VAL I 67 15.47 -16.54 21.41
C VAL I 67 16.81 -17.25 21.54
N ARG I 68 17.66 -16.76 22.42
CA ARG I 68 18.96 -17.35 22.69
C ARG I 68 18.85 -18.18 23.96
N GLY I 69 19.17 -19.47 23.85
CA GLY I 69 19.22 -20.36 24.99
C GLY I 69 20.60 -20.95 25.14
N THR I 70 20.76 -21.71 26.22
CA THR I 70 21.95 -22.51 26.44
C THR I 70 21.57 -23.97 26.48
N ILE I 71 22.58 -24.84 26.48
CA ILE I 71 22.32 -26.27 26.43
C ILE I 71 22.07 -26.76 27.85
N SER I 72 20.91 -27.40 28.05
CA SER I 72 20.53 -27.92 29.36
C SER I 72 19.92 -29.31 29.24
N ASN I 73 20.33 -30.08 28.24
CA ASN I 73 19.87 -31.44 28.09
C ASN I 73 20.70 -32.37 28.97
N ARG I 74 20.36 -33.65 28.98
CA ARG I 74 21.24 -34.63 29.58
C ARG I 74 22.45 -34.84 28.69
N LEU I 75 23.56 -35.24 29.32
CA LEU I 75 24.82 -35.42 28.62
C LEU I 75 25.28 -36.87 28.74
N LYS I 76 26.09 -37.27 27.78
CA LYS I 76 26.70 -38.60 27.82
C LYS I 76 27.84 -38.61 28.84
N THR I 77 28.27 -39.83 29.19
CA THR I 77 29.42 -39.95 30.08
C THR I 77 30.71 -39.60 29.36
N LYS I 78 30.74 -39.74 28.03
CA LYS I 78 31.86 -39.21 27.24
C LYS I 78 31.91 -37.69 27.31
N ASP I 79 30.75 -37.06 27.45
CA ASP I 79 30.62 -35.62 27.71
C ASP I 79 30.81 -35.34 29.19
N ARG I 80 30.38 -34.15 29.61
CA ARG I 80 30.32 -33.63 30.99
C ARG I 80 31.67 -33.59 31.69
N ASP I 81 32.77 -33.72 30.97
CA ASP I 81 34.04 -33.24 31.49
C ASP I 81 34.04 -31.71 31.46
N PRO I 82 34.65 -31.06 32.46
CA PRO I 82 34.51 -29.60 32.59
C PRO I 82 35.24 -28.80 31.51
N ALA I 83 36.03 -29.45 30.65
CA ALA I 83 36.72 -28.71 29.61
C ALA I 83 35.77 -28.29 28.50
N LYS I 84 35.17 -29.26 27.82
CA LYS I 84 34.34 -28.96 26.66
C LYS I 84 32.93 -28.51 27.04
N LEU I 85 32.54 -28.63 28.31
CA LEU I 85 31.25 -28.10 28.73
C LEU I 85 31.24 -26.59 28.71
N ASP I 86 32.33 -25.96 29.19
CA ASP I 86 32.44 -24.51 29.11
C ASP I 86 32.59 -24.05 27.66
N ALA I 87 33.26 -24.85 26.84
CA ALA I 87 33.32 -24.55 25.41
C ALA I 87 32.00 -24.84 24.72
N SER I 88 31.13 -25.64 25.32
CA SER I 88 29.84 -25.92 24.70
C SER I 88 28.90 -24.74 24.82
N ILE I 89 29.01 -23.95 25.89
CA ILE I 89 28.16 -22.77 26.05
C ILE I 89 28.79 -21.53 25.46
N GLN I 90 29.95 -21.66 24.81
CA GLN I 90 30.52 -20.52 24.10
C GLN I 90 29.79 -20.26 22.79
N SER I 91 29.16 -21.29 22.22
CA SER I 91 28.36 -21.17 21.00
C SER I 91 26.92 -21.54 21.34
N PRO I 92 26.15 -20.60 21.88
CA PRO I 92 24.77 -20.91 22.26
C PRO I 92 23.89 -21.04 21.03
N ASN I 93 22.84 -21.85 21.16
CA ASN I 93 21.94 -22.05 20.05
C ASN I 93 21.02 -20.85 19.89
N LEU I 94 20.70 -20.52 18.65
CA LEU I 94 19.77 -19.44 18.36
C LEU I 94 18.68 -19.95 17.43
N GLN I 95 17.49 -19.41 17.61
CA GLN I 95 16.33 -19.91 16.90
C GLN I 95 15.24 -18.85 16.91
N THR I 96 14.49 -18.81 15.83
CA THR I 96 13.39 -17.86 15.67
C THR I 96 12.10 -18.64 15.90
N VAL I 97 11.49 -18.44 17.05
CA VAL I 97 10.28 -19.15 17.40
C VAL I 97 9.08 -18.26 17.11
N ASP I 98 7.92 -18.87 17.04
CA ASP I 98 6.66 -18.16 16.85
C ASP I 98 5.90 -18.16 18.17
N VAL I 99 5.37 -17.00 18.53
CA VAL I 99 4.55 -16.87 19.73
C VAL I 99 3.27 -16.14 19.37
N ALA I 100 2.20 -16.48 20.10
CA ALA I 100 0.92 -15.79 19.99
C ALA I 100 0.58 -15.26 21.37
N ASN I 101 0.24 -13.98 21.43
CA ASN I 101 -0.02 -13.32 22.70
C ASN I 101 -1.30 -12.50 22.60
N LEU I 102 -1.94 -12.30 23.74
CA LEU I 102 -3.02 -11.34 23.80
C LEU I 102 -2.45 -9.94 23.66
N PRO I 103 -3.26 -8.97 23.26
CA PRO I 103 -2.85 -7.57 23.40
C PRO I 103 -2.71 -7.19 24.87
N SER I 104 -2.00 -6.08 25.12
CA SER I 104 -1.68 -5.69 26.48
C SER I 104 -2.87 -5.12 27.23
N ASP I 105 -4.00 -4.87 26.56
CA ASP I 105 -5.20 -4.39 27.22
C ASP I 105 -6.30 -5.43 27.33
N ALA I 106 -6.27 -6.46 26.49
CA ALA I 106 -7.27 -7.52 26.55
C ALA I 106 -6.98 -8.45 27.71
N ASP I 107 -8.01 -9.19 28.14
CA ASP I 107 -7.81 -10.20 29.16
C ASP I 107 -8.60 -11.47 28.93
N THR I 108 -9.31 -11.60 27.80
CA THR I 108 -10.17 -12.74 27.57
C THR I 108 -9.94 -13.27 26.16
N LEU I 109 -9.50 -14.52 26.09
CA LEU I 109 -9.39 -15.23 24.82
C LEU I 109 -10.76 -15.73 24.40
N LYS I 110 -11.12 -15.53 23.14
CA LYS I 110 -12.34 -16.09 22.58
C LYS I 110 -11.98 -17.13 21.54
N VAL I 111 -12.40 -18.37 21.78
CA VAL I 111 -12.13 -19.51 20.89
C VAL I 111 -13.47 -20.05 20.42
N ARG I 112 -13.67 -20.08 19.10
CA ARG I 112 -14.95 -20.52 18.58
C ARG I 112 -14.77 -21.48 17.42
N PHE I 113 -15.75 -22.38 17.26
CA PHE I 113 -15.76 -23.37 16.21
C PHE I 113 -17.18 -23.87 16.02
N THR I 114 -17.44 -24.48 14.88
CA THR I 114 -18.78 -24.91 14.49
C THR I 114 -18.80 -26.44 14.38
N LEU I 115 -19.04 -27.10 15.49
CA LEU I 115 -19.22 -28.55 15.49
C LEU I 115 -20.56 -28.92 14.85
N ARG I 116 -20.55 -29.97 14.04
CA ARG I 116 -21.78 -30.53 13.50
C ARG I 116 -21.87 -32.00 13.83
N VAL I 117 -23.10 -32.50 13.93
CA VAL I 117 -23.39 -33.85 14.39
C VAL I 117 -24.12 -34.55 13.25
N LEU I 118 -23.46 -35.48 12.58
CA LEU I 118 -23.96 -35.97 11.30
C LEU I 118 -25.05 -37.01 11.47
N GLY I 119 -24.74 -38.13 12.10
CA GLY I 119 -25.71 -39.18 12.31
C GLY I 119 -25.60 -40.30 11.30
N GLY I 120 -26.41 -41.34 11.54
CA GLY I 120 -26.28 -42.58 10.82
C GLY I 120 -25.03 -43.28 11.28
N ALA I 121 -24.95 -43.54 12.59
CA ALA I 121 -23.69 -43.86 13.24
C ALA I 121 -23.17 -45.23 12.85
N GLY I 122 -23.99 -46.27 13.02
CA GLY I 122 -23.53 -47.62 12.76
C GLY I 122 -23.42 -48.03 11.31
N THR I 123 -23.70 -47.13 10.37
CA THR I 123 -23.61 -47.47 8.96
C THR I 123 -22.17 -47.37 8.49
N PRO I 124 -21.58 -48.44 7.95
CA PRO I 124 -20.22 -48.35 7.43
C PRO I 124 -20.17 -47.59 6.11
N SER I 125 -18.98 -47.11 5.78
CA SER I 125 -18.76 -46.45 4.50
C SER I 125 -18.23 -47.40 3.44
N ALA I 126 -17.69 -48.55 3.85
CA ALA I 126 -17.21 -49.56 2.92
C ALA I 126 -17.22 -50.91 3.62
N CYS I 127 -17.66 -51.94 2.91
CA CYS I 127 -17.74 -53.27 3.47
C CYS I 127 -17.78 -54.28 2.33
N ASN I 128 -17.03 -55.37 2.48
CA ASN I 128 -17.05 -56.41 1.47
C ASN I 128 -18.32 -57.25 1.55
N ASP I 129 -18.51 -57.94 2.65
CA ASP I 129 -19.52 -58.98 2.76
C ASP I 129 -20.84 -58.36 3.18
N ALA I 130 -21.87 -58.51 2.35
CA ALA I 130 -23.20 -58.06 2.71
C ALA I 130 -23.78 -58.89 3.85
N ALA I 131 -23.38 -60.17 3.94
CA ALA I 131 -23.78 -60.98 5.09
C ALA I 131 -23.13 -60.48 6.37
N TYR I 132 -21.93 -59.93 6.28
CA TYR I 132 -21.36 -59.26 7.45
C TYR I 132 -22.05 -57.94 7.72
N ARG I 133 -22.48 -57.26 6.66
CA ARG I 133 -23.02 -55.91 6.83
C ARG I 133 -24.40 -55.93 7.46
N ASP I 134 -25.25 -56.88 7.05
CA ASP I 134 -26.56 -57.00 7.68
C ASP I 134 -26.44 -57.54 9.10
N LYS I 135 -25.41 -58.35 9.37
CA LYS I 135 -25.17 -58.79 10.73
C LYS I 135 -24.67 -57.62 11.59
N LEU I 136 -23.99 -56.65 10.97
CA LEU I 136 -23.55 -55.47 11.70
C LEU I 136 -24.72 -54.54 12.00
N LEU I 137 -25.58 -54.31 11.01
CA LEU I 137 -26.69 -53.36 11.19
C LEU I 137 -27.74 -53.89 12.15
N GLN I 138 -27.88 -55.21 12.27
CA GLN I 138 -28.73 -55.76 13.32
C GLN I 138 -28.09 -55.60 14.68
N THR I 139 -26.75 -55.59 14.75
CA THR I 139 -26.08 -55.47 16.03
C THR I 139 -26.13 -54.04 16.55
N VAL I 140 -25.99 -53.05 15.66
CA VAL I 140 -26.04 -51.65 16.07
C VAL I 140 -27.47 -51.27 16.47
N ALA I 141 -28.46 -51.73 15.70
CA ALA I 141 -29.85 -51.47 16.05
C ALA I 141 -30.29 -52.23 17.30
N THR I 142 -29.60 -53.32 17.64
CA THR I 142 -29.83 -53.98 18.92
C THR I 142 -29.39 -53.08 20.06
N TYR I 143 -28.30 -52.33 19.86
CA TYR I 143 -27.81 -51.43 20.90
C TYR I 143 -28.78 -50.27 21.15
N VAL I 144 -29.19 -49.58 20.08
CA VAL I 144 -29.96 -48.35 20.21
C VAL I 144 -31.35 -48.64 20.78
N ASN I 145 -31.94 -49.76 20.38
CA ASN I 145 -33.23 -50.15 20.92
C ASN I 145 -33.13 -50.56 22.39
N ASP I 146 -31.98 -51.08 22.82
CA ASP I 146 -31.79 -51.36 24.22
C ASP I 146 -31.46 -50.09 25.00
N GLN I 147 -30.60 -49.24 24.43
CA GLN I 147 -30.24 -47.97 25.05
C GLN I 147 -29.73 -47.03 23.97
N GLY I 148 -30.30 -45.83 23.91
CA GLY I 148 -29.94 -44.89 22.88
C GLY I 148 -28.56 -44.30 23.07
N PHE I 149 -28.25 -43.31 22.24
CA PHE I 149 -26.97 -42.63 22.33
C PHE I 149 -26.90 -41.64 23.49
N ALA I 150 -27.94 -41.57 24.33
CA ALA I 150 -28.00 -40.60 25.40
C ALA I 150 -26.97 -40.86 26.49
N GLU I 151 -26.48 -42.09 26.64
CA GLU I 151 -25.36 -42.32 27.54
C GLU I 151 -24.09 -41.71 26.97
N LEU I 152 -23.84 -41.88 25.67
CA LEU I 152 -22.68 -41.28 25.06
C LEU I 152 -22.86 -39.77 24.90
N ALA I 153 -24.06 -39.35 24.50
CA ALA I 153 -24.30 -37.93 24.27
C ALA I 153 -24.35 -37.12 25.56
N ARG I 154 -24.62 -37.75 26.70
CA ARG I 154 -24.39 -37.08 27.97
C ARG I 154 -22.90 -36.86 28.19
N ARG I 155 -22.09 -37.79 27.71
CA ARG I 155 -20.66 -37.72 27.93
C ARG I 155 -19.97 -36.80 26.94
N TYR I 156 -20.41 -36.78 25.68
CA TYR I 156 -19.89 -35.81 24.73
C TYR I 156 -20.31 -34.39 25.07
N ALA I 157 -21.42 -34.22 25.79
CA ALA I 157 -21.86 -32.89 26.18
C ALA I 157 -20.96 -32.29 27.24
N HIS I 158 -20.32 -33.11 28.06
CA HIS I 158 -19.40 -32.59 29.07
C HIS I 158 -18.15 -32.00 28.45
N ASN I 159 -17.59 -32.66 27.43
CA ASN I 159 -16.42 -32.11 26.75
C ASN I 159 -16.72 -30.84 25.98
N LEU I 160 -17.99 -30.56 25.68
CA LEU I 160 -18.38 -29.23 25.26
C LEU I 160 -18.72 -28.33 26.43
N ALA I 161 -19.12 -28.91 27.56
CA ALA I 161 -19.41 -28.11 28.74
C ALA I 161 -18.12 -27.60 29.39
N ASN I 162 -17.28 -28.52 29.86
CA ASN I 162 -15.96 -28.09 30.31
C ASN I 162 -15.09 -27.82 29.10
N ALA I 163 -14.13 -26.92 29.26
CA ALA I 163 -13.33 -26.49 28.12
C ALA I 163 -12.16 -27.45 27.88
N ARG I 164 -12.52 -28.70 27.58
CA ARG I 164 -11.51 -29.71 27.27
C ARG I 164 -10.75 -29.38 25.99
N PHE I 165 -11.43 -28.71 25.05
CA PHE I 165 -10.80 -28.28 23.81
C PHE I 165 -9.86 -27.11 23.99
N LEU I 166 -9.84 -26.47 25.16
CA LEU I 166 -8.78 -25.54 25.52
C LEU I 166 -7.73 -26.36 26.27
N TRP I 167 -6.68 -26.78 25.57
CA TRP I 167 -5.74 -27.74 26.15
C TRP I 167 -4.83 -27.09 27.18
N ARG I 168 -3.99 -26.16 26.76
CA ARG I 168 -3.17 -25.42 27.70
C ARG I 168 -3.75 -24.04 28.01
N ASN I 169 -4.71 -23.58 27.19
CA ASN I 169 -5.33 -22.28 27.42
C ASN I 169 -6.24 -22.27 28.64
N ARG I 170 -6.65 -23.44 29.12
CA ARG I 170 -7.55 -23.52 30.27
C ARG I 170 -6.81 -23.40 31.60
N VAL I 171 -5.54 -23.78 31.61
CA VAL I 171 -4.78 -23.92 32.86
C VAL I 171 -4.49 -22.55 33.44
N GLY I 172 -4.94 -22.32 34.68
CA GLY I 172 -4.63 -21.11 35.40
C GLY I 172 -5.53 -19.92 35.11
N ALA I 173 -6.69 -20.14 34.49
CA ALA I 173 -7.57 -19.04 34.19
C ALA I 173 -8.42 -18.67 35.39
N GLU I 174 -8.91 -17.43 35.40
CA GLU I 174 -9.77 -16.99 36.50
C GLU I 174 -11.16 -17.59 36.37
N ALA I 175 -11.75 -17.51 35.18
CA ALA I 175 -13.06 -18.08 34.93
C ALA I 175 -13.15 -18.43 33.46
N VAL I 176 -13.77 -19.57 33.16
CA VAL I 176 -13.94 -20.06 31.80
C VAL I 176 -15.44 -20.19 31.54
N GLU I 177 -15.90 -19.60 30.45
CA GLU I 177 -17.32 -19.59 30.12
C GLU I 177 -17.53 -20.06 28.70
N VAL I 178 -18.46 -20.99 28.51
CA VAL I 178 -18.73 -21.62 27.23
C VAL I 178 -20.15 -21.26 26.82
N ARG I 179 -20.31 -20.77 25.59
CA ARG I 179 -21.60 -20.34 25.08
C ARG I 179 -21.94 -21.17 23.85
N ILE I 180 -22.63 -22.29 24.07
CA ILE I 180 -23.00 -23.20 23.00
C ILE I 180 -24.35 -22.75 22.45
N ASN I 181 -24.36 -22.23 21.23
CA ASN I 181 -25.60 -21.89 20.56
C ASN I 181 -26.09 -23.11 19.78
N HIS I 182 -27.12 -22.89 18.96
CA HIS I 182 -27.62 -23.91 18.06
C HIS I 182 -28.08 -23.21 16.79
N ILE I 183 -27.95 -23.88 15.65
CA ILE I 183 -28.21 -23.26 14.36
C ILE I 183 -29.14 -24.17 13.56
N ARG I 184 -30.30 -23.63 13.18
CA ARG I 184 -31.16 -24.21 12.16
C ARG I 184 -31.34 -23.31 10.96
N GLN I 185 -31.14 -22.01 11.15
CA GLN I 185 -31.17 -20.99 10.12
C GLN I 185 -30.21 -19.91 10.63
N GLY I 186 -30.33 -18.68 10.11
CA GLY I 186 -29.68 -17.55 10.75
C GLY I 186 -30.17 -17.32 12.18
N GLU I 187 -31.40 -17.72 12.48
CA GLU I 187 -31.93 -17.66 13.83
C GLU I 187 -31.33 -18.78 14.69
N VAL I 188 -31.02 -18.43 15.93
CA VAL I 188 -30.53 -19.40 16.91
C VAL I 188 -31.73 -20.11 17.53
N ALA I 189 -31.70 -21.44 17.52
CA ALA I 189 -32.81 -22.20 18.09
C ALA I 189 -32.79 -22.13 19.62
N ARG I 190 -31.71 -22.62 20.23
CA ARG I 190 -31.57 -22.54 21.68
C ARG I 190 -30.11 -22.26 22.03
N ALA I 191 -29.90 -21.33 22.95
CA ALA I 191 -28.57 -21.00 23.44
C ALA I 191 -28.35 -21.61 24.81
N TRP I 192 -27.14 -22.08 25.05
CA TRP I 192 -26.72 -22.59 26.35
C TRP I 192 -25.60 -21.73 26.91
N ARG I 193 -25.52 -21.69 28.24
CA ARG I 193 -24.45 -20.99 28.94
C ARG I 193 -23.94 -21.89 30.05
N PHE I 194 -22.64 -21.84 30.30
CA PHE I 194 -22.02 -22.74 31.26
C PHE I 194 -20.89 -22.04 31.99
N ASP I 195 -20.36 -22.72 33.00
CA ASP I 195 -19.11 -22.35 33.65
C ASP I 195 -18.23 -23.58 33.65
N ALA I 196 -17.15 -23.55 32.85
CA ALA I 196 -16.37 -24.75 32.61
C ALA I 196 -15.49 -25.14 33.79
N LEU I 197 -15.16 -24.20 34.67
CA LEU I 197 -14.35 -24.56 35.83
C LEU I 197 -15.16 -25.25 36.90
N ALA I 198 -16.44 -24.87 37.07
CA ALA I 198 -17.28 -25.56 38.04
C ALA I 198 -17.67 -26.94 37.55
N ILE I 199 -17.80 -27.12 36.23
CA ILE I 199 -18.07 -28.42 35.65
C ILE I 199 -16.81 -29.25 35.72
N GLY I 200 -16.90 -30.41 36.36
CA GLY I 200 -15.71 -31.18 36.70
C GLY I 200 -15.01 -31.75 35.49
N LEU I 201 -13.69 -31.62 35.48
CA LEU I 201 -12.88 -32.08 34.36
C LEU I 201 -12.74 -33.60 34.34
N ARG I 202 -12.96 -34.27 35.47
CA ARG I 202 -12.79 -35.70 35.58
C ARG I 202 -14.10 -36.46 35.76
N ASP I 203 -15.19 -35.78 36.11
CA ASP I 203 -16.44 -36.45 36.40
C ASP I 203 -17.47 -36.16 35.30
N PHE I 204 -18.38 -37.11 35.12
CA PHE I 204 -19.47 -36.99 34.16
C PHE I 204 -20.78 -37.04 34.95
N LYS I 205 -21.23 -35.87 35.39
CA LYS I 205 -22.42 -35.73 36.20
C LYS I 205 -23.48 -34.99 35.40
N ALA I 206 -24.69 -35.52 35.40
CA ALA I 206 -25.77 -34.93 34.61
C ALA I 206 -26.29 -33.65 35.26
N ASP I 207 -27.03 -32.87 34.47
CA ASP I 207 -27.56 -31.60 34.90
C ASP I 207 -28.80 -31.31 34.04
N ALA I 208 -29.55 -30.27 34.42
CA ALA I 208 -30.73 -29.89 33.66
C ALA I 208 -30.35 -29.32 32.29
N GLU I 209 -29.33 -28.46 32.25
CA GLU I 209 -28.91 -27.89 30.98
C GLU I 209 -28.11 -28.88 30.15
N LEU I 210 -27.38 -29.79 30.80
CA LEU I 210 -26.61 -30.78 30.06
C LEU I 210 -27.51 -31.77 29.36
N ASP I 211 -28.53 -32.28 30.07
CA ASP I 211 -29.46 -33.24 29.47
C ASP I 211 -30.33 -32.61 28.40
N ALA I 212 -30.54 -31.29 28.47
CA ALA I 212 -31.17 -30.59 27.36
C ALA I 212 -30.27 -30.55 26.14
N LEU I 213 -28.96 -30.51 26.35
CA LEU I 213 -28.00 -30.54 25.26
C LEU I 213 -27.60 -31.96 24.88
N ALA I 214 -27.70 -32.90 25.82
CA ALA I 214 -27.36 -34.29 25.53
C ALA I 214 -28.34 -34.90 24.52
N GLU I 215 -29.64 -34.75 24.77
CA GLU I 215 -30.65 -35.32 23.88
C GLU I 215 -30.69 -34.61 22.53
N LEU I 216 -30.14 -33.39 22.45
CA LEU I 216 -29.88 -32.76 21.16
C LEU I 216 -28.86 -33.55 20.35
N ILE I 217 -27.80 -34.03 21.00
CA ILE I 217 -26.75 -34.76 20.29
C ILE I 217 -27.24 -36.16 19.93
N ALA I 218 -27.90 -36.84 20.86
CA ALA I 218 -28.35 -38.21 20.62
C ALA I 218 -29.44 -38.28 19.57
N SER I 219 -30.25 -37.23 19.45
CA SER I 219 -31.17 -37.16 18.33
C SER I 219 -30.43 -36.92 17.02
N GLY I 220 -29.28 -36.26 17.08
CA GLY I 220 -28.50 -36.06 15.87
C GLY I 220 -27.80 -37.32 15.42
N LEU I 221 -27.18 -38.04 16.36
CA LEU I 221 -26.43 -39.24 16.02
C LEU I 221 -27.33 -40.37 15.55
N SER I 222 -28.56 -40.45 16.06
CA SER I 222 -29.46 -41.52 15.68
C SER I 222 -29.99 -41.32 14.26
N GLY I 223 -30.71 -40.23 14.03
CA GLY I 223 -31.28 -39.97 12.74
C GLY I 223 -30.28 -39.44 11.74
N SER I 224 -30.76 -39.21 10.52
CA SER I 224 -29.94 -38.65 9.47
C SER I 224 -30.09 -37.13 9.45
N GLY I 225 -29.25 -36.48 8.65
CA GLY I 225 -29.22 -35.03 8.60
C GLY I 225 -28.40 -34.44 9.72
N HIS I 226 -27.59 -33.42 9.40
CA HIS I 226 -26.68 -32.88 10.40
C HIS I 226 -27.41 -31.95 11.35
N VAL I 227 -26.92 -31.90 12.59
CA VAL I 227 -27.42 -31.02 13.62
C VAL I 227 -26.27 -30.09 13.98
N LEU I 228 -26.28 -28.89 13.40
CA LEU I 228 -25.16 -27.97 13.51
C LEU I 228 -25.17 -27.28 14.87
N LEU I 229 -23.98 -27.05 15.41
CA LEU I 229 -23.78 -26.32 16.64
C LEU I 229 -22.85 -25.14 16.38
N GLU I 230 -22.60 -24.37 17.43
CA GLU I 230 -21.63 -23.28 17.38
C GLU I 230 -21.16 -23.05 18.81
N VAL I 231 -19.94 -23.48 19.10
CA VAL I 231 -19.39 -23.43 20.45
C VAL I 231 -18.42 -22.28 20.55
N VAL I 232 -18.63 -21.40 21.52
CA VAL I 232 -17.76 -20.24 21.75
C VAL I 232 -17.29 -20.31 23.20
N ALA I 233 -15.98 -20.15 23.42
CA ALA I 233 -15.42 -20.27 24.75
C ALA I 233 -14.63 -19.01 25.11
N PHE I 234 -14.76 -18.60 26.37
CA PHE I 234 -14.05 -17.45 26.90
C PHE I 234 -13.23 -17.88 28.11
N ALA I 235 -12.13 -17.17 28.36
CA ALA I 235 -11.26 -17.50 29.50
C ALA I 235 -10.49 -16.27 29.93
N ARG I 236 -10.65 -15.86 31.18
CA ARG I 236 -9.85 -14.76 31.72
C ARG I 236 -8.42 -15.23 31.93
N ILE I 237 -7.51 -14.75 31.08
CA ILE I 237 -6.11 -15.14 31.12
C ILE I 237 -5.25 -14.06 31.74
N GLY I 238 -5.24 -12.87 31.15
CA GLY I 238 -4.45 -11.78 31.67
C GLY I 238 -4.17 -10.77 30.59
N ASP I 239 -3.44 -9.73 30.98
CA ASP I 239 -3.09 -8.65 30.07
C ASP I 239 -1.79 -8.99 29.37
N GLY I 240 -1.83 -9.10 28.05
CA GLY I 240 -0.63 -9.36 27.28
C GLY I 240 -0.04 -10.75 27.43
N GLN I 241 -0.77 -11.68 28.05
CA GLN I 241 -0.26 -13.01 28.32
C GLN I 241 -0.19 -13.84 27.04
N GLU I 242 0.19 -15.10 27.21
CA GLU I 242 0.47 -15.98 26.09
C GLU I 242 -0.66 -16.99 25.91
N VAL I 243 -1.12 -17.14 24.67
CA VAL I 243 -2.04 -18.19 24.30
C VAL I 243 -1.27 -19.26 23.54
N PHE I 244 -1.92 -20.39 23.30
CA PHE I 244 -1.27 -21.56 22.74
C PHE I 244 -2.08 -22.09 21.57
N PRO I 245 -1.85 -21.57 20.36
CA PRO I 245 -2.36 -22.25 19.17
C PRO I 245 -1.63 -23.57 18.96
N SER I 246 -2.24 -24.40 18.13
CA SER I 246 -1.69 -25.74 17.91
C SER I 246 -0.38 -25.64 17.13
N GLN I 247 0.66 -26.26 17.67
CA GLN I 247 1.99 -26.19 17.07
C GLN I 247 2.03 -27.07 15.83
N GLU I 248 2.45 -26.49 14.72
CA GLU I 248 2.33 -27.16 13.42
C GLU I 248 3.55 -28.05 13.19
N LEU I 249 3.33 -29.14 12.45
CA LEU I 249 4.35 -30.18 12.30
C LEU I 249 5.13 -29.91 11.01
N ILE I 250 6.20 -29.13 11.12
CA ILE I 250 7.21 -29.10 10.07
C ILE I 250 7.98 -30.41 10.13
N LEU I 251 8.10 -31.08 8.98
CA LEU I 251 8.84 -32.33 8.98
C LEU I 251 10.35 -32.08 8.96
N ASP I 252 10.84 -31.43 7.91
CA ASP I 252 12.28 -31.22 7.71
C ASP I 252 12.58 -29.73 7.69
N LYS I 253 13.02 -29.21 8.83
CA LYS I 253 13.50 -27.84 8.90
C LYS I 253 14.87 -27.76 8.23
N GLY I 254 15.17 -26.59 7.66
CA GLY I 254 16.32 -26.49 6.79
C GLY I 254 17.64 -26.26 7.50
N ASP I 255 18.40 -25.27 7.02
CA ASP I 255 19.72 -24.97 7.55
C ASP I 255 19.60 -24.38 8.95
N LYS I 256 20.67 -24.50 9.72
CA LYS I 256 20.75 -23.93 11.07
C LYS I 256 21.23 -22.47 11.00
N LYS I 257 20.58 -21.69 10.14
CA LYS I 257 20.73 -20.24 10.16
C LYS I 257 19.38 -19.56 10.37
N GLY I 258 18.39 -19.83 9.52
CA GLY I 258 17.05 -19.39 9.78
C GLY I 258 16.43 -20.22 10.89
N GLN I 259 16.12 -21.48 10.56
CA GLN I 259 15.74 -22.54 11.50
C GLN I 259 14.55 -22.11 12.38
N LYS I 260 13.42 -21.95 11.72
CA LYS I 260 12.21 -21.56 12.45
C LYS I 260 11.68 -22.76 13.19
N SER I 261 12.13 -22.92 14.43
CA SER I 261 11.55 -23.91 15.32
C SER I 261 10.26 -23.37 15.91
N LYS I 262 9.33 -24.27 16.20
CA LYS I 262 8.01 -23.98 16.77
C LYS I 262 7.22 -23.03 15.88
N THR I 263 6.84 -23.54 14.71
CA THR I 263 5.86 -22.84 13.89
C THR I 263 4.47 -23.07 14.45
N LEU I 264 3.62 -22.05 14.33
CA LEU I 264 2.27 -22.10 14.87
C LEU I 264 1.25 -22.12 13.74
N TYR I 265 0.09 -22.69 14.04
CA TYR I 265 -0.96 -22.83 13.04
C TYR I 265 -1.78 -21.55 12.96
N SER I 266 -1.90 -21.01 11.76
CA SER I 266 -2.66 -19.78 11.54
C SER I 266 -3.38 -19.87 10.20
N VAL I 267 -4.66 -19.52 10.20
CA VAL I 267 -5.46 -19.49 8.98
C VAL I 267 -6.04 -18.09 8.81
N ARG I 268 -5.74 -17.48 7.65
CA ARG I 268 -6.07 -16.09 7.32
C ARG I 268 -5.60 -15.12 8.39
N ASP I 269 -4.32 -15.28 8.78
CA ASP I 269 -3.60 -14.41 9.71
C ASP I 269 -4.24 -14.36 11.10
N ALA I 270 -4.90 -15.44 11.49
CA ALA I 270 -5.48 -15.57 12.82
C ALA I 270 -4.97 -16.86 13.42
N ALA I 271 -4.39 -16.78 14.62
CA ALA I 271 -3.84 -17.96 15.28
C ALA I 271 -4.96 -18.90 15.68
N ALA I 272 -4.85 -20.16 15.31
CA ALA I 272 -5.94 -21.10 15.44
C ALA I 272 -5.42 -22.47 15.86
N ILE I 273 -6.36 -23.31 16.27
CA ILE I 273 -6.10 -24.66 16.73
C ILE I 273 -6.56 -25.62 15.63
N HIS I 274 -5.81 -26.71 15.42
CA HIS I 274 -6.20 -27.72 14.46
C HIS I 274 -7.52 -28.36 14.82
N SER I 275 -8.23 -28.84 13.79
CA SER I 275 -9.51 -29.51 14.01
C SER I 275 -9.31 -30.88 14.64
N GLN I 276 -8.23 -31.57 14.32
CA GLN I 276 -7.97 -32.86 14.93
C GLN I 276 -7.48 -32.76 16.36
N LYS I 277 -7.12 -31.56 16.82
CA LYS I 277 -6.88 -31.38 18.24
C LYS I 277 -8.19 -31.08 18.97
N ILE I 278 -9.06 -30.28 18.36
CA ILE I 278 -10.41 -30.10 18.91
C ILE I 278 -11.17 -31.41 18.85
N GLY I 279 -11.03 -32.14 17.74
CA GLY I 279 -11.69 -33.43 17.60
C GLY I 279 -11.13 -34.51 18.50
N ASN I 280 -9.90 -34.34 18.98
CA ASN I 280 -9.39 -35.23 20.01
C ASN I 280 -10.13 -35.01 21.32
N ALA I 281 -10.29 -33.75 21.72
CA ALA I 281 -10.81 -33.42 23.04
C ALA I 281 -12.28 -33.75 23.20
N LEU I 282 -13.03 -33.82 22.10
CA LEU I 282 -14.44 -34.16 22.18
C LEU I 282 -14.64 -35.61 22.57
N ARG I 283 -13.68 -36.48 22.24
CA ARG I 283 -13.83 -37.91 22.42
C ARG I 283 -12.89 -38.48 23.47
N THR I 284 -12.56 -37.68 24.49
CA THR I 284 -11.73 -38.17 25.60
C THR I 284 -12.63 -38.74 26.70
N ILE I 285 -13.31 -39.84 26.35
CA ILE I 285 -14.31 -40.41 27.25
C ILE I 285 -14.05 -41.90 27.47
N ASP I 286 -12.78 -42.31 27.48
CA ASP I 286 -12.54 -43.72 27.80
C ASP I 286 -12.37 -43.81 29.31
N THR I 287 -13.46 -44.15 29.99
CA THR I 287 -13.47 -44.34 31.43
C THR I 287 -13.48 -45.82 31.81
N TRP I 288 -13.15 -46.71 30.89
CA TRP I 288 -13.34 -48.14 31.08
C TRP I 288 -12.05 -48.88 30.81
N TYR I 289 -10.98 -48.42 31.44
CA TYR I 289 -9.69 -49.07 31.28
C TYR I 289 -9.64 -50.41 32.00
N PRO I 290 -8.87 -51.36 31.48
CA PRO I 290 -8.59 -52.57 32.27
C PRO I 290 -7.66 -52.31 33.43
N ASP I 291 -6.62 -51.52 33.24
CA ASP I 291 -5.54 -51.41 34.23
C ASP I 291 -5.76 -50.25 35.20
N GLU I 292 -5.81 -49.03 34.69
CA GLU I 292 -5.84 -47.84 35.54
C GLU I 292 -6.84 -46.83 34.99
N ASP I 293 -7.84 -46.48 35.80
CA ASP I 293 -8.68 -45.32 35.54
C ASP I 293 -8.24 -44.14 36.40
N GLY I 294 -7.03 -44.21 36.99
CA GLY I 294 -6.53 -43.10 37.77
C GLY I 294 -6.12 -41.92 36.93
N LEU I 295 -5.78 -42.16 35.67
CA LEU I 295 -5.48 -41.05 34.76
C LEU I 295 -6.75 -40.32 34.35
N GLY I 296 -7.88 -41.01 34.36
CA GLY I 296 -9.14 -40.40 34.04
C GLY I 296 -9.59 -40.69 32.63
N PRO I 297 -10.60 -39.95 32.16
CA PRO I 297 -11.12 -40.18 30.80
C PRO I 297 -10.18 -39.62 29.75
N ILE I 298 -9.61 -40.51 28.93
CA ILE I 298 -8.69 -40.09 27.88
C ILE I 298 -9.33 -40.58 26.58
N ALA I 299 -8.66 -40.40 25.45
CA ALA I 299 -9.28 -40.48 24.13
C ALA I 299 -9.70 -41.90 23.77
N VAL I 300 -10.78 -41.98 22.99
CA VAL I 300 -11.30 -43.25 22.50
C VAL I 300 -10.45 -43.67 21.31
N GLU I 301 -9.68 -44.75 21.46
CA GLU I 301 -8.81 -45.23 20.40
C GLU I 301 -8.91 -46.75 20.30
N PRO I 302 -8.86 -47.30 19.09
CA PRO I 302 -8.60 -48.73 18.95
C PRO I 302 -7.17 -49.01 19.37
N TYR I 303 -6.97 -50.06 20.16
CA TYR I 303 -5.75 -50.31 20.94
C TYR I 303 -5.37 -49.06 21.73
N GLY I 304 -6.25 -48.74 22.70
CA GLY I 304 -6.37 -47.40 23.25
C GLY I 304 -5.13 -46.76 23.81
N SER I 305 -4.60 -45.80 23.07
CA SER I 305 -3.28 -45.25 23.30
C SER I 305 -3.37 -43.79 23.70
N VAL I 306 -2.41 -43.35 24.50
CA VAL I 306 -2.28 -41.97 24.93
C VAL I 306 -0.92 -41.47 24.49
N THR I 307 -0.89 -40.36 23.75
CA THR I 307 0.39 -39.84 23.28
C THR I 307 1.19 -39.21 24.42
N SER I 308 0.52 -38.61 25.39
CA SER I 308 1.23 -37.97 26.50
C SER I 308 1.80 -39.01 27.45
N GLN I 309 1.04 -40.07 27.73
CA GLN I 309 1.54 -41.13 28.60
C GLN I 309 2.56 -42.01 27.90
N GLY I 310 2.57 -42.03 26.58
CA GLY I 310 3.60 -42.74 25.84
C GLY I 310 3.43 -44.23 25.77
N LYS I 311 2.29 -44.78 26.19
CA LYS I 311 2.06 -46.20 26.05
C LYS I 311 0.56 -46.44 25.87
N ALA I 312 0.24 -47.61 25.32
CA ALA I 312 -1.12 -47.91 24.90
C ALA I 312 -1.78 -48.87 25.87
N TYR I 313 -2.93 -48.47 26.40
CA TYR I 313 -3.79 -49.38 27.14
C TYR I 313 -4.61 -50.20 26.15
N ARG I 314 -5.44 -51.10 26.69
CA ARG I 314 -6.31 -51.99 25.92
C ARG I 314 -5.51 -52.84 24.93
N GLN I 315 -4.61 -53.65 25.48
CA GLN I 315 -3.73 -54.48 24.69
C GLN I 315 -4.45 -55.75 24.23
N PRO I 316 -3.97 -56.38 23.15
CA PRO I 316 -4.50 -57.70 22.79
C PRO I 316 -4.10 -58.83 23.74
N LYS I 317 -3.16 -58.60 24.66
CA LYS I 317 -3.00 -59.56 25.74
C LYS I 317 -4.17 -59.49 26.70
N GLN I 318 -4.82 -58.33 26.81
CA GLN I 318 -6.14 -58.24 27.38
C GLN I 318 -7.17 -58.58 26.30
N LYS I 319 -8.41 -58.78 26.72
CA LYS I 319 -9.49 -59.03 25.78
C LYS I 319 -10.34 -57.79 25.53
N LEU I 320 -9.73 -56.61 25.59
CA LEU I 320 -10.46 -55.35 25.52
C LEU I 320 -9.94 -54.46 24.41
N ASP I 321 -9.56 -55.06 23.28
CA ASP I 321 -9.28 -54.29 22.08
C ASP I 321 -10.58 -53.70 21.52
N PHE I 322 -10.46 -52.91 20.47
CA PHE I 322 -11.67 -52.67 19.69
C PHE I 322 -11.97 -53.86 18.80
N TYR I 323 -10.94 -54.42 18.16
CA TYR I 323 -11.14 -55.52 17.22
C TYR I 323 -11.57 -56.79 17.93
N THR I 324 -11.03 -57.03 19.12
CA THR I 324 -11.38 -58.22 19.88
C THR I 324 -12.81 -58.13 20.43
N LEU I 325 -13.26 -56.93 20.79
CA LEU I 325 -14.63 -56.79 21.23
C LEU I 325 -15.62 -56.78 20.06
N LEU I 326 -15.19 -56.34 18.88
CA LEU I 326 -16.13 -56.18 17.78
C LEU I 326 -16.54 -57.52 17.19
N ASP I 327 -15.57 -58.36 16.85
CA ASP I 327 -15.88 -59.64 16.20
C ASP I 327 -16.58 -60.61 17.15
N ASN I 328 -16.34 -60.47 18.45
CA ASN I 328 -17.10 -61.25 19.42
C ASN I 328 -18.56 -60.81 19.45
N TRP I 329 -18.79 -59.50 19.42
CA TRP I 329 -20.14 -58.96 19.53
C TRP I 329 -20.89 -58.98 18.21
N VAL I 330 -20.22 -59.25 17.09
CA VAL I 330 -20.85 -59.30 15.78
C VAL I 330 -20.91 -60.73 15.25
N LEU I 331 -19.76 -61.39 15.12
CA LEU I 331 -19.74 -62.69 14.46
C LEU I 331 -20.26 -63.80 15.36
N ARG I 332 -19.57 -64.05 16.47
CA ARG I 332 -19.91 -65.17 17.34
C ARG I 332 -20.85 -64.77 18.47
N ASP I 333 -21.40 -63.56 18.40
CA ASP I 333 -22.48 -63.06 19.27
C ASP I 333 -22.09 -63.00 20.75
N GLU I 334 -20.80 -63.03 21.06
CA GLU I 334 -20.35 -62.85 22.44
C GLU I 334 -20.47 -61.37 22.78
N ALA I 335 -21.58 -61.00 23.38
CA ALA I 335 -21.78 -59.61 23.76
C ALA I 335 -20.89 -59.26 24.95
N PRO I 336 -20.17 -58.15 24.90
CA PRO I 336 -19.32 -57.77 26.03
C PRO I 336 -20.13 -57.19 27.18
N ALA I 337 -19.42 -56.63 28.17
CA ALA I 337 -20.07 -55.88 29.23
C ALA I 337 -20.79 -54.67 28.66
N VAL I 338 -21.86 -54.26 29.34
CA VAL I 338 -22.70 -53.16 28.88
C VAL I 338 -21.90 -51.87 28.83
N GLU I 339 -20.98 -51.70 29.78
CA GLU I 339 -20.06 -50.58 29.74
C GLU I 339 -19.10 -50.68 28.57
N GLN I 340 -18.65 -51.89 28.25
CA GLN I 340 -17.79 -52.09 27.10
C GLN I 340 -18.53 -51.95 25.78
N GLN I 341 -19.86 -52.09 25.78
CA GLN I 341 -20.63 -51.83 24.58
C GLN I 341 -20.62 -50.35 24.23
N HIS I 342 -20.47 -49.47 25.22
CA HIS I 342 -20.35 -48.04 24.94
C HIS I 342 -19.02 -47.72 24.28
N TYR I 343 -17.97 -48.48 24.61
CA TYR I 343 -16.67 -48.26 23.98
C TYR I 343 -16.68 -48.65 22.51
N VAL I 344 -17.45 -49.67 22.15
CA VAL I 344 -17.45 -50.15 20.77
C VAL I 344 -18.17 -49.16 19.87
N ILE I 345 -19.26 -48.56 20.36
CA ILE I 345 -19.99 -47.58 19.58
C ILE I 345 -19.18 -46.30 19.40
N ALA I 346 -18.36 -45.95 20.39
CA ALA I 346 -17.61 -44.69 20.35
C ALA I 346 -16.53 -44.71 19.28
N ASN I 347 -15.93 -45.87 19.02
CA ASN I 347 -14.99 -45.98 17.91
C ASN I 347 -15.71 -45.93 16.57
N LEU I 348 -16.98 -46.31 16.52
CA LEU I 348 -17.75 -46.17 15.29
C LEU I 348 -18.14 -44.72 15.05
N ILE I 349 -18.13 -43.90 16.09
CA ILE I 349 -18.42 -42.47 15.92
C ILE I 349 -17.21 -41.74 15.37
N ARG I 350 -16.01 -42.08 15.84
CA ARG I 350 -14.81 -41.41 15.36
C ARG I 350 -14.36 -41.88 13.99
N GLY I 351 -14.93 -42.97 13.48
CA GLY I 351 -14.49 -43.48 12.20
C GLY I 351 -13.37 -44.49 12.35
N GLY I 352 -12.66 -44.69 11.25
CA GLY I 352 -11.50 -45.57 11.24
C GLY I 352 -11.51 -46.44 9.99
N VAL I 353 -10.33 -46.92 9.64
CA VAL I 353 -10.14 -47.83 8.51
C VAL I 353 -9.64 -49.15 9.07
N PHE I 354 -10.40 -50.21 8.86
CA PHE I 354 -10.20 -51.45 9.58
C PHE I 354 -9.69 -52.53 8.63
N GLY I 355 -9.29 -53.65 9.22
CA GLY I 355 -8.43 -54.61 8.56
C GLY I 355 -9.15 -55.75 7.89
N GLU I 356 -8.43 -56.87 7.78
CA GLU I 356 -8.87 -57.99 6.96
C GLU I 356 -9.33 -59.17 7.80
N MET J 1 -73.33 20.46 -5.52
CA MET J 1 -74.59 20.51 -4.81
C MET J 1 -75.61 21.35 -5.57
N ASP J 2 -75.54 22.67 -5.38
CA ASP J 2 -76.46 23.60 -6.04
C ASP J 2 -75.85 24.25 -7.27
N HIS J 3 -74.54 24.52 -7.26
CA HIS J 3 -73.86 25.09 -8.42
C HIS J 3 -72.40 24.68 -8.32
N TYR J 4 -72.01 23.69 -9.12
CA TYR J 4 -70.65 23.17 -9.11
C TYR J 4 -69.82 23.94 -10.12
N LEU J 5 -68.56 24.22 -9.77
CA LEU J 5 -67.69 25.05 -10.57
C LEU J 5 -66.41 24.30 -10.93
N ASP J 6 -65.64 24.90 -11.84
CA ASP J 6 -64.36 24.34 -12.26
C ASP J 6 -63.40 25.48 -12.59
N ILE J 7 -62.11 25.19 -12.48
CA ILE J 7 -61.05 26.16 -12.76
C ILE J 7 -59.91 25.42 -13.44
N ARG J 8 -59.65 25.74 -14.70
CA ARG J 8 -58.62 25.06 -15.48
C ARG J 8 -57.31 25.81 -15.35
N LEU J 9 -56.26 25.12 -14.91
CA LEU J 9 -54.91 25.67 -14.85
C LEU J 9 -54.15 25.14 -16.06
N ARG J 10 -53.79 26.03 -16.98
CA ARG J 10 -53.19 25.64 -18.24
C ARG J 10 -51.77 25.15 -18.04
N PRO J 11 -51.25 24.36 -18.99
CA PRO J 11 -49.88 23.83 -18.85
C PRO J 11 -48.85 24.87 -19.24
N ASP J 12 -47.77 24.91 -18.48
CA ASP J 12 -46.71 25.87 -18.73
C ASP J 12 -45.47 25.49 -17.93
N PRO J 13 -44.38 26.26 -18.06
CA PRO J 13 -43.22 26.02 -17.19
C PRO J 13 -43.51 26.35 -15.74
N GLU J 14 -44.10 27.53 -15.52
CA GLU J 14 -44.36 28.03 -14.17
C GLU J 14 -45.43 27.24 -13.43
N PHE J 15 -46.17 26.38 -14.10
CA PHE J 15 -47.17 25.55 -13.43
C PHE J 15 -46.79 24.08 -13.61
N PRO J 16 -45.53 23.74 -13.40
CA PRO J 16 -45.14 22.34 -13.37
C PRO J 16 -45.24 21.78 -11.97
N PRO J 17 -44.83 20.54 -11.78
CA PRO J 17 -44.98 19.91 -10.46
C PRO J 17 -43.85 20.21 -9.47
N ALA J 18 -43.04 21.25 -9.67
CA ALA J 18 -41.93 21.42 -8.75
C ALA J 18 -42.19 22.34 -7.57
N GLN J 19 -42.29 23.64 -7.81
CA GLN J 19 -42.77 24.54 -6.76
C GLN J 19 -43.51 25.76 -7.26
N LEU J 20 -43.68 25.95 -8.56
CA LEU J 20 -44.50 27.04 -9.04
C LEU J 20 -45.96 26.61 -9.17
N MET J 21 -46.20 25.32 -9.42
CA MET J 21 -47.54 24.78 -9.56
C MET J 21 -47.78 23.51 -8.78
N SER J 22 -46.81 23.02 -8.01
CA SER J 22 -47.08 21.91 -7.09
C SER J 22 -47.77 22.41 -5.82
N VAL J 23 -47.25 23.49 -5.23
CA VAL J 23 -47.75 23.99 -3.96
C VAL J 23 -49.05 24.76 -4.06
N LEU J 24 -49.54 25.05 -5.26
CA LEU J 24 -50.83 25.71 -5.40
C LEU J 24 -51.95 24.71 -5.65
N PHE J 25 -52.04 23.67 -4.81
CA PHE J 25 -53.07 22.65 -4.99
C PHE J 25 -53.76 22.21 -3.71
N GLY J 26 -53.19 22.46 -2.54
CA GLY J 26 -53.83 22.11 -1.30
C GLY J 26 -53.58 23.14 -0.22
N LYS J 27 -52.96 24.25 -0.61
CA LYS J 27 -52.72 25.37 0.29
C LYS J 27 -53.15 26.69 -0.31
N LEU J 28 -53.57 26.72 -1.58
CA LEU J 28 -53.97 27.93 -2.26
C LEU J 28 -55.48 28.16 -2.19
N HIS J 29 -56.13 27.70 -1.12
CA HIS J 29 -57.57 27.90 -0.95
C HIS J 29 -57.87 29.21 -0.25
N GLN J 30 -57.39 30.32 -0.84
CA GLN J 30 -57.57 31.64 -0.25
C GLN J 30 -59.01 32.12 -0.30
N ALA J 31 -59.81 31.60 -1.24
CA ALA J 31 -61.24 31.93 -1.25
C ALA J 31 -61.96 31.31 -0.07
N LEU J 32 -61.45 30.19 0.45
CA LEU J 32 -61.92 29.62 1.70
C LEU J 32 -60.96 29.85 2.85
N VAL J 33 -59.93 30.68 2.65
CA VAL J 33 -58.92 30.92 3.67
C VAL J 33 -58.76 32.41 3.94
N ALA J 34 -58.45 33.19 2.91
CA ALA J 34 -58.08 34.59 3.14
C ALA J 34 -58.86 35.58 2.29
N GLN J 35 -59.19 35.25 1.05
CA GLN J 35 -59.74 36.23 0.13
C GLN J 35 -61.20 36.57 0.41
N GLY J 36 -61.88 35.79 1.25
CA GLY J 36 -63.27 36.07 1.54
C GLY J 36 -64.20 34.93 1.16
N GLY J 37 -64.81 34.30 2.17
CA GLY J 37 -65.68 33.16 1.96
C GLY J 37 -65.33 32.02 2.88
N ASP J 38 -66.32 31.42 3.52
CA ASP J 38 -66.04 30.29 4.41
C ASP J 38 -67.07 29.18 4.39
N ARG J 39 -68.09 29.23 3.53
CA ARG J 39 -69.24 28.32 3.62
C ARG J 39 -69.51 27.63 2.30
N ILE J 40 -68.47 27.06 1.70
CA ILE J 40 -68.62 26.35 0.44
C ILE J 40 -68.37 24.86 0.63
N GLY J 41 -68.64 24.07 -0.40
CA GLY J 41 -68.38 22.64 -0.36
C GLY J 41 -67.18 22.25 -1.21
N VAL J 42 -66.09 21.84 -0.56
CA VAL J 42 -64.87 21.49 -1.26
C VAL J 42 -65.08 20.16 -1.97
N SER J 43 -65.04 20.19 -3.30
CA SER J 43 -65.24 18.98 -4.11
C SER J 43 -64.37 19.11 -5.36
N PHE J 44 -63.18 18.51 -5.31
CA PHE J 44 -62.28 18.53 -6.47
C PHE J 44 -62.71 17.47 -7.48
N PRO J 45 -62.86 17.82 -8.76
CA PRO J 45 -63.43 16.87 -9.72
C PRO J 45 -62.40 15.97 -10.39
N ASP J 46 -61.18 15.90 -9.86
CA ASP J 46 -60.11 15.10 -10.42
C ASP J 46 -59.52 14.17 -9.37
N LEU J 47 -60.39 13.49 -8.63
CA LEU J 47 -59.98 12.59 -7.55
C LEU J 47 -59.44 11.30 -8.16
N ASP J 48 -58.16 11.34 -8.52
CA ASP J 48 -57.44 10.19 -9.06
C ASP J 48 -56.23 9.96 -8.17
N GLU J 49 -56.31 8.94 -7.31
CA GLU J 49 -55.30 8.68 -6.31
C GLU J 49 -54.10 7.91 -6.83
N SER J 50 -54.00 7.67 -8.14
CA SER J 50 -52.85 6.96 -8.69
C SER J 50 -51.62 7.86 -8.70
N ARG J 51 -51.78 9.13 -9.06
CA ARG J 51 -50.69 10.08 -9.05
C ARG J 51 -50.58 10.85 -7.74
N SER J 52 -51.43 10.54 -6.76
CA SER J 52 -51.45 11.25 -5.48
C SER J 52 -51.95 12.68 -5.63
N ARG J 53 -52.91 12.88 -6.53
CA ARG J 53 -53.48 14.20 -6.80
C ARG J 53 -54.99 14.04 -6.87
N LEU J 54 -55.68 14.48 -5.81
CA LEU J 54 -57.13 14.30 -5.68
C LEU J 54 -57.94 15.39 -6.35
N GLY J 55 -57.34 16.13 -7.29
CA GLY J 55 -58.04 17.16 -8.02
C GLY J 55 -57.23 17.68 -9.19
N GLU J 56 -57.83 17.73 -10.37
CA GLU J 56 -57.15 18.23 -11.56
C GLU J 56 -57.55 19.67 -11.86
N ARG J 57 -58.84 19.93 -12.04
CA ARG J 57 -59.34 21.27 -12.23
C ARG J 57 -59.57 21.94 -10.88
N LEU J 58 -60.02 23.20 -10.92
CA LEU J 58 -60.37 23.93 -9.70
C LEU J 58 -61.83 23.67 -9.35
N ARG J 59 -62.10 22.41 -9.02
CA ARG J 59 -63.46 21.98 -8.75
C ARG J 59 -63.93 22.53 -7.40
N ILE J 60 -65.07 23.23 -7.42
CA ILE J 60 -65.67 23.78 -6.21
C ILE J 60 -67.18 23.55 -6.29
N HIS J 61 -67.77 23.15 -5.18
CA HIS J 61 -69.20 22.91 -5.09
C HIS J 61 -69.82 24.02 -4.25
N ALA J 62 -70.68 24.83 -4.87
CA ALA J 62 -71.32 25.94 -4.19
C ALA J 62 -72.82 25.91 -4.53
N SER J 63 -73.51 26.97 -4.13
CA SER J 63 -74.94 27.10 -4.44
C SER J 63 -75.11 27.71 -5.82
N ALA J 64 -76.36 28.07 -6.16
CA ALA J 64 -76.62 28.65 -7.48
C ALA J 64 -76.10 30.08 -7.56
N ASP J 65 -76.40 30.90 -6.55
CA ASP J 65 -75.89 32.27 -6.52
C ASP J 65 -74.41 32.30 -6.15
N ASP J 66 -73.94 31.36 -5.34
CA ASP J 66 -72.54 31.32 -4.96
C ASP J 66 -71.64 30.88 -6.10
N LEU J 67 -72.18 30.16 -7.08
CA LEU J 67 -71.43 29.77 -8.27
C LEU J 67 -71.60 30.75 -9.42
N ARG J 68 -72.77 31.37 -9.54
CA ARG J 68 -73.02 32.31 -10.63
C ARG J 68 -72.34 33.65 -10.38
N ALA J 69 -72.61 34.26 -9.23
CA ALA J 69 -72.06 35.59 -8.94
C ALA J 69 -71.48 35.75 -7.54
N LEU J 70 -71.60 34.77 -6.65
CA LEU J 70 -71.11 34.89 -5.28
C LEU J 70 -69.81 34.11 -5.06
N LEU J 71 -68.97 33.99 -6.10
CA LEU J 71 -67.70 33.28 -6.01
C LEU J 71 -66.60 34.09 -6.68
N ALA J 72 -66.55 35.39 -6.38
CA ALA J 72 -65.61 36.33 -6.99
C ALA J 72 -64.49 36.71 -6.03
N ARG J 73 -64.03 35.76 -5.22
CA ARG J 73 -62.98 36.02 -4.24
C ARG J 73 -61.62 36.03 -4.94
N PRO J 74 -60.55 36.28 -4.18
CA PRO J 74 -59.22 36.30 -4.80
C PRO J 74 -58.55 34.93 -4.83
N TRP J 75 -59.34 33.88 -4.61
CA TRP J 75 -58.85 32.50 -4.65
C TRP J 75 -58.93 31.89 -6.04
N LEU J 76 -59.04 32.72 -7.08
CA LEU J 76 -59.08 32.25 -8.46
C LEU J 76 -58.20 33.10 -9.36
N GLU J 77 -57.11 33.62 -8.82
CA GLU J 77 -56.17 34.46 -9.55
C GLU J 77 -55.01 33.61 -10.05
N GLY J 78 -54.34 34.12 -11.10
CA GLY J 78 -53.31 33.39 -11.79
C GLY J 78 -53.79 32.74 -13.08
N LEU J 79 -55.07 32.40 -13.15
CA LEU J 79 -55.67 31.83 -14.35
C LEU J 79 -56.16 32.91 -15.33
N ARG J 80 -55.74 34.16 -15.15
CA ARG J 80 -56.07 35.19 -16.12
C ARG J 80 -55.14 35.13 -17.33
N ASP J 81 -53.85 34.91 -17.09
CA ASP J 81 -52.86 34.79 -18.16
C ASP J 81 -52.03 33.51 -18.06
N HIS J 82 -51.72 33.05 -16.86
CA HIS J 82 -50.92 31.85 -16.65
C HIS J 82 -51.74 30.57 -16.67
N LEU J 83 -53.01 30.65 -17.01
CA LEU J 83 -53.89 29.49 -17.09
C LEU J 83 -55.20 29.94 -17.72
N GLN J 84 -56.18 29.03 -17.78
CA GLN J 84 -57.51 29.37 -18.25
C GLN J 84 -58.39 29.77 -17.06
N PHE J 85 -59.67 29.99 -17.33
CA PHE J 85 -60.62 30.38 -16.30
C PHE J 85 -61.92 29.62 -16.48
N GLY J 86 -62.68 29.52 -15.40
CA GLY J 86 -63.95 28.83 -15.40
C GLY J 86 -65.11 29.75 -15.09
N GLU J 87 -66.28 29.14 -14.93
CA GLU J 87 -67.51 29.87 -14.63
C GLU J 87 -68.43 28.95 -13.85
N PRO J 88 -69.57 29.45 -13.40
CA PRO J 88 -70.51 28.62 -12.64
C PRO J 88 -71.52 27.93 -13.55
N ALA J 89 -72.14 26.89 -12.99
CA ALA J 89 -73.11 26.10 -13.73
C ALA J 89 -74.13 25.56 -12.73
N VAL J 90 -74.92 24.57 -13.15
CA VAL J 90 -75.92 23.95 -12.30
C VAL J 90 -75.26 22.90 -11.42
N VAL J 91 -75.99 22.42 -10.41
CA VAL J 91 -75.50 21.40 -9.49
C VAL J 91 -75.70 20.02 -10.11
N PRO J 92 -75.28 18.94 -9.42
CA PRO J 92 -75.44 17.60 -10.00
C PRO J 92 -76.88 17.10 -10.02
N HIS J 93 -77.47 17.04 -11.22
CA HIS J 93 -78.84 16.60 -11.41
C HIS J 93 -78.95 15.11 -11.12
N PRO J 94 -77.99 14.30 -11.58
CA PRO J 94 -77.96 12.88 -11.20
C PRO J 94 -77.41 12.68 -9.80
N THR J 95 -77.23 11.44 -9.38
CA THR J 95 -76.70 11.23 -8.04
C THR J 95 -75.19 11.06 -8.11
N PRO J 96 -74.44 12.16 -8.02
CA PRO J 96 -72.97 12.05 -8.03
C PRO J 96 -72.40 11.95 -6.64
N TYR J 97 -71.53 10.97 -6.41
CA TYR J 97 -70.90 10.80 -5.09
C TYR J 97 -69.61 11.61 -4.98
N ARG J 98 -69.68 12.90 -5.29
CA ARG J 98 -68.51 13.78 -5.27
C ARG J 98 -68.40 14.50 -3.94
N GLN J 99 -68.43 13.71 -2.87
CA GLN J 99 -68.22 14.23 -1.51
C GLN J 99 -66.76 14.14 -1.10
N VAL J 100 -65.87 14.63 -1.95
CA VAL J 100 -64.43 14.56 -1.69
C VAL J 100 -63.78 15.76 -2.36
N SER J 101 -63.02 16.52 -1.59
CA SER J 101 -62.32 17.68 -2.09
C SER J 101 -61.12 17.96 -1.19
N ARG J 102 -60.57 19.16 -1.30
CA ARG J 102 -59.62 19.63 -0.29
C ARG J 102 -60.37 19.90 1.01
N VAL J 103 -60.06 19.11 2.04
CA VAL J 103 -60.70 19.22 3.34
C VAL J 103 -59.60 19.12 4.40
N GLN J 104 -59.99 19.08 5.66
CA GLN J 104 -59.03 18.95 6.77
C GLN J 104 -58.66 17.50 7.05
N ALA J 105 -58.24 16.78 6.01
CA ALA J 105 -57.69 15.44 6.14
C ALA J 105 -56.20 15.54 5.87
N LYS J 106 -55.39 15.17 6.86
CA LYS J 106 -53.94 15.23 6.73
C LYS J 106 -53.33 14.61 7.99
N SER J 107 -52.08 14.21 7.87
CA SER J 107 -51.41 13.43 8.92
C SER J 107 -50.03 14.00 9.22
N ASN J 108 -49.96 15.32 9.43
CA ASN J 108 -48.69 15.95 9.78
C ASN J 108 -48.78 16.44 11.23
N PRO J 109 -48.77 15.53 12.19
CA PRO J 109 -48.91 15.94 13.60
C PRO J 109 -47.56 16.11 14.29
N GLU J 110 -46.48 15.72 13.61
CA GLU J 110 -45.14 15.84 14.15
C GLU J 110 -44.60 17.27 14.09
N ARG J 111 -45.33 18.20 13.47
CA ARG J 111 -44.93 19.60 13.47
C ARG J 111 -44.95 20.20 14.86
N LEU J 112 -45.91 19.77 15.68
CA LEU J 112 -45.94 20.13 17.10
C LEU J 112 -46.56 18.94 17.83
N ARG J 113 -45.72 18.04 18.31
CA ARG J 113 -46.19 16.88 19.05
C ARG J 113 -45.35 16.55 20.26
N ARG J 114 -44.33 17.36 20.58
CA ARG J 114 -43.50 17.10 21.75
C ARG J 114 -44.28 17.30 23.04
N ARG J 115 -45.29 18.16 23.03
CA ARG J 115 -46.18 18.30 24.18
C ARG J 115 -47.05 17.07 24.39
N LEU J 116 -47.33 16.32 23.34
CA LEU J 116 -48.06 15.06 23.45
C LEU J 116 -47.14 13.87 23.64
N MET J 117 -45.83 14.07 23.61
CA MET J 117 -44.87 12.99 23.85
C MET J 117 -44.00 13.23 25.07
N ARG J 118 -43.32 14.38 25.15
CA ARG J 118 -42.40 14.62 26.25
C ARG J 118 -42.49 16.03 26.84
N ARG J 119 -43.54 16.80 26.49
CA ARG J 119 -43.74 18.12 27.05
C ARG J 119 -44.79 18.14 28.16
N HIS J 120 -45.04 16.99 28.78
CA HIS J 120 -46.02 16.85 29.85
C HIS J 120 -45.37 16.86 31.23
N ASP J 121 -44.34 17.68 31.41
CA ASP J 121 -43.52 17.74 32.62
C ASP J 121 -42.46 16.66 32.68
N LEU J 122 -42.23 15.94 31.59
CA LEU J 122 -41.19 14.93 31.53
C LEU J 122 -40.05 15.42 30.64
N SER J 123 -39.04 14.58 30.43
CA SER J 123 -37.91 14.91 29.58
C SER J 123 -38.25 14.66 28.11
N GLU J 124 -37.24 14.72 27.25
CA GLU J 124 -37.43 14.49 25.82
C GLU J 124 -37.21 13.05 25.40
N GLU J 125 -37.05 12.13 26.36
CA GLU J 125 -36.81 10.72 26.05
C GLU J 125 -38.10 9.91 25.94
N GLU J 126 -39.23 10.56 25.65
CA GLU J 126 -40.49 9.87 25.50
C GLU J 126 -41.30 10.41 24.31
N ALA J 127 -40.60 10.90 23.28
CA ALA J 127 -41.27 11.46 22.11
C ALA J 127 -41.86 10.40 21.19
N ARG J 128 -41.61 9.12 21.45
CA ARG J 128 -42.18 8.05 20.65
C ARG J 128 -42.75 6.90 21.47
N LYS J 129 -42.57 6.91 22.80
CA LYS J 129 -43.05 5.84 23.67
C LYS J 129 -44.35 6.20 24.38
N ARG J 130 -44.41 7.38 25.00
CA ARG J 130 -45.66 7.83 25.63
C ARG J 130 -46.67 8.25 24.57
N ILE J 131 -46.30 9.22 23.74
CA ILE J 131 -47.08 9.63 22.58
C ILE J 131 -46.23 9.33 21.35
N PRO J 132 -46.62 8.38 20.50
CA PRO J 132 -45.75 7.99 19.37
C PRO J 132 -45.75 8.99 18.23
N ASP J 133 -45.09 8.63 17.13
CA ASP J 133 -45.09 9.44 15.92
C ASP J 133 -46.13 9.00 14.92
N THR J 134 -47.07 8.16 15.32
CA THR J 134 -48.03 7.52 14.40
C THR J 134 -49.00 8.50 13.76
N VAL J 135 -49.19 9.68 14.35
CA VAL J 135 -50.03 10.67 13.70
C VAL J 135 -49.19 11.62 12.84
N ALA J 136 -47.91 11.75 13.15
CA ALA J 136 -47.00 12.58 12.35
C ALA J 136 -46.29 11.72 11.30
N ARG J 137 -47.10 10.99 10.54
CA ARG J 137 -46.62 10.08 9.50
C ARG J 137 -47.24 10.49 8.18
N ALA J 138 -46.40 10.83 7.21
CA ALA J 138 -46.86 11.18 5.88
C ALA J 138 -47.36 9.95 5.15
N LEU J 139 -48.49 10.08 4.47
CA LEU J 139 -49.10 8.95 3.78
C LEU J 139 -49.57 9.41 2.41
N ASP J 140 -50.31 8.55 1.71
CA ASP J 140 -50.75 8.84 0.36
C ASP J 140 -52.04 9.65 0.36
N LEU J 141 -51.99 10.85 0.92
CA LEU J 141 -53.12 11.77 0.83
C LEU J 141 -53.11 12.36 -0.57
N PRO J 142 -54.05 11.99 -1.44
CA PRO J 142 -54.08 12.57 -2.78
C PRO J 142 -54.56 14.02 -2.73
N PHE J 143 -53.62 14.95 -2.85
CA PHE J 143 -53.93 16.36 -2.71
C PHE J 143 -52.69 17.16 -3.07
N VAL J 144 -52.92 18.33 -3.67
CA VAL J 144 -51.84 19.21 -4.13
C VAL J 144 -51.12 19.83 -2.94
N THR J 145 -49.97 20.46 -3.21
CA THR J 145 -49.10 20.92 -2.14
C THR J 145 -49.62 22.21 -1.50
N LEU J 146 -48.85 22.72 -0.54
CA LEU J 146 -49.14 23.95 0.16
C LEU J 146 -47.89 24.81 0.21
N ARG J 147 -48.08 26.13 0.19
CA ARG J 147 -46.97 27.07 0.09
C ARG J 147 -46.87 27.97 1.31
N SER J 148 -46.98 27.38 2.50
CA SER J 148 -46.90 28.12 3.75
C SER J 148 -45.44 28.15 4.22
N GLN J 149 -45.20 28.54 5.48
CA GLN J 149 -43.86 28.63 6.05
C GLN J 149 -43.36 27.28 6.56
N SER J 150 -43.33 26.30 5.65
CA SER J 150 -42.77 24.98 5.91
C SER J 150 -41.73 24.56 4.90
N THR J 151 -41.61 25.26 3.78
CA THR J 151 -40.59 25.03 2.76
C THR J 151 -40.72 26.13 1.71
N GLY J 152 -39.60 26.41 1.03
CA GLY J 152 -39.63 27.38 -0.04
C GLY J 152 -40.38 26.87 -1.26
N GLN J 153 -40.33 25.56 -1.48
CA GLN J 153 -41.13 24.91 -2.51
C GLN J 153 -42.47 24.50 -1.90
N HIS J 154 -43.19 23.62 -2.58
CA HIS J 154 -44.51 23.19 -2.13
C HIS J 154 -44.39 22.18 -0.98
N PHE J 155 -45.49 21.53 -0.64
CA PHE J 155 -45.56 20.72 0.57
C PHE J 155 -46.48 19.53 0.31
N ARG J 156 -46.96 18.91 1.39
CA ARG J 156 -47.90 17.81 1.27
C ARG J 156 -49.33 18.30 1.53
N LEU J 157 -50.30 17.40 1.33
CA LEU J 157 -51.70 17.74 1.47
C LEU J 157 -52.49 16.45 1.72
N PHE J 158 -53.81 16.53 1.58
CA PHE J 158 -54.67 15.37 1.72
C PHE J 158 -56.08 15.78 1.27
N ILE J 159 -56.95 14.78 1.19
CA ILE J 159 -58.35 14.98 0.78
C ILE J 159 -59.23 14.64 1.97
N ARG J 160 -59.79 15.66 2.60
CA ARG J 160 -60.67 15.49 3.75
C ARG J 160 -62.14 15.39 3.35
N HIS J 161 -62.42 14.47 2.44
CA HIS J 161 -63.77 14.20 1.97
C HIS J 161 -64.00 12.70 1.95
N GLY J 162 -65.25 12.31 1.76
CA GLY J 162 -65.65 10.93 1.79
C GLY J 162 -66.65 10.59 0.70
N PRO J 163 -67.78 10.02 1.10
CA PRO J 163 -68.86 9.78 0.14
C PRO J 163 -69.67 11.04 -0.11
N LEU J 164 -70.45 10.99 -1.19
CA LEU J 164 -71.33 12.07 -1.58
C LEU J 164 -72.76 11.56 -1.70
N GLN J 165 -73.72 12.45 -1.52
CA GLN J 165 -75.13 12.09 -1.51
C GLN J 165 -75.67 11.96 -2.94
N VAL J 166 -76.98 11.84 -3.06
CA VAL J 166 -77.62 11.72 -4.37
C VAL J 166 -78.41 12.97 -4.76
N THR J 167 -78.83 13.79 -3.80
CA THR J 167 -79.57 15.01 -4.11
C THR J 167 -78.58 16.15 -4.38
N ALA J 168 -79.10 17.37 -4.44
CA ALA J 168 -78.28 18.56 -4.69
C ALA J 168 -78.28 19.40 -3.40
N GLU J 169 -77.15 19.40 -2.70
CA GLU J 169 -77.01 20.16 -1.48
C GLU J 169 -75.55 20.13 -1.04
N GLU J 170 -75.09 21.24 -0.47
CA GLU J 170 -73.73 21.32 0.05
C GLU J 170 -73.64 20.53 1.36
N GLY J 171 -72.61 19.69 1.47
CA GLY J 171 -72.48 18.82 2.62
C GLY J 171 -71.90 19.47 3.85
N GLY J 172 -71.07 18.73 4.59
CA GLY J 172 -70.54 19.22 5.84
C GLY J 172 -69.31 20.08 5.67
N PHE J 173 -69.02 20.88 6.69
CA PHE J 173 -67.86 21.76 6.60
C PHE J 173 -66.70 21.31 7.48
N THR J 174 -65.59 21.01 6.80
CA THR J 174 -64.34 20.61 7.43
C THR J 174 -63.46 21.85 7.54
N CYS J 175 -62.17 21.66 7.78
CA CYS J 175 -61.25 22.78 7.86
C CYS J 175 -61.20 23.49 6.50
N TYR J 176 -61.17 22.71 5.42
CA TYR J 176 -61.16 23.25 4.06
C TYR J 176 -62.59 23.37 3.53
N GLY J 177 -63.57 22.96 4.33
CA GLY J 177 -64.96 23.01 3.94
C GLY J 177 -65.35 21.88 3.00
N LEU J 178 -64.47 20.89 2.91
CA LEU J 178 -64.67 19.72 2.05
C LEU J 178 -66.08 19.17 2.19
N SER J 179 -66.87 19.27 1.12
CA SER J 179 -68.29 18.97 1.15
C SER J 179 -68.57 17.46 1.01
N LYS J 180 -68.11 16.72 2.03
CA LYS J 180 -68.35 15.29 2.11
C LYS J 180 -69.73 15.03 2.69
N GLY J 181 -70.42 14.03 2.14
CA GLY J 181 -71.78 13.72 2.52
C GLY J 181 -72.83 14.44 1.71
N GLY J 182 -72.46 15.48 0.98
CA GLY J 182 -73.37 16.18 0.09
C GLY J 182 -73.18 15.72 -1.35
N PHE J 183 -74.29 15.66 -2.09
CA PHE J 183 -74.27 15.23 -3.48
C PHE J 183 -73.71 16.36 -4.34
N VAL J 184 -72.39 16.43 -4.39
CA VAL J 184 -71.68 17.40 -5.23
C VAL J 184 -71.48 16.76 -6.60
N PRO J 185 -70.86 17.45 -7.56
CA PRO J 185 -70.54 16.81 -8.83
C PRO J 185 -69.46 15.76 -8.66
N TRP J 186 -69.63 14.65 -9.38
CA TRP J 186 -68.69 13.54 -9.27
C TRP J 186 -67.35 13.83 -9.94
N PHE J 187 -67.35 14.65 -10.99
CA PHE J 187 -66.13 15.00 -11.69
C PHE J 187 -66.37 16.13 -12.69
#